data_8OVG
#
_entry.id   8OVG
#
_cell.length_a   1.00
_cell.length_b   1.00
_cell.length_c   1.00
_cell.angle_alpha   90.00
_cell.angle_beta   90.00
_cell.angle_gamma   90.00
#
_symmetry.space_group_name_H-M   'P 1'
#
_entity_poly.entity_id   1
_entity_poly.type   'polypeptide(L)'
_entity_poly.pdbx_seq_one_letter_code
;MGHHHHHHDYDIPTTENLYFQGAHMTIPDVFPHLPLIAITRNPVFPRFIKIIEVKNKKLVELLRRKVRLAQPYVGVFLKR
DDSNESDVVESLDEI(1PA)HTGTFAQIHEMQDLGDKLRMIVMGHRRVHISRQLEVEPEEPEAENKHKPRRKSKRGKKEA
EDELSARHPAELAMEPTPELPAEVLMVEVENVVHEDFQVTEEVKALTAEIVKTIRDIIALNPLYRESVLQMMQAGQRVVD
NPIYLSDMGAALTGAESHELQDVLEETNIPKRLYKALSLLKKEFELSKLQQRLGREVEEKIKQTHRKYLLQEQLKIIKKE
LGLEKDDKDAIEEKFRERLKELVVPKHVMDVVDEELSKLGLLDNHSSEFNVTRNYLDWLTSIPWGKYSNENLDLARAQAV
LEEDHYGMEDVKKRILEFIAVSQLRGSTQGKILCFYGPPGVGKTSIARSIARALNREYFRFSVGGMTDVAEIKGHRRTYV
GAMPGKIIQCLKKTKTENPLILIDEVDKIGRGYQGDPSSALLELLDPEQNANFLDHYLDVPVDLSKVLFICTANVTDTIP
EPLRDRMEMINVSGYVAQEKLAIAERYLVPQARALCGLDESKAKLSSDVLTLLIKQYCRESGVRNLQKQVEKVLRKSAYK
IVSGEAESVEVTPENLQDFVGKPVFTVERMYDVTPPGVVMGLAWTAMGGSTLFVETSLRRPQDKDAKGDKDGSLEVTGQL
GEVMKESARIAYTFARAFLMQHAPANDYLVTSHIHLHVPEGATPKDGPSAGCTIVTALLSLAMGRPVRQNLAMTGEVSLT
GKILPVGGIKEKTIAAKRAGVTCIVLPAENKKDFYDLAAFITEGLEVHFVEHYREIFDIAFPDEQAEALAVER
;
_entity_poly.pdbx_strand_id   A,B,C,D,E,F
#
# COMPACT_ATOMS: atom_id res chain seq x y z
N HIS A 33 31.69 -53.68 35.54
CA HIS A 33 32.67 -52.83 34.82
C HIS A 33 32.30 -52.69 33.35
N LEU A 34 31.11 -52.16 33.09
CA LEU A 34 30.61 -51.98 31.75
C LEU A 34 30.24 -50.53 31.51
N PRO A 35 30.36 -50.04 30.29
CA PRO A 35 30.00 -48.65 30.01
C PRO A 35 28.50 -48.42 30.22
N LEU A 36 28.15 -47.20 30.62
CA LEU A 36 26.75 -46.88 30.82
C LEU A 36 25.97 -47.04 29.53
N ILE A 37 24.83 -47.72 29.61
CA ILE A 37 24.01 -47.95 28.44
C ILE A 37 23.31 -46.64 28.06
N ALA A 38 23.35 -46.31 26.77
CA ALA A 38 22.64 -45.13 26.27
C ALA A 38 21.16 -45.43 26.28
N ILE A 39 20.48 -44.94 27.33
CA ILE A 39 19.06 -45.29 27.52
C ILE A 39 18.22 -44.72 26.38
N THR A 40 18.45 -43.45 26.05
CA THR A 40 17.76 -42.80 24.93
C THR A 40 16.25 -42.81 25.11
N ARG A 41 15.80 -42.13 26.17
CA ARG A 41 14.38 -41.92 26.42
C ARG A 41 13.64 -43.24 26.58
N ASN A 42 14.32 -44.23 27.13
CA ASN A 42 13.76 -45.57 27.36
C ASN A 42 13.70 -45.82 28.86
N PRO A 43 12.70 -45.27 29.56
CA PRO A 43 12.57 -45.50 31.01
C PRO A 43 12.00 -46.88 31.28
N VAL A 44 12.86 -47.77 31.79
CA VAL A 44 12.47 -49.14 32.08
C VAL A 44 11.94 -49.17 33.51
N PHE A 45 10.62 -49.15 33.64
CA PHE A 45 10.01 -49.19 34.96
C PHE A 45 10.27 -50.54 35.63
N PRO A 46 10.45 -50.57 36.95
CA PRO A 46 10.70 -51.85 37.61
C PRO A 46 9.59 -52.85 37.36
N ARG A 47 9.97 -54.10 37.14
CA ARG A 47 9.03 -55.19 36.89
C ARG A 47 8.09 -54.84 35.74
N PHE A 48 8.67 -54.45 34.61
CA PHE A 48 7.90 -54.12 33.42
C PHE A 48 8.75 -54.42 32.19
N ILE A 49 8.20 -55.21 31.27
CA ILE A 49 8.91 -55.56 30.05
C ILE A 49 9.07 -54.33 29.17
N LYS A 50 10.28 -54.11 28.65
CA LYS A 50 10.54 -52.96 27.81
C LYS A 50 11.57 -53.36 26.75
N ILE A 51 11.66 -52.54 25.70
CA ILE A 51 12.58 -52.78 24.60
C ILE A 51 13.36 -51.49 24.34
N ILE A 52 14.67 -51.61 24.19
CA ILE A 52 15.55 -50.48 23.90
C ILE A 52 16.09 -50.67 22.49
N GLU A 53 15.97 -49.62 21.67
CA GLU A 53 16.45 -49.61 20.29
C GLU A 53 17.20 -48.29 20.08
N VAL A 54 18.51 -48.33 20.29
CA VAL A 54 19.37 -47.17 20.11
C VAL A 54 19.98 -47.21 18.72
N LYS A 55 20.07 -46.05 18.08
CA LYS A 55 20.64 -46.00 16.73
C LYS A 55 22.10 -46.42 16.73
N ASN A 56 22.86 -45.98 17.72
CA ASN A 56 24.28 -46.33 17.79
C ASN A 56 24.45 -47.84 17.81
N LYS A 57 25.36 -48.34 16.98
CA LYS A 57 25.65 -49.76 16.89
C LYS A 57 26.83 -50.18 17.76
N LYS A 58 27.42 -49.25 18.51
CA LYS A 58 28.45 -49.64 19.47
C LYS A 58 27.85 -50.49 20.60
N LEU A 59 26.63 -50.15 21.02
CA LEU A 59 25.94 -50.98 21.99
C LEU A 59 25.71 -52.39 21.45
N VAL A 60 25.58 -52.53 20.13
CA VAL A 60 25.50 -53.86 19.53
C VAL A 60 26.80 -54.61 19.78
N GLU A 61 27.94 -53.92 19.62
CA GLU A 61 29.22 -54.55 19.92
C GLU A 61 29.30 -54.96 21.38
N LEU A 62 28.84 -54.08 22.29
CA LEU A 62 28.85 -54.42 23.71
C LEU A 62 28.00 -55.65 23.99
N LEU A 63 26.79 -55.70 23.40
CA LEU A 63 25.91 -56.83 23.61
C LEU A 63 26.52 -58.12 23.08
N ARG A 64 27.11 -58.06 21.89
CA ARG A 64 27.72 -59.26 21.30
C ARG A 64 28.90 -59.72 22.14
N ARG A 65 29.69 -58.79 22.68
CA ARG A 65 30.87 -59.17 23.45
C ARG A 65 30.50 -59.97 24.70
N LYS A 66 29.33 -59.71 25.28
CA LYS A 66 28.90 -60.41 26.49
C LYS A 66 28.11 -61.67 26.19
N VAL A 67 27.90 -62.01 24.91
CA VAL A 67 27.18 -63.24 24.58
C VAL A 67 27.94 -64.46 25.09
N ARG A 68 29.27 -64.45 24.93
CA ARG A 68 30.07 -65.59 25.36
C ARG A 68 29.96 -65.83 26.85
N LEU A 69 29.58 -64.83 27.63
CA LEU A 69 29.41 -65.01 29.06
C LEU A 69 28.26 -65.97 29.34
N ALA A 70 28.47 -66.88 30.29
CA ALA A 70 27.46 -67.87 30.63
C ALA A 70 26.22 -67.25 31.26
N GLN A 71 26.34 -66.05 31.81
CA GLN A 71 25.22 -65.35 32.46
C GLN A 71 25.10 -63.96 31.84
N PRO A 72 24.56 -63.87 30.63
CA PRO A 72 24.42 -62.55 29.99
C PRO A 72 23.55 -61.63 30.85
N TYR A 73 23.97 -60.37 30.93
CA TYR A 73 23.28 -59.41 31.76
C TYR A 73 23.51 -58.01 31.19
N VAL A 74 22.66 -57.09 31.59
CA VAL A 74 22.81 -55.68 31.23
C VAL A 74 22.29 -54.82 32.37
N GLY A 75 23.00 -53.72 32.61
CA GLY A 75 22.51 -52.73 33.55
C GLY A 75 21.67 -51.68 32.84
N VAL A 76 20.48 -51.43 33.38
CA VAL A 76 19.58 -50.40 32.90
C VAL A 76 19.64 -49.25 33.89
N PHE A 77 19.41 -48.04 33.41
CA PHE A 77 19.44 -46.87 34.28
C PHE A 77 18.43 -45.85 33.77
N LEU A 78 18.38 -44.72 34.46
CA LEU A 78 17.50 -43.62 34.10
C LEU A 78 18.33 -42.35 33.99
N LYS A 79 18.27 -41.71 32.83
CA LYS A 79 19.04 -40.50 32.60
C LYS A 79 18.49 -39.34 33.41
N ARG A 80 19.30 -38.30 33.55
CA ARG A 80 18.91 -37.11 34.30
C ARG A 80 18.29 -36.08 33.35
N ASP A 81 17.95 -34.91 33.88
CA ASP A 81 17.39 -33.85 33.05
C ASP A 81 18.43 -33.36 32.06
N ASP A 82 17.94 -32.80 30.94
CA ASP A 82 18.79 -32.33 29.85
C ASP A 82 19.59 -33.49 29.26
N SER A 83 18.86 -34.47 28.73
CA SER A 83 19.49 -35.64 28.12
C SER A 83 20.42 -35.21 26.98
N ASN A 84 21.61 -35.80 26.95
CA ASN A 84 22.60 -35.50 25.92
C ASN A 84 23.44 -36.74 25.66
N GLU A 85 23.35 -37.28 24.44
CA GLU A 85 24.12 -38.47 24.08
C GLU A 85 25.62 -38.19 24.15
N SER A 86 26.05 -37.03 23.63
CA SER A 86 27.45 -36.68 23.68
C SER A 86 27.96 -36.64 25.11
N ASP A 87 27.13 -36.15 26.03
CA ASP A 87 27.51 -36.18 27.44
C ASP A 87 27.53 -37.61 27.98
N VAL A 88 26.66 -38.48 27.47
CA VAL A 88 26.71 -39.88 27.88
C VAL A 88 28.07 -40.49 27.55
N VAL A 89 28.58 -40.22 26.34
CA VAL A 89 29.89 -40.75 25.98
C VAL A 89 31.04 -39.92 26.56
N GLU A 90 30.76 -38.70 27.03
CA GLU A 90 31.81 -37.83 27.55
C GLU A 90 31.87 -37.83 29.06
N SER A 91 30.72 -37.89 29.73
CA SER A 91 30.66 -37.88 31.19
C SER A 91 29.70 -38.98 31.64
N LEU A 92 30.08 -39.66 32.74
CA LEU A 92 29.28 -40.75 33.28
C LEU A 92 28.32 -40.29 34.38
N ASP A 93 28.31 -39.00 34.70
CA ASP A 93 27.43 -38.49 35.75
C ASP A 93 26.04 -38.13 35.24
N GLU A 94 25.81 -38.16 33.93
CA GLU A 94 24.49 -37.86 33.40
C GLU A 94 23.47 -38.90 33.85
N ILE A 95 23.87 -40.16 33.88
CA ILE A 95 22.95 -41.25 34.22
C ILE A 95 22.76 -41.31 35.72
N HIS A 97 22.48 -42.55 39.44
CA HIS A 97 23.19 -43.60 40.16
C HIS A 97 22.29 -44.81 40.32
N THR A 98 21.00 -44.58 40.50
CA THR A 98 20.05 -45.67 40.60
C THR A 98 20.09 -46.52 39.32
N GLY A 99 20.16 -47.83 39.49
CA GLY A 99 20.26 -48.74 38.37
C GLY A 99 19.40 -49.97 38.59
N THR A 100 19.25 -50.73 37.51
CA THR A 100 18.40 -51.92 37.47
C THR A 100 19.15 -52.97 36.66
N PHE A 101 19.84 -53.87 37.36
CA PHE A 101 20.53 -54.96 36.69
C PHE A 101 19.51 -56.03 36.30
N ALA A 102 19.60 -56.49 35.05
CA ALA A 102 18.69 -57.49 34.53
C ALA A 102 19.46 -58.46 33.66
N GLN A 103 18.83 -59.59 33.37
CA GLN A 103 19.42 -60.62 32.52
C GLN A 103 18.85 -60.50 31.11
N ILE A 104 19.72 -60.71 30.11
CA ILE A 104 19.27 -60.67 28.73
C ILE A 104 18.47 -61.94 28.44
N HIS A 105 17.25 -61.75 27.95
CA HIS A 105 16.35 -62.89 27.69
C HIS A 105 16.46 -63.39 26.25
N GLU A 106 16.32 -62.50 25.27
CA GLU A 106 16.52 -62.88 23.88
C GLU A 106 16.82 -61.65 23.05
N MET A 107 17.52 -61.87 21.94
CA MET A 107 17.84 -60.83 20.98
C MET A 107 17.00 -61.05 19.73
N GLN A 108 16.29 -60.01 19.29
CA GLN A 108 15.43 -60.11 18.13
C GLN A 108 15.96 -59.27 16.96
N ASP A 109 16.14 -57.96 17.16
CA ASP A 109 16.62 -57.08 16.09
C ASP A 109 15.83 -57.29 14.80
N LEU A 110 14.51 -57.43 14.94
CA LEU A 110 13.66 -57.69 13.78
C LEU A 110 13.77 -56.56 12.77
N GLY A 111 13.54 -55.32 13.21
CA GLY A 111 13.63 -54.17 12.33
C GLY A 111 14.97 -53.49 12.39
N ASP A 112 15.42 -53.17 13.60
CA ASP A 112 16.69 -52.50 13.81
C ASP A 112 17.78 -53.51 14.15
N LYS A 113 19.03 -53.11 13.94
CA LYS A 113 20.18 -53.91 14.31
C LYS A 113 20.51 -53.77 15.79
N LEU A 114 19.72 -53.02 16.54
CA LEU A 114 19.84 -52.93 17.99
C LEU A 114 18.45 -52.93 18.59
N ARG A 115 18.05 -54.03 19.21
CA ARG A 115 16.76 -54.15 19.87
C ARG A 115 16.92 -55.15 21.02
N MET A 116 17.08 -54.63 22.23
CA MET A 116 17.35 -55.47 23.39
C MET A 116 16.22 -55.36 24.40
N ILE A 117 15.83 -56.50 24.95
CA ILE A 117 14.73 -56.57 25.91
C ILE A 117 15.29 -56.33 27.30
N VAL A 118 14.66 -55.43 28.05
CA VAL A 118 15.10 -55.03 29.38
C VAL A 118 13.91 -55.14 30.32
N MET A 119 14.12 -55.77 31.48
CA MET A 119 13.14 -55.89 32.54
C MET A 119 13.74 -55.38 33.84
N GLY A 120 12.90 -55.25 34.86
CA GLY A 120 13.36 -54.82 36.16
C GLY A 120 13.50 -55.95 37.15
N HIS A 121 14.73 -56.36 37.44
CA HIS A 121 14.99 -57.47 38.36
C HIS A 121 15.73 -57.01 39.62
N ARG A 122 16.89 -56.39 39.49
CA ARG A 122 17.73 -56.05 40.63
C ARG A 122 17.91 -54.55 40.71
N ARG A 123 17.16 -53.89 41.60
CA ARG A 123 17.34 -52.47 41.84
C ARG A 123 18.56 -52.24 42.73
N VAL A 124 19.44 -51.35 42.30
CA VAL A 124 20.67 -51.04 43.01
C VAL A 124 20.85 -49.53 43.02
N HIS A 125 21.67 -49.06 43.96
CA HIS A 125 22.02 -47.65 44.05
C HIS A 125 23.54 -47.55 44.20
N ILE A 126 24.22 -47.13 43.14
CA ILE A 126 25.68 -47.03 43.18
C ILE A 126 26.07 -45.84 44.02
N SER A 127 27.02 -46.05 44.93
CA SER A 127 27.47 -44.96 45.80
C SER A 127 28.11 -43.84 44.97
N ARG A 128 28.95 -44.19 44.01
CA ARG A 128 29.59 -43.19 43.15
C ARG A 128 29.90 -43.88 41.81
N GLN A 129 29.04 -43.65 40.82
CA GLN A 129 29.24 -44.28 39.52
C GLN A 129 30.52 -43.82 38.86
N LEU A 130 30.98 -42.60 39.18
CA LEU A 130 32.25 -42.13 38.65
C LEU A 130 33.40 -43.01 39.13
N GLU A 131 33.37 -43.41 40.39
CA GLU A 131 34.42 -44.25 40.96
C GLU A 131 34.10 -45.72 40.74
N MET A 182 32.47 -51.13 38.78
CA MET A 182 31.89 -50.22 39.77
C MET A 182 31.35 -51.01 40.95
N VAL A 183 31.50 -50.44 42.15
CA VAL A 183 31.00 -51.09 43.36
C VAL A 183 29.47 -51.03 43.36
N GLU A 184 28.84 -52.18 43.54
CA GLU A 184 27.38 -52.28 43.60
C GLU A 184 26.98 -53.13 44.79
N VAL A 185 26.04 -52.63 45.59
CA VAL A 185 25.51 -53.35 46.74
C VAL A 185 24.00 -53.39 46.62
N GLU A 186 23.42 -54.59 46.75
CA GLU A 186 21.98 -54.79 46.59
C GLU A 186 21.27 -54.33 47.85
N ASN A 187 21.27 -53.00 48.05
CA ASN A 187 20.63 -52.38 49.20
C ASN A 187 19.13 -52.21 48.92
N VAL A 188 18.44 -53.34 48.85
CA VAL A 188 17.00 -53.36 48.58
C VAL A 188 16.31 -53.26 49.93
N VAL A 189 16.06 -52.02 50.36
CA VAL A 189 15.42 -51.77 51.64
C VAL A 189 13.93 -52.04 51.51
N HIS A 190 13.40 -52.91 52.37
CA HIS A 190 11.98 -53.25 52.39
C HIS A 190 11.47 -53.28 53.81
N GLU A 191 11.85 -52.29 54.61
CA GLU A 191 11.38 -52.22 55.99
C GLU A 191 9.86 -52.11 56.02
N ASP A 192 9.23 -52.93 56.86
CA ASP A 192 7.78 -52.96 56.98
C ASP A 192 7.40 -53.17 58.44
N PHE A 193 6.28 -52.56 58.84
CA PHE A 193 5.80 -52.70 60.20
C PHE A 193 5.36 -54.14 60.47
N GLN A 194 5.50 -54.55 61.73
CA GLN A 194 5.11 -55.90 62.11
C GLN A 194 3.60 -56.11 62.05
N VAL A 195 2.82 -55.03 62.02
CA VAL A 195 1.36 -55.12 61.91
C VAL A 195 1.03 -55.13 60.42
N THR A 196 0.95 -56.33 59.85
CA THR A 196 0.54 -56.48 58.45
C THR A 196 -0.97 -56.68 58.36
N GLU A 197 -1.72 -55.79 59.02
CA GLU A 197 -3.16 -55.83 59.04
C GLU A 197 -3.79 -54.59 58.41
N GLU A 198 -3.39 -53.41 58.85
CA GLU A 198 -3.92 -52.15 58.32
C GLU A 198 -3.09 -51.58 57.18
N VAL A 199 -1.86 -52.07 56.98
CA VAL A 199 -1.03 -51.56 55.89
C VAL A 199 -1.69 -51.89 54.55
N LYS A 200 -2.12 -53.14 54.38
CA LYS A 200 -2.70 -53.55 53.10
C LYS A 200 -3.94 -52.74 52.77
N ALA A 201 -4.57 -52.11 53.77
CA ALA A 201 -5.69 -51.23 53.47
C ALA A 201 -5.30 -50.20 52.43
N LEU A 202 -4.16 -49.54 52.63
CA LEU A 202 -3.68 -48.59 51.62
C LEU A 202 -3.53 -49.30 50.27
N THR A 203 -2.95 -50.49 50.26
CA THR A 203 -2.85 -51.26 49.03
C THR A 203 -4.21 -51.35 48.36
N ALA A 204 -5.25 -51.69 49.14
CA ALA A 204 -6.58 -51.76 48.57
C ALA A 204 -6.93 -50.46 47.86
N GLU A 205 -6.79 -49.34 48.57
CA GLU A 205 -7.06 -48.05 47.95
C GLU A 205 -6.30 -47.95 46.63
N ILE A 206 -5.00 -48.23 46.67
CA ILE A 206 -4.18 -48.09 45.48
C ILE A 206 -4.79 -48.88 44.33
N VAL A 207 -5.08 -50.17 44.57
CA VAL A 207 -5.58 -50.98 43.47
C VAL A 207 -6.90 -50.41 42.97
N LYS A 208 -7.77 -49.99 43.88
CA LYS A 208 -9.01 -49.36 43.46
C LYS A 208 -8.71 -48.21 42.51
N THR A 209 -7.83 -47.30 42.95
CA THR A 209 -7.46 -46.19 42.08
C THR A 209 -7.01 -46.72 40.73
N ILE A 210 -6.10 -47.69 40.74
CA ILE A 210 -5.59 -48.23 39.47
C ILE A 210 -6.76 -48.71 38.63
N ARG A 211 -7.65 -49.50 39.23
CA ARG A 211 -8.80 -50.00 38.48
C ARG A 211 -9.54 -48.83 37.85
N ASP A 212 -9.88 -47.83 38.67
CA ASP A 212 -10.62 -46.68 38.16
C ASP A 212 -9.91 -46.12 36.94
N ILE A 213 -8.59 -45.90 37.06
CA ILE A 213 -7.86 -45.31 35.95
C ILE A 213 -8.02 -46.15 34.70
N ILE A 214 -7.76 -47.46 34.82
CA ILE A 214 -7.81 -48.30 33.62
C ILE A 214 -9.23 -48.38 33.09
N ALA A 215 -10.22 -48.17 33.96
CA ALA A 215 -11.60 -48.13 33.50
C ALA A 215 -11.91 -46.81 32.80
N LEU A 216 -11.37 -45.70 33.32
CA LEU A 216 -11.66 -44.40 32.74
C LEU A 216 -10.62 -44.01 31.71
N ASN A 217 -9.41 -44.53 31.82
CA ASN A 217 -8.32 -44.27 30.89
C ASN A 217 -7.69 -45.61 30.54
N PRO A 218 -8.33 -46.40 29.67
CA PRO A 218 -7.76 -47.70 29.29
C PRO A 218 -6.40 -47.55 28.63
N LEU A 219 -5.35 -48.03 29.30
CA LEU A 219 -3.99 -47.97 28.78
C LEU A 219 -3.42 -49.35 28.47
N TYR A 220 -3.65 -50.33 29.34
CA TYR A 220 -3.18 -51.69 29.15
C TYR A 220 -4.34 -52.65 29.36
N ARG A 221 -4.14 -53.89 28.91
CA ARG A 221 -5.18 -54.90 29.04
C ARG A 221 -5.47 -55.18 30.51
N GLU A 222 -6.72 -55.54 30.78
CA GLU A 222 -7.13 -55.90 32.14
C GLU A 222 -6.81 -57.36 32.48
N SER A 223 -6.28 -58.13 31.52
CA SER A 223 -5.92 -59.51 31.80
C SER A 223 -4.84 -59.59 32.87
N VAL A 224 -3.91 -58.63 32.87
CA VAL A 224 -2.88 -58.61 33.91
C VAL A 224 -3.51 -58.45 35.28
N LEU A 225 -4.57 -57.64 35.38
CA LEU A 225 -5.28 -57.49 36.64
C LEU A 225 -5.91 -58.80 37.08
N GLN A 226 -6.50 -59.54 36.14
CA GLN A 226 -7.11 -60.82 36.48
C GLN A 226 -6.05 -61.81 36.95
N MET A 227 -4.92 -61.87 36.24
CA MET A 227 -3.86 -62.81 36.61
C MET A 227 -3.28 -62.48 37.97
N MET A 228 -3.05 -61.19 38.24
CA MET A 228 -2.49 -60.73 39.52
C MET A 228 -3.62 -60.06 40.28
N GLN A 229 -4.16 -60.76 41.27
CA GLN A 229 -5.24 -60.26 42.11
C GLN A 229 -4.76 -60.19 43.55
N ALA A 230 -4.99 -59.04 44.20
CA ALA A 230 -4.55 -58.88 45.58
C ALA A 230 -5.20 -59.89 46.51
N GLY A 231 -6.37 -60.42 46.16
CA GLY A 231 -7.04 -61.39 47.00
C GLY A 231 -6.51 -62.80 46.89
N GLN A 232 -5.67 -63.09 45.90
CA GLN A 232 -5.18 -64.44 45.67
C GLN A 232 -3.97 -64.80 46.55
N ARG A 233 -3.40 -63.84 47.27
CA ARG A 233 -2.25 -64.05 48.14
C ARG A 233 -0.99 -64.43 47.37
N VAL A 234 -0.99 -64.28 46.04
CA VAL A 234 0.20 -64.58 45.25
C VAL A 234 1.15 -63.39 45.15
N VAL A 235 0.78 -62.25 45.73
CA VAL A 235 1.65 -61.06 45.70
C VAL A 235 2.55 -61.17 46.93
N ASP A 236 3.64 -61.91 46.76
CA ASP A 236 4.64 -62.06 47.81
C ASP A 236 5.53 -60.83 47.95
N ASN A 237 5.52 -59.93 46.98
CA ASN A 237 6.33 -58.72 46.99
C ASN A 237 5.42 -57.53 46.70
N PRO A 238 4.70 -57.03 47.72
CA PRO A 238 3.80 -55.89 47.47
C PRO A 238 4.52 -54.65 46.97
N ILE A 239 5.82 -54.51 47.26
CA ILE A 239 6.57 -53.38 46.73
C ILE A 239 6.62 -53.44 45.20
N TYR A 240 6.77 -54.64 44.65
CA TYR A 240 6.74 -54.79 43.19
C TYR A 240 5.38 -54.42 42.63
N LEU A 241 4.29 -54.79 43.33
CA LEU A 241 2.97 -54.40 42.88
C LEU A 241 2.81 -52.89 42.89
N SER A 242 3.29 -52.23 43.95
CA SER A 242 3.19 -50.77 44.01
C SER A 242 4.04 -50.13 42.92
N ASP A 243 5.22 -50.68 42.64
CA ASP A 243 6.06 -50.14 41.59
C ASP A 243 5.41 -50.30 40.22
N MET A 244 4.78 -51.44 39.97
CA MET A 244 4.05 -51.63 38.72
C MET A 244 2.89 -50.64 38.61
N GLY A 245 2.15 -50.45 39.71
CA GLY A 245 1.07 -49.48 39.69
C GLY A 245 1.53 -48.07 39.39
N ALA A 246 2.64 -47.67 40.03
CA ALA A 246 3.21 -46.35 39.74
C ALA A 246 3.74 -46.27 38.32
N ALA A 247 4.19 -47.40 37.76
CA ALA A 247 4.61 -47.42 36.36
C ALA A 247 3.44 -47.13 35.43
N LEU A 248 2.25 -47.64 35.75
CA LEU A 248 1.08 -47.40 34.93
C LEU A 248 0.73 -45.91 34.86
N THR A 249 1.17 -45.12 35.82
CA THR A 249 0.88 -43.70 35.83
C THR A 249 1.65 -42.99 34.71
N GLY A 250 1.13 -41.84 34.30
CA GLY A 250 1.73 -41.02 33.27
C GLY A 250 2.71 -40.00 33.77
N ALA A 251 3.16 -40.09 35.02
CA ALA A 251 4.09 -39.12 35.57
C ALA A 251 5.42 -39.18 34.83
N GLU A 252 6.12 -38.04 34.81
CA GLU A 252 7.39 -37.95 34.12
C GLU A 252 8.46 -38.75 34.85
N SER A 253 9.55 -39.02 34.12
CA SER A 253 10.64 -39.81 34.71
C SER A 253 11.25 -39.10 35.91
N HIS A 254 11.19 -37.78 35.96
CA HIS A 254 11.70 -37.06 37.12
C HIS A 254 10.92 -37.43 38.37
N GLU A 255 9.60 -37.52 38.26
CA GLU A 255 8.78 -37.93 39.41
C GLU A 255 9.14 -39.35 39.84
N LEU A 256 9.35 -40.24 38.87
CA LEU A 256 9.71 -41.62 39.20
C LEU A 256 11.05 -41.68 39.92
N GLN A 257 12.03 -40.89 39.46
CA GLN A 257 13.31 -40.84 40.16
C GLN A 257 13.14 -40.29 41.57
N ASP A 258 12.30 -39.27 41.74
CA ASP A 258 12.05 -38.73 43.07
C ASP A 258 11.44 -39.80 43.97
N VAL A 259 10.50 -40.58 43.45
CA VAL A 259 9.90 -41.66 44.23
C VAL A 259 10.96 -42.68 44.61
N LEU A 260 11.81 -43.05 43.65
CA LEU A 260 12.88 -44.01 43.94
C LEU A 260 13.80 -43.49 45.03
N GLU A 261 14.08 -42.18 45.01
CA GLU A 261 14.91 -41.58 46.05
C GLU A 261 14.25 -41.74 47.43
N GLU A 262 12.93 -41.62 47.49
CA GLU A 262 12.22 -41.84 48.74
C GLU A 262 12.46 -43.26 49.24
N THR A 263 12.79 -43.38 50.51
CA THR A 263 13.10 -44.67 51.12
C THR A 263 11.95 -45.23 51.94
N ASN A 264 11.30 -44.40 52.75
CA ASN A 264 10.20 -44.87 53.58
C ASN A 264 9.07 -45.39 52.71
N ILE A 265 8.60 -46.60 53.04
CA ILE A 265 7.50 -47.19 52.27
C ILE A 265 6.27 -46.30 52.29
N PRO A 266 5.82 -45.78 53.43
CA PRO A 266 4.66 -44.87 53.39
C PRO A 266 4.90 -43.65 52.51
N LYS A 267 6.10 -43.09 52.51
CA LYS A 267 6.37 -41.90 51.71
C LYS A 267 6.26 -42.20 50.22
N ARG A 268 6.86 -43.29 49.76
CA ARG A 268 6.78 -43.64 48.35
C ARG A 268 5.37 -44.05 47.96
N LEU A 269 4.64 -44.70 48.86
CA LEU A 269 3.23 -44.99 48.58
C LEU A 269 2.43 -43.68 48.44
N TYR A 270 2.72 -42.71 49.30
CA TYR A 270 2.03 -41.43 49.20
C TYR A 270 2.35 -40.75 47.88
N LYS A 271 3.60 -40.83 47.43
CA LYS A 271 3.97 -40.22 46.16
C LYS A 271 3.35 -40.96 44.98
N ALA A 272 3.22 -42.28 45.08
CA ALA A 272 2.54 -43.03 44.02
C ALA A 272 1.07 -42.63 43.95
N LEU A 273 0.39 -42.57 45.09
CA LEU A 273 -0.97 -42.05 45.12
C LEU A 273 -1.02 -40.62 44.61
N SER A 274 0.04 -39.85 44.86
CA SER A 274 0.10 -38.47 44.40
C SER A 274 0.04 -38.40 42.88
N LEU A 275 0.96 -39.12 42.24
CA LEU A 275 0.98 -39.13 40.78
C LEU A 275 -0.30 -39.73 40.23
N LEU A 276 -0.89 -40.69 40.94
CA LEU A 276 -2.15 -41.27 40.51
C LEU A 276 -3.25 -40.22 40.48
N LYS A 277 -3.38 -39.42 41.54
CA LYS A 277 -4.40 -38.38 41.53
C LYS A 277 -4.08 -37.32 40.48
N LYS A 278 -2.81 -36.97 40.30
CA LYS A 278 -2.49 -35.93 39.34
C LYS A 278 -2.88 -36.37 37.93
N GLU A 279 -2.58 -37.62 37.59
CA GLU A 279 -3.00 -38.17 36.31
C GLU A 279 -4.53 -38.24 36.23
N PHE A 280 -5.18 -38.61 37.33
CA PHE A 280 -6.64 -38.68 37.34
C PHE A 280 -7.25 -37.31 37.08
N GLU A 281 -6.71 -36.27 37.71
CA GLU A 281 -7.22 -34.93 37.51
C GLU A 281 -7.01 -34.47 36.06
N LEU A 282 -5.79 -34.66 35.55
CA LEU A 282 -5.52 -34.23 34.17
C LEU A 282 -6.46 -34.95 33.21
N SER A 283 -6.58 -36.27 33.34
CA SER A 283 -7.53 -37.01 32.52
C SER A 283 -8.93 -36.44 32.68
N LYS A 284 -9.50 -36.52 33.88
CA LYS A 284 -10.87 -36.07 34.10
C LYS A 284 -11.11 -34.72 33.43
N LEU A 285 -10.16 -33.79 33.55
CA LEU A 285 -10.30 -32.52 32.85
C LEU A 285 -10.37 -32.74 31.35
N GLN A 286 -9.51 -33.61 30.81
CA GLN A 286 -9.51 -33.85 29.37
C GLN A 286 -10.83 -34.42 28.89
N GLN A 287 -11.35 -35.44 29.57
CA GLN A 287 -12.63 -36.02 29.14
C GLN A 287 -13.78 -35.04 29.32
N ARG A 288 -13.79 -34.27 30.41
CA ARG A 288 -14.84 -33.28 30.58
C ARG A 288 -14.81 -32.25 29.46
N LEU A 289 -13.61 -31.78 29.09
CA LEU A 289 -13.49 -30.85 27.99
C LEU A 289 -13.95 -31.47 26.68
N GLY A 290 -13.56 -32.71 26.42
CA GLY A 290 -13.96 -33.36 25.18
C GLY A 290 -15.47 -33.51 25.08
N ARG A 291 -16.10 -33.97 26.15
CA ARG A 291 -17.55 -34.12 26.13
C ARG A 291 -18.24 -32.77 26.00
N GLU A 292 -17.70 -31.73 26.65
CA GLU A 292 -18.30 -30.41 26.53
C GLU A 292 -18.22 -29.92 25.09
N VAL A 293 -17.08 -30.12 24.43
CA VAL A 293 -16.95 -29.69 23.03
C VAL A 293 -17.89 -30.49 22.14
N GLU A 294 -18.00 -31.79 22.37
CA GLU A 294 -18.91 -32.61 21.57
C GLU A 294 -20.36 -32.15 21.76
N GLU A 295 -20.74 -31.87 23.01
CA GLU A 295 -22.09 -31.38 23.26
C GLU A 295 -22.31 -30.03 22.59
N LYS A 296 -21.29 -29.16 22.58
CA LYS A 296 -21.44 -27.88 21.92
C LYS A 296 -21.61 -28.04 20.41
N ILE A 297 -20.86 -28.96 19.80
CA ILE A 297 -21.03 -29.21 18.36
C ILE A 297 -22.42 -29.78 18.08
N LYS A 298 -22.88 -30.71 18.93
CA LYS A 298 -24.22 -31.26 18.73
C LYS A 298 -25.28 -30.19 18.91
N GLN A 299 -25.10 -29.29 19.87
CA GLN A 299 -26.03 -28.19 20.05
C GLN A 299 -25.97 -27.22 18.88
N THR A 300 -24.80 -27.06 18.26
CA THR A 300 -24.71 -26.24 17.05
C THR A 300 -25.50 -26.87 15.91
N HIS A 301 -25.40 -28.19 15.77
CA HIS A 301 -26.22 -28.89 14.78
C HIS A 301 -27.71 -28.72 15.08
N ARG A 302 -28.08 -28.86 16.36
CA ARG A 302 -29.47 -28.72 16.74
C ARG A 302 -29.93 -27.27 16.60
N LYS A 303 -29.01 -26.32 16.66
CA LYS A 303 -29.33 -24.93 16.40
C LYS A 303 -29.52 -24.67 14.91
N TYR A 304 -28.79 -25.37 14.05
CA TYR A 304 -29.17 -25.38 12.64
C TYR A 304 -30.58 -25.95 12.46
N LEU A 305 -30.89 -27.02 13.19
CA LEU A 305 -32.23 -27.59 13.12
C LEU A 305 -33.28 -26.56 13.49
N LEU A 306 -33.10 -25.92 14.65
CA LEU A 306 -34.05 -24.93 15.14
C LEU A 306 -34.03 -23.67 14.31
N GLN A 307 -32.94 -23.39 13.60
CA GLN A 307 -32.93 -22.28 12.66
C GLN A 307 -33.78 -22.59 11.44
N GLU A 308 -33.73 -23.84 10.95
CA GLU A 308 -34.62 -24.20 9.85
C GLU A 308 -36.08 -24.18 10.33
N GLN A 309 -36.33 -24.63 11.55
CA GLN A 309 -37.67 -24.51 12.13
C GLN A 309 -38.06 -23.05 12.24
N LEU A 310 -37.12 -22.18 12.59
CA LEU A 310 -37.38 -20.75 12.64
C LEU A 310 -37.68 -20.20 11.25
N LYS A 311 -37.05 -20.75 10.21
CA LYS A 311 -37.40 -20.36 8.85
C LYS A 311 -38.83 -20.75 8.53
N ILE A 312 -39.23 -21.97 8.90
CA ILE A 312 -40.63 -22.37 8.74
C ILE A 312 -41.52 -21.39 9.49
N ILE A 313 -41.08 -20.95 10.67
CA ILE A 313 -41.83 -19.95 11.43
C ILE A 313 -41.95 -18.66 10.65
N LYS A 314 -40.84 -18.20 10.07
CA LYS A 314 -40.86 -16.96 9.29
C LYS A 314 -41.76 -17.09 8.08
N LYS A 315 -41.74 -18.26 7.43
CA LYS A 315 -42.55 -18.48 6.24
C LYS A 315 -43.98 -18.01 6.48
N GLU A 316 -44.45 -17.15 5.59
CA GLU A 316 -45.77 -16.50 5.66
C GLU A 316 -45.84 -15.46 6.78
N LEU A 317 -44.73 -15.14 7.42
CA LEU A 317 -44.73 -14.20 8.54
C LEU A 317 -43.54 -13.26 8.43
N GLY A 318 -43.79 -11.97 8.70
CA GLY A 318 -42.73 -10.99 8.83
C GLY A 318 -41.73 -11.00 7.69
N LEU A 319 -40.51 -11.44 7.98
CA LEU A 319 -39.42 -11.33 7.03
C LEU A 319 -39.62 -12.24 5.84
N GLU A 320 -39.66 -13.55 6.08
CA GLU A 320 -39.79 -14.50 4.97
C GLU A 320 -41.06 -14.25 4.17
N LYS A 321 -42.07 -13.65 4.79
CA LYS A 321 -43.25 -13.24 4.04
C LYS A 321 -42.87 -12.33 2.89
N ASP A 322 -42.12 -11.25 3.18
CA ASP A 322 -41.58 -10.36 2.16
C ASP A 322 -42.58 -10.13 1.04
N ASP A 323 -42.12 -10.13 -0.20
CA ASP A 323 -42.98 -10.10 -1.38
C ASP A 323 -42.51 -11.17 -2.35
N LYS A 324 -43.33 -11.40 -3.38
CA LYS A 324 -42.98 -12.40 -4.38
C LYS A 324 -41.61 -12.14 -4.97
N ASP A 325 -41.24 -10.87 -5.10
CA ASP A 325 -39.98 -10.51 -5.74
C ASP A 325 -38.79 -10.84 -4.86
N ALA A 326 -37.76 -11.41 -5.47
CA ALA A 326 -36.44 -11.53 -4.85
C ALA A 326 -35.52 -10.50 -5.47
N ILE A 327 -34.32 -10.36 -4.91
CA ILE A 327 -33.35 -9.40 -5.43
C ILE A 327 -33.17 -9.68 -6.92
N GLU A 328 -32.95 -10.96 -7.24
CA GLU A 328 -32.88 -11.40 -8.63
C GLU A 328 -34.08 -10.88 -9.43
N GLU A 329 -35.28 -11.35 -9.05
CA GLU A 329 -36.46 -11.03 -9.83
C GLU A 329 -36.87 -9.57 -9.69
N LYS A 330 -36.62 -8.97 -8.51
CA LYS A 330 -36.94 -7.56 -8.34
C LYS A 330 -36.15 -6.70 -9.31
N PHE A 331 -34.85 -6.97 -9.45
CA PHE A 331 -34.06 -6.21 -10.40
C PHE A 331 -34.38 -6.58 -11.84
N ARG A 332 -34.78 -7.84 -12.08
CA ARG A 332 -35.20 -8.22 -13.42
C ARG A 332 -36.44 -7.42 -13.84
N GLU A 333 -37.41 -7.28 -12.95
CA GLU A 333 -38.63 -6.55 -13.29
C GLU A 333 -38.36 -5.04 -13.34
N ARG A 334 -37.50 -4.54 -12.45
CA ARG A 334 -37.13 -3.13 -12.49
C ARG A 334 -36.55 -2.77 -13.85
N LEU A 335 -35.71 -3.64 -14.39
CA LEU A 335 -35.06 -3.44 -15.68
C LEU A 335 -35.89 -3.95 -16.85
N LYS A 336 -37.08 -4.51 -16.58
CA LYS A 336 -37.90 -5.07 -17.64
C LYS A 336 -38.47 -4.00 -18.56
N GLU A 337 -38.79 -2.84 -18.02
CA GLU A 337 -39.50 -1.80 -18.77
C GLU A 337 -38.55 -0.83 -19.48
N LEU A 338 -37.26 -1.11 -19.48
CA LEU A 338 -36.28 -0.22 -20.10
C LEU A 338 -35.83 -0.79 -21.44
N VAL A 339 -35.86 0.04 -22.47
CA VAL A 339 -35.25 -0.31 -23.76
C VAL A 339 -33.74 -0.28 -23.57
N VAL A 340 -33.11 -1.44 -23.51
CA VAL A 340 -31.77 -1.55 -22.95
C VAL A 340 -30.82 -2.29 -23.88
N PRO A 341 -29.51 -1.98 -23.89
CA PRO A 341 -28.56 -2.71 -24.73
C PRO A 341 -28.33 -4.14 -24.24
N LYS A 342 -27.41 -4.86 -24.89
CA LYS A 342 -27.14 -6.25 -24.56
C LYS A 342 -25.89 -6.45 -23.70
N HIS A 343 -24.82 -5.68 -23.92
CA HIS A 343 -23.65 -5.83 -23.07
C HIS A 343 -24.02 -5.69 -21.60
N VAL A 344 -24.88 -4.71 -21.29
CA VAL A 344 -25.40 -4.57 -19.94
C VAL A 344 -26.21 -5.79 -19.53
N MET A 345 -26.92 -6.42 -20.47
CA MET A 345 -27.62 -7.66 -20.13
C MET A 345 -26.68 -8.77 -19.72
N ASP A 346 -25.58 -8.96 -20.45
CA ASP A 346 -24.64 -10.01 -20.03
C ASP A 346 -23.95 -9.65 -18.73
N VAL A 347 -23.65 -8.36 -18.52
CA VAL A 347 -23.07 -7.94 -17.25
C VAL A 347 -24.04 -8.20 -16.10
N VAL A 348 -25.32 -7.89 -16.31
CA VAL A 348 -26.34 -8.13 -15.29
C VAL A 348 -26.51 -9.62 -15.05
N ASP A 349 -26.44 -10.44 -16.11
CA ASP A 349 -26.55 -11.88 -15.93
C ASP A 349 -25.39 -12.42 -15.10
N GLU A 350 -24.17 -11.96 -15.39
CA GLU A 350 -23.02 -12.38 -14.59
C GLU A 350 -23.15 -11.91 -13.14
N GLU A 351 -23.61 -10.67 -12.96
CA GLU A 351 -23.79 -10.13 -11.62
C GLU A 351 -24.83 -10.93 -10.84
N LEU A 352 -25.93 -11.30 -11.49
CA LEU A 352 -26.97 -12.09 -10.85
C LEU A 352 -26.49 -13.50 -10.54
N SER A 353 -25.70 -14.09 -11.45
CA SER A 353 -25.14 -15.41 -11.17
C SER A 353 -24.22 -15.36 -9.97
N LYS A 354 -23.38 -14.32 -9.87
CA LYS A 354 -22.55 -14.14 -8.69
C LYS A 354 -23.41 -13.96 -7.44
N LEU A 355 -24.45 -13.13 -7.54
CA LEU A 355 -25.32 -12.89 -6.40
C LEU A 355 -25.93 -14.18 -5.88
N GLY A 356 -26.44 -15.01 -6.80
CA GLY A 356 -26.94 -16.31 -6.38
C GLY A 356 -25.86 -17.18 -5.77
N LEU A 357 -24.68 -17.22 -6.41
CA LEU A 357 -23.56 -17.95 -5.85
C LEU A 357 -23.09 -17.31 -4.54
N LEU A 358 -23.07 -15.98 -4.49
CA LEU A 358 -22.60 -15.28 -3.31
C LEU A 358 -23.61 -15.41 -2.18
N ASP A 359 -23.14 -15.79 -0.99
CA ASP A 359 -24.01 -15.84 0.17
C ASP A 359 -24.46 -14.44 0.53
N ASN A 360 -25.73 -14.33 0.94
CA ASN A 360 -26.31 -13.00 1.15
C ASN A 360 -25.57 -12.22 2.23
N HIS A 361 -24.93 -12.91 3.18
CA HIS A 361 -24.27 -12.21 4.27
C HIS A 361 -22.94 -11.60 3.86
N SER A 362 -22.28 -12.17 2.86
CA SER A 362 -20.92 -11.75 2.53
C SER A 362 -20.90 -10.28 2.12
N SER A 363 -19.80 -9.61 2.49
CA SER A 363 -19.62 -8.21 2.08
C SER A 363 -19.57 -8.10 0.56
N GLU A 364 -18.94 -9.07 -0.11
CA GLU A 364 -18.96 -9.10 -1.56
C GLU A 364 -20.39 -9.12 -2.08
N PHE A 365 -21.30 -9.80 -1.37
CA PHE A 365 -22.69 -9.82 -1.78
C PHE A 365 -23.30 -8.43 -1.70
N ASN A 366 -23.00 -7.68 -0.64
CA ASN A 366 -23.51 -6.32 -0.52
C ASN A 366 -22.94 -5.42 -1.61
N VAL A 367 -21.65 -5.58 -1.92
CA VAL A 367 -21.04 -4.81 -3.01
C VAL A 367 -21.75 -5.12 -4.32
N THR A 368 -21.99 -6.40 -4.58
CA THR A 368 -22.67 -6.82 -5.81
C THR A 368 -24.08 -6.24 -5.85
N ARG A 369 -24.79 -6.27 -4.72
CA ARG A 369 -26.15 -5.74 -4.67
C ARG A 369 -26.17 -4.24 -4.95
N ASN A 370 -25.22 -3.50 -4.36
CA ASN A 370 -25.16 -2.06 -4.60
C ASN A 370 -24.84 -1.76 -6.06
N TYR A 371 -23.88 -2.51 -6.63
CA TYR A 371 -23.56 -2.31 -8.05
C TYR A 371 -24.76 -2.61 -8.93
N LEU A 372 -25.49 -3.68 -8.63
CA LEU A 372 -26.66 -4.02 -9.43
C LEU A 372 -27.76 -2.98 -9.27
N ASP A 373 -27.93 -2.44 -8.07
CA ASP A 373 -28.88 -1.34 -7.86
C ASP A 373 -28.52 -0.15 -8.74
N TRP A 374 -27.25 0.24 -8.72
CA TRP A 374 -26.82 1.39 -9.52
C TRP A 374 -26.98 1.10 -11.02
N LEU A 375 -26.65 -0.11 -11.45
CA LEU A 375 -26.74 -0.47 -12.86
C LEU A 375 -28.18 -0.49 -13.35
N THR A 376 -29.09 -1.08 -12.58
CA THR A 376 -30.46 -1.22 -13.01
C THR A 376 -31.24 0.10 -12.87
N SER A 377 -30.88 0.93 -11.89
CA SER A 377 -31.60 2.18 -11.68
C SER A 377 -31.41 3.17 -12.82
N ILE A 378 -30.42 2.96 -13.69
CA ILE A 378 -30.18 3.91 -14.78
C ILE A 378 -31.35 3.85 -15.76
N PRO A 379 -31.79 4.98 -16.31
CA PRO A 379 -32.80 4.94 -17.39
C PRO A 379 -32.15 4.49 -18.69
N TRP A 380 -32.57 3.33 -19.18
CA TRP A 380 -31.99 2.73 -20.39
C TRP A 380 -33.01 2.88 -21.52
N GLY A 381 -32.69 3.74 -22.48
CA GLY A 381 -33.60 3.99 -23.59
C GLY A 381 -34.81 4.82 -23.23
N LYS A 382 -34.86 5.39 -22.04
CA LYS A 382 -35.98 6.22 -21.60
C LYS A 382 -35.65 7.68 -21.86
N TYR A 383 -36.45 8.32 -22.72
CA TYR A 383 -36.24 9.69 -23.13
C TYR A 383 -37.42 10.54 -22.63
N SER A 384 -37.12 11.58 -21.86
CA SER A 384 -38.17 12.48 -21.41
C SER A 384 -38.85 13.13 -22.60
N ASN A 385 -40.17 13.13 -22.60
CA ASN A 385 -40.91 13.77 -23.68
C ASN A 385 -40.51 15.24 -23.77
N GLU A 386 -40.29 15.70 -25.00
CA GLU A 386 -39.74 17.03 -25.24
C GLU A 386 -40.79 17.91 -25.90
N ASN A 387 -40.96 19.11 -25.34
CA ASN A 387 -41.76 20.14 -25.98
C ASN A 387 -41.14 20.54 -27.30
N LEU A 388 -41.98 20.67 -28.34
CA LEU A 388 -41.53 21.08 -29.66
C LEU A 388 -42.21 22.33 -30.17
N ASP A 389 -43.43 22.63 -29.75
CA ASP A 389 -44.10 23.83 -30.21
C ASP A 389 -43.29 25.07 -29.83
N LEU A 390 -43.24 26.02 -30.75
CA LEU A 390 -42.40 27.21 -30.60
C LEU A 390 -43.13 28.37 -29.95
N ALA A 391 -44.42 28.54 -30.21
CA ALA A 391 -45.16 29.65 -29.60
C ALA A 391 -45.20 29.49 -28.08
N ARG A 392 -45.55 28.30 -27.59
CA ARG A 392 -45.67 28.12 -26.15
C ARG A 392 -44.31 28.25 -25.47
N ALA A 393 -43.26 27.68 -26.07
CA ALA A 393 -41.93 27.78 -25.48
C ALA A 393 -41.44 29.22 -25.48
N GLN A 394 -41.68 29.96 -26.56
CA GLN A 394 -41.29 31.36 -26.62
C GLN A 394 -42.02 32.17 -25.57
N ALA A 395 -43.33 31.91 -25.41
CA ALA A 395 -44.09 32.60 -24.37
C ALA A 395 -43.56 32.25 -22.99
N VAL A 396 -43.20 30.99 -22.77
CA VAL A 396 -42.65 30.59 -21.47
C VAL A 396 -41.35 31.32 -21.19
N LEU A 397 -40.47 31.39 -22.20
CA LEU A 397 -39.19 32.07 -22.00
C LEU A 397 -39.39 33.55 -21.74
N GLU A 398 -40.31 34.19 -22.46
CA GLU A 398 -40.58 35.61 -22.22
C GLU A 398 -41.25 35.83 -20.87
N GLU A 399 -42.04 34.86 -20.40
CA GLU A 399 -42.74 34.98 -19.13
C GLU A 399 -41.79 34.81 -17.96
N ASP A 400 -40.87 33.86 -18.04
CA ASP A 400 -39.94 33.58 -16.96
C ASP A 400 -38.73 34.51 -16.96
N HIS A 401 -38.56 35.34 -18.00
CA HIS A 401 -37.37 36.18 -18.09
C HIS A 401 -37.66 37.39 -18.96
N TYR A 402 -36.85 38.41 -18.77
CA TYR A 402 -36.89 39.64 -19.55
C TYR A 402 -35.56 39.82 -20.24
N GLY A 403 -35.60 40.21 -21.51
CA GLY A 403 -34.37 40.31 -22.28
C GLY A 403 -33.82 38.94 -22.64
N MET A 404 -32.50 38.85 -22.72
CA MET A 404 -31.84 37.62 -23.15
C MET A 404 -32.37 37.18 -24.51
N GLU A 405 -32.68 38.16 -25.36
CA GLU A 405 -33.29 37.85 -26.65
C GLU A 405 -32.43 36.86 -27.44
N ASP A 406 -31.11 37.02 -27.38
CA ASP A 406 -30.24 36.11 -28.13
C ASP A 406 -30.42 34.67 -27.66
N VAL A 407 -30.45 34.46 -26.35
CA VAL A 407 -30.65 33.12 -25.82
C VAL A 407 -32.00 32.57 -26.24
N LYS A 408 -33.05 33.41 -26.16
CA LYS A 408 -34.39 32.94 -26.50
C LYS A 408 -34.46 32.53 -27.96
N LYS A 409 -33.92 33.34 -28.88
CA LYS A 409 -33.97 32.97 -30.29
C LYS A 409 -33.08 31.77 -30.58
N ARG A 410 -31.95 31.63 -29.87
CA ARG A 410 -31.13 30.43 -30.07
C ARG A 410 -31.88 29.18 -29.63
N ILE A 411 -32.61 29.24 -28.52
CA ILE A 411 -33.41 28.11 -28.09
C ILE A 411 -34.53 27.84 -29.09
N LEU A 412 -35.12 28.90 -29.64
CA LEU A 412 -36.14 28.73 -30.67
C LEU A 412 -35.57 28.01 -31.88
N GLU A 413 -34.38 28.41 -32.32
CA GLU A 413 -33.74 27.76 -33.46
C GLU A 413 -33.41 26.30 -33.14
N PHE A 414 -32.95 26.04 -31.91
CA PHE A 414 -32.67 24.66 -31.52
C PHE A 414 -33.93 23.81 -31.58
N ILE A 415 -35.05 24.32 -31.07
CA ILE A 415 -36.29 23.56 -31.11
C ILE A 415 -36.73 23.34 -32.54
N ALA A 416 -36.60 24.38 -33.39
CA ALA A 416 -36.98 24.24 -34.78
C ALA A 416 -36.13 23.18 -35.49
N VAL A 417 -34.83 23.16 -35.21
CA VAL A 417 -33.96 22.18 -35.84
C VAL A 417 -34.30 20.77 -35.36
N SER A 418 -34.49 20.61 -34.05
CA SER A 418 -34.84 19.29 -33.53
C SER A 418 -36.18 18.81 -34.06
N GLN A 419 -37.13 19.72 -34.27
CA GLN A 419 -38.44 19.35 -34.80
C GLN A 419 -38.35 18.99 -36.28
N LEU A 420 -37.58 19.76 -37.05
CA LEU A 420 -37.43 19.47 -38.47
C LEU A 420 -36.75 18.13 -38.69
N ARG A 421 -35.71 17.83 -37.91
CA ARG A 421 -34.96 16.60 -38.07
C ARG A 421 -35.51 15.44 -37.26
N GLY A 422 -36.59 15.65 -36.51
CA GLY A 422 -37.23 14.57 -35.79
C GLY A 422 -36.68 14.36 -34.40
N SER A 423 -35.75 13.41 -34.26
CA SER A 423 -35.22 13.05 -32.95
C SER A 423 -34.84 14.29 -32.15
N THR A 424 -35.03 14.21 -30.83
CA THR A 424 -34.74 15.31 -29.92
C THR A 424 -33.22 15.42 -29.77
N GLN A 425 -32.60 16.08 -30.75
CA GLN A 425 -31.15 16.20 -30.76
C GLN A 425 -30.67 16.96 -29.53
N GLY A 426 -29.54 16.50 -28.99
CA GLY A 426 -28.88 17.22 -27.92
C GLY A 426 -27.75 18.09 -28.46
N LYS A 427 -27.59 19.27 -27.86
CA LYS A 427 -26.60 20.22 -28.32
C LYS A 427 -25.95 20.89 -27.11
N ILE A 428 -24.72 21.36 -27.33
CA ILE A 428 -23.91 21.99 -26.28
C ILE A 428 -23.87 23.50 -26.54
N LEU A 429 -24.12 24.27 -25.49
CA LEU A 429 -24.03 25.73 -25.60
C LEU A 429 -23.76 26.29 -24.21
N CYS A 430 -23.09 27.44 -24.18
CA CYS A 430 -22.71 28.09 -22.93
C CYS A 430 -23.31 29.50 -22.88
N PHE A 431 -23.67 29.94 -21.68
CA PHE A 431 -24.21 31.27 -21.43
C PHE A 431 -23.15 32.03 -20.61
N TYR A 432 -22.47 32.99 -21.23
CA TYR A 432 -21.40 33.71 -20.55
C TYR A 432 -21.83 35.16 -20.32
N GLY A 433 -21.66 35.62 -19.09
CA GLY A 433 -22.02 36.96 -18.70
C GLY A 433 -21.69 37.22 -17.25
N PRO A 434 -21.96 38.44 -16.77
CA PRO A 434 -21.70 38.74 -15.38
C PRO A 434 -22.55 37.88 -14.48
N PRO A 435 -22.10 37.60 -13.25
CA PRO A 435 -22.94 36.85 -12.32
C PRO A 435 -24.18 37.64 -11.95
N GLY A 436 -25.21 36.91 -11.53
CA GLY A 436 -26.48 37.54 -11.19
C GLY A 436 -27.18 38.15 -12.39
N VAL A 437 -27.19 37.44 -13.51
CA VAL A 437 -27.82 37.92 -14.73
C VAL A 437 -28.99 37.00 -15.08
N GLY A 438 -28.93 35.75 -14.63
CA GLY A 438 -30.03 34.81 -14.80
C GLY A 438 -29.68 33.62 -15.68
N LYS A 439 -28.41 33.21 -15.68
CA LYS A 439 -28.01 32.08 -16.49
C LYS A 439 -28.64 30.78 -15.98
N THR A 440 -28.53 30.50 -14.69
CA THR A 440 -29.15 29.31 -14.12
C THR A 440 -30.67 29.39 -14.25
N SER A 441 -31.23 30.57 -14.02
CA SER A 441 -32.68 30.74 -14.13
C SER A 441 -33.16 30.48 -15.55
N ILE A 442 -32.45 31.00 -16.55
CA ILE A 442 -32.88 30.75 -17.93
C ILE A 442 -32.62 29.31 -18.32
N ALA A 443 -31.60 28.66 -17.75
CA ALA A 443 -31.43 27.23 -17.99
C ALA A 443 -32.62 26.45 -17.46
N ARG A 444 -33.09 26.78 -16.26
CA ARG A 444 -34.29 26.13 -15.73
C ARG A 444 -35.51 26.43 -16.59
N SER A 445 -35.64 27.68 -17.04
CA SER A 445 -36.76 28.04 -17.91
C SER A 445 -36.74 27.25 -19.21
N ILE A 446 -35.55 27.07 -19.79
CA ILE A 446 -35.41 26.27 -20.99
C ILE A 446 -35.77 24.82 -20.71
N ALA A 447 -35.34 24.29 -19.57
CA ALA A 447 -35.66 22.91 -19.22
C ALA A 447 -37.17 22.72 -19.12
N ARG A 448 -37.87 23.65 -18.48
CA ARG A 448 -39.31 23.48 -18.32
C ARG A 448 -40.05 23.74 -19.63
N ALA A 449 -39.60 24.72 -20.41
CA ALA A 449 -40.24 24.99 -21.70
C ALA A 449 -40.07 23.80 -22.65
N LEU A 450 -38.89 23.18 -22.65
CA LEU A 450 -38.64 22.02 -23.48
C LEU A 450 -39.34 20.77 -22.97
N ASN A 451 -39.91 20.81 -21.77
CA ASN A 451 -40.59 19.70 -21.12
C ASN A 451 -39.63 18.59 -20.69
N ARG A 452 -38.34 18.73 -20.98
CA ARG A 452 -37.36 17.74 -20.53
C ARG A 452 -36.96 18.02 -19.09
N GLU A 453 -36.15 17.12 -18.53
CA GLU A 453 -35.75 17.24 -17.14
C GLU A 453 -34.61 18.25 -16.98
N TYR A 454 -34.33 18.61 -15.72
CA TYR A 454 -33.31 19.58 -15.39
C TYR A 454 -32.38 19.00 -14.32
N PHE A 455 -31.11 19.39 -14.41
CA PHE A 455 -30.12 19.02 -13.40
C PHE A 455 -28.93 19.95 -13.57
N ARG A 456 -28.39 20.43 -12.46
CA ARG A 456 -27.27 21.35 -12.50
C ARG A 456 -26.03 20.68 -11.91
N PHE A 457 -24.87 21.17 -12.35
CA PHE A 457 -23.59 20.55 -12.00
C PHE A 457 -22.57 21.66 -11.83
N SER A 458 -21.98 21.74 -10.64
CA SER A 458 -20.97 22.76 -10.34
C SER A 458 -19.59 22.13 -10.40
N VAL A 459 -18.75 22.63 -11.30
CA VAL A 459 -17.36 22.21 -11.41
C VAL A 459 -16.41 23.25 -10.84
N GLY A 460 -16.96 24.26 -10.15
CA GLY A 460 -16.13 25.32 -9.61
C GLY A 460 -15.07 24.84 -8.65
N GLY A 461 -13.82 25.17 -8.93
CA GLY A 461 -12.73 24.76 -8.06
C GLY A 461 -12.55 23.27 -7.95
N MET A 462 -13.10 22.50 -8.88
CA MET A 462 -12.97 21.05 -8.82
C MET A 462 -11.56 20.62 -9.21
N THR A 463 -11.07 19.58 -8.53
CA THR A 463 -9.81 18.98 -8.89
C THR A 463 -9.86 17.46 -8.84
N ASP A 464 -11.05 16.87 -8.69
CA ASP A 464 -11.22 15.42 -8.60
C ASP A 464 -12.11 14.97 -9.76
N VAL A 465 -11.49 14.35 -10.77
CA VAL A 465 -12.26 13.80 -11.88
C VAL A 465 -13.18 12.70 -11.40
N ALA A 466 -12.81 12.02 -10.30
CA ALA A 466 -13.61 10.91 -9.81
C ALA A 466 -15.06 11.33 -9.55
N GLU A 467 -15.29 12.58 -9.18
CA GLU A 467 -16.65 13.04 -8.94
C GLU A 467 -17.53 12.79 -10.15
N ILE A 468 -17.00 13.01 -11.35
CA ILE A 468 -17.75 12.67 -12.55
C ILE A 468 -17.53 11.22 -12.93
N LYS A 469 -16.36 10.66 -12.58
CA LYS A 469 -16.00 9.29 -12.95
C LYS A 469 -16.23 8.30 -11.82
N GLY A 470 -16.79 8.75 -10.69
CA GLY A 470 -17.03 7.82 -9.60
C GLY A 470 -15.73 7.23 -9.08
N HIS A 471 -15.87 6.08 -8.44
CA HIS A 471 -14.75 5.34 -7.87
C HIS A 471 -14.68 3.97 -8.56
N ARG A 472 -13.83 3.09 -8.03
CA ARG A 472 -13.67 1.75 -8.56
C ARG A 472 -14.65 0.76 -7.97
N ARG A 473 -15.66 1.24 -7.25
CA ARG A 473 -16.74 0.42 -6.70
C ARG A 473 -16.30 -0.42 -5.50
N THR A 474 -14.99 -0.47 -5.24
CA THR A 474 -14.46 -1.35 -4.21
C THR A 474 -13.71 -0.64 -3.09
N TYR A 475 -13.30 0.61 -3.29
CA TYR A 475 -12.73 1.37 -2.19
C TYR A 475 -13.80 1.61 -1.13
N VAL A 476 -13.35 1.86 0.10
CA VAL A 476 -14.29 2.13 1.18
C VAL A 476 -15.15 3.30 0.76
N GLY A 477 -16.45 3.05 0.57
CA GLY A 477 -17.34 4.05 0.04
C GLY A 477 -17.07 4.46 -1.39
N ALA A 478 -16.80 3.50 -2.28
CA ALA A 478 -16.54 3.79 -3.69
C ALA A 478 -17.86 3.92 -4.43
N MET A 479 -18.28 5.15 -4.71
CA MET A 479 -19.56 5.46 -5.33
C MET A 479 -19.37 5.87 -6.78
N PRO A 480 -20.42 5.83 -7.60
CA PRO A 480 -20.29 6.24 -9.01
C PRO A 480 -20.20 7.74 -9.19
N GLY A 481 -20.01 8.17 -10.43
CA GLY A 481 -19.93 9.59 -10.73
C GLY A 481 -21.28 10.28 -10.58
N LYS A 482 -21.22 11.61 -10.53
CA LYS A 482 -22.43 12.38 -10.28
C LYS A 482 -23.39 12.34 -11.46
N ILE A 483 -22.89 12.10 -12.67
CA ILE A 483 -23.79 11.98 -13.81
C ILE A 483 -24.63 10.72 -13.69
N ILE A 484 -24.09 9.67 -13.08
CA ILE A 484 -24.90 8.48 -12.79
C ILE A 484 -26.06 8.85 -11.87
N GLN A 485 -25.79 9.65 -10.84
CA GLN A 485 -26.84 10.11 -9.95
C GLN A 485 -27.84 10.97 -10.69
N CYS A 486 -27.37 11.82 -11.60
CA CYS A 486 -28.26 12.65 -12.39
C CYS A 486 -29.20 11.81 -13.25
N LEU A 487 -28.65 10.79 -13.91
CA LEU A 487 -29.50 9.91 -14.72
C LEU A 487 -30.49 9.15 -13.85
N LYS A 488 -30.05 8.69 -12.68
CA LYS A 488 -30.95 7.98 -11.78
C LYS A 488 -32.09 8.87 -11.31
N LYS A 489 -31.78 10.13 -10.97
CA LYS A 489 -32.79 11.06 -10.48
C LYS A 489 -33.74 11.50 -11.58
N THR A 490 -33.19 11.92 -12.72
CA THR A 490 -34.03 12.36 -13.83
C THR A 490 -34.83 11.21 -14.41
N LYS A 491 -34.30 9.99 -14.33
CA LYS A 491 -34.94 8.79 -14.87
C LYS A 491 -35.08 8.85 -16.38
N THR A 492 -34.33 9.72 -17.05
CA THR A 492 -34.39 9.85 -18.50
C THR A 492 -33.00 10.15 -19.04
N GLU A 493 -32.79 9.79 -20.30
CA GLU A 493 -31.50 9.98 -20.96
C GLU A 493 -31.42 11.26 -21.77
N ASN A 494 -32.43 12.12 -21.71
CA ASN A 494 -32.42 13.41 -22.40
C ASN A 494 -32.81 14.52 -21.43
N PRO A 495 -32.04 14.71 -20.35
CA PRO A 495 -32.30 15.83 -19.43
C PRO A 495 -31.62 17.11 -19.87
N LEU A 496 -31.83 18.19 -19.11
CA LEU A 496 -31.10 19.45 -19.33
C LEU A 496 -30.06 19.56 -18.23
N ILE A 497 -28.87 19.04 -18.50
CA ILE A 497 -27.76 19.14 -17.57
C ILE A 497 -27.15 20.53 -17.67
N LEU A 498 -26.89 21.14 -16.52
CA LEU A 498 -26.35 22.49 -16.43
C LEU A 498 -25.03 22.44 -15.69
N ILE A 499 -23.93 22.66 -16.41
CA ILE A 499 -22.60 22.73 -15.80
C ILE A 499 -22.33 24.19 -15.44
N ASP A 500 -21.89 24.41 -14.20
CA ASP A 500 -21.67 25.75 -13.69
C ASP A 500 -20.20 25.93 -13.32
N GLU A 501 -19.71 27.15 -13.51
CA GLU A 501 -18.33 27.51 -13.18
C GLU A 501 -17.33 26.64 -13.95
N VAL A 502 -17.57 26.51 -15.26
CA VAL A 502 -16.64 25.78 -16.12
C VAL A 502 -15.28 26.48 -16.12
N ASP A 503 -15.28 27.81 -16.17
CA ASP A 503 -14.04 28.59 -16.19
C ASP A 503 -13.24 28.44 -14.90
N LYS A 504 -13.84 27.93 -13.84
CA LYS A 504 -13.18 27.83 -12.53
C LYS A 504 -12.45 26.51 -12.33
N ILE A 505 -12.40 25.66 -13.35
CA ILE A 505 -11.67 24.40 -13.23
C ILE A 505 -10.20 24.69 -12.99
N GLY A 506 -9.58 23.89 -12.12
CA GLY A 506 -8.18 24.05 -11.79
C GLY A 506 -7.25 23.27 -12.70
N ARG A 507 -7.64 22.04 -13.06
CA ARG A 507 -6.83 21.17 -13.89
C ARG A 507 -5.44 20.97 -13.29
N GLY A 508 -5.39 20.89 -11.96
CA GLY A 508 -4.15 20.76 -11.22
C GLY A 508 -3.71 19.33 -11.06
N TYR A 509 -2.87 19.11 -10.05
CA TYR A 509 -2.36 17.77 -9.76
C TYR A 509 -3.51 16.82 -9.46
N GLN A 510 -3.31 15.55 -9.81
CA GLN A 510 -4.23 14.44 -9.56
C GLN A 510 -5.63 14.73 -10.09
N GLY A 511 -5.78 15.82 -10.84
CA GLY A 511 -7.09 16.26 -11.30
C GLY A 511 -7.24 16.15 -12.80
N ASP A 512 -7.07 17.28 -13.48
CA ASP A 512 -7.29 17.38 -14.91
C ASP A 512 -8.66 16.83 -15.30
N PRO A 513 -9.73 17.27 -14.62
CA PRO A 513 -11.07 16.86 -15.04
C PRO A 513 -11.42 17.35 -16.43
N SER A 514 -10.67 18.34 -16.95
CA SER A 514 -10.92 18.83 -18.30
C SER A 514 -10.90 17.70 -19.31
N SER A 515 -10.06 16.68 -19.10
CA SER A 515 -10.12 15.50 -19.96
C SER A 515 -11.50 14.86 -19.90
N ALA A 516 -12.04 14.71 -18.68
CA ALA A 516 -13.38 14.18 -18.53
C ALA A 516 -14.42 15.14 -19.14
N LEU A 517 -14.21 16.45 -18.97
CA LEU A 517 -15.15 17.40 -19.55
C LEU A 517 -15.20 17.29 -21.07
N LEU A 518 -14.04 17.15 -21.70
CA LEU A 518 -14.01 16.90 -23.15
C LEU A 518 -14.72 15.60 -23.48
N GLU A 519 -14.42 14.53 -22.74
CA GLU A 519 -15.08 13.26 -22.97
C GLU A 519 -16.59 13.42 -22.95
N LEU A 520 -17.11 14.17 -21.99
CA LEU A 520 -18.55 14.37 -21.89
C LEU A 520 -19.09 15.22 -23.05
N LEU A 521 -18.39 16.30 -23.38
CA LEU A 521 -18.87 17.24 -24.38
C LEU A 521 -18.40 16.90 -25.79
N ASP A 522 -17.64 15.85 -25.97
CA ASP A 522 -17.29 15.40 -27.31
C ASP A 522 -18.57 14.99 -28.05
N PRO A 523 -18.85 15.52 -29.23
CA PRO A 523 -20.12 15.19 -29.90
C PRO A 523 -20.28 13.72 -30.21
N GLU A 524 -19.19 12.96 -30.30
CA GLU A 524 -19.24 11.54 -30.66
C GLU A 524 -18.84 10.61 -29.51
N GLN A 525 -17.80 10.97 -28.75
CA GLN A 525 -17.41 10.12 -27.62
C GLN A 525 -18.47 10.13 -26.53
N ASN A 526 -19.27 11.19 -26.44
CA ASN A 526 -20.33 11.24 -25.46
C ASN A 526 -21.30 10.08 -25.62
N ALA A 527 -21.40 9.51 -26.83
CA ALA A 527 -22.31 8.40 -27.06
C ALA A 527 -21.91 7.15 -26.27
N ASN A 528 -20.66 7.05 -25.83
CA ASN A 528 -20.18 5.88 -25.10
C ASN A 528 -19.38 6.31 -23.86
N PHE A 529 -19.95 7.22 -23.09
CA PHE A 529 -19.34 7.66 -21.84
C PHE A 529 -19.59 6.65 -20.72
N LEU A 530 -18.55 6.37 -19.94
CA LEU A 530 -18.62 5.43 -18.84
C LEU A 530 -17.87 6.00 -17.66
N ASP A 531 -17.78 5.23 -16.58
CA ASP A 531 -17.06 5.66 -15.38
C ASP A 531 -16.43 4.45 -14.72
N HIS A 532 -15.47 4.72 -13.83
CA HIS A 532 -14.72 3.64 -13.20
C HIS A 532 -15.64 2.74 -12.37
N TYR A 533 -16.55 3.33 -11.61
CA TYR A 533 -17.50 2.55 -10.83
C TYR A 533 -18.33 1.66 -11.73
N LEU A 534 -19.13 2.28 -12.60
CA LEU A 534 -19.93 1.58 -13.60
C LEU A 534 -19.26 1.78 -14.95
N ASP A 535 -18.66 0.72 -15.49
CA ASP A 535 -17.87 0.79 -16.71
C ASP A 535 -18.73 0.66 -17.96
N VAL A 536 -20.02 0.94 -17.87
CA VAL A 536 -20.94 0.82 -19.01
C VAL A 536 -20.96 2.12 -19.80
N PRO A 537 -20.67 2.10 -21.10
CA PRO A 537 -20.85 3.32 -21.90
C PRO A 537 -22.33 3.70 -21.99
N VAL A 538 -22.56 5.01 -22.09
CA VAL A 538 -23.92 5.55 -22.13
C VAL A 538 -24.01 6.56 -23.27
N ASP A 539 -25.22 6.68 -23.83
CA ASP A 539 -25.49 7.61 -24.92
C ASP A 539 -25.84 8.98 -24.33
N LEU A 540 -25.10 10.01 -24.73
CA LEU A 540 -25.31 11.36 -24.24
C LEU A 540 -25.36 12.35 -25.39
N SER A 541 -25.98 11.94 -26.50
CA SER A 541 -26.14 12.81 -27.67
C SER A 541 -27.43 13.62 -27.63
N LYS A 542 -28.33 13.33 -26.70
CA LYS A 542 -29.58 14.05 -26.57
C LYS A 542 -29.63 14.98 -25.36
N VAL A 543 -28.68 14.84 -24.43
CA VAL A 543 -28.56 15.79 -23.34
C VAL A 543 -28.40 17.19 -23.90
N LEU A 544 -29.08 18.15 -23.27
CA LEU A 544 -28.92 19.57 -23.61
C LEU A 544 -27.97 20.18 -22.59
N PHE A 545 -26.68 19.98 -22.82
CA PHE A 545 -25.67 20.48 -21.90
C PHE A 545 -25.66 22.01 -21.89
N ILE A 546 -25.47 22.58 -20.70
CA ILE A 546 -25.32 24.02 -20.52
C ILE A 546 -24.08 24.27 -19.68
N CYS A 547 -23.26 25.22 -20.12
CA CYS A 547 -22.11 25.67 -19.37
C CYS A 547 -22.27 27.16 -19.08
N THR A 548 -21.69 27.60 -17.96
CA THR A 548 -21.76 28.99 -17.56
C THR A 548 -20.38 29.46 -17.09
N ALA A 549 -20.10 30.74 -17.31
CA ALA A 549 -18.83 31.33 -16.93
C ALA A 549 -18.92 32.84 -17.07
N ASN A 550 -18.22 33.55 -16.19
CA ASN A 550 -18.16 35.00 -16.25
C ASN A 550 -17.11 35.50 -17.23
N VAL A 551 -16.35 34.60 -17.85
CA VAL A 551 -15.30 34.98 -18.80
C VAL A 551 -15.00 33.75 -19.66
N THR A 552 -14.46 34.00 -20.86
CA THR A 552 -14.16 32.95 -21.82
C THR A 552 -12.69 32.56 -21.85
N ASP A 553 -11.79 33.50 -21.59
CA ASP A 553 -10.37 33.27 -21.82
C ASP A 553 -9.85 32.09 -21.02
N THR A 554 -10.27 31.97 -19.77
CA THR A 554 -9.75 30.94 -18.88
C THR A 554 -10.28 29.54 -19.21
N ILE A 555 -11.31 29.43 -20.03
CA ILE A 555 -11.83 28.11 -20.40
C ILE A 555 -10.82 27.43 -21.32
N PRO A 556 -10.60 26.12 -21.19
CA PRO A 556 -9.64 25.45 -22.08
C PRO A 556 -10.03 25.58 -23.54
N GLU A 557 -9.01 25.72 -24.40
CA GLU A 557 -9.26 25.81 -25.83
C GLU A 557 -10.02 24.60 -26.36
N PRO A 558 -9.67 23.36 -26.00
CA PRO A 558 -10.43 22.21 -26.52
C PRO A 558 -11.90 22.23 -26.11
N LEU A 559 -12.27 22.94 -25.05
CA LEU A 559 -13.66 23.05 -24.63
C LEU A 559 -14.39 24.18 -25.34
N ARG A 560 -13.80 25.39 -25.35
CA ARG A 560 -14.49 26.54 -25.91
C ARG A 560 -14.71 26.41 -27.41
N ASP A 561 -13.92 25.60 -28.10
CA ASP A 561 -14.10 25.37 -29.53
C ASP A 561 -15.04 24.21 -29.83
N ARG A 562 -15.59 23.58 -28.81
CA ARG A 562 -16.45 22.41 -28.95
C ARG A 562 -17.92 22.76 -29.02
N MET A 563 -18.28 24.05 -29.03
CA MET A 563 -19.66 24.45 -28.79
C MET A 563 -19.86 25.85 -29.36
N GLU A 564 -21.04 26.41 -29.12
CA GLU A 564 -21.34 27.81 -29.40
C GLU A 564 -21.61 28.52 -28.09
N MET A 565 -21.20 29.78 -28.01
CA MET A 565 -21.10 30.50 -26.75
C MET A 565 -21.84 31.83 -26.88
N ILE A 566 -22.79 32.07 -25.98
CA ILE A 566 -23.79 33.13 -26.14
C ILE A 566 -23.59 34.18 -25.05
N ASN A 567 -23.53 35.44 -25.46
CA ASN A 567 -23.35 36.57 -24.56
C ASN A 567 -24.67 36.91 -23.91
N VAL A 568 -24.83 36.51 -22.65
CA VAL A 568 -25.91 37.00 -21.81
C VAL A 568 -25.36 38.20 -21.04
N SER A 569 -25.83 39.40 -21.39
CA SER A 569 -25.19 40.62 -20.93
C SER A 569 -25.82 41.11 -19.62
N GLY A 570 -25.23 42.16 -19.07
CA GLY A 570 -25.75 42.77 -17.86
C GLY A 570 -27.00 43.57 -18.14
N TYR A 571 -27.44 44.29 -17.11
CA TYR A 571 -28.69 45.05 -17.17
C TYR A 571 -28.43 46.50 -16.77
N VAL A 572 -28.97 47.41 -17.57
CA VAL A 572 -28.94 48.84 -17.26
C VAL A 572 -30.03 49.10 -16.22
N ALA A 573 -30.04 50.30 -15.64
CA ALA A 573 -30.95 50.60 -14.55
C ALA A 573 -32.40 50.27 -14.91
N GLN A 574 -32.80 50.57 -16.15
CA GLN A 574 -34.19 50.35 -16.55
C GLN A 574 -34.52 48.86 -16.60
N GLU A 575 -33.66 48.06 -17.24
CA GLU A 575 -33.88 46.62 -17.29
C GLU A 575 -33.86 46.02 -15.90
N LYS A 576 -32.94 46.48 -15.05
CA LYS A 576 -32.87 45.97 -13.68
C LYS A 576 -34.13 46.32 -12.91
N LEU A 577 -34.65 47.53 -13.09
CA LEU A 577 -35.90 47.91 -12.43
C LEU A 577 -37.06 47.05 -12.89
N ALA A 578 -37.14 46.80 -14.20
CA ALA A 578 -38.22 45.95 -14.72
C ALA A 578 -38.11 44.54 -14.12
N ILE A 579 -36.90 43.99 -14.10
CA ILE A 579 -36.69 42.66 -13.54
C ILE A 579 -37.10 42.64 -12.07
N ALA A 580 -36.69 43.66 -11.31
CA ALA A 580 -36.98 43.69 -9.89
C ALA A 580 -38.48 43.77 -9.65
N GLU A 581 -39.16 44.65 -10.37
CA GLU A 581 -40.60 44.86 -10.12
C GLU A 581 -41.42 43.68 -10.63
N ARG A 582 -40.91 42.91 -11.60
CA ARG A 582 -41.67 41.82 -12.17
C ARG A 582 -41.04 40.43 -11.96
N TYR A 583 -39.79 40.34 -11.51
CA TYR A 583 -39.16 39.03 -11.40
C TYR A 583 -38.51 38.79 -10.04
N LEU A 584 -38.07 39.85 -9.35
CA LEU A 584 -37.40 39.68 -8.07
C LEU A 584 -38.34 39.87 -6.88
N VAL A 585 -39.07 40.98 -6.84
CA VAL A 585 -39.94 41.24 -5.70
C VAL A 585 -40.95 40.11 -5.49
N PRO A 586 -41.64 39.62 -6.52
CA PRO A 586 -42.61 38.53 -6.27
C PRO A 586 -41.98 37.24 -5.78
N GLN A 587 -40.85 36.82 -6.37
CA GLN A 587 -40.25 35.56 -5.96
C GLN A 587 -39.66 35.66 -4.56
N ALA A 588 -39.04 36.81 -4.23
CA ALA A 588 -38.55 37.00 -2.86
C ALA A 588 -39.71 37.08 -1.88
N ARG A 589 -40.83 37.67 -2.29
CA ARG A 589 -42.01 37.70 -1.44
C ARG A 589 -42.51 36.30 -1.14
N ALA A 590 -42.62 35.46 -2.18
CA ALA A 590 -43.02 34.08 -1.96
C ALA A 590 -42.02 33.35 -1.08
N LEU A 591 -40.72 33.61 -1.30
CA LEU A 591 -39.70 33.07 -0.41
C LEU A 591 -39.94 33.51 1.03
N CYS A 592 -40.33 34.78 1.21
CA CYS A 592 -40.66 35.30 2.53
C CYS A 592 -42.08 34.94 2.96
N GLY A 593 -42.87 34.33 2.08
CA GLY A 593 -44.22 33.93 2.43
C GLY A 593 -45.21 35.07 2.46
N LEU A 594 -44.81 36.27 2.08
CA LEU A 594 -45.68 37.43 2.13
C LEU A 594 -46.59 37.48 0.91
N ASP A 595 -47.54 38.41 0.93
CA ASP A 595 -48.50 38.59 -0.15
C ASP A 595 -48.37 40.00 -0.72
N GLU A 596 -48.81 40.15 -1.97
CA GLU A 596 -48.69 41.42 -2.66
C GLU A 596 -49.27 42.56 -1.82
N SER A 597 -50.47 42.35 -1.28
CA SER A 597 -51.11 43.40 -0.48
C SER A 597 -50.30 43.69 0.79
N LYS A 598 -49.82 42.65 1.46
CA LYS A 598 -49.14 42.85 2.74
C LYS A 598 -47.87 43.69 2.56
N ALA A 599 -47.00 43.29 1.65
CA ALA A 599 -45.75 43.99 1.38
C ALA A 599 -45.83 44.61 -0.01
N LYS A 600 -45.64 45.93 -0.08
CA LYS A 600 -45.72 46.65 -1.34
C LYS A 600 -44.56 47.62 -1.45
N LEU A 601 -43.91 47.63 -2.61
CA LEU A 601 -42.83 48.55 -2.91
C LEU A 601 -43.21 49.41 -4.11
N SER A 602 -42.49 50.51 -4.29
CA SER A 602 -42.73 51.44 -5.38
C SER A 602 -41.53 51.45 -6.32
N SER A 603 -41.81 51.71 -7.60
CA SER A 603 -40.73 51.74 -8.58
C SER A 603 -39.66 52.75 -8.21
N ASP A 604 -40.05 53.87 -7.58
CA ASP A 604 -39.07 54.83 -7.11
C ASP A 604 -38.16 54.22 -6.06
N VAL A 605 -38.72 53.43 -5.15
CA VAL A 605 -37.91 52.76 -4.14
C VAL A 605 -36.89 51.84 -4.78
N LEU A 606 -37.33 51.05 -5.77
CA LEU A 606 -36.41 50.15 -6.45
C LEU A 606 -35.33 50.91 -7.21
N THR A 607 -35.70 52.01 -7.85
CA THR A 607 -34.71 52.80 -8.57
C THR A 607 -33.66 53.37 -7.62
N LEU A 608 -34.11 53.91 -6.49
CA LEU A 608 -33.16 54.43 -5.50
C LEU A 608 -32.28 53.31 -4.96
N LEU A 609 -32.87 52.14 -4.70
CA LEU A 609 -32.10 51.00 -4.22
C LEU A 609 -31.01 50.63 -5.22
N ILE A 610 -31.37 50.58 -6.51
CA ILE A 610 -30.39 50.24 -7.54
C ILE A 610 -29.28 51.29 -7.58
N LYS A 611 -29.65 52.57 -7.59
CA LYS A 611 -28.69 53.63 -7.84
C LYS A 611 -27.86 54.00 -6.62
N GLN A 612 -28.21 53.53 -5.43
CA GLN A 612 -27.45 53.88 -4.24
C GLN A 612 -27.08 52.70 -3.36
N TYR A 613 -27.42 51.47 -3.76
CA TYR A 613 -27.03 50.28 -2.99
C TYR A 613 -26.49 49.15 -3.86
N CYS A 614 -26.67 49.19 -5.17
CA CYS A 614 -26.26 48.10 -6.06
C CYS A 614 -25.68 48.71 -7.33
N ARG A 615 -24.36 48.87 -7.36
CA ARG A 615 -23.63 49.39 -8.52
C ARG A 615 -22.91 48.20 -9.17
N GLU A 616 -23.63 47.50 -10.04
CA GLU A 616 -23.06 46.36 -10.74
C GLU A 616 -23.91 46.07 -11.97
N SER A 617 -23.31 45.35 -12.93
CA SER A 617 -24.05 44.92 -14.10
C SER A 617 -24.98 43.76 -13.79
N GLY A 618 -24.70 43.02 -12.70
CA GLY A 618 -25.54 41.92 -12.29
C GLY A 618 -26.73 42.38 -11.48
N VAL A 619 -27.35 41.42 -10.78
CA VAL A 619 -28.57 41.67 -10.03
C VAL A 619 -28.49 41.15 -8.60
N ARG A 620 -27.41 40.46 -8.23
CA ARG A 620 -27.37 39.76 -6.95
C ARG A 620 -27.57 40.72 -5.78
N ASN A 621 -26.83 41.83 -5.76
CA ASN A 621 -26.88 42.73 -4.61
C ASN A 621 -28.27 43.34 -4.45
N LEU A 622 -28.91 43.69 -5.57
CA LEU A 622 -30.29 44.16 -5.50
C LEU A 622 -31.19 43.09 -4.91
N GLN A 623 -30.95 41.83 -5.27
CA GLN A 623 -31.72 40.73 -4.70
C GLN A 623 -31.52 40.67 -3.19
N LYS A 624 -30.28 40.83 -2.72
CA LYS A 624 -30.02 40.83 -1.29
C LYS A 624 -30.76 41.96 -0.60
N GLN A 625 -30.73 43.16 -1.19
CA GLN A 625 -31.37 44.30 -0.57
C GLN A 625 -32.89 44.12 -0.51
N VAL A 626 -33.50 43.65 -1.60
CA VAL A 626 -34.94 43.45 -1.59
C VAL A 626 -35.32 42.34 -0.63
N GLU A 627 -34.50 41.30 -0.53
CA GLU A 627 -34.76 40.25 0.45
C GLU A 627 -34.71 40.79 1.87
N LYS A 628 -33.72 41.64 2.16
CA LYS A 628 -33.65 42.27 3.48
C LYS A 628 -34.89 43.11 3.75
N VAL A 629 -35.33 43.89 2.76
CA VAL A 629 -36.51 44.73 2.93
C VAL A 629 -37.73 43.88 3.22
N LEU A 630 -37.91 42.79 2.46
CA LEU A 630 -39.07 41.92 2.66
C LEU A 630 -39.00 41.22 4.01
N ARG A 631 -37.80 40.82 4.43
CA ARG A 631 -37.64 40.20 5.74
C ARG A 631 -38.07 41.17 6.84
N LYS A 632 -37.60 42.42 6.77
CA LYS A 632 -37.98 43.40 7.76
C LYS A 632 -39.48 43.67 7.72
N SER A 633 -40.06 43.68 6.52
CA SER A 633 -41.50 43.87 6.40
C SER A 633 -42.27 42.74 7.09
N ALA A 634 -41.84 41.49 6.87
CA ALA A 634 -42.49 40.37 7.53
C ALA A 634 -42.34 40.46 9.04
N TYR A 635 -41.14 40.80 9.51
CA TYR A 635 -40.93 40.94 10.96
C TYR A 635 -41.83 42.01 11.53
N LYS A 636 -41.95 43.15 10.86
CA LYS A 636 -42.83 44.21 11.33
C LYS A 636 -44.28 43.76 11.35
N ILE A 637 -44.71 43.02 10.31
CA ILE A 637 -46.08 42.55 10.27
C ILE A 637 -46.37 41.62 11.45
N VAL A 638 -45.45 40.70 11.73
CA VAL A 638 -45.69 39.77 12.84
C VAL A 638 -45.35 40.43 14.18
N SER A 639 -44.24 41.15 14.26
CA SER A 639 -43.82 41.79 15.51
C SER A 639 -44.41 43.18 15.66
N GLY A 640 -44.17 44.06 14.68
CA GLY A 640 -44.71 45.40 14.73
C GLY A 640 -46.22 45.47 14.60
N GLU A 641 -46.86 44.38 14.18
CA GLU A 641 -48.30 44.25 14.05
C GLU A 641 -48.89 45.10 12.93
N ALA A 642 -48.06 45.78 12.14
CA ALA A 642 -48.56 46.53 11.00
C ALA A 642 -49.21 45.58 10.00
N GLU A 643 -50.43 45.90 9.58
CA GLU A 643 -51.16 45.01 8.68
C GLU A 643 -50.44 44.86 7.35
N SER A 644 -49.97 45.97 6.79
CA SER A 644 -49.29 45.96 5.50
C SER A 644 -48.23 47.04 5.48
N VAL A 645 -47.28 46.90 4.56
CA VAL A 645 -46.16 47.82 4.42
C VAL A 645 -46.23 48.43 3.03
N GLU A 646 -46.24 49.76 2.98
CA GLU A 646 -46.19 50.52 1.72
C GLU A 646 -44.83 51.20 1.68
N VAL A 647 -43.84 50.48 1.13
CA VAL A 647 -42.46 50.94 1.21
C VAL A 647 -42.28 52.19 0.36
N THR A 648 -41.67 53.20 0.95
CA THR A 648 -41.30 54.44 0.28
C THR A 648 -39.87 54.78 0.69
N PRO A 649 -39.16 55.60 -0.11
CA PRO A 649 -37.75 55.88 0.21
C PRO A 649 -37.56 56.40 1.63
N GLU A 650 -38.47 57.23 2.13
CA GLU A 650 -38.37 57.71 3.50
C GLU A 650 -38.39 56.55 4.48
N ASN A 651 -39.16 55.50 4.19
CA ASN A 651 -39.16 54.30 5.02
C ASN A 651 -38.04 53.34 4.64
N LEU A 652 -37.61 53.36 3.37
CA LEU A 652 -36.44 52.57 2.98
C LEU A 652 -35.23 52.98 3.80
N GLN A 653 -35.14 54.27 4.16
CA GLN A 653 -34.00 54.74 4.93
C GLN A 653 -33.88 53.99 6.26
N ASP A 654 -35.00 53.78 6.94
CA ASP A 654 -34.99 53.04 8.20
C ASP A 654 -35.08 51.54 8.01
N PHE A 655 -35.43 51.06 6.81
CA PHE A 655 -35.42 49.62 6.55
C PHE A 655 -34.00 49.12 6.24
N VAL A 656 -33.41 49.61 5.14
CA VAL A 656 -32.06 49.19 4.78
C VAL A 656 -30.98 50.07 5.40
N GLY A 657 -31.34 51.26 5.86
CA GLY A 657 -30.36 52.22 6.32
C GLY A 657 -30.17 53.33 5.30
N LYS A 658 -29.00 53.97 5.34
CA LYS A 658 -28.66 55.05 4.44
C LYS A 658 -28.15 54.48 3.12
N PRO A 659 -27.75 55.30 2.15
CA PRO A 659 -27.16 54.74 0.92
C PRO A 659 -25.65 54.54 1.05
N VAL A 660 -25.19 53.33 0.74
CA VAL A 660 -23.75 53.05 0.75
C VAL A 660 -23.06 53.82 -0.36
N PHE A 661 -23.66 53.87 -1.54
CA PHE A 661 -23.08 54.55 -2.69
C PHE A 661 -23.76 55.91 -2.85
N THR A 662 -22.96 56.98 -2.78
CA THR A 662 -23.46 58.34 -2.87
C THR A 662 -22.91 59.12 -4.05
N VAL A 663 -21.66 58.88 -4.44
CA VAL A 663 -21.04 59.52 -5.59
C VAL A 663 -20.88 58.44 -6.67
N GLU A 664 -21.48 58.68 -7.84
CA GLU A 664 -21.45 57.67 -8.89
C GLU A 664 -20.02 57.40 -9.35
N ARG A 665 -19.29 58.45 -9.71
CA ARG A 665 -17.92 58.31 -10.17
C ARG A 665 -16.94 58.69 -9.06
N MET A 666 -15.74 58.13 -9.15
CA MET A 666 -14.69 58.42 -8.18
C MET A 666 -14.27 59.89 -8.28
N TYR A 667 -14.19 60.41 -9.50
CA TYR A 667 -13.95 61.84 -9.75
C TYR A 667 -15.13 62.42 -10.51
N ASP A 668 -15.83 63.36 -9.88
CA ASP A 668 -16.81 64.18 -10.60
C ASP A 668 -16.10 65.06 -11.62
N VAL A 669 -14.94 65.61 -11.25
CA VAL A 669 -14.10 66.39 -12.15
C VAL A 669 -12.73 65.73 -12.20
N THR A 670 -12.22 65.50 -13.40
CA THR A 670 -10.93 64.86 -13.58
C THR A 670 -9.81 65.90 -13.50
N PRO A 671 -8.94 65.86 -12.49
CA PRO A 671 -7.80 66.77 -12.46
C PRO A 671 -6.84 66.47 -13.61
N PRO A 672 -5.75 67.24 -13.73
CA PRO A 672 -4.76 66.91 -14.76
C PRO A 672 -4.13 65.55 -14.53
N GLY A 673 -3.91 64.83 -15.63
CA GLY A 673 -3.20 63.56 -15.57
C GLY A 673 -4.02 62.35 -15.20
N VAL A 674 -5.32 62.51 -14.93
CA VAL A 674 -6.19 61.39 -14.61
C VAL A 674 -7.29 61.32 -15.66
N VAL A 675 -7.52 60.12 -16.19
CA VAL A 675 -8.55 59.94 -17.22
C VAL A 675 -9.26 58.63 -16.97
N MET A 676 -10.59 58.65 -17.13
CA MET A 676 -11.40 57.46 -16.91
C MET A 676 -11.49 56.64 -18.18
N GLY A 677 -11.23 55.34 -18.06
CA GLY A 677 -11.34 54.44 -19.20
C GLY A 677 -12.22 53.26 -18.85
N LEU A 678 -12.97 52.79 -19.85
CA LEU A 678 -13.86 51.67 -19.64
C LEU A 678 -13.09 50.36 -19.70
N ALA A 679 -13.39 49.46 -18.76
CA ALA A 679 -12.70 48.19 -18.65
C ALA A 679 -13.73 47.06 -18.60
N TRP A 680 -13.39 45.95 -19.25
CA TRP A 680 -14.24 44.76 -19.29
C TRP A 680 -13.61 43.71 -18.38
N THR A 681 -14.06 43.66 -17.14
CA THR A 681 -13.50 42.79 -16.13
C THR A 681 -14.24 41.45 -16.10
N ALA A 682 -13.78 40.56 -15.23
CA ALA A 682 -14.41 39.25 -15.12
C ALA A 682 -15.86 39.38 -14.68
N MET A 683 -16.14 40.26 -13.73
CA MET A 683 -17.50 40.49 -13.24
C MET A 683 -17.97 41.77 -13.93
N GLY A 684 -18.64 41.60 -15.05
CA GLY A 684 -19.17 42.76 -15.76
C GLY A 684 -18.08 43.72 -16.21
N GLY A 685 -18.47 44.99 -16.29
CA GLY A 685 -17.56 46.04 -16.69
C GLY A 685 -17.48 47.14 -15.66
N SER A 686 -16.46 47.97 -15.74
CA SER A 686 -16.23 49.03 -14.78
C SER A 686 -15.62 50.23 -15.47
N THR A 687 -15.55 51.33 -14.74
CA THR A 687 -14.84 52.54 -15.18
C THR A 687 -13.64 52.72 -14.27
N LEU A 688 -12.45 52.59 -14.84
CA LEU A 688 -11.20 52.61 -14.09
C LEU A 688 -10.48 53.91 -14.40
N PHE A 689 -10.14 54.66 -13.37
CA PHE A 689 -9.48 55.96 -13.53
C PHE A 689 -7.98 55.73 -13.61
N VAL A 690 -7.43 55.77 -14.82
CA VAL A 690 -5.99 55.73 -14.99
C VAL A 690 -5.39 57.02 -14.46
N GLU A 691 -4.42 56.90 -13.56
CA GLU A 691 -3.80 58.04 -12.90
C GLU A 691 -2.35 58.17 -13.34
N THR A 692 -1.88 59.41 -13.40
CA THR A 692 -0.48 59.69 -13.69
C THR A 692 0.03 60.74 -12.72
N SER A 693 1.27 60.56 -12.27
CA SER A 693 1.91 61.48 -11.34
C SER A 693 3.36 61.68 -11.74
N LEU A 694 3.87 62.87 -11.44
CA LEU A 694 5.29 63.18 -11.66
C LEU A 694 6.03 62.77 -10.40
N ARG A 695 6.52 61.53 -10.38
CA ARG A 695 7.13 60.95 -9.20
C ARG A 695 8.57 61.39 -8.98
N ARG A 696 9.02 62.45 -9.65
CA ARG A 696 10.38 62.95 -9.45
C ARG A 696 10.45 64.37 -9.99
N PRO A 697 11.40 65.17 -9.51
CA PRO A 697 11.51 66.54 -10.01
C PRO A 697 11.80 66.57 -11.50
N GLN A 698 11.18 67.52 -12.20
CA GLN A 698 11.35 67.61 -13.65
C GLN A 698 12.74 68.10 -14.00
N ASP A 699 13.21 69.16 -13.35
CA ASP A 699 14.48 69.79 -13.67
C ASP A 699 15.55 69.34 -12.67
N LYS A 700 15.99 68.09 -12.85
CA LYS A 700 17.16 67.63 -12.10
C LYS A 700 18.41 68.37 -12.57
N ASP A 701 18.55 68.57 -13.88
CA ASP A 701 19.64 69.35 -14.44
C ASP A 701 19.10 70.05 -15.69
N ALA A 702 19.31 71.38 -15.75
CA ALA A 702 18.77 72.13 -16.88
C ALA A 702 19.33 71.63 -18.20
N LYS A 703 20.63 71.33 -18.24
CA LYS A 703 21.27 70.81 -19.43
C LYS A 703 21.15 69.29 -19.56
N GLY A 704 20.64 68.62 -18.53
CA GLY A 704 20.51 67.17 -18.55
C GLY A 704 19.67 66.66 -19.71
N ASP A 705 20.20 65.67 -20.43
CA ASP A 705 19.52 65.04 -21.56
C ASP A 705 19.04 63.63 -21.21
N LYS A 706 18.82 63.36 -19.93
CA LYS A 706 18.49 62.02 -19.50
C LYS A 706 17.06 61.66 -19.89
N ASP A 707 16.82 60.35 -20.01
CA ASP A 707 15.50 59.85 -20.35
C ASP A 707 14.52 60.12 -19.21
N GLY A 708 13.30 60.52 -19.58
CA GLY A 708 12.23 60.64 -18.60
C GLY A 708 11.56 59.31 -18.35
N SER A 709 12.25 58.42 -17.63
CA SER A 709 11.78 57.05 -17.45
C SER A 709 10.36 57.02 -16.91
N LEU A 710 9.68 55.90 -17.06
CA LEU A 710 8.30 55.75 -16.63
C LEU A 710 8.14 54.44 -15.89
N GLU A 711 7.39 54.47 -14.79
CA GLU A 711 7.06 53.27 -14.05
C GLU A 711 5.55 53.05 -14.08
N VAL A 712 5.15 51.79 -14.15
CA VAL A 712 3.76 51.40 -14.34
C VAL A 712 3.35 50.49 -13.19
N THR A 713 2.23 50.81 -12.56
CA THR A 713 1.68 49.98 -11.49
C THR A 713 0.30 49.48 -11.90
N GLY A 714 -0.15 48.45 -11.18
CA GLY A 714 -1.38 47.76 -11.55
C GLY A 714 -1.16 46.31 -11.87
N GLN A 715 -0.21 45.66 -11.20
CA GLN A 715 0.09 44.25 -11.41
C GLN A 715 0.23 43.94 -12.91
N LEU A 716 1.11 44.70 -13.55
CA LEU A 716 1.19 44.70 -15.01
C LEU A 716 1.74 43.38 -15.52
N GLY A 717 1.07 42.83 -16.54
CA GLY A 717 1.63 41.74 -17.30
C GLY A 717 2.60 42.25 -18.34
N GLU A 718 3.32 41.30 -18.97
CA GLU A 718 4.30 41.68 -19.97
C GLU A 718 3.63 42.38 -21.15
N VAL A 719 2.51 41.84 -21.62
CA VAL A 719 1.82 42.44 -22.76
C VAL A 719 1.32 43.83 -22.41
N MET A 720 0.72 44.00 -21.24
CA MET A 720 0.24 45.32 -20.84
C MET A 720 1.41 46.28 -20.57
N LYS A 721 2.53 45.77 -20.06
CA LYS A 721 3.70 46.62 -19.89
C LYS A 721 4.20 47.13 -21.24
N GLU A 722 4.24 46.25 -22.24
CA GLU A 722 4.64 46.67 -23.57
C GLU A 722 3.64 47.66 -24.16
N SER A 723 2.35 47.44 -23.91
CA SER A 723 1.34 48.38 -24.38
C SER A 723 1.53 49.75 -23.73
N ALA A 724 1.84 49.76 -22.43
CA ALA A 724 2.09 51.03 -21.75
C ALA A 724 3.31 51.72 -22.33
N ARG A 725 4.37 50.96 -22.63
CA ARG A 725 5.55 51.56 -23.24
C ARG A 725 5.23 52.14 -24.61
N ILE A 726 4.44 51.41 -25.40
CA ILE A 726 4.08 51.86 -26.74
C ILE A 726 3.26 53.15 -26.64
N ALA A 727 2.29 53.18 -25.74
CA ALA A 727 1.50 54.39 -25.54
C ALA A 727 2.37 55.54 -25.06
N TYR A 728 3.34 55.24 -24.20
CA TYR A 728 4.28 56.26 -23.73
C TYR A 728 5.03 56.90 -24.88
N THR A 729 5.63 56.06 -25.74
CA THR A 729 6.40 56.60 -26.86
C THR A 729 5.50 57.33 -27.86
N PHE A 730 4.30 56.80 -28.09
CA PHE A 730 3.37 57.47 -28.99
C PHE A 730 2.98 58.85 -28.45
N ALA A 731 2.68 58.93 -27.15
CA ALA A 731 2.34 60.23 -26.56
C ALA A 731 3.51 61.18 -26.64
N ARG A 732 4.73 60.67 -26.41
CA ARG A 732 5.92 61.51 -26.53
C ARG A 732 6.03 62.08 -27.94
N ALA A 733 5.94 61.23 -28.95
CA ALA A 733 6.04 61.71 -30.33
C ALA A 733 4.90 62.66 -30.66
N PHE A 734 3.70 62.39 -30.14
CA PHE A 734 2.56 63.25 -30.40
C PHE A 734 2.78 64.64 -29.83
N LEU A 735 3.32 64.72 -28.61
CA LEU A 735 3.66 66.04 -28.06
C LEU A 735 4.74 66.71 -28.87
N MET A 736 5.78 65.96 -29.24
CA MET A 736 6.86 66.51 -30.06
C MET A 736 6.31 67.12 -31.34
N GLN A 737 5.33 66.48 -31.96
CA GLN A 737 4.74 67.01 -33.19
C GLN A 737 3.82 68.20 -32.90
N HIS A 738 3.01 68.10 -31.85
CA HIS A 738 2.00 69.11 -31.56
C HIS A 738 2.58 70.25 -30.74
N ALA A 739 3.36 69.93 -29.71
CA ALA A 739 3.99 70.91 -28.83
C ALA A 739 5.47 70.58 -28.74
N PRO A 740 6.25 70.89 -29.79
CA PRO A 740 7.68 70.54 -29.76
C PRO A 740 8.42 71.13 -28.58
N ALA A 741 8.06 72.35 -28.15
CA ALA A 741 8.73 73.00 -27.04
C ALA A 741 8.49 72.30 -25.71
N ASN A 742 7.50 71.40 -25.63
CA ASN A 742 7.20 70.71 -24.39
C ASN A 742 8.12 69.50 -24.26
N ASP A 743 9.06 69.58 -23.31
CA ASP A 743 9.95 68.46 -22.99
C ASP A 743 9.52 67.71 -21.75
N TYR A 744 8.29 67.95 -21.27
CA TYR A 744 7.83 67.31 -20.05
C TYR A 744 7.93 65.79 -20.15
N LEU A 745 7.18 65.19 -21.07
CA LEU A 745 7.14 63.74 -21.15
C LEU A 745 8.52 63.16 -21.41
N VAL A 746 9.38 63.91 -22.09
CA VAL A 746 10.73 63.43 -22.37
C VAL A 746 11.62 63.55 -21.14
N THR A 747 11.75 64.75 -20.59
CA THR A 747 12.58 64.99 -19.42
C THR A 747 11.69 65.07 -18.18
N SER A 748 11.20 63.90 -17.75
CA SER A 748 10.42 63.78 -16.54
C SER A 748 10.22 62.30 -16.23
N HIS A 749 10.39 61.94 -14.97
CA HIS A 749 10.21 60.56 -14.53
C HIS A 749 8.81 60.44 -13.94
N ILE A 750 7.97 59.62 -14.57
CA ILE A 750 6.55 59.60 -14.32
C ILE A 750 6.14 58.22 -13.82
N HIS A 751 5.04 58.18 -13.08
CA HIS A 751 4.38 56.95 -12.67
C HIS A 751 2.94 56.97 -13.19
N LEU A 752 2.51 55.88 -13.80
CA LEU A 752 1.12 55.73 -14.18
C LEU A 752 0.56 54.45 -13.58
N HIS A 753 -0.67 54.53 -13.08
CA HIS A 753 -1.39 53.41 -12.52
C HIS A 753 -2.68 53.19 -13.29
N VAL A 754 -2.86 51.96 -13.77
CA VAL A 754 -4.11 51.53 -14.39
C VAL A 754 -4.84 50.65 -13.37
N PRO A 755 -6.02 51.06 -12.88
CA PRO A 755 -6.72 50.21 -11.91
C PRO A 755 -7.02 48.84 -12.51
N GLU A 756 -7.00 47.82 -11.65
CA GLU A 756 -7.10 46.45 -12.11
C GLU A 756 -8.54 45.94 -12.03
N GLY A 757 -8.72 44.72 -12.52
CA GLY A 757 -10.04 44.14 -12.71
C GLY A 757 -10.19 43.69 -14.15
N ALA A 758 -9.61 44.44 -15.08
CA ALA A 758 -9.70 44.10 -16.49
C ALA A 758 -8.92 42.83 -16.78
N THR A 759 -9.52 41.96 -17.58
CA THR A 759 -8.82 40.76 -18.03
C THR A 759 -7.68 41.15 -18.97
N PRO A 760 -6.59 40.37 -18.99
CA PRO A 760 -5.43 40.76 -19.83
C PRO A 760 -5.79 40.99 -21.29
N LYS A 761 -6.75 40.25 -21.83
CA LYS A 761 -7.16 40.47 -23.22
C LYS A 761 -7.66 41.90 -23.40
N ASP A 762 -8.50 42.38 -22.49
CA ASP A 762 -9.07 43.72 -22.57
C ASP A 762 -8.14 44.79 -22.02
N GLY A 763 -7.05 44.42 -21.36
CA GLY A 763 -6.15 45.37 -20.78
C GLY A 763 -5.64 46.40 -21.77
N PRO A 764 -5.07 45.94 -22.88
CA PRO A 764 -4.53 46.88 -23.87
C PRO A 764 -5.52 47.93 -24.36
N SER A 765 -6.82 47.72 -24.13
CA SER A 765 -7.80 48.72 -24.53
C SER A 765 -7.59 50.06 -23.83
N ALA A 766 -6.86 50.07 -22.71
CA ALA A 766 -6.60 51.29 -21.97
C ALA A 766 -5.42 52.08 -22.52
N GLY A 767 -4.87 51.69 -23.68
CA GLY A 767 -3.76 52.43 -24.24
C GLY A 767 -4.13 53.87 -24.57
N CYS A 768 -5.32 54.06 -25.15
CA CYS A 768 -5.78 55.42 -25.44
C CYS A 768 -5.91 56.24 -24.16
N THR A 769 -6.48 55.63 -23.12
CA THR A 769 -6.60 56.32 -21.85
C THR A 769 -5.23 56.71 -21.31
N ILE A 770 -4.26 55.81 -21.43
CA ILE A 770 -2.91 56.10 -20.97
C ILE A 770 -2.33 57.28 -21.74
N VAL A 771 -2.50 57.28 -23.06
CA VAL A 771 -1.94 58.37 -23.88
C VAL A 771 -2.55 59.70 -23.47
N THR A 772 -3.88 59.74 -23.34
CA THR A 772 -4.52 61.01 -22.99
C THR A 772 -4.16 61.46 -21.59
N ALA A 773 -4.03 60.52 -20.65
CA ALA A 773 -3.62 60.88 -19.29
C ALA A 773 -2.22 61.46 -19.28
N LEU A 774 -1.30 60.83 -20.00
CA LEU A 774 0.07 61.35 -20.08
C LEU A 774 0.09 62.73 -20.72
N LEU A 775 -0.70 62.93 -21.78
CA LEU A 775 -0.76 64.24 -22.43
C LEU A 775 -1.29 65.30 -21.48
N SER A 776 -2.36 64.97 -20.74
CA SER A 776 -2.92 65.93 -19.79
C SER A 776 -1.92 66.27 -18.71
N LEU A 777 -1.21 65.27 -18.19
CA LEU A 777 -0.17 65.56 -17.20
C LEU A 777 0.93 66.42 -17.80
N ALA A 778 1.24 66.23 -19.08
CA ALA A 778 2.27 67.03 -19.73
C ALA A 778 1.85 68.49 -19.85
N MET A 779 0.63 68.76 -20.31
CA MET A 779 0.16 70.13 -20.47
C MET A 779 -0.60 70.65 -19.25
N GLY A 780 -1.11 69.78 -18.39
CA GLY A 780 -1.89 70.20 -17.25
C GLY A 780 -3.35 70.43 -17.54
N ARG A 781 -3.75 70.51 -18.80
CA ARG A 781 -5.15 70.67 -19.17
C ARG A 781 -5.94 69.46 -18.70
N PRO A 782 -6.82 69.60 -17.71
CA PRO A 782 -7.59 68.43 -17.26
C PRO A 782 -8.46 67.89 -18.40
N VAL A 783 -8.56 66.56 -18.44
CA VAL A 783 -9.36 65.93 -19.49
C VAL A 783 -10.81 66.40 -19.38
N ARG A 784 -11.49 66.44 -20.52
CA ARG A 784 -12.89 66.82 -20.52
C ARG A 784 -13.69 65.92 -19.59
N GLN A 785 -14.60 66.52 -18.84
CA GLN A 785 -15.38 65.77 -17.86
C GLN A 785 -16.40 64.88 -18.57
N ASN A 786 -16.96 63.94 -17.79
CA ASN A 786 -17.97 63.00 -18.28
C ASN A 786 -17.56 62.41 -19.63
N LEU A 787 -16.27 62.15 -19.81
CA LEU A 787 -15.75 61.60 -21.06
C LEU A 787 -15.05 60.28 -20.75
N ALA A 788 -15.43 59.22 -21.46
CA ALA A 788 -14.82 57.92 -21.35
C ALA A 788 -14.24 57.50 -22.70
N MET A 789 -13.25 56.61 -22.64
CA MET A 789 -12.61 56.14 -23.87
C MET A 789 -12.00 54.77 -23.60
N THR A 790 -11.81 54.02 -24.68
CA THR A 790 -11.17 52.72 -24.63
C THR A 790 -10.77 52.32 -26.03
N GLY A 791 -9.51 51.93 -26.20
CA GLY A 791 -9.02 51.55 -27.51
C GLY A 791 -7.53 51.29 -27.54
N GLU A 792 -7.12 50.24 -28.24
CA GLU A 792 -5.71 49.92 -28.36
C GLU A 792 -5.00 50.91 -29.26
N VAL A 793 -3.72 51.15 -28.98
CA VAL A 793 -2.88 52.04 -29.78
C VAL A 793 -1.74 51.21 -30.34
N SER A 794 -1.22 51.64 -31.48
CA SER A 794 -0.23 50.89 -32.25
C SER A 794 1.02 51.73 -32.51
N LEU A 795 1.51 52.40 -31.46
CA LEU A 795 2.77 53.13 -31.54
C LEU A 795 2.70 54.30 -32.51
N THR A 796 1.55 54.49 -33.15
CA THR A 796 1.40 55.55 -34.14
C THR A 796 0.09 56.31 -34.02
N GLY A 797 -0.88 55.82 -33.26
CA GLY A 797 -2.15 56.48 -33.05
C GLY A 797 -3.34 55.75 -33.64
N LYS A 798 -3.11 54.82 -34.57
CA LYS A 798 -4.21 54.02 -35.10
C LYS A 798 -4.87 53.26 -33.97
N ILE A 799 -6.20 53.27 -33.96
CA ILE A 799 -6.99 52.70 -32.87
C ILE A 799 -7.69 51.45 -33.39
N LEU A 800 -7.47 50.33 -32.71
CA LEU A 800 -7.99 49.04 -33.09
C LEU A 800 -9.25 48.69 -32.32
N PRO A 801 -10.09 47.80 -32.85
CA PRO A 801 -11.31 47.42 -32.13
C PRO A 801 -10.99 46.69 -30.84
N VAL A 802 -11.90 46.84 -29.87
CA VAL A 802 -11.78 46.19 -28.57
C VAL A 802 -13.11 45.50 -28.26
N GLY A 803 -13.03 44.50 -27.37
CA GLY A 803 -14.20 43.74 -26.99
C GLY A 803 -14.93 44.35 -25.80
N GLY A 804 -15.98 43.66 -25.38
CA GLY A 804 -16.78 44.13 -24.25
C GLY A 804 -17.41 45.49 -24.49
N ILE A 805 -17.85 45.75 -25.72
CA ILE A 805 -18.42 47.06 -26.03
C ILE A 805 -19.72 47.28 -25.26
N LYS A 806 -20.59 46.28 -25.23
CA LYS A 806 -21.85 46.41 -24.50
C LYS A 806 -21.62 46.55 -23.01
N GLU A 807 -20.73 45.72 -22.46
CA GLU A 807 -20.47 45.76 -21.02
C GLU A 807 -19.83 47.08 -20.62
N LYS A 808 -18.85 47.56 -21.41
CA LYS A 808 -18.24 48.84 -21.13
C LYS A 808 -19.26 49.97 -21.29
N THR A 809 -20.17 49.84 -22.25
CA THR A 809 -21.20 50.86 -22.44
C THR A 809 -22.12 50.95 -21.23
N ILE A 810 -22.55 49.80 -20.69
CA ILE A 810 -23.41 49.85 -19.52
C ILE A 810 -22.63 50.36 -18.31
N ALA A 811 -21.36 49.99 -18.18
CA ALA A 811 -20.56 50.53 -17.09
C ALA A 811 -20.45 52.04 -17.19
N ALA A 812 -20.22 52.56 -18.40
CA ALA A 812 -20.14 54.00 -18.58
C ALA A 812 -21.47 54.68 -18.29
N LYS A 813 -22.58 54.10 -18.76
CA LYS A 813 -23.88 54.68 -18.52
C LYS A 813 -24.18 54.75 -17.02
N ARG A 814 -23.92 53.65 -16.31
CA ARG A 814 -24.07 53.66 -14.87
C ARG A 814 -23.15 54.69 -14.23
N ALA A 815 -21.95 54.87 -14.78
CA ALA A 815 -21.04 55.89 -14.29
C ALA A 815 -21.50 57.31 -14.59
N GLY A 816 -22.44 57.50 -15.52
CA GLY A 816 -23.01 58.80 -15.78
C GLY A 816 -22.26 59.65 -16.78
N VAL A 817 -21.51 59.04 -17.71
CA VAL A 817 -20.78 59.83 -18.71
C VAL A 817 -21.73 60.23 -19.83
N THR A 818 -21.26 61.15 -20.67
CA THR A 818 -21.98 61.58 -21.86
C THR A 818 -21.19 61.38 -23.15
N CYS A 819 -19.88 61.63 -23.13
CA CYS A 819 -19.05 61.43 -24.30
C CYS A 819 -18.25 60.14 -24.12
N ILE A 820 -18.39 59.23 -25.08
CA ILE A 820 -17.69 57.95 -25.07
C ILE A 820 -16.93 57.81 -26.37
N VAL A 821 -15.66 57.44 -26.29
CA VAL A 821 -14.78 57.29 -27.45
C VAL A 821 -14.52 55.81 -27.67
N LEU A 822 -14.81 55.33 -28.87
CA LEU A 822 -14.64 53.93 -29.22
C LEU A 822 -13.97 53.84 -30.58
N PRO A 823 -13.28 52.74 -30.87
CA PRO A 823 -12.72 52.56 -32.21
C PRO A 823 -13.82 52.46 -33.25
N ALA A 824 -13.51 52.93 -34.46
CA ALA A 824 -14.49 52.88 -35.54
C ALA A 824 -14.88 51.43 -35.86
N GLU A 825 -13.92 50.52 -35.81
CA GLU A 825 -14.20 49.13 -36.15
C GLU A 825 -15.12 48.47 -35.13
N ASN A 826 -15.27 49.04 -33.93
CA ASN A 826 -16.22 48.55 -32.94
C ASN A 826 -17.62 49.09 -33.16
N LYS A 827 -17.81 49.95 -34.17
CA LYS A 827 -19.05 50.71 -34.27
C LYS A 827 -20.27 49.81 -34.30
N LYS A 828 -20.23 48.74 -35.10
CA LYS A 828 -21.38 47.85 -35.20
C LYS A 828 -21.69 47.24 -33.84
N ASP A 829 -20.66 46.82 -33.10
CA ASP A 829 -20.89 46.25 -31.78
C ASP A 829 -21.59 47.23 -30.84
N PHE A 830 -21.47 48.53 -31.10
CA PHE A 830 -22.18 49.52 -30.32
C PHE A 830 -23.56 49.81 -30.89
N TYR A 831 -23.74 49.66 -32.20
CA TYR A 831 -25.03 49.88 -32.83
C TYR A 831 -25.91 48.64 -32.85
N ASP A 832 -25.37 47.48 -32.48
CA ASP A 832 -26.19 46.29 -32.29
C ASP A 832 -26.92 46.30 -30.95
N LEU A 833 -26.64 47.29 -30.10
CA LEU A 833 -27.29 47.39 -28.80
C LEU A 833 -28.71 47.93 -28.96
N ALA A 834 -29.47 47.87 -27.86
CA ALA A 834 -30.81 48.40 -27.86
C ALA A 834 -30.79 49.92 -28.02
N ALA A 835 -31.97 50.50 -28.16
CA ALA A 835 -32.07 51.96 -28.25
C ALA A 835 -32.02 52.61 -26.88
N PHE A 836 -32.76 52.05 -25.91
CA PHE A 836 -32.85 52.63 -24.58
C PHE A 836 -31.52 52.60 -23.82
N ILE A 837 -30.53 51.84 -24.31
CA ILE A 837 -29.28 51.66 -23.59
C ILE A 837 -28.23 52.71 -23.95
N THR A 838 -28.54 53.62 -24.89
CA THR A 838 -27.55 54.58 -25.38
C THR A 838 -27.98 56.03 -25.24
N GLU A 839 -29.16 56.32 -24.70
CA GLU A 839 -29.58 57.70 -24.51
C GLU A 839 -28.71 58.38 -23.45
N GLY A 840 -28.56 59.69 -23.60
CA GLY A 840 -27.81 60.48 -22.65
C GLY A 840 -26.32 60.54 -22.87
N LEU A 841 -25.81 59.90 -23.90
CA LEU A 841 -24.38 59.97 -24.22
C LEU A 841 -24.20 60.28 -25.70
N GLU A 842 -23.15 61.05 -26.00
CA GLU A 842 -22.77 61.38 -27.37
C GLU A 842 -21.58 60.50 -27.75
N VAL A 843 -21.84 59.48 -28.58
CA VAL A 843 -20.79 58.56 -28.96
C VAL A 843 -19.78 59.27 -29.87
N HIS A 844 -18.54 58.78 -29.85
CA HIS A 844 -17.46 59.34 -30.65
C HIS A 844 -16.63 58.18 -31.20
N PHE A 845 -16.68 57.98 -32.50
CA PHE A 845 -15.94 56.91 -33.16
C PHE A 845 -14.68 57.46 -33.80
N VAL A 846 -13.62 56.65 -33.76
CA VAL A 846 -12.29 57.09 -34.18
C VAL A 846 -11.53 55.91 -34.76
N GLU A 847 -10.61 56.22 -35.67
CA GLU A 847 -9.63 55.26 -36.16
C GLU A 847 -8.21 55.77 -35.95
N HIS A 848 -8.04 56.99 -35.44
CA HIS A 848 -6.72 57.56 -35.19
C HIS A 848 -6.83 58.42 -33.93
N TYR A 849 -5.70 58.55 -33.23
CA TYR A 849 -5.71 59.22 -31.93
C TYR A 849 -5.81 60.74 -32.04
N ARG A 850 -5.38 61.30 -33.17
CA ARG A 850 -5.45 62.75 -33.35
C ARG A 850 -6.87 63.27 -33.12
N GLU A 851 -7.86 62.55 -33.67
CA GLU A 851 -9.24 62.93 -33.46
C GLU A 851 -9.56 63.00 -31.97
N ILE A 852 -9.07 62.03 -31.19
CA ILE A 852 -9.32 62.05 -29.75
C ILE A 852 -8.66 63.26 -29.11
N PHE A 853 -7.42 63.56 -29.50
CA PHE A 853 -6.77 64.75 -28.97
C PHE A 853 -7.58 65.99 -29.29
N ASP A 854 -8.34 65.96 -30.38
CA ASP A 854 -9.26 67.05 -30.70
C ASP A 854 -10.58 66.96 -29.92
N ILE A 855 -10.82 65.87 -29.19
CA ILE A 855 -12.07 65.69 -28.46
C ILE A 855 -11.85 66.01 -26.98
N ALA A 856 -10.96 65.25 -26.33
CA ALA A 856 -10.71 65.47 -24.91
C ALA A 856 -10.12 66.85 -24.66
N PHE A 857 -9.30 67.33 -25.59
CA PHE A 857 -8.67 68.64 -25.46
C PHE A 857 -9.21 69.56 -26.55
N PRO A 858 -10.49 69.95 -26.49
CA PRO A 858 -11.04 70.80 -27.55
C PRO A 858 -10.33 72.13 -27.69
N ASP A 859 -9.83 72.69 -26.59
CA ASP A 859 -9.12 73.96 -26.62
C ASP A 859 -7.64 73.75 -26.34
N HIS B 33 -32.82 -101.24 20.27
CA HIS B 33 -33.90 -101.60 19.30
C HIS B 33 -34.54 -100.34 18.72
N LEU B 34 -33.81 -99.67 17.83
CA LEU B 34 -34.30 -98.46 17.17
C LEU B 34 -33.99 -98.55 15.69
N PRO B 35 -34.82 -97.93 14.84
CA PRO B 35 -34.54 -97.94 13.41
C PRO B 35 -33.28 -97.16 13.07
N LEU B 36 -32.61 -97.60 12.00
CA LEU B 36 -31.38 -96.93 11.59
C LEU B 36 -31.65 -95.47 11.30
N ILE B 37 -30.80 -94.59 11.85
CA ILE B 37 -30.96 -93.16 11.64
C ILE B 37 -30.53 -92.83 10.21
N ALA B 38 -31.38 -92.10 9.49
CA ALA B 38 -31.07 -91.68 8.13
C ALA B 38 -29.99 -90.61 8.19
N ILE B 39 -28.76 -90.97 7.81
CA ILE B 39 -27.66 -90.03 7.85
C ILE B 39 -27.87 -88.92 6.83
N THR B 40 -28.19 -89.30 5.60
CA THR B 40 -28.47 -88.34 4.53
C THR B 40 -27.32 -87.34 4.37
N ARG B 41 -26.14 -87.88 4.08
CA ARG B 41 -24.95 -87.07 3.82
C ARG B 41 -24.67 -86.11 4.98
N ASN B 42 -24.41 -86.69 6.15
CA ASN B 42 -24.13 -85.95 7.37
C ASN B 42 -23.06 -86.67 8.17
N PRO B 43 -21.80 -86.60 7.73
CA PRO B 43 -20.73 -87.27 8.49
C PRO B 43 -20.66 -86.73 9.91
N VAL B 44 -20.40 -87.64 10.85
CA VAL B 44 -20.31 -87.31 12.27
C VAL B 44 -18.99 -87.86 12.77
N PHE B 45 -17.97 -87.00 12.84
CA PHE B 45 -16.68 -87.43 13.31
C PHE B 45 -16.73 -87.70 14.82
N PRO B 46 -15.86 -88.57 15.33
CA PRO B 46 -15.86 -88.82 16.78
C PRO B 46 -15.58 -87.54 17.56
N ARG B 47 -16.32 -87.37 18.66
CA ARG B 47 -16.16 -86.24 19.56
C ARG B 47 -16.21 -84.92 18.79
N PHE B 48 -17.27 -84.73 18.02
CA PHE B 48 -17.52 -83.48 17.31
C PHE B 48 -19.02 -83.21 17.25
N ILE B 49 -19.40 -81.96 17.47
CA ILE B 49 -20.80 -81.57 17.42
C ILE B 49 -21.24 -81.51 15.96
N LYS B 50 -22.35 -82.18 15.65
CA LYS B 50 -22.93 -82.14 14.32
C LYS B 50 -24.43 -81.96 14.44
N ILE B 51 -25.04 -81.43 13.38
CA ILE B 51 -26.47 -81.19 13.33
C ILE B 51 -27.04 -81.89 12.09
N ILE B 52 -28.13 -82.63 12.27
CA ILE B 52 -28.77 -83.38 11.21
C ILE B 52 -30.18 -82.81 11.02
N GLU B 53 -30.54 -82.52 9.77
CA GLU B 53 -31.87 -82.03 9.42
C GLU B 53 -32.36 -82.85 8.24
N VAL B 54 -33.32 -83.74 8.50
CA VAL B 54 -33.88 -84.62 7.48
C VAL B 54 -35.32 -84.18 7.22
N LYS B 55 -35.68 -84.07 5.95
CA LYS B 55 -37.03 -83.61 5.61
C LYS B 55 -38.10 -84.56 6.15
N ASN B 56 -37.83 -85.86 6.13
CA ASN B 56 -38.82 -86.82 6.61
C ASN B 56 -39.16 -86.56 8.07
N LYS B 57 -40.44 -86.70 8.39
CA LYS B 57 -40.94 -86.42 9.74
C LYS B 57 -40.93 -87.64 10.64
N LYS B 58 -40.78 -88.85 10.08
CA LYS B 58 -40.80 -90.05 10.91
C LYS B 58 -39.72 -90.01 11.98
N LEU B 59 -38.56 -89.44 11.66
CA LEU B 59 -37.53 -89.26 12.67
C LEU B 59 -37.99 -88.31 13.76
N VAL B 60 -38.85 -87.34 13.42
CA VAL B 60 -39.44 -86.49 14.46
C VAL B 60 -40.32 -87.32 15.38
N GLU B 61 -41.08 -88.25 14.81
CA GLU B 61 -41.89 -89.15 15.64
C GLU B 61 -41.00 -89.97 16.56
N LEU B 62 -39.89 -90.50 16.04
CA LEU B 62 -38.98 -91.27 16.87
C LEU B 62 -38.40 -90.43 17.99
N LEU B 63 -38.00 -89.19 17.67
CA LEU B 63 -37.43 -88.31 18.69
C LEU B 63 -38.46 -87.99 19.77
N ARG B 64 -39.71 -87.75 19.37
CA ARG B 64 -40.75 -87.54 20.36
C ARG B 64 -40.95 -88.77 21.23
N ARG B 65 -40.95 -89.95 20.61
CA ARG B 65 -41.22 -91.18 21.35
C ARG B 65 -40.18 -91.43 22.43
N LYS B 66 -38.97 -90.92 22.26
CA LYS B 66 -37.89 -91.15 23.21
C LYS B 66 -37.81 -90.09 24.31
N VAL B 67 -38.64 -89.05 24.25
CA VAL B 67 -38.62 -88.04 25.32
C VAL B 67 -39.15 -88.65 26.61
N ARG B 68 -40.20 -89.48 26.52
CA ARG B 68 -40.72 -90.14 27.70
C ARG B 68 -39.80 -91.23 28.24
N LEU B 69 -38.87 -91.71 27.40
CA LEU B 69 -37.92 -92.72 27.86
C LEU B 69 -37.06 -92.14 28.99
N ALA B 70 -36.74 -92.99 29.96
CA ALA B 70 -35.92 -92.56 31.08
C ALA B 70 -34.54 -92.10 30.62
N GLN B 71 -33.95 -92.84 29.68
CA GLN B 71 -32.61 -92.52 29.19
C GLN B 71 -32.70 -92.13 27.72
N PRO B 72 -32.68 -90.84 27.38
CA PRO B 72 -32.71 -90.43 25.97
C PRO B 72 -31.34 -90.52 25.34
N TYR B 73 -31.17 -91.49 24.43
CA TYR B 73 -29.93 -91.67 23.70
C TYR B 73 -30.24 -91.80 22.21
N VAL B 74 -29.27 -91.44 21.39
CA VAL B 74 -29.38 -91.56 19.94
C VAL B 74 -28.10 -92.19 19.41
N GLY B 75 -28.26 -93.15 18.50
CA GLY B 75 -27.12 -93.68 17.81
C GLY B 75 -26.81 -92.90 16.54
N VAL B 76 -25.54 -92.90 16.16
CA VAL B 76 -25.06 -92.23 14.98
C VAL B 76 -24.25 -93.24 14.18
N PHE B 77 -24.73 -93.58 12.99
CA PHE B 77 -24.09 -94.56 12.14
C PHE B 77 -23.52 -93.87 10.91
N LEU B 78 -22.84 -94.64 10.08
CA LEU B 78 -22.24 -94.15 8.84
C LEU B 78 -22.76 -94.97 7.68
N LYS B 79 -23.23 -94.30 6.65
CA LYS B 79 -23.70 -94.97 5.44
C LYS B 79 -22.52 -95.43 4.59
N ARG B 80 -22.73 -96.53 3.88
CA ARG B 80 -21.71 -97.04 2.96
C ARG B 80 -21.76 -96.23 1.67
N ASP B 81 -21.02 -96.68 0.66
CA ASP B 81 -21.01 -95.98 -0.62
C ASP B 81 -22.37 -96.13 -1.29
N ASP B 82 -22.59 -95.29 -2.31
CA ASP B 82 -23.85 -95.28 -3.06
C ASP B 82 -25.02 -94.97 -2.12
N SER B 83 -24.99 -93.76 -1.57
CA SER B 83 -26.03 -93.34 -0.62
C SER B 83 -27.40 -93.38 -1.28
N ASN B 84 -28.32 -94.13 -0.67
CA ASN B 84 -29.68 -94.26 -1.18
C ASN B 84 -30.64 -94.28 0.00
N GLU B 85 -31.57 -93.32 0.04
CA GLU B 85 -32.51 -93.25 1.16
C GLU B 85 -33.41 -94.48 1.20
N SER B 86 -33.91 -94.92 0.04
CA SER B 86 -34.84 -96.05 0.01
C SER B 86 -34.17 -97.31 0.54
N ASP B 87 -32.90 -97.53 0.18
CA ASP B 87 -32.20 -98.73 0.64
C ASP B 87 -32.09 -98.75 2.16
N VAL B 88 -31.99 -97.59 2.79
CA VAL B 88 -31.87 -97.53 4.24
C VAL B 88 -33.11 -98.14 4.91
N VAL B 89 -34.30 -97.75 4.43
CA VAL B 89 -35.53 -98.30 4.99
C VAL B 89 -35.80 -99.72 4.51
N GLU B 90 -35.27 -100.09 3.34
CA GLU B 90 -35.51 -101.43 2.80
C GLU B 90 -34.50 -102.44 3.32
N SER B 91 -33.21 -102.14 3.20
CA SER B 91 -32.14 -103.02 3.65
C SER B 91 -31.32 -102.33 4.73
N LEU B 92 -31.04 -103.07 5.80
CA LEU B 92 -30.25 -102.55 6.92
C LEU B 92 -28.75 -102.73 6.71
N ASP B 93 -28.34 -103.36 5.61
CA ASP B 93 -26.92 -103.58 5.34
C ASP B 93 -26.20 -102.32 4.88
N GLU B 94 -26.92 -101.35 4.30
CA GLU B 94 -26.26 -100.17 3.75
C GLU B 94 -25.50 -99.41 4.82
N ILE B 95 -26.10 -99.25 6.00
CA ILE B 95 -25.48 -98.50 7.07
C ILE B 95 -24.33 -99.30 7.67
N HIS B 97 -21.66 -101.03 10.13
CA HIS B 97 -21.85 -101.67 11.43
C HIS B 97 -21.35 -100.77 12.55
N THR B 98 -20.21 -100.13 12.32
CA THR B 98 -19.64 -99.24 13.31
C THR B 98 -20.59 -98.08 13.58
N GLY B 99 -20.78 -97.77 14.87
CA GLY B 99 -21.67 -96.71 15.28
C GLY B 99 -21.09 -95.92 16.43
N THR B 100 -21.86 -94.92 16.88
CA THR B 100 -21.43 -94.07 17.99
C THR B 100 -22.69 -93.58 18.70
N PHE B 101 -22.89 -94.06 19.92
CA PHE B 101 -24.05 -93.65 20.71
C PHE B 101 -23.72 -92.42 21.53
N ALA B 102 -24.68 -91.50 21.63
CA ALA B 102 -24.48 -90.28 22.40
C ALA B 102 -25.84 -89.74 22.83
N GLN B 103 -25.81 -88.87 23.83
CA GLN B 103 -27.03 -88.31 24.38
C GLN B 103 -27.46 -87.07 23.61
N ILE B 104 -28.77 -86.84 23.57
CA ILE B 104 -29.33 -85.67 22.92
C ILE B 104 -29.17 -84.47 23.84
N HIS B 105 -28.78 -83.34 23.26
CA HIS B 105 -28.53 -82.13 24.05
C HIS B 105 -29.80 -81.30 24.23
N GLU B 106 -30.40 -80.87 23.12
CA GLU B 106 -31.63 -80.06 23.18
C GLU B 106 -32.19 -79.92 21.77
N MET B 107 -33.50 -79.80 21.67
CA MET B 107 -34.17 -79.64 20.40
C MET B 107 -34.41 -78.16 20.14
N GLN B 108 -34.01 -77.68 18.97
CA GLN B 108 -34.20 -76.29 18.60
C GLN B 108 -35.26 -76.12 17.50
N ASP B 109 -35.10 -76.81 16.38
CA ASP B 109 -36.07 -76.73 15.28
C ASP B 109 -36.34 -75.28 14.90
N LEU B 110 -35.27 -74.49 14.84
CA LEU B 110 -35.41 -73.05 14.58
C LEU B 110 -36.06 -72.79 13.22
N GLY B 111 -35.53 -73.41 12.17
CA GLY B 111 -36.05 -73.22 10.84
C GLY B 111 -36.88 -74.40 10.35
N ASP B 112 -36.41 -75.61 10.64
CA ASP B 112 -37.10 -76.84 10.29
C ASP B 112 -37.60 -77.53 11.55
N LYS B 113 -38.48 -78.51 11.35
CA LYS B 113 -39.04 -79.25 12.47
C LYS B 113 -38.13 -80.37 12.97
N LEU B 114 -37.07 -80.69 12.24
CA LEU B 114 -36.12 -81.73 12.62
C LEU B 114 -34.71 -81.14 12.52
N ARG B 115 -34.19 -80.65 13.65
CA ARG B 115 -32.80 -80.18 13.75
C ARG B 115 -32.23 -80.85 14.99
N MET B 116 -31.60 -82.00 14.78
CA MET B 116 -31.22 -82.90 15.86
C MET B 116 -29.69 -82.97 15.96
N ILE B 117 -29.18 -82.77 17.17
CA ILE B 117 -27.75 -82.67 17.40
C ILE B 117 -27.19 -84.04 17.74
N VAL B 118 -26.10 -84.40 17.06
CA VAL B 118 -25.40 -85.66 17.27
C VAL B 118 -23.99 -85.36 17.76
N MET B 119 -23.56 -86.09 18.78
CA MET B 119 -22.22 -86.02 19.34
C MET B 119 -21.57 -87.38 19.25
N GLY B 120 -20.26 -87.40 19.10
CA GLY B 120 -19.51 -88.64 19.13
C GLY B 120 -18.99 -88.93 20.52
N HIS B 121 -19.71 -89.76 21.29
CA HIS B 121 -19.39 -89.99 22.69
C HIS B 121 -18.92 -91.42 22.94
N ARG B 122 -19.72 -92.43 22.57
CA ARG B 122 -19.39 -93.83 22.81
C ARG B 122 -19.33 -94.55 21.48
N ARG B 123 -18.13 -94.68 20.92
CA ARG B 123 -17.96 -95.46 19.70
C ARG B 123 -18.15 -96.95 19.98
N VAL B 124 -18.59 -97.67 18.96
CA VAL B 124 -18.90 -99.10 19.09
C VAL B 124 -18.78 -99.73 17.72
N HIS B 125 -18.46 -101.03 17.70
CA HIS B 125 -18.40 -101.81 16.47
C HIS B 125 -19.37 -102.98 16.62
N ILE B 126 -20.47 -102.94 15.87
CA ILE B 126 -21.53 -103.93 15.98
C ILE B 126 -21.15 -105.15 15.15
N SER B 127 -21.27 -106.33 15.76
CA SER B 127 -20.95 -107.57 15.05
C SER B 127 -21.88 -107.78 13.87
N ARG B 128 -23.18 -107.53 14.06
CA ARG B 128 -24.17 -107.75 13.01
C ARG B 128 -25.36 -106.85 13.30
N GLN B 129 -25.56 -105.83 12.47
CA GLN B 129 -26.67 -104.90 12.67
C GLN B 129 -28.01 -105.50 12.23
N LEU B 130 -27.99 -106.61 11.49
CA LEU B 130 -29.25 -107.25 11.13
C LEU B 130 -29.94 -107.85 12.36
N GLU B 131 -29.16 -108.44 13.26
CA GLU B 131 -29.69 -109.03 14.48
C GLU B 131 -30.18 -107.95 15.44
N MET B 182 -30.82 -105.25 20.14
CA MET B 182 -29.63 -105.59 19.38
C MET B 182 -28.43 -105.73 20.32
N VAL B 183 -27.60 -106.74 20.06
CA VAL B 183 -26.46 -107.02 20.91
C VAL B 183 -25.33 -106.06 20.58
N GLU B 184 -24.76 -105.43 21.59
CA GLU B 184 -23.64 -104.50 21.42
C GLU B 184 -22.71 -104.62 22.61
N VAL B 185 -21.42 -104.39 22.36
CA VAL B 185 -20.39 -104.43 23.39
C VAL B 185 -19.51 -103.19 23.22
N GLU B 186 -19.23 -102.53 24.35
CA GLU B 186 -18.39 -101.33 24.34
C GLU B 186 -16.94 -101.75 24.16
N ASN B 187 -16.61 -102.13 22.92
CA ASN B 187 -15.26 -102.55 22.57
C ASN B 187 -14.42 -101.33 22.24
N VAL B 188 -14.16 -100.53 23.27
CA VAL B 188 -13.34 -99.33 23.15
C VAL B 188 -11.89 -99.78 23.34
N VAL B 189 -11.27 -100.18 22.23
CA VAL B 189 -9.90 -100.67 22.26
C VAL B 189 -8.96 -99.46 22.25
N HIS B 190 -8.17 -99.33 23.33
CA HIS B 190 -7.25 -98.21 23.49
C HIS B 190 -5.91 -98.72 24.01
N GLU B 191 -5.42 -99.82 23.43
CA GLU B 191 -4.15 -100.38 23.87
C GLU B 191 -3.02 -99.41 23.57
N ASP B 192 -2.14 -99.23 24.56
CA ASP B 192 -0.98 -98.35 24.43
C ASP B 192 0.21 -98.97 25.14
N PHE B 193 1.40 -98.64 24.66
CA PHE B 193 2.62 -99.17 25.25
C PHE B 193 2.85 -98.56 26.63
N GLN B 194 3.48 -99.35 27.50
CA GLN B 194 3.73 -98.88 28.87
C GLN B 194 4.61 -97.62 28.86
N VAL B 195 5.64 -97.61 28.03
CA VAL B 195 6.50 -96.43 27.90
C VAL B 195 5.79 -95.44 26.99
N THR B 196 5.47 -94.26 27.52
CA THR B 196 4.81 -93.20 26.78
C THR B 196 5.71 -91.99 26.64
N GLU B 197 6.99 -92.23 26.36
CA GLU B 197 7.97 -91.15 26.25
C GLU B 197 8.06 -90.64 24.81
N GLU B 198 8.40 -91.52 23.87
CA GLU B 198 8.51 -91.13 22.47
C GLU B 198 7.17 -91.17 21.74
N VAL B 199 6.13 -91.76 22.33
CA VAL B 199 4.85 -91.83 21.66
C VAL B 199 4.21 -90.44 21.54
N LYS B 200 4.37 -89.62 22.58
CA LYS B 200 3.74 -88.30 22.58
C LYS B 200 4.40 -87.33 21.59
N ALA B 201 5.59 -87.64 21.10
CA ALA B 201 6.18 -86.83 20.03
C ALA B 201 5.29 -86.83 18.79
N LEU B 202 4.61 -87.95 18.54
CA LEU B 202 3.65 -87.97 17.44
C LEU B 202 2.51 -86.98 17.69
N THR B 203 2.15 -86.74 18.96
CA THR B 203 1.19 -85.68 19.25
C THR B 203 1.74 -84.32 18.84
N ALA B 204 3.02 -84.08 19.10
CA ALA B 204 3.64 -82.83 18.67
C ALA B 204 3.60 -82.70 17.15
N GLU B 205 3.91 -83.78 16.44
CA GLU B 205 3.85 -83.73 14.98
C GLU B 205 2.42 -83.49 14.50
N ILE B 206 1.45 -84.11 15.16
CA ILE B 206 0.05 -83.93 14.76
C ILE B 206 -0.38 -82.49 14.94
N VAL B 207 -0.04 -81.90 16.09
CA VAL B 207 -0.44 -80.51 16.34
C VAL B 207 0.29 -79.57 15.38
N LYS B 208 1.56 -79.85 15.07
CA LYS B 208 2.26 -79.01 14.10
C LYS B 208 1.64 -79.12 12.71
N THR B 209 1.27 -80.33 12.29
CA THR B 209 0.62 -80.50 11.00
C THR B 209 -0.73 -79.79 10.97
N ILE B 210 -1.49 -79.89 12.05
CA ILE B 210 -2.77 -79.18 12.12
C ILE B 210 -2.54 -77.68 12.04
N ARG B 211 -1.50 -77.18 12.71
CA ARG B 211 -1.20 -75.76 12.66
C ARG B 211 -0.84 -75.31 11.26
N ASP B 212 -0.04 -76.12 10.55
CA ASP B 212 0.30 -75.79 9.17
C ASP B 212 -0.96 -75.80 8.29
N ILE B 213 -1.83 -76.79 8.48
CA ILE B 213 -3.04 -76.88 7.66
C ILE B 213 -3.94 -75.68 7.89
N ILE B 214 -4.14 -75.30 9.15
CA ILE B 214 -4.97 -74.13 9.45
C ILE B 214 -4.35 -72.87 8.86
N ALA B 215 -3.02 -72.71 9.00
CA ALA B 215 -2.37 -71.50 8.51
C ALA B 215 -2.50 -71.39 7.00
N LEU B 216 -2.31 -72.50 6.28
CA LEU B 216 -2.41 -72.50 4.83
C LEU B 216 -3.82 -72.77 4.34
N ASN B 217 -4.62 -73.51 5.10
CA ASN B 217 -6.00 -73.85 4.74
C ASN B 217 -6.89 -73.60 5.95
N PRO B 218 -7.15 -72.34 6.29
CA PRO B 218 -7.98 -72.06 7.48
C PRO B 218 -9.42 -72.51 7.27
N LEU B 219 -9.92 -73.30 8.22
CA LEU B 219 -11.29 -73.82 8.15
C LEU B 219 -12.14 -73.35 9.32
N TYR B 220 -11.68 -73.54 10.56
CA TYR B 220 -12.42 -73.16 11.75
C TYR B 220 -11.62 -72.18 12.60
N ARG B 221 -12.26 -71.65 13.63
CA ARG B 221 -11.60 -70.71 14.52
C ARG B 221 -10.49 -71.41 15.28
N GLU B 222 -9.57 -70.61 15.82
CA GLU B 222 -8.40 -71.18 16.47
C GLU B 222 -8.51 -71.15 17.99
N SER B 223 -9.64 -70.70 18.52
CA SER B 223 -9.87 -70.76 19.95
C SER B 223 -9.89 -72.20 20.44
N VAL B 224 -10.44 -73.11 19.63
CA VAL B 224 -10.51 -74.52 20.04
C VAL B 224 -9.12 -75.09 20.22
N LEU B 225 -8.20 -74.80 19.29
CA LEU B 225 -6.84 -75.30 19.41
C LEU B 225 -6.15 -74.72 20.64
N GLN B 226 -6.33 -73.43 20.89
CA GLN B 226 -5.69 -72.81 22.05
C GLN B 226 -6.23 -73.39 23.35
N MET B 227 -7.54 -73.62 23.43
CA MET B 227 -8.14 -74.15 24.65
C MET B 227 -7.56 -75.51 24.99
N MET B 228 -7.44 -76.39 24.00
CA MET B 228 -6.89 -77.72 24.18
C MET B 228 -5.40 -77.66 23.85
N GLN B 229 -4.56 -77.62 24.89
CA GLN B 229 -3.12 -77.54 24.73
C GLN B 229 -2.46 -78.70 25.44
N ALA B 230 -1.41 -79.24 24.82
CA ALA B 230 -0.71 -80.38 25.40
C ALA B 230 -0.01 -80.02 26.70
N GLY B 231 0.45 -78.77 26.83
CA GLY B 231 1.18 -78.37 28.02
C GLY B 231 0.32 -78.29 29.26
N GLN B 232 -1.00 -78.15 29.11
CA GLN B 232 -1.89 -78.06 30.26
C GLN B 232 -2.08 -79.41 30.95
N ARG B 233 -1.70 -80.52 30.31
CA ARG B 233 -1.82 -81.86 30.86
C ARG B 233 -3.28 -82.32 30.96
N VAL B 234 -4.22 -81.57 30.39
CA VAL B 234 -5.64 -81.92 30.47
C VAL B 234 -6.06 -82.91 29.40
N VAL B 235 -5.12 -83.40 28.58
CA VAL B 235 -5.46 -84.35 27.51
C VAL B 235 -5.40 -85.74 28.13
N ASP B 236 -6.51 -86.13 28.76
CA ASP B 236 -6.62 -87.46 29.35
C ASP B 236 -6.97 -88.53 28.31
N ASN B 237 -7.42 -88.12 27.12
CA ASN B 237 -7.81 -89.05 26.06
C ASN B 237 -7.12 -88.62 24.77
N PRO B 238 -5.83 -88.94 24.61
CA PRO B 238 -5.14 -88.55 23.38
C PRO B 238 -5.78 -89.12 22.12
N ILE B 239 -6.42 -90.28 22.21
CA ILE B 239 -7.08 -90.85 21.04
C ILE B 239 -8.20 -89.94 20.58
N TYR B 240 -8.96 -89.35 21.50
CA TYR B 240 -10.01 -88.41 21.12
C TYR B 240 -9.41 -87.15 20.48
N LEU B 241 -8.27 -86.69 21.00
CA LEU B 241 -7.60 -85.55 20.38
C LEU B 241 -7.20 -85.85 18.94
N SER B 242 -6.63 -87.04 18.72
CA SER B 242 -6.28 -87.44 17.36
C SER B 242 -7.53 -87.56 16.49
N ASP B 243 -8.62 -88.08 17.05
CA ASP B 243 -9.86 -88.18 16.30
C ASP B 243 -10.36 -86.81 15.85
N MET B 244 -10.30 -85.82 16.74
CA MET B 244 -10.70 -84.47 16.35
C MET B 244 -9.77 -83.90 15.27
N GLY B 245 -8.46 -84.04 15.47
CA GLY B 245 -7.51 -83.53 14.50
C GLY B 245 -7.74 -84.13 13.12
N ALA B 246 -7.99 -85.43 13.06
CA ALA B 246 -8.33 -86.07 11.79
C ALA B 246 -9.74 -85.70 11.33
N ALA B 247 -10.60 -85.27 12.25
CA ALA B 247 -11.94 -84.83 11.87
C ALA B 247 -11.87 -83.54 11.06
N LEU B 248 -10.91 -82.67 11.38
CA LEU B 248 -10.74 -81.49 10.53
C LEU B 248 -10.36 -81.83 9.09
N THR B 249 -10.02 -83.09 8.81
CA THR B 249 -9.66 -83.48 7.45
C THR B 249 -10.89 -83.45 6.54
N GLY B 250 -10.63 -83.20 5.25
CA GLY B 250 -11.67 -83.19 4.24
C GLY B 250 -11.73 -84.49 3.46
N ALA B 251 -11.13 -85.55 4.01
CA ALA B 251 -11.10 -86.84 3.34
C ALA B 251 -12.51 -87.43 3.24
N GLU B 252 -12.64 -88.42 2.36
CA GLU B 252 -13.93 -89.05 2.13
C GLU B 252 -14.41 -89.80 3.37
N SER B 253 -15.73 -89.99 3.44
CA SER B 253 -16.29 -90.83 4.51
C SER B 253 -15.75 -92.25 4.44
N HIS B 254 -15.48 -92.75 3.23
CA HIS B 254 -14.89 -94.08 3.09
C HIS B 254 -13.49 -94.12 3.72
N GLU B 255 -12.72 -93.05 3.56
CA GLU B 255 -11.40 -93.00 4.19
C GLU B 255 -11.51 -93.06 5.70
N LEU B 256 -12.49 -92.33 6.26
CA LEU B 256 -12.71 -92.38 7.71
C LEU B 256 -13.14 -93.78 8.14
N GLN B 257 -13.99 -94.43 7.35
CA GLN B 257 -14.38 -95.81 7.66
C GLN B 257 -13.17 -96.73 7.66
N ASP B 258 -12.29 -96.58 6.67
CA ASP B 258 -11.08 -97.41 6.62
C ASP B 258 -10.19 -97.14 7.82
N VAL B 259 -10.06 -95.88 8.22
CA VAL B 259 -9.26 -95.55 9.40
C VAL B 259 -9.85 -96.22 10.63
N LEU B 260 -11.18 -96.15 10.79
CA LEU B 260 -11.84 -96.80 11.92
C LEU B 260 -11.65 -98.31 11.88
N GLU B 261 -11.64 -98.90 10.68
CA GLU B 261 -11.45 -100.34 10.57
C GLU B 261 -10.13 -100.78 11.18
N GLU B 262 -9.09 -99.94 11.09
CA GLU B 262 -7.81 -100.26 11.71
C GLU B 262 -7.99 -100.48 13.20
N THR B 263 -7.37 -101.55 13.71
CA THR B 263 -7.48 -101.93 15.12
C THR B 263 -6.29 -101.46 15.93
N ASN B 264 -5.07 -101.76 15.49
CA ASN B 264 -3.89 -101.34 16.22
C ASN B 264 -3.76 -99.82 16.20
N ILE B 265 -3.39 -99.25 17.34
CA ILE B 265 -3.22 -97.79 17.43
C ILE B 265 -2.15 -97.30 16.46
N PRO B 266 -0.96 -97.91 16.40
CA PRO B 266 0.05 -97.42 15.44
C PRO B 266 -0.44 -97.47 14.00
N LYS B 267 -1.18 -98.51 13.61
CA LYS B 267 -1.62 -98.63 12.23
C LYS B 267 -2.64 -97.54 11.89
N ARG B 268 -3.62 -97.33 12.74
CA ARG B 268 -4.61 -96.27 12.48
C ARG B 268 -3.94 -94.90 12.50
N LEU B 269 -2.97 -94.70 13.41
CA LEU B 269 -2.25 -93.44 13.42
C LEU B 269 -1.49 -93.22 12.12
N TYR B 270 -0.78 -94.24 11.64
CA TYR B 270 -0.05 -94.09 10.39
C TYR B 270 -0.98 -93.84 9.22
N LYS B 271 -2.14 -94.51 9.21
CA LYS B 271 -3.13 -94.25 8.17
C LYS B 271 -3.62 -92.81 8.23
N ALA B 272 -3.83 -92.30 9.45
CA ALA B 272 -4.25 -90.90 9.60
C ALA B 272 -3.18 -89.95 9.09
N LEU B 273 -1.91 -90.22 9.41
CA LEU B 273 -0.83 -89.39 8.89
C LEU B 273 -0.76 -89.45 7.37
N SER B 274 -0.95 -90.64 6.78
CA SER B 274 -0.94 -90.75 5.34
C SER B 274 -2.07 -89.94 4.71
N LEU B 275 -3.26 -90.03 5.29
CA LEU B 275 -4.39 -89.25 4.77
C LEU B 275 -4.16 -87.76 4.94
N LEU B 276 -3.61 -87.35 6.09
CA LEU B 276 -3.28 -85.94 6.31
C LEU B 276 -2.29 -85.46 5.26
N LYS B 277 -1.25 -86.25 5.00
CA LYS B 277 -0.26 -85.88 3.98
C LYS B 277 -0.91 -85.75 2.61
N LYS B 278 -1.74 -86.74 2.24
CA LYS B 278 -2.37 -86.72 0.93
C LYS B 278 -3.24 -85.49 0.77
N GLU B 279 -4.05 -85.18 1.78
CA GLU B 279 -4.88 -83.99 1.72
C GLU B 279 -4.02 -82.73 1.66
N PHE B 280 -2.90 -82.72 2.38
CA PHE B 280 -2.02 -81.55 2.35
C PHE B 280 -1.43 -81.34 0.96
N GLU B 281 -0.97 -82.40 0.30
CA GLU B 281 -0.42 -82.21 -1.03
C GLU B 281 -1.50 -81.85 -2.03
N LEU B 282 -2.71 -82.39 -1.88
CA LEU B 282 -3.80 -81.99 -2.76
C LEU B 282 -4.11 -80.51 -2.60
N SER B 283 -4.19 -80.04 -1.35
CA SER B 283 -4.44 -78.62 -1.11
C SER B 283 -3.31 -77.77 -1.65
N LYS B 284 -2.06 -78.21 -1.48
CA LYS B 284 -0.92 -77.47 -2.00
C LYS B 284 -0.97 -77.38 -3.52
N LEU B 285 -1.28 -78.48 -4.19
CA LEU B 285 -1.38 -78.47 -5.65
C LEU B 285 -2.50 -77.56 -6.11
N GLN B 286 -3.66 -77.61 -5.45
CA GLN B 286 -4.77 -76.77 -5.85
C GLN B 286 -4.47 -75.30 -5.60
N GLN B 287 -3.82 -74.98 -4.47
CA GLN B 287 -3.44 -73.60 -4.21
C GLN B 287 -2.42 -73.11 -5.23
N ARG B 288 -1.45 -73.97 -5.59
CA ARG B 288 -0.47 -73.58 -6.61
C ARG B 288 -1.14 -73.33 -7.95
N LEU B 289 -2.09 -74.18 -8.32
CA LEU B 289 -2.81 -73.99 -9.58
C LEU B 289 -3.63 -72.70 -9.55
N GLY B 290 -4.32 -72.44 -8.45
CA GLY B 290 -5.05 -71.19 -8.32
C GLY B 290 -4.14 -69.98 -8.38
N ARG B 291 -2.97 -70.07 -7.75
CA ARG B 291 -2.02 -68.97 -7.79
C ARG B 291 -1.48 -68.75 -9.19
N GLU B 292 -1.21 -69.84 -9.92
CA GLU B 292 -0.75 -69.71 -11.29
C GLU B 292 -1.81 -69.06 -12.17
N VAL B 293 -3.07 -69.45 -11.99
CA VAL B 293 -4.15 -68.82 -12.75
C VAL B 293 -4.28 -67.35 -12.35
N GLU B 294 -4.09 -67.05 -11.06
CA GLU B 294 -4.10 -65.66 -10.61
C GLU B 294 -3.02 -64.86 -11.31
N GLU B 295 -1.81 -65.42 -11.40
CA GLU B 295 -0.72 -64.73 -12.07
C GLU B 295 -1.00 -64.54 -13.55
N LYS B 296 -1.57 -65.56 -14.19
CA LYS B 296 -1.92 -65.44 -15.60
C LYS B 296 -2.95 -64.34 -15.80
N ILE B 297 -3.91 -64.22 -14.88
CA ILE B 297 -4.87 -63.12 -14.92
C ILE B 297 -4.14 -61.79 -14.76
N LYS B 298 -3.21 -61.74 -13.80
CA LYS B 298 -2.42 -60.53 -13.58
C LYS B 298 -1.54 -60.21 -14.78
N GLN B 299 -1.26 -61.19 -15.64
CA GLN B 299 -0.56 -60.89 -16.89
C GLN B 299 -1.33 -59.86 -17.70
N THR B 300 -2.64 -59.80 -17.54
CA THR B 300 -3.41 -58.69 -18.07
C THR B 300 -2.84 -57.39 -17.53
N HIS B 301 -2.58 -56.44 -18.42
CA HIS B 301 -1.89 -55.22 -18.02
C HIS B 301 -2.68 -54.47 -16.97
N ARG B 302 -1.96 -53.73 -16.12
CA ARG B 302 -2.62 -52.84 -15.18
C ARG B 302 -3.45 -51.79 -15.91
N LYS B 303 -3.17 -51.57 -17.19
CA LYS B 303 -4.01 -50.66 -17.98
C LYS B 303 -5.46 -51.09 -17.98
N TYR B 304 -5.74 -52.39 -17.81
CA TYR B 304 -7.12 -52.82 -17.64
C TYR B 304 -7.70 -52.32 -16.33
N LEU B 305 -6.92 -52.40 -15.25
CA LEU B 305 -7.40 -51.86 -13.98
C LEU B 305 -7.57 -50.35 -14.05
N LEU B 306 -6.67 -49.67 -14.74
CA LEU B 306 -6.82 -48.21 -14.89
C LEU B 306 -8.02 -47.86 -15.75
N GLN B 307 -8.29 -48.65 -16.80
CA GLN B 307 -9.48 -48.44 -17.60
C GLN B 307 -10.75 -48.66 -16.76
N GLU B 308 -10.74 -49.69 -15.91
CA GLU B 308 -11.87 -49.91 -15.03
C GLU B 308 -12.03 -48.75 -14.04
N GLN B 309 -10.91 -48.22 -13.55
CA GLN B 309 -10.98 -47.05 -12.68
C GLN B 309 -11.58 -45.85 -13.42
N LEU B 310 -11.18 -45.63 -14.67
CA LEU B 310 -11.75 -44.53 -15.43
C LEU B 310 -13.23 -44.76 -15.69
N LYS B 311 -13.64 -46.00 -15.89
CA LYS B 311 -15.06 -46.32 -15.99
C LYS B 311 -15.77 -45.95 -14.69
N ILE B 312 -15.16 -46.25 -13.55
CA ILE B 312 -15.72 -45.85 -12.27
C ILE B 312 -15.85 -44.34 -12.19
N ILE B 313 -14.82 -43.61 -12.63
CA ILE B 313 -14.86 -42.16 -12.61
C ILE B 313 -16.04 -41.66 -13.44
N LYS B 314 -16.19 -42.19 -14.66
CA LYS B 314 -17.20 -41.64 -15.55
C LYS B 314 -18.60 -42.00 -15.09
N LYS B 315 -18.79 -43.18 -14.48
CA LYS B 315 -20.11 -43.49 -13.94
C LYS B 315 -20.42 -42.61 -12.72
N GLU B 316 -19.43 -42.39 -11.86
CA GLU B 316 -19.64 -41.51 -10.72
C GLU B 316 -20.00 -40.09 -11.18
N LEU B 317 -19.31 -39.59 -12.20
CA LEU B 317 -19.65 -38.28 -12.75
C LEU B 317 -21.04 -38.31 -13.40
N GLY B 318 -21.37 -39.41 -14.09
CA GLY B 318 -22.69 -39.54 -14.66
C GLY B 318 -23.78 -39.44 -13.62
N LEU B 319 -23.50 -39.90 -12.40
CA LEU B 319 -24.46 -39.70 -11.32
C LEU B 319 -24.79 -38.22 -11.14
N GLU B 320 -23.85 -37.33 -11.46
CA GLU B 320 -24.04 -35.88 -11.41
C GLU B 320 -23.48 -35.23 -12.67
N LYS B 321 -23.87 -35.77 -13.81
CA LYS B 321 -23.20 -35.45 -15.08
C LYS B 321 -23.26 -33.96 -15.40
N ASP B 322 -24.45 -33.36 -15.32
CA ASP B 322 -24.70 -32.07 -15.97
C ASP B 322 -24.02 -30.94 -15.21
N ASP B 323 -23.06 -30.28 -15.87
CA ASP B 323 -22.40 -29.07 -15.38
C ASP B 323 -21.64 -28.46 -16.54
N LYS B 324 -21.21 -27.19 -16.34
CA LYS B 324 -20.25 -26.47 -17.17
C LYS B 324 -20.80 -25.12 -17.62
N ASP B 325 -19.97 -24.08 -17.54
CA ASP B 325 -20.32 -22.75 -18.01
C ASP B 325 -19.65 -22.38 -19.32
N ALA B 326 -18.52 -23.02 -19.66
CA ALA B 326 -17.89 -22.91 -20.98
C ALA B 326 -17.49 -21.47 -21.30
N ILE B 327 -16.54 -20.98 -20.51
CA ILE B 327 -15.82 -19.75 -20.83
C ILE B 327 -14.44 -20.06 -21.40
N GLU B 328 -13.76 -21.08 -20.87
CA GLU B 328 -12.51 -21.55 -21.42
C GLU B 328 -12.60 -21.74 -22.93
N GLU B 329 -13.46 -22.67 -23.34
CA GLU B 329 -13.60 -22.96 -24.77
C GLU B 329 -14.14 -21.76 -25.53
N LYS B 330 -14.86 -20.87 -24.86
CA LYS B 330 -15.37 -19.67 -25.53
C LYS B 330 -14.21 -18.79 -26.00
N PHE B 331 -13.26 -18.50 -25.11
CA PHE B 331 -12.10 -17.72 -25.51
C PHE B 331 -11.23 -18.51 -26.49
N ARG B 332 -11.14 -19.82 -26.33
CA ARG B 332 -10.37 -20.62 -27.28
C ARG B 332 -10.92 -20.46 -28.70
N GLU B 333 -12.24 -20.60 -28.86
CA GLU B 333 -12.85 -20.44 -30.17
C GLU B 333 -12.76 -18.99 -30.64
N ARG B 334 -12.83 -18.03 -29.72
CA ARG B 334 -12.70 -16.63 -30.09
C ARG B 334 -11.34 -16.37 -30.73
N LEU B 335 -10.28 -16.95 -30.17
CA LEU B 335 -8.95 -16.81 -30.74
C LEU B 335 -8.68 -17.79 -31.87
N LYS B 336 -9.56 -18.77 -32.10
CA LYS B 336 -9.31 -19.77 -33.13
C LYS B 336 -9.18 -19.13 -34.51
N GLU B 337 -10.11 -18.23 -34.84
CA GLU B 337 -10.07 -17.60 -36.16
C GLU B 337 -8.80 -16.78 -36.35
N LEU B 338 -8.39 -16.06 -35.32
CA LEU B 338 -7.22 -15.19 -35.42
C LEU B 338 -5.94 -16.01 -35.48
N VAL B 339 -4.95 -15.48 -36.22
CA VAL B 339 -3.62 -16.06 -36.24
C VAL B 339 -2.90 -15.58 -34.98
N VAL B 340 -2.97 -16.38 -33.93
CA VAL B 340 -2.59 -15.95 -32.59
C VAL B 340 -1.11 -16.24 -32.33
N PRO B 341 -0.33 -15.27 -31.86
CA PRO B 341 1.07 -15.56 -31.54
C PRO B 341 1.20 -16.57 -30.42
N LYS B 342 2.32 -17.29 -30.42
CA LYS B 342 2.55 -18.31 -29.40
C LYS B 342 2.69 -17.70 -28.02
N HIS B 343 3.30 -16.52 -27.92
CA HIS B 343 3.48 -15.87 -26.63
C HIS B 343 2.14 -15.66 -25.94
N VAL B 344 1.20 -15.02 -26.65
CA VAL B 344 -0.11 -14.77 -26.06
C VAL B 344 -0.84 -16.08 -25.81
N MET B 345 -0.63 -17.09 -26.65
CA MET B 345 -1.28 -18.38 -26.43
C MET B 345 -0.84 -18.98 -25.09
N ASP B 346 0.47 -18.99 -24.83
CA ASP B 346 0.95 -19.58 -23.58
C ASP B 346 0.55 -18.72 -22.38
N VAL B 347 0.56 -17.39 -22.56
CA VAL B 347 0.13 -16.52 -21.46
C VAL B 347 -1.33 -16.77 -21.13
N VAL B 348 -2.17 -16.91 -22.15
CA VAL B 348 -3.58 -17.20 -21.93
C VAL B 348 -3.76 -18.59 -21.33
N ASP B 349 -2.93 -19.56 -21.73
CA ASP B 349 -3.01 -20.88 -21.12
C ASP B 349 -2.72 -20.81 -19.63
N GLU B 350 -1.68 -20.08 -19.25
CA GLU B 350 -1.37 -19.92 -17.83
C GLU B 350 -2.49 -19.20 -17.09
N GLU B 351 -3.01 -18.12 -17.70
CA GLU B 351 -4.08 -17.36 -17.08
C GLU B 351 -5.33 -18.22 -16.90
N LEU B 352 -5.65 -19.04 -17.90
CA LEU B 352 -6.82 -19.91 -17.83
C LEU B 352 -6.62 -21.04 -16.84
N SER B 353 -5.40 -21.56 -16.71
CA SER B 353 -5.12 -22.56 -15.68
C SER B 353 -5.29 -21.96 -14.29
N LYS B 354 -4.80 -20.73 -14.09
CA LYS B 354 -5.04 -20.05 -12.82
C LYS B 354 -6.52 -19.84 -12.57
N LEU B 355 -7.27 -19.46 -13.62
CA LEU B 355 -8.70 -19.23 -13.48
C LEU B 355 -9.42 -20.51 -13.07
N GLY B 356 -9.21 -21.61 -13.81
CA GLY B 356 -9.91 -22.84 -13.52
C GLY B 356 -9.58 -23.39 -12.15
N LEU B 357 -8.32 -23.24 -11.73
CA LEU B 357 -7.89 -23.67 -10.41
C LEU B 357 -8.34 -22.71 -9.31
N LEU B 358 -8.94 -21.59 -9.67
CA LEU B 358 -9.52 -20.65 -8.71
C LEU B 358 -11.03 -20.65 -8.86
N ASP B 359 -11.73 -20.51 -7.74
CA ASP B 359 -13.18 -20.53 -7.76
C ASP B 359 -13.73 -19.23 -8.35
N ASN B 360 -14.92 -19.33 -8.96
CA ASN B 360 -15.52 -18.17 -9.60
C ASN B 360 -15.75 -17.04 -8.61
N HIS B 361 -15.97 -17.37 -7.34
CA HIS B 361 -16.24 -16.34 -6.33
C HIS B 361 -15.04 -15.41 -6.13
N SER B 362 -13.83 -15.97 -6.11
CA SER B 362 -12.66 -15.19 -5.74
C SER B 362 -12.50 -13.98 -6.65
N SER B 363 -12.18 -12.83 -6.03
CA SER B 363 -11.98 -11.62 -6.81
C SER B 363 -10.87 -11.77 -7.83
N GLU B 364 -9.83 -12.53 -7.49
CA GLU B 364 -8.79 -12.81 -8.47
C GLU B 364 -9.35 -13.56 -9.67
N PHE B 365 -10.38 -14.37 -9.47
CA PHE B 365 -11.05 -15.00 -10.61
C PHE B 365 -11.64 -13.95 -11.54
N ASN B 366 -12.32 -12.94 -10.98
CA ASN B 366 -12.91 -11.90 -11.80
C ASN B 366 -11.84 -11.08 -12.52
N VAL B 367 -10.76 -10.73 -11.81
CA VAL B 367 -9.68 -9.97 -12.44
C VAL B 367 -9.03 -10.79 -13.54
N THR B 368 -8.82 -12.08 -13.29
CA THR B 368 -8.26 -12.97 -14.29
C THR B 368 -9.15 -13.03 -15.53
N ARG B 369 -10.46 -13.15 -15.33
CA ARG B 369 -11.39 -13.21 -16.46
C ARG B 369 -11.38 -11.88 -17.23
N ASN B 370 -11.27 -10.76 -16.52
CA ASN B 370 -11.17 -9.47 -17.19
C ASN B 370 -9.91 -9.41 -18.04
N TYR B 371 -8.79 -9.91 -17.50
CA TYR B 371 -7.55 -9.98 -18.28
C TYR B 371 -7.75 -10.85 -19.51
N LEU B 372 -8.43 -11.99 -19.36
CA LEU B 372 -8.73 -12.84 -20.51
C LEU B 372 -9.53 -12.08 -21.55
N ASP B 373 -10.55 -11.34 -21.12
CA ASP B 373 -11.39 -10.60 -22.06
C ASP B 373 -10.56 -9.57 -22.83
N TRP B 374 -9.71 -8.83 -22.11
CA TRP B 374 -8.90 -7.82 -22.79
C TRP B 374 -7.90 -8.45 -23.75
N LEU B 375 -7.26 -9.56 -23.34
CA LEU B 375 -6.32 -10.23 -24.23
C LEU B 375 -7.01 -10.78 -25.47
N THR B 376 -8.18 -11.39 -25.29
CA THR B 376 -8.81 -12.18 -26.33
C THR B 376 -9.47 -11.31 -27.40
N SER B 377 -10.01 -10.16 -27.01
CA SER B 377 -10.69 -9.30 -27.97
C SER B 377 -9.74 -8.68 -29.00
N ILE B 378 -8.43 -8.79 -28.79
CA ILE B 378 -7.45 -8.16 -29.66
C ILE B 378 -7.33 -8.96 -30.96
N PRO B 379 -7.27 -8.32 -32.11
CA PRO B 379 -6.97 -9.07 -33.34
C PRO B 379 -5.55 -9.61 -33.31
N TRP B 380 -5.36 -10.74 -34.00
CA TRP B 380 -4.05 -11.39 -34.07
C TRP B 380 -3.90 -11.95 -35.47
N GLY B 381 -3.13 -11.27 -36.31
CA GLY B 381 -3.04 -11.60 -37.71
C GLY B 381 -4.22 -11.13 -38.53
N LYS B 382 -5.15 -10.39 -37.93
CA LYS B 382 -6.33 -9.90 -38.63
C LYS B 382 -5.99 -8.56 -39.27
N TYR B 383 -5.86 -8.56 -40.60
CA TYR B 383 -5.51 -7.37 -41.36
C TYR B 383 -6.71 -6.94 -42.17
N SER B 384 -7.13 -5.69 -41.99
CA SER B 384 -8.24 -5.15 -42.79
C SER B 384 -7.84 -5.12 -44.25
N ASN B 385 -8.72 -5.61 -45.12
CA ASN B 385 -8.45 -5.54 -46.55
C ASN B 385 -8.27 -4.08 -46.95
N GLU B 386 -7.19 -3.81 -47.70
CA GLU B 386 -6.81 -2.46 -48.06
C GLU B 386 -7.10 -2.23 -49.54
N ASN B 387 -7.68 -1.09 -49.85
CA ASN B 387 -7.83 -0.68 -51.24
C ASN B 387 -6.46 -0.47 -51.87
N LEU B 388 -6.30 -0.95 -53.11
CA LEU B 388 -5.04 -0.82 -53.82
C LEU B 388 -5.15 -0.11 -55.16
N ASP B 389 -6.34 -0.04 -55.76
CA ASP B 389 -6.49 0.68 -57.01
C ASP B 389 -6.16 2.15 -56.82
N LEU B 390 -5.26 2.67 -57.66
CA LEU B 390 -4.84 4.05 -57.52
C LEU B 390 -5.91 5.02 -58.01
N ALA B 391 -6.57 4.71 -59.13
CA ALA B 391 -7.57 5.64 -59.67
C ALA B 391 -8.74 5.80 -58.72
N ARG B 392 -9.22 4.71 -58.12
CA ARG B 392 -10.39 4.79 -57.26
C ARG B 392 -10.10 5.62 -56.01
N ALA B 393 -8.98 5.33 -55.34
CA ALA B 393 -8.63 6.11 -54.16
C ALA B 393 -8.33 7.56 -54.51
N GLN B 394 -7.71 7.78 -55.67
CA GLN B 394 -7.49 9.15 -56.15
C GLN B 394 -8.80 9.90 -56.27
N ALA B 395 -9.79 9.27 -56.92
CA ALA B 395 -11.09 9.92 -57.10
C ALA B 395 -11.77 10.14 -55.75
N VAL B 396 -11.64 9.17 -54.83
CA VAL B 396 -12.25 9.32 -53.51
C VAL B 396 -11.66 10.52 -52.79
N LEU B 397 -10.33 10.63 -52.80
CA LEU B 397 -9.67 11.76 -52.16
C LEU B 397 -10.08 13.08 -52.81
N GLU B 398 -10.18 13.11 -54.14
CA GLU B 398 -10.54 14.34 -54.83
C GLU B 398 -11.98 14.74 -54.56
N GLU B 399 -12.89 13.76 -54.41
CA GLU B 399 -14.29 14.10 -54.17
C GLU B 399 -14.54 14.44 -52.71
N ASP B 400 -13.73 13.91 -51.79
CA ASP B 400 -13.88 14.24 -50.38
C ASP B 400 -13.16 15.52 -49.98
N HIS B 401 -12.36 16.11 -50.88
CA HIS B 401 -11.52 17.24 -50.49
C HIS B 401 -11.12 18.04 -51.71
N TYR B 402 -10.62 19.25 -51.43
CA TYR B 402 -10.19 20.21 -52.44
C TYR B 402 -8.73 20.54 -52.21
N GLY B 403 -7.98 20.66 -53.30
CA GLY B 403 -6.55 20.93 -53.17
C GLY B 403 -5.83 19.75 -52.52
N MET B 404 -4.93 20.05 -51.59
CA MET B 404 -4.18 19.03 -50.88
C MET B 404 -3.53 18.04 -51.86
N GLU B 405 -2.97 18.59 -52.93
CA GLU B 405 -2.38 17.75 -53.97
C GLU B 405 -1.20 16.95 -53.44
N ASP B 406 -0.38 17.56 -52.58
CA ASP B 406 0.77 16.85 -52.02
C ASP B 406 0.33 15.63 -51.22
N VAL B 407 -0.70 15.79 -50.37
CA VAL B 407 -1.16 14.68 -49.54
C VAL B 407 -1.69 13.56 -50.42
N LYS B 408 -2.53 13.90 -51.40
CA LYS B 408 -3.10 12.88 -52.28
C LYS B 408 -2.01 12.17 -53.06
N LYS B 409 -1.03 12.92 -53.56
CA LYS B 409 0.08 12.31 -54.29
C LYS B 409 0.89 11.38 -53.39
N ARG B 410 1.12 11.78 -52.14
CA ARG B 410 1.84 10.92 -51.21
C ARG B 410 1.07 9.64 -50.94
N ILE B 411 -0.25 9.74 -50.78
CA ILE B 411 -1.06 8.54 -50.57
C ILE B 411 -1.05 7.66 -51.80
N LEU B 412 -1.04 8.26 -52.99
CA LEU B 412 -0.93 7.46 -54.22
C LEU B 412 0.40 6.74 -54.28
N GLU B 413 1.49 7.41 -53.90
CA GLU B 413 2.79 6.74 -53.84
C GLU B 413 2.78 5.61 -52.82
N PHE B 414 2.14 5.84 -51.67
CA PHE B 414 2.03 4.81 -50.65
C PHE B 414 1.29 3.59 -51.19
N ILE B 415 0.16 3.81 -51.87
CA ILE B 415 -0.61 2.72 -52.44
C ILE B 415 0.20 2.00 -53.51
N ALA B 416 0.91 2.76 -54.34
CA ALA B 416 1.72 2.16 -55.39
C ALA B 416 2.80 1.26 -54.81
N VAL B 417 3.46 1.73 -53.75
CA VAL B 417 4.49 0.91 -53.11
C VAL B 417 3.87 -0.35 -52.52
N SER B 418 2.80 -0.19 -51.74
CA SER B 418 2.19 -1.34 -51.08
C SER B 418 1.70 -2.37 -52.10
N GLN B 419 1.17 -1.92 -53.23
CA GLN B 419 0.74 -2.81 -54.29
C GLN B 419 1.92 -3.39 -55.06
N LEU B 420 3.05 -2.70 -55.08
CA LEU B 420 4.25 -3.17 -55.77
C LEU B 420 5.18 -3.98 -54.88
N ARG B 421 4.87 -4.09 -53.58
CA ARG B 421 5.70 -4.89 -52.69
C ARG B 421 4.87 -5.85 -51.84
N GLY B 422 3.61 -6.08 -52.19
CA GLY B 422 2.80 -7.06 -51.50
C GLY B 422 2.24 -6.57 -50.18
N SER B 423 2.82 -7.05 -49.08
CA SER B 423 2.31 -6.75 -47.75
C SER B 423 1.99 -5.27 -47.59
N THR B 424 0.94 -4.99 -46.84
CA THR B 424 0.43 -3.62 -46.65
C THR B 424 1.20 -2.95 -45.53
N GLN B 425 2.38 -2.43 -45.88
CA GLN B 425 3.20 -1.74 -44.89
C GLN B 425 2.48 -0.48 -44.42
N GLY B 426 2.81 -0.07 -43.19
CA GLY B 426 2.22 1.12 -42.60
C GLY B 426 3.27 2.19 -42.37
N LYS B 427 3.19 3.28 -43.12
CA LYS B 427 4.16 4.35 -43.07
C LYS B 427 3.68 5.46 -42.16
N ILE B 428 4.63 6.20 -41.60
CA ILE B 428 4.35 7.28 -40.66
C ILE B 428 4.61 8.60 -41.36
N LEU B 429 3.85 9.62 -40.95
CA LEU B 429 3.97 10.96 -41.53
C LEU B 429 3.14 11.90 -40.67
N CYS B 430 3.34 13.20 -40.90
CA CYS B 430 2.62 14.23 -40.18
C CYS B 430 2.15 15.30 -41.14
N PHE B 431 1.02 15.93 -40.81
CA PHE B 431 0.44 17.00 -41.60
C PHE B 431 0.56 18.29 -40.79
N TYR B 432 1.30 19.27 -41.30
CA TYR B 432 1.51 20.51 -40.57
C TYR B 432 0.83 21.63 -41.34
N GLY B 433 -0.03 22.38 -40.66
CA GLY B 433 -0.73 23.47 -41.29
C GLY B 433 -1.67 24.20 -40.36
N PRO B 434 -2.17 25.35 -40.79
CA PRO B 434 -3.09 26.12 -39.96
C PRO B 434 -4.35 25.31 -39.67
N PRO B 435 -5.08 25.66 -38.62
CA PRO B 435 -6.32 24.94 -38.32
C PRO B 435 -7.41 25.26 -39.33
N GLY B 436 -8.47 24.46 -39.30
CA GLY B 436 -9.56 24.63 -40.24
C GLY B 436 -9.15 24.42 -41.68
N VAL B 437 -8.23 23.50 -41.94
CA VAL B 437 -7.76 23.22 -43.28
C VAL B 437 -8.20 21.84 -43.78
N GLY B 438 -8.55 20.91 -42.89
CA GLY B 438 -9.02 19.60 -43.30
C GLY B 438 -8.00 18.50 -43.09
N LYS B 439 -7.23 18.59 -42.00
CA LYS B 439 -6.25 17.54 -41.69
C LYS B 439 -6.94 16.30 -41.15
N THR B 440 -7.78 16.46 -40.13
CA THR B 440 -8.56 15.32 -39.66
C THR B 440 -9.47 14.80 -40.75
N SER B 441 -10.08 15.70 -41.51
CA SER B 441 -10.99 15.28 -42.57
C SER B 441 -10.24 14.53 -43.67
N ILE B 442 -9.06 15.01 -44.08
CA ILE B 442 -8.32 14.32 -45.12
C ILE B 442 -7.81 12.98 -44.61
N ALA B 443 -7.42 12.90 -43.34
CA ALA B 443 -7.02 11.62 -42.79
C ALA B 443 -8.19 10.64 -42.79
N ARG B 444 -9.38 11.11 -42.44
CA ARG B 444 -10.56 10.25 -42.49
C ARG B 444 -10.85 9.80 -43.91
N SER B 445 -10.73 10.72 -44.87
CA SER B 445 -10.93 10.35 -46.27
C SER B 445 -9.89 9.35 -46.73
N ILE B 446 -8.67 9.45 -46.22
CA ILE B 446 -7.63 8.48 -46.58
C ILE B 446 -7.96 7.11 -46.00
N ALA B 447 -8.43 7.07 -44.75
CA ALA B 447 -8.87 5.81 -44.17
C ALA B 447 -10.00 5.21 -45.00
N ARG B 448 -10.92 6.05 -45.45
CA ARG B 448 -12.03 5.58 -46.27
C ARG B 448 -11.53 5.00 -47.59
N ALA B 449 -10.70 5.77 -48.31
CA ALA B 449 -10.24 5.35 -49.63
C ALA B 449 -9.40 4.08 -49.54
N LEU B 450 -8.47 4.04 -48.59
CA LEU B 450 -7.61 2.87 -48.44
C LEU B 450 -8.38 1.65 -47.97
N ASN B 451 -9.62 1.82 -47.51
CA ASN B 451 -10.51 0.78 -47.01
C ASN B 451 -10.09 0.33 -45.61
N ARG B 452 -8.99 0.84 -45.07
CA ARG B 452 -8.58 0.47 -43.72
C ARG B 452 -9.35 1.29 -42.69
N GLU B 453 -9.34 0.82 -41.45
CA GLU B 453 -10.12 1.44 -40.40
C GLU B 453 -9.52 2.78 -40.01
N TYR B 454 -10.22 3.49 -39.12
CA TYR B 454 -9.81 4.82 -38.68
C TYR B 454 -9.98 4.93 -37.17
N PHE B 455 -9.04 5.63 -36.53
CA PHE B 455 -9.13 5.93 -35.11
C PHE B 455 -8.19 7.07 -34.76
N ARG B 456 -8.67 8.08 -34.04
CA ARG B 456 -7.86 9.24 -33.72
C ARG B 456 -7.56 9.29 -32.22
N PHE B 457 -6.60 10.15 -31.88
CA PHE B 457 -6.11 10.27 -30.51
C PHE B 457 -5.60 11.69 -30.31
N SER B 458 -6.11 12.38 -29.30
CA SER B 458 -5.69 13.74 -28.98
C SER B 458 -4.54 13.66 -27.98
N VAL B 459 -3.31 13.72 -28.49
CA VAL B 459 -2.14 13.65 -27.62
C VAL B 459 -1.80 15.00 -27.00
N GLY B 460 -2.48 16.06 -27.40
CA GLY B 460 -2.16 17.40 -26.92
C GLY B 460 -2.25 17.58 -25.42
N GLY B 461 -1.24 18.21 -24.84
CA GLY B 461 -1.25 18.56 -23.43
C GLY B 461 -1.30 17.38 -22.50
N MET B 462 -1.02 16.18 -23.02
CA MET B 462 -1.04 14.98 -22.20
C MET B 462 0.22 14.87 -21.37
N THR B 463 0.08 14.27 -20.19
CA THR B 463 1.20 14.05 -19.29
C THR B 463 1.26 12.62 -18.74
N ASP B 464 0.28 11.77 -19.03
CA ASP B 464 0.23 10.40 -18.53
C ASP B 464 0.35 9.45 -19.70
N VAL B 465 1.50 8.76 -19.79
CA VAL B 465 1.70 7.75 -20.82
C VAL B 465 0.87 6.49 -20.57
N ALA B 466 0.29 6.36 -19.37
CA ALA B 466 -0.38 5.13 -19.01
C ALA B 466 -1.48 4.77 -19.99
N GLU B 467 -2.20 5.78 -20.51
CA GLU B 467 -3.30 5.49 -21.42
C GLU B 467 -2.80 4.82 -22.70
N ILE B 468 -1.57 5.12 -23.14
CA ILE B 468 -1.00 4.41 -24.27
C ILE B 468 -0.44 3.05 -23.87
N LYS B 469 -0.11 2.86 -22.60
CA LYS B 469 0.43 1.61 -22.10
C LYS B 469 -0.50 0.91 -21.12
N GLY B 470 -1.66 1.48 -20.81
CA GLY B 470 -2.54 0.90 -19.82
C GLY B 470 -2.00 1.03 -18.42
N HIS B 471 -1.67 -0.10 -17.80
CA HIS B 471 -1.16 -0.14 -16.44
C HIS B 471 -0.37 -1.45 -16.30
N ARG B 472 -0.03 -1.82 -15.07
CA ARG B 472 0.70 -3.05 -14.83
C ARG B 472 -0.21 -4.27 -14.68
N ARG B 473 -1.53 -4.09 -14.77
CA ARG B 473 -2.57 -5.10 -14.54
C ARG B 473 -2.77 -5.33 -13.04
N THR B 474 -1.99 -4.67 -12.18
CA THR B 474 -2.15 -4.82 -10.74
C THR B 474 -3.26 -3.95 -10.17
N TYR B 475 -3.87 -3.08 -10.97
CA TYR B 475 -4.93 -2.21 -10.49
C TYR B 475 -6.27 -2.96 -10.51
N VAL B 476 -7.33 -2.24 -10.16
CA VAL B 476 -8.69 -2.80 -10.17
C VAL B 476 -9.24 -2.64 -11.59
N GLY B 477 -9.39 -3.76 -12.29
CA GLY B 477 -9.87 -3.70 -13.66
C GLY B 477 -8.99 -2.83 -14.55
N ALA B 478 -7.67 -2.99 -14.45
CA ALA B 478 -6.76 -2.18 -15.23
C ALA B 478 -7.06 -2.31 -16.71
N MET B 479 -6.97 -1.19 -17.42
CA MET B 479 -7.21 -1.14 -18.86
C MET B 479 -5.90 -1.21 -19.62
N PRO B 480 -5.93 -1.67 -20.87
CA PRO B 480 -4.72 -1.72 -21.68
C PRO B 480 -4.43 -0.34 -22.29
N GLY B 481 -3.39 -0.29 -23.11
CA GLY B 481 -3.07 0.93 -23.81
C GLY B 481 -4.15 1.30 -24.81
N LYS B 482 -4.21 2.60 -25.14
CA LYS B 482 -5.26 3.06 -26.03
C LYS B 482 -5.14 2.45 -27.41
N ILE B 483 -3.92 2.14 -27.86
CA ILE B 483 -3.76 1.45 -29.14
C ILE B 483 -4.37 0.06 -29.06
N ILE B 484 -4.36 -0.55 -27.88
CA ILE B 484 -5.05 -1.83 -27.71
C ILE B 484 -6.54 -1.66 -27.95
N GLN B 485 -7.13 -0.59 -27.41
CA GLN B 485 -8.54 -0.31 -27.66
C GLN B 485 -8.78 -0.04 -29.14
N CYS B 486 -7.84 0.64 -29.79
CA CYS B 486 -7.96 0.89 -31.23
C CYS B 486 -7.99 -0.42 -32.01
N LEU B 487 -7.07 -1.34 -31.69
CA LEU B 487 -7.04 -2.62 -32.36
C LEU B 487 -8.32 -3.40 -32.11
N LYS B 488 -8.82 -3.36 -30.87
CA LYS B 488 -10.05 -4.06 -30.55
C LYS B 488 -11.23 -3.50 -31.35
N LYS B 489 -11.42 -2.18 -31.32
CA LYS B 489 -12.53 -1.56 -32.02
C LYS B 489 -12.43 -1.78 -33.52
N THR B 490 -11.28 -1.47 -34.10
CA THR B 490 -11.09 -1.70 -35.53
C THR B 490 -11.17 -3.18 -35.87
N LYS B 491 -10.82 -4.04 -34.92
CA LYS B 491 -10.82 -5.49 -35.06
C LYS B 491 -9.77 -5.96 -36.06
N THR B 492 -8.93 -5.07 -36.56
CA THR B 492 -7.94 -5.39 -37.58
C THR B 492 -6.60 -4.76 -37.20
N GLU B 493 -5.53 -5.34 -37.75
CA GLU B 493 -4.17 -4.95 -37.38
C GLU B 493 -3.47 -4.11 -38.44
N ASN B 494 -4.21 -3.55 -39.40
CA ASN B 494 -3.67 -2.55 -40.32
C ASN B 494 -4.63 -1.37 -40.40
N PRO B 495 -4.86 -0.68 -39.27
CA PRO B 495 -5.78 0.45 -39.28
C PRO B 495 -5.08 1.78 -39.59
N LEU B 496 -5.86 2.85 -39.67
CA LEU B 496 -5.33 4.20 -39.75
C LEU B 496 -5.46 4.84 -38.37
N ILE B 497 -4.36 5.37 -37.85
CA ILE B 497 -4.35 6.02 -36.55
C ILE B 497 -3.93 7.47 -36.75
N LEU B 498 -4.63 8.38 -36.07
CA LEU B 498 -4.35 9.80 -36.12
C LEU B 498 -3.91 10.28 -34.74
N ILE B 499 -2.97 11.21 -34.72
CA ILE B 499 -2.50 11.82 -33.48
C ILE B 499 -2.55 13.33 -33.66
N ASP B 500 -3.41 13.99 -32.87
CA ASP B 500 -3.66 15.41 -32.99
C ASP B 500 -3.00 16.16 -31.84
N GLU B 501 -2.49 17.35 -32.14
CA GLU B 501 -1.81 18.19 -31.14
C GLU B 501 -0.51 17.55 -30.67
N VAL B 502 0.25 17.00 -31.61
CA VAL B 502 1.56 16.43 -31.27
C VAL B 502 2.47 17.51 -30.70
N ASP B 503 2.38 18.72 -31.23
CA ASP B 503 3.20 19.83 -30.79
C ASP B 503 2.80 20.37 -29.42
N LYS B 504 1.64 19.96 -28.89
CA LYS B 504 1.14 20.48 -27.62
C LYS B 504 1.52 19.61 -26.43
N ILE B 505 2.28 18.53 -26.65
CA ILE B 505 2.59 17.61 -25.55
C ILE B 505 3.43 18.33 -24.51
N GLY B 506 2.97 18.27 -23.25
CA GLY B 506 3.74 18.88 -22.18
C GLY B 506 5.05 18.16 -21.92
N ARG B 507 5.02 16.83 -21.89
CA ARG B 507 6.22 16.02 -21.63
C ARG B 507 6.87 16.45 -20.31
N GLY B 508 6.05 16.57 -19.28
CA GLY B 508 6.48 17.09 -17.99
C GLY B 508 6.67 15.99 -16.95
N TYR B 509 6.31 16.32 -15.71
CA TYR B 509 6.53 15.41 -14.59
C TYR B 509 5.83 14.08 -14.81
N GLN B 510 6.51 13.00 -14.43
CA GLN B 510 5.99 11.63 -14.47
C GLN B 510 5.39 11.28 -15.83
N GLY B 511 5.71 12.06 -16.85
CA GLY B 511 5.15 11.87 -18.17
C GLY B 511 6.19 11.41 -19.17
N ASP B 512 6.72 12.34 -19.95
CA ASP B 512 7.65 12.04 -21.03
C ASP B 512 7.06 10.99 -21.97
N PRO B 513 5.80 11.15 -22.39
CA PRO B 513 5.22 10.19 -23.34
C PRO B 513 5.91 10.20 -24.68
N SER B 514 6.64 11.27 -25.01
CA SER B 514 7.35 11.33 -26.28
C SER B 514 8.18 10.08 -26.51
N SER B 515 8.88 9.62 -25.47
CA SER B 515 9.65 8.38 -25.59
C SER B 515 8.77 7.25 -26.12
N ALA B 516 7.63 7.02 -25.45
CA ALA B 516 6.68 6.03 -25.94
C ALA B 516 6.30 6.32 -27.39
N LEU B 517 6.01 7.59 -27.70
CA LEU B 517 5.72 7.93 -29.09
C LEU B 517 6.86 7.52 -30.00
N LEU B 518 8.11 7.81 -29.61
CA LEU B 518 9.24 7.31 -30.37
C LEU B 518 9.18 5.80 -30.50
N GLU B 519 8.96 5.12 -29.36
CA GLU B 519 8.82 3.67 -29.39
C GLU B 519 7.73 3.26 -30.37
N LEU B 520 6.67 4.06 -30.49
CA LEU B 520 5.61 3.75 -31.42
C LEU B 520 6.03 4.03 -32.86
N LEU B 521 6.75 5.13 -33.10
CA LEU B 521 7.04 5.58 -34.45
C LEU B 521 8.36 5.08 -34.99
N ASP B 522 9.12 4.32 -34.21
CA ASP B 522 10.35 3.73 -34.72
C ASP B 522 10.01 2.68 -35.78
N PRO B 523 10.59 2.74 -36.97
CA PRO B 523 10.27 1.72 -37.99
C PRO B 523 10.51 0.30 -37.52
N GLU B 524 11.47 0.08 -36.61
CA GLU B 524 11.86 -1.26 -36.20
C GLU B 524 11.26 -1.65 -34.85
N GLN B 525 11.31 -0.75 -33.86
CA GLN B 525 10.79 -1.09 -32.54
C GLN B 525 9.26 -1.23 -32.56
N ASN B 526 8.58 -0.46 -33.41
CA ASN B 526 7.13 -0.55 -33.47
C ASN B 526 6.67 -1.97 -33.76
N ALA B 527 7.46 -2.74 -34.49
CA ALA B 527 7.07 -4.11 -34.82
C ALA B 527 6.96 -5.00 -33.59
N ASN B 528 7.63 -4.64 -32.49
CA ASN B 528 7.59 -5.42 -31.26
C ASN B 528 6.95 -4.64 -30.12
N PHE B 529 6.11 -3.66 -30.43
CA PHE B 529 5.48 -2.85 -29.39
C PHE B 529 4.68 -3.73 -28.44
N LEU B 530 4.82 -3.45 -27.14
CA LEU B 530 4.06 -4.11 -26.10
C LEU B 530 3.63 -3.07 -25.07
N ASP B 531 2.58 -3.40 -24.32
CA ASP B 531 2.04 -2.52 -23.31
C ASP B 531 2.50 -2.95 -21.92
N HIS B 532 2.44 -2.00 -20.98
CA HIS B 532 2.63 -2.35 -19.58
C HIS B 532 1.56 -3.35 -19.14
N TYR B 533 0.31 -3.09 -19.52
CA TYR B 533 -0.78 -4.01 -19.22
C TYR B 533 -0.59 -5.34 -19.94
N LEU B 534 -0.31 -5.30 -21.23
CA LEU B 534 -0.09 -6.49 -22.04
C LEU B 534 1.36 -6.47 -22.52
N ASP B 535 2.18 -7.33 -21.92
CA ASP B 535 3.61 -7.36 -22.24
C ASP B 535 3.91 -8.15 -23.52
N VAL B 536 2.92 -8.80 -24.11
CA VAL B 536 3.14 -9.53 -25.36
C VAL B 536 3.36 -8.51 -26.48
N PRO B 537 4.28 -8.76 -27.42
CA PRO B 537 4.50 -7.79 -28.50
C PRO B 537 3.46 -7.91 -29.60
N VAL B 538 3.18 -6.78 -30.25
CA VAL B 538 2.22 -6.69 -31.33
C VAL B 538 2.84 -5.88 -32.46
N ASP B 539 2.62 -6.33 -33.70
CA ASP B 539 3.24 -5.71 -34.86
C ASP B 539 2.53 -4.41 -35.22
N LEU B 540 3.30 -3.33 -35.35
CA LEU B 540 2.79 -2.02 -35.76
C LEU B 540 3.56 -1.50 -36.96
N SER B 541 3.87 -2.39 -37.91
CA SER B 541 4.51 -1.99 -39.16
C SER B 541 3.51 -1.75 -40.28
N LYS B 542 2.41 -2.49 -40.31
CA LYS B 542 1.36 -2.28 -41.30
C LYS B 542 0.36 -1.22 -40.89
N VAL B 543 0.42 -0.74 -39.65
CA VAL B 543 -0.47 0.33 -39.20
C VAL B 543 0.02 1.66 -39.75
N LEU B 544 -0.88 2.42 -40.36
CA LEU B 544 -0.55 3.75 -40.87
C LEU B 544 -0.78 4.78 -39.78
N PHE B 545 0.18 5.69 -39.63
CA PHE B 545 0.13 6.73 -38.62
C PHE B 545 0.13 8.11 -39.27
N ILE B 546 -0.74 8.98 -38.75
CA ILE B 546 -0.84 10.37 -39.14
C ILE B 546 -0.61 11.21 -37.89
N CYS B 547 0.05 12.35 -38.05
CA CYS B 547 0.19 13.32 -36.98
C CYS B 547 -0.17 14.70 -37.52
N THR B 548 -0.79 15.52 -36.68
CA THR B 548 -1.23 16.84 -37.09
C THR B 548 -0.71 17.89 -36.11
N ALA B 549 -0.27 19.02 -36.66
CA ALA B 549 0.20 20.14 -35.85
C ALA B 549 0.05 21.41 -36.68
N ASN B 550 0.01 22.55 -35.98
CA ASN B 550 -0.02 23.84 -36.65
C ASN B 550 1.35 24.47 -36.79
N VAL B 551 2.39 23.86 -36.21
CA VAL B 551 3.75 24.40 -36.25
C VAL B 551 4.72 23.22 -36.12
N THR B 552 5.88 23.37 -36.76
CA THR B 552 6.86 22.29 -36.85
C THR B 552 8.05 22.45 -35.90
N ASP B 553 8.14 23.56 -35.18
CA ASP B 553 9.31 23.79 -34.33
C ASP B 553 9.19 23.07 -33.00
N THR B 554 8.07 23.25 -32.30
CA THR B 554 7.93 22.74 -30.94
C THR B 554 7.87 21.21 -30.89
N ILE B 555 7.49 20.55 -31.99
CA ILE B 555 7.43 19.09 -31.96
C ILE B 555 8.83 18.55 -31.70
N PRO B 556 9.00 17.51 -30.88
CA PRO B 556 10.36 17.06 -30.55
C PRO B 556 11.14 16.65 -31.79
N GLU B 557 12.43 16.99 -31.80
CA GLU B 557 13.29 16.62 -32.92
C GLU B 557 13.40 15.12 -33.10
N PRO B 558 13.60 14.31 -32.05
CA PRO B 558 13.65 12.85 -32.27
C PRO B 558 12.37 12.32 -32.88
N LEU B 559 11.22 12.85 -32.47
CA LEU B 559 9.96 12.47 -33.09
C LEU B 559 9.82 13.09 -34.47
N ARG B 560 10.41 14.27 -34.68
CA ARG B 560 10.32 14.95 -35.96
C ARG B 560 11.02 14.17 -37.06
N ASP B 561 12.23 13.70 -36.79
CA ASP B 561 13.05 13.08 -37.83
C ASP B 561 12.42 11.80 -38.35
N ARG B 562 11.86 10.98 -37.45
CA ARG B 562 11.43 9.63 -37.82
C ARG B 562 10.27 9.62 -38.82
N MET B 563 9.59 10.74 -39.03
CA MET B 563 8.43 10.78 -39.91
C MET B 563 8.54 11.97 -40.86
N GLU B 564 8.05 11.77 -42.08
CA GLU B 564 8.02 12.85 -43.06
C GLU B 564 6.93 13.86 -42.71
N MET B 565 6.95 15.00 -43.40
CA MET B 565 6.22 16.18 -42.98
C MET B 565 5.60 16.83 -44.21
N ILE B 566 4.26 16.93 -44.23
CA ILE B 566 3.52 17.38 -45.40
C ILE B 566 2.80 18.69 -45.08
N ASN B 567 2.83 19.62 -46.04
CA ASN B 567 2.30 20.97 -45.86
C ASN B 567 0.90 21.07 -46.45
N VAL B 568 -0.10 21.24 -45.60
CA VAL B 568 -1.41 21.72 -46.01
C VAL B 568 -1.50 23.17 -45.56
N SER B 569 -1.50 24.10 -46.50
CA SER B 569 -1.21 25.50 -46.23
C SER B 569 -2.33 26.40 -46.74
N GLY B 570 -3.33 26.63 -45.88
CA GLY B 570 -4.29 27.70 -46.09
C GLY B 570 -5.04 27.67 -47.40
N TYR B 571 -5.87 28.68 -47.61
CA TYR B 571 -6.66 28.84 -48.82
C TYR B 571 -6.85 30.33 -49.06
N VAL B 572 -6.85 30.72 -50.34
CA VAL B 572 -7.20 32.09 -50.71
C VAL B 572 -8.71 32.15 -50.86
N ALA B 573 -9.26 33.36 -50.99
CA ALA B 573 -10.71 33.53 -51.04
C ALA B 573 -11.34 32.62 -52.08
N GLN B 574 -10.68 32.42 -53.22
CA GLN B 574 -11.24 31.55 -54.25
C GLN B 574 -11.31 30.10 -53.78
N GLU B 575 -10.22 29.60 -53.18
CA GLU B 575 -10.22 28.23 -52.68
C GLU B 575 -11.24 28.06 -51.57
N LYS B 576 -11.34 29.04 -50.69
CA LYS B 576 -12.33 28.98 -49.61
C LYS B 576 -13.75 28.95 -50.18
N LEU B 577 -14.02 29.77 -51.20
CA LEU B 577 -15.34 29.77 -51.82
C LEU B 577 -15.64 28.42 -52.46
N ALA B 578 -14.66 27.84 -53.16
CA ALA B 578 -14.86 26.53 -53.77
C ALA B 578 -15.16 25.48 -52.71
N ILE B 579 -14.35 25.44 -51.65
CA ILE B 579 -14.57 24.49 -50.57
C ILE B 579 -15.95 24.67 -49.97
N ALA B 580 -16.35 25.92 -49.74
CA ALA B 580 -17.65 26.18 -49.12
C ALA B 580 -18.79 25.74 -50.01
N GLU B 581 -18.72 26.04 -51.31
CA GLU B 581 -19.84 25.72 -52.19
C GLU B 581 -19.92 24.23 -52.48
N ARG B 582 -18.80 23.51 -52.40
CA ARG B 582 -18.82 22.08 -52.71
C ARG B 582 -18.71 21.19 -51.48
N TYR B 583 -18.30 21.72 -50.33
CA TYR B 583 -18.12 20.85 -49.16
C TYR B 583 -18.82 21.37 -47.92
N LEU B 584 -18.85 22.68 -47.68
CA LEU B 584 -19.38 23.20 -46.42
C LEU B 584 -20.90 23.37 -46.48
N VAL B 585 -21.39 24.01 -47.54
CA VAL B 585 -22.82 24.31 -47.61
C VAL B 585 -23.67 23.04 -47.63
N PRO B 586 -23.40 22.05 -48.49
CA PRO B 586 -24.19 20.81 -48.42
C PRO B 586 -24.06 20.10 -47.07
N GLN B 587 -22.85 20.10 -46.51
CA GLN B 587 -22.63 19.43 -45.22
C GLN B 587 -23.49 20.05 -44.13
N ALA B 588 -23.51 21.38 -44.06
CA ALA B 588 -24.27 22.06 -43.02
C ALA B 588 -25.76 22.04 -43.31
N ARG B 589 -26.16 22.01 -44.58
CA ARG B 589 -27.57 21.82 -44.91
C ARG B 589 -28.05 20.47 -44.42
N ALA B 590 -27.26 19.42 -44.64
CA ALA B 590 -27.59 18.11 -44.10
C ALA B 590 -27.60 18.14 -42.57
N LEU B 591 -26.65 18.87 -41.98
CA LEU B 591 -26.62 18.98 -40.52
C LEU B 591 -27.87 19.64 -39.98
N CYS B 592 -28.34 20.69 -40.67
CA CYS B 592 -29.53 21.41 -40.25
C CYS B 592 -30.82 20.78 -40.76
N GLY B 593 -30.75 19.60 -41.37
CA GLY B 593 -31.93 18.94 -41.90
C GLY B 593 -32.60 19.76 -42.99
N LEU B 594 -31.79 20.32 -43.88
CA LEU B 594 -32.28 21.15 -44.98
C LEU B 594 -31.90 20.52 -46.31
N ASP B 595 -32.46 21.07 -47.37
CA ASP B 595 -32.24 20.58 -48.73
C ASP B 595 -31.57 21.66 -49.57
N GLU B 596 -31.11 21.26 -50.76
CA GLU B 596 -30.45 22.19 -51.66
C GLU B 596 -31.41 23.20 -52.27
N SER B 597 -32.72 23.02 -52.10
CA SER B 597 -33.72 23.94 -52.62
C SER B 597 -34.21 24.94 -51.58
N LYS B 598 -34.48 24.48 -50.35
CA LYS B 598 -34.98 25.37 -49.32
C LYS B 598 -33.94 26.43 -48.96
N ALA B 599 -32.70 26.03 -48.75
CA ALA B 599 -31.62 26.93 -48.37
C ALA B 599 -30.72 27.16 -49.58
N LYS B 600 -30.69 28.39 -50.06
CA LYS B 600 -29.88 28.77 -51.21
C LYS B 600 -28.91 29.87 -50.80
N LEU B 601 -27.62 29.65 -51.07
CA LEU B 601 -26.59 30.63 -50.78
C LEU B 601 -25.85 30.95 -52.08
N SER B 602 -25.72 32.23 -52.37
CA SER B 602 -25.03 32.67 -53.59
C SER B 602 -23.53 32.69 -53.36
N SER B 603 -22.78 32.39 -54.42
CA SER B 603 -21.32 32.49 -54.33
C SER B 603 -20.89 33.89 -53.94
N ASP B 604 -21.65 34.91 -54.35
CA ASP B 604 -21.37 36.26 -53.91
C ASP B 604 -21.52 36.40 -52.41
N VAL B 605 -22.55 35.78 -51.84
CA VAL B 605 -22.73 35.82 -50.39
C VAL B 605 -21.54 35.17 -49.70
N LEU B 606 -21.08 34.02 -50.20
CA LEU B 606 -19.95 33.35 -49.57
C LEU B 606 -18.68 34.18 -49.70
N THR B 607 -18.46 34.80 -50.85
CA THR B 607 -17.28 35.66 -51.02
C THR B 607 -17.32 36.83 -50.05
N LEU B 608 -18.48 37.48 -49.94
CA LEU B 608 -18.62 38.59 -49.01
C LEU B 608 -18.36 38.14 -47.58
N LEU B 609 -18.89 36.98 -47.22
CA LEU B 609 -18.69 36.44 -45.87
C LEU B 609 -17.21 36.17 -45.62
N ILE B 610 -16.51 35.61 -46.61
CA ILE B 610 -15.08 35.35 -46.47
C ILE B 610 -14.33 36.66 -46.30
N LYS B 611 -14.70 37.69 -47.04
CA LYS B 611 -13.96 38.95 -46.99
C LYS B 611 -14.19 39.68 -45.67
N GLN B 612 -15.43 39.68 -45.17
CA GLN B 612 -15.81 40.54 -44.05
C GLN B 612 -16.12 39.79 -42.76
N TYR B 613 -16.85 38.68 -42.83
CA TYR B 613 -17.25 37.95 -41.63
C TYR B 613 -16.20 36.94 -41.16
N CYS B 614 -15.10 36.79 -41.89
CA CYS B 614 -14.12 35.74 -41.58
C CYS B 614 -12.75 36.21 -42.05
N ARG B 615 -11.80 36.30 -41.13
CA ARG B 615 -10.43 36.73 -41.44
C ARG B 615 -9.44 35.75 -40.83
N GLU B 616 -9.05 34.75 -41.62
CA GLU B 616 -7.98 33.82 -41.23
C GLU B 616 -7.62 33.01 -42.46
N SER B 617 -6.62 32.14 -42.29
CA SER B 617 -6.26 31.23 -43.37
C SER B 617 -7.12 29.98 -43.40
N GLY B 618 -7.74 29.64 -42.26
CA GLY B 618 -8.54 28.43 -42.15
C GLY B 618 -9.95 28.61 -42.70
N VAL B 619 -10.79 27.62 -42.40
CA VAL B 619 -12.14 27.57 -42.93
C VAL B 619 -13.15 27.45 -41.79
N ARG B 620 -12.64 27.30 -40.56
CA ARG B 620 -13.52 26.98 -39.43
C ARG B 620 -14.56 28.07 -39.20
N ASN B 621 -14.13 29.33 -39.16
CA ASN B 621 -15.08 30.42 -38.90
C ASN B 621 -16.09 30.53 -40.03
N LEU B 622 -15.66 30.30 -41.26
CA LEU B 622 -16.60 30.22 -42.38
C LEU B 622 -17.63 29.13 -42.13
N GLN B 623 -17.19 27.99 -41.58
CA GLN B 623 -18.12 26.92 -41.22
C GLN B 623 -19.11 27.40 -40.17
N LYS B 624 -18.63 28.10 -39.15
CA LYS B 624 -19.54 28.61 -38.12
C LYS B 624 -20.58 29.54 -38.71
N GLN B 625 -20.15 30.45 -39.58
CA GLN B 625 -21.07 31.41 -40.16
C GLN B 625 -22.10 30.74 -41.06
N VAL B 626 -21.67 29.79 -41.89
CA VAL B 626 -22.62 29.10 -42.77
C VAL B 626 -23.61 28.31 -41.92
N GLU B 627 -23.13 27.67 -40.85
CA GLU B 627 -24.03 26.93 -39.97
C GLU B 627 -25.04 27.89 -39.31
N LYS B 628 -24.59 29.07 -38.90
CA LYS B 628 -25.50 30.03 -38.28
C LYS B 628 -26.58 30.45 -39.27
N VAL B 629 -26.20 30.79 -40.50
CA VAL B 629 -27.19 31.24 -41.48
C VAL B 629 -28.16 30.11 -41.79
N LEU B 630 -27.66 28.87 -41.89
CA LEU B 630 -28.56 27.76 -42.16
C LEU B 630 -29.49 27.47 -40.98
N ARG B 631 -29.00 27.63 -39.75
CA ARG B 631 -29.87 27.50 -38.59
C ARG B 631 -30.99 28.54 -38.62
N LYS B 632 -30.64 29.79 -38.94
CA LYS B 632 -31.65 30.84 -39.01
C LYS B 632 -32.63 30.57 -40.14
N SER B 633 -32.14 30.05 -41.26
CA SER B 633 -33.02 29.68 -42.36
C SER B 633 -33.98 28.57 -41.97
N ALA B 634 -33.47 27.56 -41.26
CA ALA B 634 -34.34 26.48 -40.79
C ALA B 634 -35.41 27.02 -39.86
N TYR B 635 -35.03 27.89 -38.93
CA TYR B 635 -36.01 28.49 -38.02
C TYR B 635 -37.05 29.29 -38.79
N LYS B 636 -36.59 30.09 -39.76
CA LYS B 636 -37.49 30.87 -40.61
C LYS B 636 -38.41 29.98 -41.43
N ILE B 637 -37.99 28.74 -41.70
CA ILE B 637 -38.81 27.81 -42.46
C ILE B 637 -39.87 27.18 -41.56
N VAL B 638 -39.48 26.78 -40.35
CA VAL B 638 -40.41 26.08 -39.46
C VAL B 638 -41.52 27.04 -39.01
N SER B 639 -41.15 28.10 -38.30
CA SER B 639 -42.11 29.02 -37.73
C SER B 639 -42.40 30.22 -38.63
N GLY B 640 -41.47 30.58 -39.50
CA GLY B 640 -41.62 31.75 -40.34
C GLY B 640 -42.61 31.55 -41.46
N GLU B 641 -42.34 32.19 -42.59
CA GLU B 641 -43.25 32.20 -43.73
C GLU B 641 -42.62 31.68 -45.01
N ALA B 642 -41.32 31.82 -45.19
CA ALA B 642 -40.66 31.41 -46.43
C ALA B 642 -40.36 29.92 -46.37
N GLU B 643 -41.10 29.14 -47.16
CA GLU B 643 -40.81 27.71 -47.25
C GLU B 643 -39.38 27.48 -47.76
N SER B 644 -38.88 28.37 -48.60
CA SER B 644 -37.51 28.33 -49.08
C SER B 644 -36.92 29.74 -48.99
N VAL B 645 -35.60 29.80 -48.80
CA VAL B 645 -34.90 31.05 -48.58
C VAL B 645 -33.82 31.20 -49.66
N GLU B 646 -33.73 32.39 -50.25
CA GLU B 646 -32.68 32.74 -51.20
C GLU B 646 -31.79 33.76 -50.51
N VAL B 647 -30.70 33.28 -49.92
CA VAL B 647 -29.83 34.14 -49.12
C VAL B 647 -29.06 35.08 -50.04
N THR B 648 -29.09 36.36 -49.72
CA THR B 648 -28.38 37.41 -50.45
C THR B 648 -27.74 38.33 -49.44
N PRO B 649 -26.72 39.10 -49.85
CA PRO B 649 -26.07 40.00 -48.87
C PRO B 649 -27.05 40.91 -48.15
N GLU B 650 -28.01 41.48 -48.88
CA GLU B 650 -29.04 42.28 -48.26
C GLU B 650 -29.73 41.50 -47.14
N ASN B 651 -30.09 40.25 -47.41
CA ASN B 651 -30.60 39.36 -46.37
C ASN B 651 -29.50 38.83 -45.47
N LEU B 652 -28.25 38.75 -45.96
CA LEU B 652 -27.17 38.29 -45.12
C LEU B 652 -27.04 39.16 -43.87
N GLN B 653 -27.34 40.46 -44.00
CA GLN B 653 -27.28 41.31 -42.81
C GLN B 653 -28.17 40.78 -41.70
N ASP B 654 -29.39 40.36 -42.03
CA ASP B 654 -30.28 39.81 -41.01
C ASP B 654 -29.90 38.40 -40.63
N PHE B 655 -29.37 37.61 -41.57
CA PHE B 655 -29.03 36.23 -41.27
C PHE B 655 -27.82 36.12 -40.35
N VAL B 656 -26.91 37.09 -40.39
CA VAL B 656 -25.69 37.04 -39.57
C VAL B 656 -25.62 38.27 -38.67
N GLY B 657 -25.64 39.45 -39.29
CA GLY B 657 -25.42 40.68 -38.55
C GLY B 657 -24.84 41.77 -39.42
N LYS B 658 -23.71 42.33 -39.00
CA LYS B 658 -23.04 43.40 -39.72
C LYS B 658 -21.57 43.05 -39.88
N PRO B 659 -20.91 43.61 -40.89
CA PRO B 659 -19.50 43.25 -41.14
C PRO B 659 -18.63 43.45 -39.91
N VAL B 660 -17.76 42.47 -39.64
CA VAL B 660 -16.83 42.53 -38.52
C VAL B 660 -15.55 43.20 -38.99
N PHE B 661 -14.93 42.63 -40.03
CA PHE B 661 -13.69 43.18 -40.58
C PHE B 661 -14.03 44.08 -41.76
N THR B 662 -14.38 45.32 -41.44
CA THR B 662 -14.67 46.32 -42.47
C THR B 662 -13.40 46.92 -43.08
N VAL B 663 -12.23 46.61 -42.55
CA VAL B 663 -10.97 47.18 -43.00
C VAL B 663 -10.10 46.06 -43.54
N GLU B 664 -9.59 46.24 -44.76
CA GLU B 664 -8.69 45.25 -45.35
C GLU B 664 -7.35 45.22 -44.61
N ARG B 665 -6.87 46.37 -44.17
CA ARG B 665 -5.58 46.47 -43.51
C ARG B 665 -5.69 47.44 -42.33
N MET B 666 -4.78 47.28 -41.37
CA MET B 666 -4.70 48.25 -40.28
C MET B 666 -4.23 49.61 -40.80
N TYR B 667 -3.46 49.62 -41.88
CA TYR B 667 -3.03 50.85 -42.54
C TYR B 667 -3.30 50.73 -44.03
N ASP B 668 -3.48 51.88 -44.67
CA ASP B 668 -3.66 51.94 -46.11
C ASP B 668 -2.68 52.87 -46.81
N VAL B 669 -1.90 53.66 -46.07
CA VAL B 669 -0.93 54.57 -46.67
C VAL B 669 0.48 54.36 -46.14
N THR B 670 0.66 53.66 -45.03
CA THR B 670 1.99 53.39 -44.48
C THR B 670 2.73 54.70 -44.23
N PRO B 671 2.32 55.48 -43.24
CA PRO B 671 3.00 56.75 -42.96
C PRO B 671 4.48 56.54 -42.72
N PRO B 672 5.25 57.61 -42.58
CA PRO B 672 6.69 57.45 -42.33
C PRO B 672 6.93 56.65 -41.05
N GLY B 673 7.92 55.76 -41.10
CA GLY B 673 8.28 54.98 -39.95
C GLY B 673 7.46 53.73 -39.71
N VAL B 674 6.49 53.43 -40.57
CA VAL B 674 5.71 52.20 -40.47
C VAL B 674 5.77 51.48 -41.81
N VAL B 675 5.95 50.17 -41.76
CA VAL B 675 6.17 49.36 -42.96
C VAL B 675 5.46 48.02 -42.81
N MET B 676 4.94 47.51 -43.93
CA MET B 676 4.29 46.21 -43.94
C MET B 676 5.33 45.09 -44.02
N GLY B 677 5.05 44.01 -43.29
CA GLY B 677 5.87 42.82 -43.36
C GLY B 677 4.98 41.59 -43.29
N LEU B 678 5.52 40.48 -43.77
CA LEU B 678 4.79 39.22 -43.80
C LEU B 678 5.33 38.30 -42.72
N ALA B 679 4.43 37.76 -41.91
CA ALA B 679 4.78 36.97 -40.74
C ALA B 679 4.24 35.56 -40.89
N TRP B 680 5.07 34.56 -40.60
CA TRP B 680 4.66 33.16 -40.61
C TRP B 680 4.26 32.71 -39.20
N THR B 681 3.20 33.33 -38.70
CA THR B 681 2.72 33.01 -37.37
C THR B 681 2.27 31.55 -37.31
N ALA B 682 2.03 31.06 -36.09
CA ALA B 682 1.64 29.67 -35.91
C ALA B 682 0.34 29.36 -36.62
N MET B 683 -0.53 30.35 -36.80
CA MET B 683 -1.82 30.19 -37.47
C MET B 683 -1.70 30.88 -38.82
N GLY B 684 -1.19 30.15 -39.81
CA GLY B 684 -1.07 30.69 -41.14
C GLY B 684 -0.12 31.87 -41.19
N GLY B 685 -0.38 32.76 -42.15
CA GLY B 685 0.41 33.96 -42.33
C GLY B 685 -0.37 35.21 -41.92
N SER B 686 0.36 36.31 -41.80
CA SER B 686 -0.23 37.57 -41.38
C SER B 686 0.54 38.72 -42.01
N THR B 687 -0.12 39.87 -42.08
CA THR B 687 0.48 41.11 -42.58
C THR B 687 0.68 42.04 -41.40
N LEU B 688 1.84 41.92 -40.75
CA LEU B 688 2.15 42.75 -39.60
C LEU B 688 2.67 44.10 -40.06
N PHE B 689 2.69 45.05 -39.12
CA PHE B 689 3.15 46.42 -39.38
C PHE B 689 4.26 46.75 -38.39
N VAL B 690 5.48 46.82 -38.89
CA VAL B 690 6.61 47.27 -38.07
C VAL B 690 6.58 48.78 -38.00
N GLU B 691 6.48 49.32 -36.79
CA GLU B 691 6.25 50.75 -36.59
C GLU B 691 7.45 51.35 -35.86
N THR B 692 7.74 52.62 -36.18
CA THR B 692 8.83 53.33 -35.55
C THR B 692 8.39 54.74 -35.20
N SER B 693 8.92 55.25 -34.09
CA SER B 693 8.63 56.60 -33.63
C SER B 693 9.89 57.21 -33.02
N LEU B 694 10.00 58.53 -33.14
CA LEU B 694 11.10 59.28 -32.52
C LEU B 694 10.68 59.60 -31.09
N ARG B 695 11.22 58.86 -30.13
CA ARG B 695 10.81 58.97 -28.73
C ARG B 695 11.72 59.89 -27.93
N ARG B 696 12.31 60.90 -28.56
CA ARG B 696 13.08 61.94 -27.88
C ARG B 696 13.46 63.01 -28.89
N PRO B 697 13.60 64.27 -28.48
CA PRO B 697 13.97 65.32 -29.45
C PRO B 697 15.30 65.02 -30.11
N GLN B 698 15.36 65.27 -31.42
CA GLN B 698 16.52 64.90 -32.21
C GLN B 698 17.76 65.65 -31.75
N ASP B 699 17.60 66.93 -31.41
CA ASP B 699 18.72 67.81 -31.06
C ASP B 699 18.63 68.18 -29.59
N LYS B 700 19.22 67.33 -28.74
CA LYS B 700 19.43 67.73 -27.35
C LYS B 700 20.56 68.74 -27.24
N ASP B 701 21.62 68.53 -28.01
CA ASP B 701 22.75 69.44 -28.06
C ASP B 701 23.35 69.35 -29.45
N ALA B 702 23.28 70.46 -30.20
CA ALA B 702 23.75 70.44 -31.59
C ALA B 702 25.17 69.91 -31.70
N LYS B 703 26.01 70.22 -30.72
CA LYS B 703 27.37 69.70 -30.71
C LYS B 703 27.40 68.22 -30.33
N GLY B 704 26.42 67.76 -29.55
CA GLY B 704 26.44 66.42 -29.01
C GLY B 704 26.70 65.33 -30.01
N ASP B 705 27.69 64.49 -29.72
CA ASP B 705 28.04 63.33 -30.54
C ASP B 705 27.56 62.03 -29.90
N LYS B 706 26.44 62.09 -29.19
CA LYS B 706 25.92 60.94 -28.47
C LYS B 706 25.35 59.90 -29.43
N ASP B 707 25.16 58.69 -28.89
CA ASP B 707 24.61 57.59 -29.67
C ASP B 707 23.09 57.72 -29.77
N GLY B 708 22.55 57.38 -30.94
CA GLY B 708 21.12 57.36 -31.13
C GLY B 708 20.51 56.07 -30.61
N SER B 709 20.36 55.97 -29.31
CA SER B 709 19.87 54.75 -28.68
C SER B 709 18.57 54.28 -29.32
N LEU B 710 18.26 52.99 -29.20
CA LEU B 710 17.06 52.42 -29.78
C LEU B 710 16.38 51.51 -28.77
N GLU B 711 15.06 51.64 -28.67
CA GLU B 711 14.22 50.77 -27.87
C GLU B 711 13.40 49.91 -28.81
N VAL B 712 13.17 48.66 -28.42
CA VAL B 712 12.47 47.70 -29.26
C VAL B 712 11.42 46.99 -28.41
N THR B 713 10.24 46.82 -28.99
CA THR B 713 9.15 46.10 -28.33
C THR B 713 8.61 45.01 -29.24
N GLY B 714 7.78 44.14 -28.66
CA GLY B 714 7.21 43.03 -29.38
C GLY B 714 7.49 41.68 -28.74
N GLN B 715 7.75 41.68 -27.43
CA GLN B 715 8.04 40.45 -26.69
C GLN B 715 9.15 39.66 -27.37
N LEU B 716 10.22 40.36 -27.72
CA LEU B 716 11.27 39.80 -28.55
C LEU B 716 12.21 38.93 -27.73
N GLY B 717 12.66 37.84 -28.35
CA GLY B 717 13.73 37.03 -27.79
C GLY B 717 15.09 37.63 -28.09
N GLU B 718 16.12 36.99 -27.55
CA GLU B 718 17.47 37.51 -27.72
C GLU B 718 17.92 37.47 -29.17
N VAL B 719 17.53 36.42 -29.90
CA VAL B 719 17.86 36.38 -31.33
C VAL B 719 17.17 37.52 -32.07
N MET B 720 15.91 37.79 -31.73
CA MET B 720 15.21 38.96 -32.28
C MET B 720 15.92 40.25 -31.94
N LYS B 721 16.36 40.41 -30.69
CA LYS B 721 17.04 41.64 -30.30
C LYS B 721 18.34 41.81 -31.08
N GLU B 722 19.09 40.72 -31.26
CA GLU B 722 20.33 40.79 -32.04
C GLU B 722 20.04 41.12 -33.50
N SER B 723 18.97 40.54 -34.07
CA SER B 723 18.60 40.87 -35.45
C SER B 723 18.22 42.34 -35.57
N ALA B 724 17.49 42.86 -34.59
CA ALA B 724 17.14 44.28 -34.60
C ALA B 724 18.39 45.15 -34.52
N ARG B 725 19.35 44.76 -33.68
CA ARG B 725 20.61 45.51 -33.61
C ARG B 725 21.35 45.48 -34.93
N ILE B 726 21.38 44.31 -35.58
CA ILE B 726 22.06 44.19 -36.87
C ILE B 726 21.38 45.07 -37.91
N ALA B 727 20.05 45.06 -37.94
CA ALA B 727 19.32 45.91 -38.88
C ALA B 727 19.56 47.38 -38.58
N TYR B 728 19.67 47.74 -37.30
CA TYR B 728 19.96 49.12 -36.93
C TYR B 728 21.33 49.55 -37.44
N THR B 729 22.35 48.71 -37.24
CA THR B 729 23.68 49.02 -37.72
C THR B 729 23.68 49.16 -39.25
N PHE B 730 23.00 48.24 -39.94
CA PHE B 730 22.96 48.30 -41.39
C PHE B 730 22.23 49.54 -41.87
N ALA B 731 21.14 49.93 -41.19
CA ALA B 731 20.42 51.12 -41.57
C ALA B 731 21.27 52.37 -41.40
N ARG B 732 22.00 52.46 -40.28
CA ARG B 732 22.90 53.59 -40.09
C ARG B 732 23.95 53.63 -41.20
N ALA B 733 24.58 52.49 -41.49
CA ALA B 733 25.60 52.46 -42.52
C ALA B 733 25.02 52.83 -43.88
N PHE B 734 23.82 52.34 -44.19
CA PHE B 734 23.21 52.60 -45.49
C PHE B 734 22.84 54.07 -45.64
N LEU B 735 22.30 54.68 -44.58
CA LEU B 735 22.04 56.12 -44.63
C LEU B 735 23.33 56.89 -44.84
N MET B 736 24.38 56.53 -44.10
CA MET B 736 25.65 57.23 -44.23
C MET B 736 26.22 57.08 -45.63
N GLN B 737 26.00 55.93 -46.27
CA GLN B 737 26.46 55.73 -47.64
C GLN B 737 25.61 56.53 -48.63
N HIS B 738 24.31 56.62 -48.38
CA HIS B 738 23.36 57.25 -49.29
C HIS B 738 23.04 58.68 -48.92
N ALA B 739 22.82 58.97 -47.64
CA ALA B 739 22.53 60.32 -47.15
C ALA B 739 23.50 60.62 -46.01
N PRO B 740 24.76 60.92 -46.33
CA PRO B 740 25.74 61.15 -45.25
C PRO B 740 25.33 62.27 -44.30
N ALA B 741 24.72 63.34 -44.81
CA ALA B 741 24.29 64.43 -43.96
C ALA B 741 23.16 64.03 -43.02
N ASN B 742 22.53 62.88 -43.23
CA ASN B 742 21.41 62.43 -42.42
C ASN B 742 21.96 61.74 -41.17
N ASP B 743 22.16 62.53 -40.11
CA ASP B 743 22.55 62.00 -38.81
C ASP B 743 21.35 61.60 -37.97
N TYR B 744 20.17 61.50 -38.57
CA TYR B 744 18.97 61.16 -37.83
C TYR B 744 19.14 59.85 -37.08
N LEU B 745 19.53 58.79 -37.79
CA LEU B 745 19.63 57.49 -37.14
C LEU B 745 20.80 57.45 -36.15
N VAL B 746 21.91 58.11 -36.49
CA VAL B 746 23.06 58.13 -35.61
C VAL B 746 22.73 58.86 -34.31
N THR B 747 22.07 60.01 -34.41
CA THR B 747 21.74 60.85 -33.25
C THR B 747 20.23 60.99 -33.17
N SER B 748 19.59 60.00 -32.56
CA SER B 748 18.17 60.06 -32.24
C SER B 748 17.82 58.85 -31.39
N HIS B 749 17.02 59.05 -30.35
CA HIS B 749 16.52 57.96 -29.54
C HIS B 749 15.17 57.53 -30.11
N ILE B 750 15.08 56.29 -30.57
CA ILE B 750 13.96 55.80 -31.37
C ILE B 750 13.30 54.64 -30.63
N HIS B 751 12.05 54.37 -30.97
CA HIS B 751 11.37 53.16 -30.54
C HIS B 751 10.79 52.47 -31.77
N LEU B 752 11.10 51.19 -31.93
CA LEU B 752 10.47 50.36 -32.95
C LEU B 752 9.69 49.24 -32.29
N HIS B 753 8.45 49.06 -32.72
CA HIS B 753 7.62 47.93 -32.33
C HIS B 753 7.46 47.01 -33.54
N VAL B 754 7.91 45.77 -33.39
CA VAL B 754 7.68 44.71 -34.36
C VAL B 754 6.63 43.78 -33.76
N PRO B 755 5.40 43.76 -34.29
CA PRO B 755 4.34 43.00 -33.63
C PRO B 755 4.70 41.52 -33.51
N GLU B 756 4.30 40.93 -32.40
CA GLU B 756 4.55 39.52 -32.16
C GLU B 756 3.53 38.68 -32.94
N GLY B 757 3.62 37.36 -32.77
CA GLY B 757 2.76 36.44 -33.50
C GLY B 757 3.57 35.55 -34.42
N ALA B 758 4.59 36.13 -35.07
CA ALA B 758 5.49 35.34 -35.88
C ALA B 758 6.27 34.37 -35.00
N THR B 759 6.45 33.15 -35.50
CA THR B 759 7.24 32.18 -34.76
C THR B 759 8.69 32.67 -34.65
N PRO B 760 9.41 32.29 -33.60
CA PRO B 760 10.77 32.82 -33.42
C PRO B 760 11.68 32.53 -34.60
N LYS B 761 11.52 31.37 -35.25
CA LYS B 761 12.34 31.05 -36.41
C LYS B 761 12.08 32.01 -37.56
N ASP B 762 10.81 32.32 -37.81
CA ASP B 762 10.46 33.24 -38.89
C ASP B 762 10.60 34.70 -38.49
N GLY B 763 10.82 34.98 -37.21
CA GLY B 763 10.89 36.33 -36.73
C GLY B 763 11.95 37.17 -37.44
N PRO B 764 13.18 36.65 -37.51
CA PRO B 764 14.25 37.41 -38.17
C PRO B 764 13.93 37.83 -39.59
N SER B 765 12.87 37.29 -40.18
CA SER B 765 12.47 37.71 -41.52
C SER B 765 11.96 39.14 -41.57
N ALA B 766 11.77 39.78 -40.41
CA ALA B 766 11.31 41.16 -40.35
C ALA B 766 12.45 42.17 -40.35
N GLY B 767 13.70 41.72 -40.49
CA GLY B 767 14.82 42.65 -40.53
C GLY B 767 14.73 43.60 -41.72
N CYS B 768 14.32 43.09 -42.88
CA CYS B 768 14.16 43.94 -44.05
C CYS B 768 13.17 45.06 -43.79
N THR B 769 11.99 44.70 -43.29
CA THR B 769 11.02 45.72 -42.87
C THR B 769 11.70 46.71 -41.94
N ILE B 770 12.20 46.23 -40.80
CA ILE B 770 12.83 47.11 -39.82
C ILE B 770 13.74 48.12 -40.51
N VAL B 771 14.59 47.66 -41.43
CA VAL B 771 15.54 48.56 -42.08
C VAL B 771 14.79 49.62 -42.89
N THR B 772 13.84 49.20 -43.71
CA THR B 772 13.15 50.19 -44.56
C THR B 772 12.33 51.15 -43.73
N ALA B 773 11.73 50.67 -42.64
CA ALA B 773 10.98 51.55 -41.74
C ALA B 773 11.89 52.58 -41.08
N LEU B 774 13.06 52.13 -40.60
CA LEU B 774 13.99 53.08 -40.01
C LEU B 774 14.45 54.11 -41.03
N LEU B 775 14.73 53.67 -42.26
CA LEU B 775 15.11 54.62 -43.29
C LEU B 775 13.98 55.62 -43.52
N SER B 776 12.75 55.12 -43.71
CA SER B 776 11.63 56.01 -43.96
C SER B 776 11.50 57.04 -42.86
N LEU B 777 11.65 56.61 -41.60
CA LEU B 777 11.59 57.55 -40.49
C LEU B 777 12.72 58.57 -40.57
N ALA B 778 13.92 58.12 -40.98
CA ALA B 778 15.06 59.03 -41.08
C ALA B 778 14.80 60.12 -42.13
N MET B 779 14.28 59.73 -43.29
CA MET B 779 14.00 60.68 -44.36
C MET B 779 12.54 61.13 -44.38
N GLY B 780 11.66 60.46 -43.65
CA GLY B 780 10.25 60.77 -43.66
C GLY B 780 9.51 60.28 -44.89
N ARG B 781 10.18 59.63 -45.82
CA ARG B 781 9.53 59.15 -47.04
C ARG B 781 8.70 57.92 -46.73
N PRO B 782 7.38 57.94 -46.91
CA PRO B 782 6.58 56.73 -46.70
C PRO B 782 6.95 55.64 -47.69
N VAL B 783 6.91 54.39 -47.23
CA VAL B 783 7.12 53.27 -48.12
C VAL B 783 5.99 53.20 -49.14
N ARG B 784 6.29 52.61 -50.30
CA ARG B 784 5.28 52.49 -51.34
C ARG B 784 4.09 51.70 -50.82
N GLN B 785 2.89 52.14 -51.20
CA GLN B 785 1.68 51.54 -50.68
C GLN B 785 1.51 50.12 -51.22
N ASN B 786 0.63 49.37 -50.56
CA ASN B 786 0.37 47.97 -50.90
C ASN B 786 1.66 47.23 -51.22
N LEU B 787 2.70 47.47 -50.43
CA LEU B 787 3.99 46.82 -50.57
C LEU B 787 4.29 46.01 -49.32
N ALA B 788 4.63 44.74 -49.50
CA ALA B 788 4.99 43.85 -48.41
C ALA B 788 6.35 43.23 -48.69
N MET B 789 7.07 42.90 -47.62
CA MET B 789 8.39 42.31 -47.75
C MET B 789 8.67 41.42 -46.56
N THR B 790 9.64 40.52 -46.74
CA THR B 790 10.09 39.64 -45.68
C THR B 790 11.47 39.11 -46.05
N GLY B 791 12.43 39.28 -45.17
CA GLY B 791 13.80 38.86 -45.46
C GLY B 791 14.67 39.05 -44.23
N GLU B 792 15.88 38.52 -44.34
CA GLU B 792 16.84 38.53 -43.24
C GLU B 792 18.10 39.27 -43.67
N VAL B 793 18.50 40.25 -42.88
CA VAL B 793 19.70 41.04 -43.15
C VAL B 793 20.87 40.43 -42.40
N SER B 794 22.07 40.61 -42.95
CA SER B 794 23.29 40.02 -42.42
C SER B 794 24.35 41.09 -42.20
N LEU B 795 23.97 42.19 -41.55
CA LEU B 795 24.88 43.26 -41.13
C LEU B 795 25.51 43.99 -42.31
N THR B 796 25.22 43.59 -43.55
CA THR B 796 25.79 44.24 -44.73
C THR B 796 24.78 44.51 -45.82
N GLY B 797 23.58 43.93 -45.75
CA GLY B 797 22.54 44.12 -46.75
C GLY B 797 22.18 42.87 -47.52
N LYS B 798 22.94 41.79 -47.37
CA LYS B 798 22.63 40.54 -48.07
C LYS B 798 21.35 39.95 -47.50
N ILE B 799 20.35 39.76 -48.37
CA ILE B 799 19.05 39.25 -47.94
C ILE B 799 19.05 37.74 -48.10
N LEU B 800 18.62 37.04 -47.06
CA LEU B 800 18.69 35.59 -46.97
C LEU B 800 17.32 34.96 -47.08
N PRO B 801 17.25 33.69 -47.47
CA PRO B 801 15.93 33.02 -47.57
C PRO B 801 15.25 32.89 -46.23
N VAL B 802 13.93 32.81 -46.27
CA VAL B 802 13.08 32.67 -45.09
C VAL B 802 12.03 31.60 -45.38
N GLY B 803 11.31 31.19 -44.34
CA GLY B 803 10.28 30.18 -44.45
C GLY B 803 8.89 30.78 -44.42
N GLY B 804 7.90 29.90 -44.62
CA GLY B 804 6.51 30.32 -44.65
C GLY B 804 6.17 31.21 -45.83
N ILE B 805 6.70 30.89 -47.01
CA ILE B 805 6.48 31.73 -48.18
C ILE B 805 5.02 31.68 -48.62
N LYS B 806 4.41 30.50 -48.59
CA LYS B 806 3.03 30.39 -49.10
C LYS B 806 2.04 31.04 -48.15
N GLU B 807 2.20 30.85 -46.84
CA GLU B 807 1.32 31.52 -45.89
C GLU B 807 1.45 33.03 -46.01
N LYS B 808 2.68 33.54 -46.12
CA LYS B 808 2.87 34.97 -46.29
C LYS B 808 2.26 35.46 -47.59
N THR B 809 2.38 34.67 -48.66
CA THR B 809 1.80 35.07 -49.94
C THR B 809 0.29 35.16 -49.85
N ILE B 810 -0.36 34.17 -49.22
CA ILE B 810 -1.81 34.23 -49.12
C ILE B 810 -2.24 35.37 -48.20
N ALA B 811 -1.45 35.65 -47.15
CA ALA B 811 -1.78 36.80 -46.29
C ALA B 811 -1.67 38.11 -47.05
N ALA B 812 -0.61 38.27 -47.84
CA ALA B 812 -0.44 39.50 -48.62
C ALA B 812 -1.55 39.64 -49.65
N LYS B 813 -1.92 38.54 -50.30
CA LYS B 813 -3.04 38.58 -51.24
C LYS B 813 -4.32 38.96 -50.54
N ARG B 814 -4.57 38.38 -49.37
CA ARG B 814 -5.77 38.69 -48.60
C ARG B 814 -5.77 40.10 -48.05
N ALA B 815 -4.61 40.72 -47.91
CA ALA B 815 -4.48 42.08 -47.40
C ALA B 815 -4.47 43.12 -48.50
N GLY B 816 -4.62 42.72 -49.76
CA GLY B 816 -4.60 43.66 -50.87
C GLY B 816 -3.23 44.04 -51.36
N VAL B 817 -2.18 43.34 -50.92
CA VAL B 817 -0.83 43.65 -51.38
C VAL B 817 -0.73 43.42 -52.88
N THR B 818 -0.11 44.37 -53.58
CA THR B 818 0.12 44.25 -55.01
C THR B 818 1.60 44.11 -55.37
N CYS B 819 2.51 44.64 -54.56
CA CYS B 819 3.93 44.45 -54.73
C CYS B 819 4.48 43.72 -53.50
N ILE B 820 5.28 42.68 -53.75
CA ILE B 820 5.83 41.86 -52.68
C ILE B 820 7.32 41.67 -52.94
N VAL B 821 8.12 41.78 -51.88
CA VAL B 821 9.57 41.64 -51.95
C VAL B 821 9.97 40.37 -51.23
N LEU B 822 10.76 39.55 -51.89
CA LEU B 822 11.23 38.28 -51.33
C LEU B 822 12.69 38.10 -51.69
N PRO B 823 13.43 37.31 -50.92
CA PRO B 823 14.80 36.97 -51.32
C PRO B 823 14.81 36.11 -52.57
N ALA B 824 15.92 36.20 -53.31
CA ALA B 824 16.06 35.38 -54.51
C ALA B 824 16.00 33.89 -54.16
N GLU B 825 16.60 33.51 -53.03
CA GLU B 825 16.63 32.11 -52.65
C GLU B 825 15.24 31.54 -52.39
N ASN B 826 14.27 32.38 -52.03
CA ASN B 826 12.90 31.94 -51.84
C ASN B 826 12.07 31.99 -53.11
N LYS B 827 12.67 32.40 -54.23
CA LYS B 827 11.92 32.56 -55.48
C LYS B 827 11.08 31.31 -55.77
N LYS B 828 11.70 30.15 -55.61
CA LYS B 828 11.04 28.89 -55.95
C LYS B 828 9.78 28.70 -55.11
N ASP B 829 9.85 29.01 -53.81
CA ASP B 829 8.71 28.79 -52.95
C ASP B 829 7.55 29.70 -53.31
N PHE B 830 7.79 30.72 -54.14
CA PHE B 830 6.74 31.53 -54.71
C PHE B 830 6.36 31.09 -56.12
N TYR B 831 7.29 30.46 -56.84
CA TYR B 831 7.00 29.98 -58.18
C TYR B 831 6.41 28.59 -58.21
N ASP B 832 6.65 27.78 -57.18
CA ASP B 832 5.95 26.50 -57.05
C ASP B 832 4.49 26.68 -56.68
N LEU B 833 4.07 27.91 -56.35
CA LEU B 833 2.68 28.18 -56.05
C LEU B 833 1.84 28.15 -57.32
N ALA B 834 0.52 28.11 -57.13
CA ALA B 834 -0.39 28.14 -58.26
C ALA B 834 -0.40 29.53 -58.89
N ALA B 835 -1.09 29.64 -60.03
CA ALA B 835 -1.18 30.91 -60.75
C ALA B 835 -2.24 31.83 -60.17
N PHE B 836 -3.37 31.27 -59.76
CA PHE B 836 -4.46 32.03 -59.15
C PHE B 836 -4.13 32.54 -57.76
N ILE B 837 -2.99 32.15 -57.19
CA ILE B 837 -2.54 32.69 -55.91
C ILE B 837 -1.50 33.80 -56.09
N THR B 838 -1.09 34.10 -57.32
CA THR B 838 -0.06 35.09 -57.61
C THR B 838 -0.52 36.03 -58.72
N GLU B 839 -1.73 36.56 -58.61
CA GLU B 839 -2.24 37.55 -59.55
C GLU B 839 -2.24 38.92 -58.89
N GLY B 840 -1.69 39.91 -59.60
CA GLY B 840 -1.56 41.24 -59.06
C GLY B 840 -0.39 41.43 -58.12
N LEU B 841 0.39 40.38 -57.86
CA LEU B 841 1.56 40.47 -56.99
C LEU B 841 2.77 40.78 -57.85
N GLU B 842 3.14 42.07 -57.92
CA GLU B 842 4.35 42.49 -58.62
C GLU B 842 5.53 42.07 -57.76
N VAL B 843 5.91 40.80 -57.87
CA VAL B 843 6.95 40.25 -57.01
C VAL B 843 8.27 40.95 -57.29
N HIS B 844 9.11 41.02 -56.26
CA HIS B 844 10.42 41.69 -56.34
C HIS B 844 11.43 40.80 -55.64
N PHE B 845 12.23 40.08 -56.42
CA PHE B 845 13.19 39.12 -55.87
C PHE B 845 14.55 39.80 -55.75
N VAL B 846 15.17 39.67 -54.57
CA VAL B 846 16.36 40.42 -54.22
C VAL B 846 17.36 39.51 -53.53
N GLU B 847 18.61 39.97 -53.48
CA GLU B 847 19.65 39.30 -52.72
C GLU B 847 20.35 40.29 -51.80
N HIS B 848 20.39 41.56 -52.20
CA HIS B 848 20.98 42.62 -51.40
C HIS B 848 19.93 43.70 -51.12
N TYR B 849 20.07 44.35 -49.97
CA TYR B 849 19.03 45.29 -49.54
C TYR B 849 18.99 46.55 -50.42
N ARG B 850 20.11 46.92 -51.04
CA ARG B 850 20.12 48.13 -51.85
C ARG B 850 19.01 48.11 -52.90
N GLU B 851 18.80 46.96 -53.55
CA GLU B 851 17.74 46.86 -54.54
C GLU B 851 16.41 47.32 -53.97
N ILE B 852 16.10 46.91 -52.74
CA ILE B 852 14.83 47.27 -52.12
C ILE B 852 14.75 48.78 -51.93
N PHE B 853 15.85 49.42 -51.56
CA PHE B 853 15.84 50.87 -51.41
C PHE B 853 15.43 51.54 -52.71
N ASP B 854 15.67 50.89 -53.85
CA ASP B 854 15.22 51.39 -55.14
C ASP B 854 13.79 50.97 -55.46
N ILE B 855 13.18 50.12 -54.63
CA ILE B 855 11.80 49.71 -54.80
C ILE B 855 10.90 50.39 -53.78
N ALA B 856 11.25 50.29 -52.49
CA ALA B 856 10.45 50.94 -51.45
C ALA B 856 10.51 52.45 -51.56
N PHE B 857 11.66 52.99 -51.99
CA PHE B 857 11.87 54.43 -52.14
C PHE B 857 12.32 54.70 -53.57
N PRO B 858 11.40 54.61 -54.54
CA PRO B 858 11.80 54.80 -55.95
C PRO B 858 12.40 56.16 -56.23
N ASP B 859 11.92 57.20 -55.55
CA ASP B 859 12.40 58.56 -55.78
C ASP B 859 12.98 59.14 -54.50
N HIS C 33 -20.13 -86.49 52.66
CA HIS C 33 -18.81 -87.17 52.53
C HIS C 33 -18.14 -86.78 51.21
N LEU C 34 -17.63 -85.56 51.14
CA LEU C 34 -16.92 -85.06 49.98
C LEU C 34 -15.63 -84.38 50.43
N PRO C 35 -14.60 -84.40 49.58
CA PRO C 35 -13.36 -83.72 49.96
C PRO C 35 -13.57 -82.23 50.13
N LEU C 36 -12.83 -81.64 51.06
CA LEU C 36 -12.96 -80.21 51.31
C LEU C 36 -12.63 -79.43 50.06
N ILE C 37 -13.51 -78.50 49.69
CA ILE C 37 -13.32 -77.70 48.49
C ILE C 37 -12.11 -76.81 48.67
N ALA C 38 -11.23 -76.77 47.67
CA ALA C 38 -10.05 -75.93 47.70
C ALA C 38 -10.50 -74.47 47.58
N ILE C 39 -10.51 -73.75 48.70
CA ILE C 39 -10.98 -72.37 48.69
C ILE C 39 -10.09 -71.51 47.79
N THR C 40 -8.77 -71.65 47.96
CA THR C 40 -7.80 -70.91 47.15
C THR C 40 -8.10 -69.40 47.17
N ARG C 41 -8.36 -68.89 48.37
CA ARG C 41 -8.58 -67.46 48.58
C ARG C 41 -9.80 -66.97 47.80
N ASN C 42 -10.94 -67.61 48.05
CA ASN C 42 -12.23 -67.22 47.46
C ASN C 42 -13.24 -67.15 48.59
N PRO C 43 -13.19 -66.10 49.42
CA PRO C 43 -14.12 -66.01 50.55
C PRO C 43 -15.56 -65.96 50.08
N VAL C 44 -16.44 -66.60 50.86
CA VAL C 44 -17.86 -66.69 50.55
C VAL C 44 -18.60 -66.14 51.77
N PHE C 45 -19.00 -64.87 51.71
CA PHE C 45 -19.73 -64.27 52.80
C PHE C 45 -21.12 -64.89 52.91
N PRO C 46 -21.72 -64.92 54.09
CA PRO C 46 -23.07 -65.47 54.22
C PRO C 46 -24.06 -64.70 53.34
N ARG C 47 -24.93 -65.45 52.67
CA ARG C 47 -25.97 -64.87 51.82
C ARG C 47 -25.36 -63.89 50.81
N PHE C 48 -24.23 -64.27 50.22
CA PHE C 48 -23.55 -63.45 49.23
C PHE C 48 -23.19 -64.32 48.05
N ILE C 49 -23.53 -63.86 46.84
CA ILE C 49 -23.21 -64.60 45.63
C ILE C 49 -21.73 -64.44 45.34
N LYS C 50 -21.03 -65.56 45.13
CA LYS C 50 -19.60 -65.54 44.87
C LYS C 50 -19.27 -66.59 43.82
N ILE C 51 -18.12 -66.40 43.18
CA ILE C 51 -17.64 -67.28 42.12
C ILE C 51 -16.32 -67.88 42.56
N ILE C 52 -16.21 -69.21 42.47
CA ILE C 52 -15.00 -69.95 42.81
C ILE C 52 -14.33 -70.37 41.51
N GLU C 53 -13.04 -70.05 41.39
CA GLU C 53 -12.22 -70.44 40.24
C GLU C 53 -10.89 -70.97 40.77
N VAL C 54 -10.71 -72.28 40.68
CA VAL C 54 -9.48 -72.94 41.11
C VAL C 54 -8.82 -73.55 39.89
N LYS C 55 -7.53 -73.25 39.69
CA LYS C 55 -6.83 -73.73 38.52
C LYS C 55 -6.79 -75.25 38.45
N ASN C 56 -6.74 -75.91 39.60
CA ASN C 56 -6.67 -77.37 39.63
C ASN C 56 -7.88 -77.98 38.91
N LYS C 57 -7.61 -78.92 38.02
CA LYS C 57 -8.66 -79.64 37.31
C LYS C 57 -9.24 -80.78 38.14
N LYS C 58 -8.63 -81.12 39.27
CA LYS C 58 -9.13 -82.22 40.09
C LYS C 58 -10.56 -81.96 40.54
N LEU C 59 -10.88 -80.70 40.86
CA LEU C 59 -12.25 -80.36 41.24
C LEU C 59 -13.23 -80.56 40.09
N VAL C 60 -12.75 -80.50 38.84
CA VAL C 60 -13.64 -80.70 37.71
C VAL C 60 -14.22 -82.12 37.74
N GLU C 61 -13.39 -83.11 38.04
CA GLU C 61 -13.88 -84.48 38.12
C GLU C 61 -14.93 -84.63 39.22
N LEU C 62 -14.69 -84.02 40.38
CA LEU C 62 -15.68 -84.09 41.45
C LEU C 62 -16.99 -83.42 41.03
N LEU C 63 -16.90 -82.27 40.37
CA LEU C 63 -18.12 -81.58 39.95
C LEU C 63 -18.88 -82.40 38.91
N ARG C 64 -18.17 -83.05 38.00
CA ARG C 64 -18.83 -83.92 37.03
C ARG C 64 -19.48 -85.12 37.73
N ARG C 65 -18.81 -85.67 38.74
CA ARG C 65 -19.34 -86.83 39.45
C ARG C 65 -20.66 -86.52 40.14
N LYS C 66 -20.83 -85.28 40.63
CA LYS C 66 -22.06 -84.90 41.31
C LYS C 66 -23.18 -84.53 40.34
N VAL C 67 -22.90 -84.46 39.03
CA VAL C 67 -23.96 -84.20 38.06
C VAL C 67 -24.97 -85.33 38.08
N ARG C 68 -24.49 -86.58 38.09
CA ARG C 68 -25.38 -87.72 38.13
C ARG C 68 -26.08 -87.84 39.48
N LEU C 69 -25.53 -87.26 40.55
CA LEU C 69 -26.16 -87.33 41.86
C LEU C 69 -27.51 -86.62 41.83
N ALA C 70 -28.48 -87.18 42.55
CA ALA C 70 -29.81 -86.58 42.61
C ALA C 70 -29.81 -85.26 43.34
N GLN C 71 -28.86 -85.06 44.26
CA GLN C 71 -28.80 -83.83 45.06
C GLN C 71 -27.57 -83.03 44.66
N PRO C 72 -27.69 -82.06 43.75
CA PRO C 72 -26.54 -81.22 43.39
C PRO C 72 -26.33 -80.12 44.41
N TYR C 73 -25.27 -80.24 45.20
CA TYR C 73 -24.94 -79.25 46.21
C TYR C 73 -23.44 -79.16 46.34
N VAL C 74 -22.97 -78.02 46.86
CA VAL C 74 -21.57 -77.80 47.14
C VAL C 74 -21.44 -77.26 48.55
N GLY C 75 -20.49 -77.82 49.31
CA GLY C 75 -20.14 -77.25 50.59
C GLY C 75 -19.06 -76.19 50.43
N VAL C 76 -19.17 -75.14 51.23
CA VAL C 76 -18.24 -74.03 51.21
C VAL C 76 -17.62 -73.95 52.60
N PHE C 77 -16.32 -73.76 52.67
CA PHE C 77 -15.63 -73.68 53.94
C PHE C 77 -14.64 -72.53 53.91
N LEU C 78 -14.12 -72.18 55.08
CA LEU C 78 -13.17 -71.09 55.24
C LEU C 78 -11.87 -71.65 55.78
N LYS C 79 -10.78 -71.36 55.08
CA LYS C 79 -9.46 -71.83 55.49
C LYS C 79 -8.95 -71.02 56.68
N ARG C 80 -7.99 -71.60 57.39
CA ARG C 80 -7.37 -70.95 58.53
C ARG C 80 -6.22 -70.07 58.06
N ASP C 81 -5.44 -69.56 58.99
CA ASP C 81 -4.31 -68.72 58.64
C ASP C 81 -3.21 -69.54 57.98
N ASP C 82 -2.32 -68.84 57.26
CA ASP C 82 -1.21 -69.46 56.56
C ASP C 82 -1.72 -70.48 55.54
N SER C 83 -2.46 -69.97 54.56
CA SER C 83 -3.01 -70.83 53.52
C SER C 83 -1.90 -71.54 52.76
N ASN C 84 -2.09 -72.83 52.52
CA ASN C 84 -1.10 -73.65 51.81
C ASN C 84 -1.83 -74.75 51.06
N GLU C 85 -1.74 -74.73 49.73
CA GLU C 85 -2.44 -75.75 48.93
C GLU C 85 -1.95 -77.14 49.28
N SER C 86 -0.64 -77.31 49.42
CA SER C 86 -0.10 -78.62 49.79
C SER C 86 -0.65 -79.07 51.12
N ASP C 87 -0.74 -78.16 52.10
CA ASP C 87 -1.34 -78.50 53.39
C ASP C 87 -2.80 -78.89 53.23
N VAL C 88 -3.53 -78.17 52.38
CA VAL C 88 -4.95 -78.47 52.18
C VAL C 88 -5.11 -79.90 51.64
N VAL C 89 -4.30 -80.27 50.65
CA VAL C 89 -4.38 -81.62 50.10
C VAL C 89 -3.73 -82.65 51.00
N GLU C 90 -2.97 -82.23 52.01
CA GLU C 90 -2.28 -83.12 52.93
C GLU C 90 -3.02 -83.27 54.26
N SER C 91 -3.33 -82.15 54.91
CA SER C 91 -4.02 -82.15 56.21
C SER C 91 -5.34 -81.41 56.05
N LEU C 92 -6.41 -82.01 56.57
CA LEU C 92 -7.73 -81.41 56.53
C LEU C 92 -7.98 -80.44 57.68
N ASP C 93 -7.03 -80.31 58.60
CA ASP C 93 -7.21 -79.40 59.74
C ASP C 93 -7.08 -77.94 59.34
N GLU C 94 -6.55 -77.65 58.16
CA GLU C 94 -6.41 -76.26 57.73
C GLU C 94 -7.75 -75.57 57.61
N ILE C 95 -8.75 -76.27 57.08
CA ILE C 95 -10.06 -75.70 56.87
C ILE C 95 -10.81 -75.58 58.19
N HIS C 97 -13.86 -75.51 60.92
CA HIS C 97 -14.98 -76.42 61.11
C HIS C 97 -16.27 -75.79 60.60
N THR C 98 -16.36 -74.45 60.70
CA THR C 98 -17.52 -73.74 60.20
C THR C 98 -17.58 -73.84 58.68
N GLY C 99 -18.79 -74.04 58.17
CA GLY C 99 -19.02 -74.19 56.74
C GLY C 99 -20.42 -73.76 56.38
N THR C 100 -20.73 -73.88 55.10
CA THR C 100 -22.02 -73.41 54.58
C THR C 100 -22.33 -74.24 53.32
N PHE C 101 -23.35 -75.08 53.40
CA PHE C 101 -23.78 -75.84 52.25
C PHE C 101 -24.74 -75.02 51.41
N ALA C 102 -24.65 -75.15 50.09
CA ALA C 102 -25.49 -74.38 49.19
C ALA C 102 -25.76 -75.19 47.93
N GLN C 103 -26.84 -74.83 47.25
CA GLN C 103 -27.23 -75.51 46.02
C GLN C 103 -26.46 -74.95 44.83
N ILE C 104 -26.18 -75.82 43.86
CA ILE C 104 -25.42 -75.41 42.68
C ILE C 104 -26.38 -74.83 41.65
N HIS C 105 -26.08 -73.62 41.17
CA HIS C 105 -26.95 -72.93 40.23
C HIS C 105 -26.73 -73.41 38.80
N GLU C 106 -25.51 -73.25 38.28
CA GLU C 106 -25.22 -73.67 36.92
C GLU C 106 -23.72 -73.56 36.68
N MET C 107 -23.22 -74.42 35.81
CA MET C 107 -21.81 -74.39 35.40
C MET C 107 -21.69 -73.52 34.16
N GLN C 108 -20.82 -72.51 34.23
CA GLN C 108 -20.60 -71.61 33.10
C GLN C 108 -19.30 -71.91 32.37
N ASP C 109 -18.18 -71.89 33.09
CA ASP C 109 -16.86 -72.19 32.51
C ASP C 109 -16.63 -71.38 31.23
N LEU C 110 -16.93 -70.08 31.31
CA LEU C 110 -16.78 -69.22 30.14
C LEU C 110 -15.33 -69.15 29.71
N GLY C 111 -14.45 -68.70 30.59
CA GLY C 111 -13.04 -68.60 30.27
C GLY C 111 -12.22 -69.78 30.79
N ASP C 112 -12.44 -70.14 32.04
CA ASP C 112 -11.74 -71.25 32.67
C ASP C 112 -12.66 -72.47 32.74
N LYS C 113 -12.07 -73.60 33.13
CA LYS C 113 -12.82 -74.84 33.28
C LYS C 113 -13.49 -74.97 34.64
N LEU C 114 -13.34 -73.98 35.52
CA LEU C 114 -13.95 -74.01 36.85
C LEU C 114 -14.36 -72.59 37.21
N ARG C 115 -15.64 -72.28 37.04
CA ARG C 115 -16.21 -70.98 37.39
C ARG C 115 -17.46 -71.18 38.22
N MET C 116 -17.34 -72.01 39.25
CA MET C 116 -18.49 -72.43 40.03
C MET C 116 -19.12 -71.24 40.77
N ILE C 117 -20.40 -71.39 41.11
CA ILE C 117 -21.16 -70.38 41.84
C ILE C 117 -21.46 -70.91 43.22
N VAL C 118 -21.08 -70.16 44.25
CA VAL C 118 -21.31 -70.53 45.64
C VAL C 118 -21.96 -69.35 46.36
N MET C 119 -23.01 -69.64 47.12
CA MET C 119 -23.69 -68.66 47.95
C MET C 119 -23.79 -69.20 49.37
N GLY C 120 -23.93 -68.30 50.33
CA GLY C 120 -24.08 -68.71 51.71
C GLY C 120 -25.53 -69.00 52.05
N HIS C 121 -25.92 -70.28 52.01
CA HIS C 121 -27.30 -70.68 52.19
C HIS C 121 -27.56 -71.34 53.54
N ARG C 122 -26.84 -72.42 53.86
CA ARG C 122 -27.10 -73.17 55.09
C ARG C 122 -25.79 -73.28 55.88
N ARG C 123 -25.62 -72.40 56.86
CA ARG C 123 -24.41 -72.44 57.67
C ARG C 123 -24.47 -73.58 58.67
N VAL C 124 -23.29 -74.01 59.11
CA VAL C 124 -23.16 -75.14 60.02
C VAL C 124 -21.76 -75.07 60.64
N HIS C 125 -21.58 -75.73 61.78
CA HIS C 125 -20.27 -75.86 62.41
C HIS C 125 -20.08 -77.34 62.77
N ILE C 126 -19.30 -78.04 61.95
CA ILE C 126 -19.07 -79.46 62.20
C ILE C 126 -18.35 -79.62 63.52
N SER C 127 -18.87 -80.52 64.37
CA SER C 127 -18.25 -80.74 65.67
C SER C 127 -16.82 -81.23 65.52
N ARG C 128 -16.58 -82.14 64.59
CA ARG C 128 -15.23 -82.65 64.31
C ARG C 128 -15.13 -82.91 62.81
N GLN C 129 -14.61 -81.93 62.07
CA GLN C 129 -14.47 -82.08 60.63
C GLN C 129 -13.53 -83.22 60.27
N LEU C 130 -12.60 -83.56 61.18
CA LEU C 130 -11.70 -84.68 60.92
C LEU C 130 -12.47 -85.98 60.76
N GLU C 131 -13.46 -86.21 61.62
CA GLU C 131 -14.25 -87.44 61.58
C GLU C 131 -15.36 -87.34 60.55
N MET C 182 -19.51 -86.94 57.00
CA MET C 182 -19.29 -86.39 58.34
C MET C 182 -20.61 -85.97 58.98
N VAL C 183 -20.74 -86.23 60.28
CA VAL C 183 -21.96 -85.86 60.99
C VAL C 183 -22.06 -84.35 61.05
N GLU C 184 -23.24 -83.83 60.71
CA GLU C 184 -23.49 -82.40 60.77
C GLU C 184 -24.91 -82.16 61.23
N VAL C 185 -25.12 -81.05 61.92
CA VAL C 185 -26.43 -80.66 62.44
C VAL C 185 -26.67 -79.20 62.08
N GLU C 186 -27.87 -78.90 61.60
CA GLU C 186 -28.22 -77.52 61.26
C GLU C 186 -28.45 -76.72 62.53
N ASN C 187 -27.37 -76.52 63.32
CA ASN C 187 -27.46 -75.80 64.59
C ASN C 187 -27.37 -74.31 64.32
N VAL C 188 -28.42 -73.79 63.67
CA VAL C 188 -28.52 -72.37 63.35
C VAL C 188 -29.21 -71.71 64.55
N VAL C 189 -28.40 -71.33 65.54
CA VAL C 189 -28.94 -70.70 66.75
C VAL C 189 -29.45 -69.32 66.37
N HIS C 190 -30.72 -69.06 66.65
CA HIS C 190 -31.38 -67.80 66.29
C HIS C 190 -32.19 -67.28 67.48
N GLU C 191 -31.61 -67.31 68.67
CA GLU C 191 -32.31 -66.86 69.86
C GLU C 191 -32.53 -65.36 69.82
N ASP C 192 -33.73 -64.94 70.21
CA ASP C 192 -34.09 -63.53 70.23
C ASP C 192 -34.97 -63.25 71.45
N PHE C 193 -34.97 -62.00 71.89
CA PHE C 193 -35.78 -61.60 73.03
C PHE C 193 -37.25 -61.55 72.65
N GLN C 194 -38.11 -61.76 73.66
CA GLN C 194 -39.54 -61.68 73.42
C GLN C 194 -39.98 -60.27 73.08
N VAL C 195 -39.33 -59.26 73.66
CA VAL C 195 -39.69 -57.85 73.43
C VAL C 195 -38.92 -57.42 72.18
N THR C 196 -39.50 -57.66 71.02
CA THR C 196 -38.92 -57.24 69.75
C THR C 196 -39.38 -55.83 69.37
N GLU C 197 -39.21 -54.90 70.30
CA GLU C 197 -39.63 -53.52 70.12
C GLU C 197 -38.45 -52.56 70.06
N GLU C 198 -37.59 -52.57 71.08
CA GLU C 198 -36.42 -51.71 71.11
C GLU C 198 -35.22 -52.31 70.39
N VAL C 199 -35.24 -53.61 70.12
CA VAL C 199 -34.10 -54.25 69.45
C VAL C 199 -33.96 -53.73 68.02
N LYS C 200 -35.08 -53.64 67.29
CA LYS C 200 -35.02 -53.25 65.89
C LYS C 200 -34.39 -51.89 65.69
N ALA C 201 -34.38 -51.04 66.73
CA ALA C 201 -33.70 -49.76 66.63
C ALA C 201 -32.27 -49.93 66.12
N LEU C 202 -31.55 -50.92 66.65
CA LEU C 202 -30.18 -51.15 66.21
C LEU C 202 -30.12 -51.30 64.70
N THR C 203 -31.07 -52.03 64.12
CA THR C 203 -31.08 -52.21 62.67
C THR C 203 -31.00 -50.86 61.98
N ALA C 204 -31.82 -49.90 62.39
CA ALA C 204 -31.77 -48.58 61.79
C ALA C 204 -30.34 -48.04 61.81
N GLU C 205 -29.72 -48.04 62.99
CA GLU C 205 -28.33 -47.59 63.09
C GLU C 205 -27.48 -48.32 62.07
N ILE C 206 -27.57 -49.66 62.05
CA ILE C 206 -26.78 -50.43 61.08
C ILE C 206 -27.00 -49.88 59.69
N VAL C 207 -28.27 -49.74 59.30
CA VAL C 207 -28.56 -49.25 57.95
C VAL C 207 -27.87 -47.91 57.74
N LYS C 208 -28.06 -46.98 58.68
CA LYS C 208 -27.42 -45.67 58.54
C LYS C 208 -25.93 -45.85 58.36
N THR C 209 -25.30 -46.65 59.23
CA THR C 209 -23.87 -46.88 59.10
C THR C 209 -23.54 -47.33 57.68
N ILE C 210 -24.23 -48.38 57.21
CA ILE C 210 -23.96 -48.89 55.88
C ILE C 210 -24.11 -47.76 54.86
N ARG C 211 -25.21 -47.01 54.96
CA ARG C 211 -25.42 -45.92 54.03
C ARG C 211 -24.22 -44.99 54.04
N ASP C 212 -23.84 -44.53 55.24
CA ASP C 212 -22.70 -43.63 55.35
C ASP C 212 -21.50 -44.23 54.64
N ILE C 213 -21.23 -45.51 54.91
CA ILE C 213 -20.08 -46.15 54.29
C ILE C 213 -20.15 -46.01 52.77
N ILE C 214 -21.27 -46.44 52.18
CA ILE C 214 -21.34 -46.43 50.73
C ILE C 214 -21.36 -45.01 50.20
N ALA C 215 -21.72 -44.04 51.04
CA ALA C 215 -21.66 -42.64 50.61
C ALA C 215 -20.22 -42.15 50.55
N LEU C 216 -19.39 -42.60 51.50
CA LEU C 216 -18.00 -42.15 51.56
C LEU C 216 -17.05 -43.09 50.84
N ASN C 217 -17.35 -44.39 50.83
CA ASN C 217 -16.55 -45.40 50.15
C ASN C 217 -17.47 -46.32 49.36
N PRO C 218 -18.03 -45.84 48.26
CA PRO C 218 -18.90 -46.71 47.44
C PRO C 218 -18.16 -47.97 47.00
N LEU C 219 -18.81 -49.11 47.18
CA LEU C 219 -18.25 -50.40 46.82
C LEU C 219 -19.06 -51.13 45.76
N TYR C 220 -20.37 -51.22 45.95
CA TYR C 220 -21.26 -51.95 45.06
C TYR C 220 -22.46 -51.08 44.72
N ARG C 221 -23.33 -51.59 43.87
CA ARG C 221 -24.52 -50.85 43.48
C ARG C 221 -25.41 -50.63 44.69
N GLU C 222 -26.04 -49.45 44.74
CA GLU C 222 -27.00 -49.14 45.80
C GLU C 222 -28.36 -49.78 45.54
N SER C 223 -28.60 -50.30 44.35
CA SER C 223 -29.89 -50.91 44.05
C SER C 223 -30.22 -52.05 45.01
N VAL C 224 -29.23 -52.84 45.41
CA VAL C 224 -29.48 -53.92 46.35
C VAL C 224 -30.06 -53.36 47.64
N LEU C 225 -29.50 -52.26 48.13
CA LEU C 225 -30.04 -51.63 49.33
C LEU C 225 -31.47 -51.15 49.11
N GLN C 226 -31.75 -50.58 47.93
CA GLN C 226 -33.08 -50.06 47.67
C GLN C 226 -34.12 -51.18 47.65
N MET C 227 -33.80 -52.30 47.02
CA MET C 227 -34.77 -53.40 46.93
C MET C 227 -35.13 -53.93 48.32
N MET C 228 -34.12 -54.10 49.18
CA MET C 228 -34.35 -54.59 50.54
C MET C 228 -34.44 -53.39 51.47
N GLN C 229 -35.63 -53.11 51.98
CA GLN C 229 -35.88 -51.96 52.85
C GLN C 229 -36.60 -52.43 54.11
N ALA C 230 -36.24 -51.83 55.24
CA ALA C 230 -36.86 -52.20 56.51
C ALA C 230 -38.36 -51.90 56.50
N GLY C 231 -38.75 -50.76 55.94
CA GLY C 231 -40.16 -50.38 55.94
C GLY C 231 -41.03 -51.37 55.20
N GLN C 232 -40.49 -52.04 54.19
CA GLN C 232 -41.27 -53.01 53.43
C GLN C 232 -41.69 -54.21 54.29
N ARG C 233 -41.06 -54.42 55.43
CA ARG C 233 -41.37 -55.54 56.31
C ARG C 233 -41.22 -56.87 55.58
N VAL C 234 -40.23 -56.96 54.69
CA VAL C 234 -39.97 -58.18 53.94
C VAL C 234 -38.74 -58.91 54.48
N VAL C 235 -38.18 -58.46 55.60
CA VAL C 235 -36.97 -59.05 56.16
C VAL C 235 -37.43 -60.16 57.10
N ASP C 236 -37.62 -61.35 56.54
CA ASP C 236 -38.00 -62.51 57.34
C ASP C 236 -36.85 -63.03 58.19
N ASN C 237 -35.61 -62.77 57.79
CA ASN C 237 -34.42 -63.21 58.52
C ASN C 237 -33.48 -62.03 58.70
N PRO C 238 -33.73 -61.19 59.70
CA PRO C 238 -32.85 -60.01 59.89
C PRO C 238 -31.40 -60.38 60.13
N ILE C 239 -31.12 -61.55 60.69
CA ILE C 239 -29.73 -61.97 60.89
C ILE C 239 -29.03 -62.12 59.55
N TYR C 240 -29.74 -62.64 58.54
CA TYR C 240 -29.17 -62.71 57.20
C TYR C 240 -28.91 -61.31 56.66
N LEU C 241 -29.80 -60.36 56.94
CA LEU C 241 -29.57 -58.98 56.51
C LEU C 241 -28.30 -58.42 57.15
N SER C 242 -28.12 -58.66 58.44
CA SER C 242 -26.92 -58.17 59.12
C SER C 242 -25.66 -58.84 58.57
N ASP C 243 -25.73 -60.14 58.28
CA ASP C 243 -24.59 -60.83 57.70
C ASP C 243 -24.25 -60.26 56.33
N MET C 244 -25.27 -59.96 55.51
CA MET C 244 -25.03 -59.33 54.21
C MET C 244 -24.38 -57.98 54.40
N GLY C 245 -24.89 -57.18 55.34
CA GLY C 245 -24.32 -55.86 55.56
C GLY C 245 -22.86 -55.92 55.99
N ALA C 246 -22.54 -56.85 56.89
CA ALA C 246 -21.15 -57.04 57.30
C ALA C 246 -20.30 -57.66 56.21
N ALA C 247 -20.93 -58.32 55.22
CA ALA C 247 -20.15 -58.91 54.13
C ALA C 247 -19.45 -57.84 53.31
N LEU C 248 -20.10 -56.70 53.11
CA LEU C 248 -19.49 -55.62 52.33
C LEU C 248 -18.22 -55.07 52.99
N THR C 249 -18.01 -55.36 54.26
CA THR C 249 -16.87 -54.82 54.99
C THR C 249 -15.57 -55.38 54.44
N GLY C 250 -14.48 -54.62 54.64
CA GLY C 250 -13.18 -55.05 54.19
C GLY C 250 -12.38 -55.77 55.26
N ALA C 251 -13.06 -56.18 56.33
CA ALA C 251 -12.39 -56.89 57.41
C ALA C 251 -11.83 -58.22 56.91
N GLU C 252 -10.69 -58.60 57.46
CA GLU C 252 -10.02 -59.83 57.05
C GLU C 252 -10.86 -61.05 57.42
N SER C 253 -10.62 -62.15 56.70
CA SER C 253 -11.37 -63.38 56.94
C SER C 253 -11.25 -63.84 58.39
N HIS C 254 -10.12 -63.53 59.04
CA HIS C 254 -9.98 -63.87 60.45
C HIS C 254 -11.02 -63.14 61.29
N GLU C 255 -11.27 -61.87 60.98
CA GLU C 255 -12.30 -61.13 61.70
C GLU C 255 -13.67 -61.75 61.48
N LEU C 256 -13.96 -62.18 60.24
CA LEU C 256 -15.25 -62.82 59.97
C LEU C 256 -15.38 -64.12 60.75
N GLN C 257 -14.30 -64.91 60.83
CA GLN C 257 -14.34 -66.14 61.62
C GLN C 257 -14.55 -65.83 63.09
N ASP C 258 -13.89 -64.78 63.60
CA ASP C 258 -14.09 -64.40 64.99
C ASP C 258 -15.53 -64.01 65.26
N VAL C 259 -16.13 -63.27 64.33
CA VAL C 259 -17.55 -62.92 64.47
C VAL C 259 -18.41 -64.17 64.47
N LEU C 260 -18.14 -65.10 63.56
CA LEU C 260 -18.91 -66.34 63.50
C LEU C 260 -18.74 -67.17 64.76
N GLU C 261 -17.59 -67.04 65.44
CA GLU C 261 -17.37 -67.79 66.68
C GLU C 261 -18.37 -67.39 67.75
N GLU C 262 -18.65 -66.09 67.86
CA GLU C 262 -19.58 -65.63 68.88
C GLU C 262 -20.96 -66.26 68.68
N THR C 263 -21.57 -66.68 69.78
CA THR C 263 -22.86 -67.36 69.77
C THR C 263 -24.02 -66.43 70.08
N ASN C 264 -23.95 -65.71 71.20
CA ASN C 264 -25.04 -64.81 71.57
C ASN C 264 -25.25 -63.75 70.49
N ILE C 265 -26.50 -63.53 70.12
CA ILE C 265 -26.80 -62.55 69.08
C ILE C 265 -26.30 -61.16 69.45
N PRO C 266 -26.54 -60.65 70.66
CA PRO C 266 -25.99 -59.32 71.00
C PRO C 266 -24.48 -59.27 70.93
N LYS C 267 -23.79 -60.33 71.33
CA LYS C 267 -22.33 -60.33 71.30
C LYS C 267 -21.81 -60.23 69.87
N ARG C 268 -22.36 -61.05 68.97
CA ARG C 268 -21.92 -61.00 67.58
C ARG C 268 -22.30 -59.66 66.94
N LEU C 269 -23.47 -59.12 67.28
CA LEU C 269 -23.85 -57.81 66.74
C LEU C 269 -22.89 -56.72 67.21
N TYR C 270 -22.52 -56.75 68.49
CA TYR C 270 -21.57 -55.76 69.00
C TYR C 270 -20.19 -55.92 68.35
N LYS C 271 -19.76 -57.17 68.16
CA LYS C 271 -18.48 -57.40 67.48
C LYS C 271 -18.52 -56.88 66.05
N ALA C 272 -19.63 -57.13 65.35
CA ALA C 272 -19.78 -56.62 63.99
C ALA C 272 -19.76 -55.09 63.97
N LEU C 273 -20.43 -54.46 64.94
CA LEU C 273 -20.41 -53.00 65.01
C LEU C 273 -19.00 -52.49 65.27
N SER C 274 -18.26 -53.16 66.15
CA SER C 274 -16.88 -52.76 66.42
C SER C 274 -16.02 -52.90 65.17
N LEU C 275 -16.20 -53.99 64.42
CA LEU C 275 -15.45 -54.17 63.19
C LEU C 275 -15.82 -53.09 62.16
N LEU C 276 -17.11 -52.75 62.07
CA LEU C 276 -17.52 -51.65 61.21
C LEU C 276 -16.85 -50.35 61.61
N LYS C 277 -16.81 -50.07 62.91
CA LYS C 277 -16.19 -48.84 63.38
C LYS C 277 -14.70 -48.82 63.07
N LYS C 278 -14.01 -49.94 63.27
CA LYS C 278 -12.58 -49.99 62.98
C LYS C 278 -12.31 -49.81 61.48
N GLU C 279 -13.11 -50.49 60.64
CA GLU C 279 -12.94 -50.33 59.20
C GLU C 279 -13.22 -48.90 58.76
N PHE C 280 -14.26 -48.28 59.33
CA PHE C 280 -14.55 -46.89 59.00
C PHE C 280 -13.42 -45.98 59.45
N GLU C 281 -12.86 -46.21 60.63
CA GLU C 281 -11.75 -45.39 61.10
C GLU C 281 -10.54 -45.53 60.18
N LEU C 282 -10.22 -46.75 59.77
CA LEU C 282 -9.09 -46.96 58.88
C LEU C 282 -9.34 -46.30 57.52
N SER C 283 -10.55 -46.46 56.98
CA SER C 283 -10.87 -45.85 55.70
C SER C 283 -10.82 -44.34 55.77
N LYS C 284 -11.33 -43.76 56.87
CA LYS C 284 -11.29 -42.31 57.03
C LYS C 284 -9.86 -41.82 57.18
N LEU C 285 -9.02 -42.55 57.93
CA LEU C 285 -7.62 -42.19 58.03
C LEU C 285 -6.96 -42.20 56.66
N GLN C 286 -7.19 -43.27 55.89
CA GLN C 286 -6.58 -43.35 54.56
C GLN C 286 -7.09 -42.24 53.66
N GLN C 287 -8.39 -41.92 53.73
CA GLN C 287 -8.95 -40.89 52.86
C GLN C 287 -8.40 -39.51 53.23
N ARG C 288 -8.34 -39.20 54.52
CA ARG C 288 -7.77 -37.93 54.96
C ARG C 288 -6.30 -37.81 54.58
N LEU C 289 -5.55 -38.90 54.77
CA LEU C 289 -4.12 -38.90 54.42
C LEU C 289 -3.93 -38.71 52.92
N GLY C 290 -4.72 -39.42 52.12
CA GLY C 290 -4.68 -39.20 50.69
C GLY C 290 -5.02 -37.76 50.32
N ARG C 291 -6.05 -37.21 50.97
CA ARG C 291 -6.44 -35.83 50.68
C ARG C 291 -5.32 -34.86 51.03
N GLU C 292 -4.63 -35.10 52.14
CA GLU C 292 -3.49 -34.24 52.51
C GLU C 292 -2.40 -34.32 51.46
N VAL C 293 -2.04 -35.54 51.05
CA VAL C 293 -1.03 -35.70 50.00
C VAL C 293 -1.48 -35.02 48.71
N GLU C 294 -2.78 -35.11 48.42
CA GLU C 294 -3.33 -34.58 47.19
C GLU C 294 -3.27 -33.05 47.18
N GLU C 295 -3.61 -32.43 48.30
CA GLU C 295 -3.44 -30.99 48.43
C GLU C 295 -1.96 -30.62 48.30
N LYS C 296 -1.09 -31.40 48.94
CA LYS C 296 0.35 -31.15 48.83
C LYS C 296 0.78 -31.11 47.36
N ILE C 297 0.21 -31.98 46.53
CA ILE C 297 0.38 -31.83 45.09
C ILE C 297 -0.17 -30.48 44.66
N LYS C 298 -1.42 -30.20 45.06
CA LYS C 298 -2.07 -28.95 44.66
C LYS C 298 -1.32 -27.73 45.16
N GLN C 299 -0.47 -27.90 46.19
CA GLN C 299 0.37 -26.80 46.62
C GLN C 299 1.29 -26.32 45.51
N THR C 300 1.57 -27.18 44.52
CA THR C 300 2.26 -26.73 43.33
C THR C 300 1.47 -25.60 42.68
N HIS C 301 2.15 -24.51 42.37
CA HIS C 301 1.46 -23.32 41.88
C HIS C 301 0.77 -23.61 40.56
N ARG C 302 -0.47 -23.13 40.42
CA ARG C 302 -1.32 -23.48 39.29
C ARG C 302 -0.61 -23.27 37.95
N LYS C 303 0.51 -22.56 37.95
CA LYS C 303 1.32 -22.43 36.74
C LYS C 303 1.65 -23.79 36.13
N TYR C 304 1.58 -24.86 36.91
CA TYR C 304 1.79 -26.19 36.32
C TYR C 304 0.61 -26.58 35.44
N LEU C 305 -0.62 -26.30 35.89
CA LEU C 305 -1.78 -26.52 35.05
C LEU C 305 -1.75 -25.63 33.82
N LEU C 306 -1.34 -24.37 33.98
CA LEU C 306 -1.27 -23.47 32.84
C LEU C 306 -0.21 -23.94 31.84
N GLN C 307 0.93 -24.43 32.34
CA GLN C 307 1.94 -25.02 31.45
C GLN C 307 1.39 -26.23 30.73
N GLU C 308 0.64 -27.09 31.44
CA GLU C 308 0.05 -28.25 30.80
C GLU C 308 -0.90 -27.84 29.70
N GLN C 309 -1.73 -26.82 29.95
CA GLN C 309 -2.63 -26.33 28.91
C GLN C 309 -1.86 -25.76 27.74
N LEU C 310 -0.78 -25.01 28.00
CA LEU C 310 0.02 -24.43 26.92
C LEU C 310 0.64 -25.52 26.07
N LYS C 311 1.11 -26.60 26.69
CA LYS C 311 1.62 -27.72 25.92
C LYS C 311 0.51 -28.44 25.17
N ILE C 312 -0.69 -28.50 25.76
CA ILE C 312 -1.85 -29.08 25.08
C ILE C 312 -2.23 -28.24 23.87
N ILE C 313 -1.88 -26.95 23.87
CA ILE C 313 -2.16 -26.11 22.72
C ILE C 313 -1.43 -26.64 21.49
N LYS C 314 -0.16 -27.04 21.66
CA LYS C 314 0.67 -27.53 20.56
C LYS C 314 0.47 -29.04 20.45
N LYS C 315 -0.61 -29.44 19.76
CA LYS C 315 -0.87 -30.84 19.48
C LYS C 315 -0.79 -31.16 18.01
N GLU C 316 -1.64 -30.55 17.18
CA GLU C 316 -1.56 -30.70 15.73
C GLU C 316 -2.27 -29.56 15.03
N LEU C 317 -1.52 -28.56 14.56
CA LEU C 317 -2.11 -27.42 13.87
C LEU C 317 -1.07 -26.87 12.89
N GLY C 318 -1.41 -26.89 11.60
CA GLY C 318 -0.43 -26.52 10.59
C GLY C 318 -0.02 -25.06 10.63
N LEU C 319 -0.99 -24.16 10.76
CA LEU C 319 -0.70 -22.74 10.59
C LEU C 319 0.24 -22.22 11.68
N GLU C 320 0.00 -22.60 12.94
CA GLU C 320 0.82 -22.09 14.03
C GLU C 320 2.26 -22.59 13.94
N LYS C 321 2.45 -23.80 13.43
CA LYS C 321 3.79 -24.39 13.41
C LYS C 321 4.73 -23.62 12.47
N ASP C 322 4.20 -23.11 11.35
CA ASP C 322 5.03 -22.38 10.40
C ASP C 322 5.31 -20.96 10.91
N ASP C 323 6.34 -20.35 10.34
CA ASP C 323 6.77 -18.99 10.66
C ASP C 323 7.27 -18.86 12.09
N LYS C 324 7.75 -19.94 12.70
CA LYS C 324 8.18 -19.94 14.09
C LYS C 324 9.64 -20.34 14.17
N ASP C 325 10.42 -19.55 14.90
CA ASP C 325 11.85 -19.84 15.13
C ASP C 325 12.59 -20.02 13.81
N ALA C 326 12.24 -19.21 12.82
CA ALA C 326 12.89 -19.22 11.51
C ALA C 326 13.77 -18.00 11.28
N ILE C 327 13.28 -16.80 11.59
CA ILE C 327 14.04 -15.57 11.43
C ILE C 327 14.54 -15.06 12.78
N GLU C 328 13.75 -15.23 13.83
CA GLU C 328 14.18 -14.86 15.18
C GLU C 328 15.52 -15.50 15.51
N GLU C 329 15.56 -16.83 15.50
CA GLU C 329 16.78 -17.55 15.85
C GLU C 329 17.91 -17.23 14.87
N LYS C 330 17.57 -17.04 13.59
CA LYS C 330 18.60 -16.74 12.60
C LYS C 330 19.31 -15.44 12.96
N PHE C 331 18.56 -14.38 13.23
CA PHE C 331 19.17 -13.10 13.61
C PHE C 331 19.91 -13.23 14.93
N ARG C 332 19.33 -13.96 15.90
CA ARG C 332 19.99 -14.12 17.19
C ARG C 332 21.36 -14.77 17.04
N GLU C 333 21.44 -15.85 16.25
CA GLU C 333 22.72 -16.49 16.01
C GLU C 333 23.64 -15.60 15.18
N ARG C 334 23.07 -14.78 14.29
CA ARG C 334 23.88 -13.85 13.52
C ARG C 334 24.53 -12.80 14.42
N LEU C 335 23.89 -12.49 15.56
CA LEU C 335 24.44 -11.54 16.51
C LEU C 335 25.26 -12.20 17.62
N LYS C 336 25.28 -13.53 17.70
CA LYS C 336 25.98 -14.19 18.79
C LYS C 336 27.48 -13.95 18.72
N GLU C 337 28.03 -13.79 17.52
CA GLU C 337 29.47 -13.64 17.35
C GLU C 337 29.95 -12.21 17.58
N LEU C 338 29.04 -11.24 17.64
CA LEU C 338 29.42 -9.84 17.69
C LEU C 338 29.36 -9.30 19.11
N VAL C 339 30.35 -8.47 19.45
CA VAL C 339 30.30 -7.66 20.67
C VAL C 339 29.41 -6.47 20.36
N VAL C 340 28.20 -6.47 20.88
CA VAL C 340 27.16 -5.56 20.38
C VAL C 340 26.74 -4.65 21.53
N PRO C 341 26.51 -3.35 21.29
CA PRO C 341 26.10 -2.46 22.38
C PRO C 341 24.70 -2.74 22.89
N LYS C 342 24.43 -2.23 24.10
CA LYS C 342 23.14 -2.46 24.75
C LYS C 342 21.98 -1.84 23.96
N HIS C 343 22.18 -0.63 23.41
CA HIS C 343 21.09 0.05 22.72
C HIS C 343 20.56 -0.82 21.57
N VAL C 344 21.46 -1.35 20.76
CA VAL C 344 21.04 -2.17 19.62
C VAL C 344 20.49 -3.52 20.07
N MET C 345 21.04 -4.12 21.14
CA MET C 345 20.34 -5.21 21.83
C MET C 345 18.87 -4.89 22.11
N ASP C 346 18.59 -3.81 22.84
CA ASP C 346 17.20 -3.61 23.24
C ASP C 346 16.33 -3.30 22.02
N VAL C 347 16.87 -2.55 21.05
CA VAL C 347 16.14 -2.29 19.82
C VAL C 347 15.83 -3.60 19.10
N VAL C 348 16.83 -4.48 18.99
CA VAL C 348 16.65 -5.74 18.29
C VAL C 348 15.64 -6.62 19.02
N ASP C 349 15.70 -6.64 20.35
CA ASP C 349 14.78 -7.46 21.12
C ASP C 349 13.35 -6.99 20.93
N GLU C 350 13.12 -5.68 21.04
CA GLU C 350 11.76 -5.16 20.84
C GLU C 350 11.30 -5.41 19.41
N GLU C 351 12.17 -5.18 18.44
CA GLU C 351 11.81 -5.37 17.04
C GLU C 351 11.47 -6.83 16.77
N LEU C 352 12.25 -7.76 17.32
CA LEU C 352 11.98 -9.19 17.16
C LEU C 352 10.68 -9.58 17.83
N SER C 353 10.43 -9.07 19.03
CA SER C 353 9.17 -9.37 19.72
C SER C 353 7.99 -8.94 18.87
N LYS C 354 8.07 -7.73 18.29
CA LYS C 354 7.02 -7.30 17.37
C LYS C 354 6.94 -8.24 16.16
N LEU C 355 8.08 -8.55 15.57
CA LEU C 355 8.11 -9.38 14.37
C LEU C 355 7.37 -10.70 14.61
N GLY C 356 7.54 -11.28 15.79
CA GLY C 356 6.74 -12.43 16.15
C GLY C 356 5.27 -12.09 16.25
N LEU C 357 4.94 -10.90 16.74
CA LEU C 357 3.55 -10.47 16.86
C LEU C 357 2.93 -10.12 15.51
N LEU C 358 3.72 -9.99 14.45
CA LEU C 358 3.24 -9.63 13.13
C LEU C 358 3.22 -10.85 12.21
N ASP C 359 2.55 -10.69 11.07
CA ASP C 359 2.43 -11.74 10.08
C ASP C 359 3.33 -11.47 8.89
N ASN C 360 3.53 -12.52 8.07
CA ASN C 360 4.47 -12.44 6.96
C ASN C 360 4.00 -11.45 5.90
N HIS C 361 2.70 -11.44 5.61
CA HIS C 361 2.17 -10.56 4.57
C HIS C 361 2.39 -9.08 4.86
N SER C 362 2.64 -8.72 6.12
CA SER C 362 2.60 -7.32 6.49
C SER C 362 3.72 -6.53 5.82
N SER C 363 3.35 -5.36 5.28
CA SER C 363 4.35 -4.42 4.78
C SER C 363 5.22 -3.92 5.93
N GLU C 364 4.61 -3.69 7.10
CA GLU C 364 5.41 -3.33 8.27
C GLU C 364 6.33 -4.48 8.66
N PHE C 365 5.87 -5.72 8.51
CA PHE C 365 6.73 -6.87 8.77
C PHE C 365 7.91 -6.89 7.81
N ASN C 366 7.66 -6.57 6.53
CA ASN C 366 8.74 -6.54 5.55
C ASN C 366 9.74 -5.43 5.86
N VAL C 367 9.24 -4.23 6.19
CA VAL C 367 10.13 -3.13 6.54
C VAL C 367 10.92 -3.46 7.79
N THR C 368 10.26 -4.10 8.76
CA THR C 368 10.94 -4.52 9.98
C THR C 368 12.05 -5.52 9.69
N ARG C 369 11.76 -6.51 8.83
CA ARG C 369 12.78 -7.48 8.47
C ARG C 369 13.95 -6.80 7.75
N ASN C 370 13.65 -5.87 6.85
CA ASN C 370 14.71 -5.17 6.13
C ASN C 370 15.60 -4.40 7.10
N TYR C 371 14.98 -3.60 7.98
CA TYR C 371 15.76 -2.81 8.93
C TYR C 371 16.55 -3.69 9.86
N LEU C 372 15.94 -4.79 10.34
CA LEU C 372 16.62 -5.65 11.29
C LEU C 372 17.78 -6.40 10.63
N ASP C 373 17.60 -6.82 9.37
CA ASP C 373 18.70 -7.42 8.62
C ASP C 373 19.83 -6.42 8.43
N TRP C 374 19.48 -5.17 8.11
CA TRP C 374 20.49 -4.12 8.03
C TRP C 374 21.25 -3.99 9.34
N LEU C 375 20.52 -3.93 10.45
CA LEU C 375 21.14 -3.75 11.76
C LEU C 375 22.04 -4.92 12.12
N THR C 376 21.57 -6.15 11.88
CA THR C 376 22.35 -7.33 12.24
C THR C 376 23.58 -7.46 11.35
N SER C 377 23.45 -7.09 10.08
CA SER C 377 24.58 -7.20 9.16
C SER C 377 25.73 -6.28 9.56
N ILE C 378 25.47 -5.29 10.41
CA ILE C 378 26.53 -4.35 10.80
C ILE C 378 27.59 -5.10 11.59
N PRO C 379 28.88 -4.84 11.35
CA PRO C 379 29.90 -5.41 12.23
C PRO C 379 29.95 -4.69 13.56
N TRP C 380 29.44 -5.34 14.60
CA TRP C 380 29.31 -4.74 15.93
C TRP C 380 30.49 -5.20 16.78
N GLY C 381 31.42 -4.28 17.03
CA GLY C 381 32.63 -4.64 17.74
C GLY C 381 33.57 -5.53 16.95
N LYS C 382 33.29 -5.77 15.67
CA LYS C 382 34.11 -6.62 14.84
C LYS C 382 35.15 -5.77 14.12
N TYR C 383 36.42 -6.01 14.43
CA TYR C 383 37.53 -5.24 13.88
C TYR C 383 38.49 -6.18 13.16
N SER C 384 38.97 -5.75 12.00
CA SER C 384 39.95 -6.53 11.28
C SER C 384 41.23 -6.64 12.10
N ASN C 385 41.94 -7.75 11.92
CA ASN C 385 43.22 -7.92 12.59
C ASN C 385 44.22 -6.98 11.93
N GLU C 386 44.34 -5.77 12.47
CA GLU C 386 45.08 -4.72 11.79
C GLU C 386 46.57 -5.00 11.82
N ASN C 387 47.24 -4.70 10.72
CA ASN C 387 48.68 -4.88 10.62
C ASN C 387 49.38 -3.76 11.38
N LEU C 388 50.30 -4.13 12.26
CA LEU C 388 51.00 -3.18 13.11
C LEU C 388 52.51 -3.16 12.92
N ASP C 389 53.08 -4.17 12.26
CA ASP C 389 54.51 -4.16 12.00
C ASP C 389 54.85 -3.04 11.02
N LEU C 390 55.99 -2.38 11.26
CA LEU C 390 56.39 -1.23 10.46
C LEU C 390 57.21 -1.63 9.23
N ALA C 391 58.13 -2.58 9.39
CA ALA C 391 58.98 -2.96 8.27
C ALA C 391 58.16 -3.55 7.13
N ARG C 392 57.23 -4.45 7.44
CA ARG C 392 56.44 -5.09 6.40
C ARG C 392 55.52 -4.10 5.70
N ALA C 393 54.88 -3.21 6.47
CA ALA C 393 54.03 -2.19 5.85
C ALA C 393 54.84 -1.26 4.97
N GLN C 394 56.03 -0.86 5.44
CA GLN C 394 56.91 0.00 4.64
C GLN C 394 57.29 -0.70 3.34
N ALA C 395 57.67 -1.98 3.43
CA ALA C 395 58.04 -2.72 2.23
C ALA C 395 56.87 -2.84 1.26
N VAL C 396 55.67 -3.11 1.79
CA VAL C 396 54.49 -3.22 0.93
C VAL C 396 54.24 -1.89 0.21
N LEU C 397 54.26 -0.79 0.96
CA LEU C 397 54.01 0.51 0.35
C LEU C 397 55.05 0.83 -0.72
N GLU C 398 56.33 0.59 -0.42
CA GLU C 398 57.37 0.88 -1.39
C GLU C 398 57.24 0.01 -2.63
N GLU C 399 56.92 -1.26 -2.45
CA GLU C 399 56.73 -2.15 -3.59
C GLU C 399 55.55 -1.73 -4.44
N ASP C 400 54.49 -1.22 -3.81
CA ASP C 400 53.29 -0.84 -4.52
C ASP C 400 53.39 0.51 -5.22
N HIS C 401 54.21 1.43 -4.72
CA HIS C 401 54.22 2.78 -5.24
C HIS C 401 55.62 3.40 -5.09
N TYR C 402 55.84 4.45 -5.86
CA TYR C 402 57.10 5.16 -5.91
C TYR C 402 56.91 6.56 -5.32
N GLY C 403 57.93 7.05 -4.61
CA GLY C 403 57.83 8.37 -4.01
C GLY C 403 56.83 8.37 -2.88
N MET C 404 56.03 9.45 -2.81
CA MET C 404 55.03 9.60 -1.76
C MET C 404 55.65 9.42 -0.39
N GLU C 405 56.83 10.01 -0.20
CA GLU C 405 57.59 9.80 1.03
C GLU C 405 56.84 10.34 2.24
N ASP C 406 56.21 11.51 2.10
CA ASP C 406 55.46 12.07 3.23
C ASP C 406 54.31 11.16 3.62
N VAL C 407 53.58 10.64 2.64
CA VAL C 407 52.45 9.74 2.93
C VAL C 407 52.96 8.48 3.63
N LYS C 408 54.05 7.91 3.12
CA LYS C 408 54.58 6.69 3.71
C LYS C 408 55.04 6.94 5.15
N LYS C 409 55.72 8.06 5.38
CA LYS C 409 56.15 8.39 6.73
C LYS C 409 54.95 8.58 7.66
N ARG C 410 53.91 9.25 7.17
CA ARG C 410 52.71 9.45 7.99
C ARG C 410 52.06 8.12 8.34
N ILE C 411 51.96 7.22 7.37
CA ILE C 411 51.33 5.92 7.63
C ILE C 411 52.17 5.10 8.59
N LEU C 412 53.50 5.12 8.43
CA LEU C 412 54.35 4.38 9.37
C LEU C 412 54.24 4.95 10.77
N GLU C 413 54.20 6.28 10.89
CA GLU C 413 54.03 6.89 12.20
C GLU C 413 52.67 6.54 12.80
N PHE C 414 51.63 6.51 11.97
CA PHE C 414 50.31 6.13 12.45
C PHE C 414 50.31 4.69 12.94
N ILE C 415 50.97 3.80 12.22
CA ILE C 415 51.09 2.41 12.68
C ILE C 415 51.84 2.37 14.00
N ALA C 416 52.92 3.14 14.11
CA ALA C 416 53.71 3.14 15.34
C ALA C 416 52.89 3.61 16.53
N VAL C 417 52.11 4.68 16.35
CA VAL C 417 51.32 5.20 17.46
C VAL C 417 50.18 4.25 17.79
N SER C 418 49.53 3.67 16.78
CA SER C 418 48.44 2.72 17.03
C SER C 418 48.95 1.50 17.78
N GLN C 419 50.10 0.97 17.37
CA GLN C 419 50.71 -0.14 18.10
C GLN C 419 51.08 0.27 19.52
N LEU C 420 51.66 1.47 19.67
CA LEU C 420 51.93 1.98 21.00
C LEU C 420 50.64 2.39 21.70
N ARG C 421 49.65 2.86 20.95
CA ARG C 421 48.36 3.22 21.53
C ARG C 421 47.59 2.00 22.00
N GLY C 422 47.98 0.81 21.56
CA GLY C 422 47.27 -0.40 21.91
C GLY C 422 46.25 -0.80 20.87
N SER C 423 44.99 -0.44 21.10
CA SER C 423 43.94 -0.73 20.15
C SER C 423 44.18 0.03 18.85
N THR C 424 43.51 -0.42 17.79
CA THR C 424 43.58 0.24 16.51
C THR C 424 42.70 1.47 16.50
N GLN C 425 43.17 2.53 15.85
CA GLN C 425 42.44 3.79 15.75
C GLN C 425 42.39 4.22 14.29
N GLY C 426 41.61 5.26 14.03
CA GLY C 426 41.49 5.81 12.70
C GLY C 426 41.27 7.32 12.71
N LYS C 427 42.03 8.04 11.89
CA LYS C 427 41.93 9.48 11.80
C LYS C 427 41.89 9.90 10.33
N ILE C 428 41.38 11.10 10.10
CA ILE C 428 41.19 11.61 8.75
C ILE C 428 42.49 12.24 8.27
N LEU C 429 42.75 12.12 6.97
CA LEU C 429 43.86 12.81 6.33
C LEU C 429 43.58 12.89 4.84
N CYS C 430 43.77 14.08 4.27
CA CYS C 430 43.38 14.37 2.89
C CYS C 430 44.61 14.40 2.00
N PHE C 431 44.64 13.54 1.00
CA PHE C 431 45.71 13.52 0.00
C PHE C 431 45.33 14.51 -1.10
N TYR C 432 45.91 15.70 -1.08
CA TYR C 432 45.59 16.74 -2.04
C TYR C 432 46.72 16.89 -3.04
N GLY C 433 46.39 16.84 -4.32
CA GLY C 433 47.37 16.96 -5.37
C GLY C 433 46.75 16.80 -6.75
N PRO C 434 47.52 17.06 -7.80
CA PRO C 434 46.97 16.98 -9.15
C PRO C 434 46.47 15.57 -9.46
N PRO C 435 45.65 15.41 -10.49
CA PRO C 435 45.17 14.07 -10.84
C PRO C 435 46.28 13.25 -11.49
N GLY C 436 46.01 11.95 -11.60
CA GLY C 436 47.00 11.04 -12.15
C GLY C 436 48.26 10.97 -11.32
N VAL C 437 48.13 11.05 -10.00
CA VAL C 437 49.27 10.98 -9.09
C VAL C 437 49.30 9.70 -8.28
N GLY C 438 48.17 9.00 -8.14
CA GLY C 438 48.13 7.77 -7.39
C GLY C 438 47.50 7.89 -6.01
N LYS C 439 46.64 8.87 -5.78
CA LYS C 439 46.01 9.02 -4.47
C LYS C 439 45.14 7.81 -4.14
N THR C 440 44.27 7.42 -5.05
CA THR C 440 43.43 6.25 -4.81
C THR C 440 44.28 4.98 -4.76
N SER C 441 45.31 4.90 -5.61
CA SER C 441 46.18 3.73 -5.61
C SER C 441 46.92 3.61 -4.29
N ILE C 442 47.42 4.72 -3.76
CA ILE C 442 48.12 4.66 -2.47
C ILE C 442 47.12 4.39 -1.34
N ALA C 443 45.87 4.84 -1.50
CA ALA C 443 44.85 4.46 -0.53
C ALA C 443 44.65 2.95 -0.49
N ARG C 444 44.56 2.33 -1.67
CA ARG C 444 44.47 0.86 -1.72
C ARG C 444 45.71 0.21 -1.14
N SER C 445 46.89 0.75 -1.44
CA SER C 445 48.12 0.19 -0.92
C SER C 445 48.15 0.24 0.60
N ILE C 446 47.72 1.37 1.18
CA ILE C 446 47.65 1.49 2.63
C ILE C 446 46.64 0.50 3.19
N ALA C 447 45.49 0.36 2.54
CA ALA C 447 44.46 -0.56 3.01
C ALA C 447 45.00 -1.98 3.08
N ARG C 448 45.72 -2.40 2.03
CA ARG C 448 46.22 -3.77 2.01
C ARG C 448 47.43 -3.97 2.91
N ALA C 449 48.27 -2.93 3.07
CA ALA C 449 49.42 -3.04 3.97
C ALA C 449 48.97 -3.11 5.42
N LEU C 450 47.99 -2.30 5.80
CA LEU C 450 47.48 -2.28 7.17
C LEU C 450 46.57 -3.47 7.46
N ASN C 451 46.17 -4.23 6.45
CA ASN C 451 45.26 -5.37 6.54
C ASN C 451 43.82 -4.94 6.75
N ARG C 452 43.55 -3.64 6.88
CA ARG C 452 42.18 -3.17 7.07
C ARG C 452 41.45 -3.10 5.73
N GLU C 453 40.14 -3.27 5.78
CA GLU C 453 39.34 -3.29 4.57
C GLU C 453 39.33 -1.91 3.91
N TYR C 454 38.90 -1.89 2.65
CA TYR C 454 38.91 -0.70 1.83
C TYR C 454 37.52 -0.42 1.29
N PHE C 455 37.22 0.86 1.11
CA PHE C 455 35.95 1.28 0.51
C PHE C 455 36.05 2.74 0.08
N ARG C 456 35.76 3.03 -1.19
CA ARG C 456 35.83 4.38 -1.70
C ARG C 456 34.44 5.01 -1.69
N PHE C 457 34.43 6.34 -1.84
CA PHE C 457 33.19 7.10 -1.74
C PHE C 457 33.32 8.36 -2.59
N SER C 458 32.43 8.52 -3.56
CA SER C 458 32.45 9.68 -4.46
C SER C 458 31.46 10.71 -3.95
N VAL C 459 31.99 11.84 -3.48
CA VAL C 459 31.16 12.94 -2.99
C VAL C 459 31.11 14.10 -3.96
N GLY C 460 31.91 14.08 -5.03
CA GLY C 460 31.98 15.19 -5.95
C GLY C 460 30.66 15.54 -6.62
N GLY C 461 30.32 16.83 -6.63
CA GLY C 461 29.09 17.27 -7.25
C GLY C 461 27.84 16.69 -6.64
N MET C 462 27.94 16.15 -5.43
CA MET C 462 26.81 15.53 -4.76
C MET C 462 26.04 16.58 -3.97
N THR C 463 24.72 16.39 -3.89
CA THR C 463 23.85 17.33 -3.17
C THR C 463 22.93 16.60 -2.22
N ASP C 464 22.62 15.33 -2.49
CA ASP C 464 21.68 14.57 -1.66
C ASP C 464 22.42 14.05 -0.44
N VAL C 465 22.16 14.63 0.72
CA VAL C 465 22.81 14.22 1.95
C VAL C 465 22.41 12.79 2.34
N ALA C 466 21.32 12.27 1.78
CA ALA C 466 20.87 10.93 2.15
C ALA C 466 21.92 9.87 1.85
N GLU C 467 22.85 10.14 0.93
CA GLU C 467 23.89 9.16 0.66
C GLU C 467 24.76 8.92 1.89
N ILE C 468 24.91 9.92 2.74
CA ILE C 468 25.66 9.76 3.99
C ILE C 468 24.73 9.38 5.14
N LYS C 469 23.62 10.11 5.29
CA LYS C 469 22.70 9.90 6.39
C LYS C 469 21.56 8.95 6.05
N GLY C 470 21.55 8.38 4.85
CA GLY C 470 20.51 7.44 4.49
C GLY C 470 19.14 8.08 4.37
N HIS C 471 18.15 7.21 4.22
CA HIS C 471 16.75 7.60 4.21
C HIS C 471 16.16 7.34 5.60
N ARG C 472 14.85 7.50 5.74
CA ARG C 472 14.21 7.35 7.04
C ARG C 472 13.87 5.91 7.39
N ARG C 473 14.12 4.96 6.48
CA ARG C 473 13.74 3.56 6.66
C ARG C 473 12.22 3.39 6.55
N THR C 474 11.50 4.49 6.43
CA THR C 474 10.03 4.41 6.40
C THR C 474 9.53 4.13 5.00
N TYR C 475 9.93 4.93 4.03
CA TYR C 475 9.45 4.77 2.67
C TYR C 475 10.02 3.48 2.09
N VAL C 476 9.13 2.55 1.71
CA VAL C 476 9.56 1.21 1.32
C VAL C 476 10.63 1.33 0.23
N GLY C 477 11.68 0.53 0.36
CA GLY C 477 12.85 0.65 -0.49
C GLY C 477 13.86 1.66 0.00
N ALA C 478 13.55 2.40 1.05
CA ALA C 478 14.51 3.35 1.62
C ALA C 478 15.78 2.62 2.04
N MET C 479 16.93 3.20 1.68
CA MET C 479 18.21 2.60 1.99
C MET C 479 18.97 3.45 3.01
N PRO C 480 19.85 2.85 3.80
CA PRO C 480 20.63 3.61 4.78
C PRO C 480 21.80 4.34 4.11
N GLY C 481 22.54 5.08 4.93
CA GLY C 481 23.69 5.79 4.40
C GLY C 481 24.73 4.84 3.85
N LYS C 482 25.46 5.31 2.83
CA LYS C 482 26.44 4.46 2.17
C LYS C 482 27.55 4.03 3.13
N ILE C 483 27.73 4.73 4.25
CA ILE C 483 28.71 4.30 5.24
C ILE C 483 28.23 3.02 5.93
N ILE C 484 26.94 2.92 6.21
CA ILE C 484 26.40 1.68 6.75
C ILE C 484 26.55 0.55 5.73
N GLN C 485 26.37 0.86 4.45
CA GLN C 485 26.61 -0.14 3.41
C GLN C 485 28.06 -0.58 3.41
N CYS C 486 28.98 0.36 3.57
CA CYS C 486 30.40 0.01 3.65
C CYS C 486 30.69 -0.86 4.86
N LEU C 487 30.09 -0.54 6.00
CA LEU C 487 30.28 -1.37 7.20
C LEU C 487 29.75 -2.77 6.96
N LYS C 488 28.60 -2.88 6.32
CA LYS C 488 28.04 -4.20 6.01
C LYS C 488 28.95 -4.99 5.08
N LYS C 489 29.50 -4.33 4.06
CA LYS C 489 30.29 -5.04 3.06
C LYS C 489 31.67 -5.41 3.62
N THR C 490 32.40 -4.42 4.15
CA THR C 490 33.73 -4.68 4.68
C THR C 490 33.69 -5.57 5.91
N LYS C 491 32.57 -5.58 6.63
CA LYS C 491 32.36 -6.45 7.79
C LYS C 491 33.31 -6.12 8.94
N THR C 492 33.74 -4.86 9.06
CA THR C 492 34.59 -4.46 10.17
C THR C 492 34.33 -3.01 10.52
N GLU C 493 34.65 -2.66 11.76
CA GLU C 493 34.56 -1.29 12.24
C GLU C 493 35.87 -0.54 12.12
N ASN C 494 36.90 -1.14 11.51
CA ASN C 494 38.16 -0.47 11.22
C ASN C 494 38.50 -0.65 9.74
N PRO C 495 37.67 -0.14 8.85
CA PRO C 495 37.98 -0.16 7.42
C PRO C 495 38.86 1.02 7.05
N LEU C 496 39.12 1.15 5.75
CA LEU C 496 39.83 2.30 5.19
C LEU C 496 38.89 2.93 4.17
N ILE C 497 38.03 3.83 4.65
CA ILE C 497 37.09 4.53 3.77
C ILE C 497 37.82 5.66 3.06
N LEU C 498 37.44 5.89 1.81
CA LEU C 498 38.04 6.93 0.99
C LEU C 498 36.94 7.80 0.41
N ILE C 499 37.09 9.12 0.56
CA ILE C 499 36.17 10.10 -0.01
C ILE C 499 36.91 10.84 -1.12
N ASP C 500 36.32 10.85 -2.31
CA ASP C 500 36.94 11.45 -3.48
C ASP C 500 36.13 12.66 -3.94
N GLU C 501 36.84 13.67 -4.43
CA GLU C 501 36.22 14.89 -4.94
C GLU C 501 35.51 15.66 -3.83
N VAL C 502 36.19 15.80 -2.68
CA VAL C 502 35.66 16.61 -1.59
C VAL C 502 35.49 18.05 -2.05
N ASP C 503 36.48 18.57 -2.77
CA ASP C 503 36.44 19.95 -3.24
C ASP C 503 35.32 20.19 -4.24
N LYS C 504 34.74 19.14 -4.82
CA LYS C 504 33.75 19.27 -5.87
C LYS C 504 32.32 19.35 -5.34
N ILE C 505 32.14 19.39 -4.03
CA ILE C 505 30.78 19.47 -3.47
C ILE C 505 30.10 20.73 -3.94
N GLY C 506 28.81 20.62 -4.27
CA GLY C 506 28.02 21.77 -4.68
C GLY C 506 27.12 22.28 -3.58
N ARG C 507 26.73 21.39 -2.67
CA ARG C 507 25.89 21.71 -1.52
C ARG C 507 24.77 22.68 -1.91
N GLY C 508 24.04 22.32 -2.96
CA GLY C 508 22.99 23.15 -3.50
C GLY C 508 21.69 23.03 -2.73
N TYR C 509 20.59 23.19 -3.46
CA TYR C 509 19.26 23.14 -2.86
C TYR C 509 19.05 21.80 -2.14
N GLN C 510 18.44 21.87 -0.95
CA GLN C 510 18.12 20.70 -0.14
C GLN C 510 19.35 19.91 0.25
N GLY C 511 20.54 20.45 0.00
CA GLY C 511 21.77 19.71 0.24
C GLY C 511 22.47 20.10 1.52
N ASP C 512 23.49 20.95 1.39
CA ASP C 512 24.36 21.25 2.51
C ASP C 512 24.90 19.95 3.12
N PRO C 513 25.36 18.99 2.30
CA PRO C 513 25.93 17.77 2.87
C PRO C 513 27.21 18.03 3.63
N SER C 514 27.84 19.19 3.42
CA SER C 514 29.04 19.51 4.18
C SER C 514 28.82 19.35 5.67
N SER C 515 27.64 19.76 6.16
CA SER C 515 27.33 19.58 7.58
C SER C 515 27.34 18.11 7.95
N ALA C 516 26.78 17.26 7.08
CA ALA C 516 26.82 15.82 7.33
C ALA C 516 28.25 15.31 7.36
N LEU C 517 29.11 15.83 6.47
CA LEU C 517 30.50 15.42 6.48
C LEU C 517 31.20 15.85 7.76
N LEU C 518 30.91 17.06 8.25
CA LEU C 518 31.46 17.50 9.52
C LEU C 518 31.02 16.58 10.65
N GLU C 519 29.73 16.22 10.68
CA GLU C 519 29.27 15.28 11.68
C GLU C 519 29.95 13.93 11.54
N LEU C 520 30.28 13.54 10.31
CA LEU C 520 30.89 12.24 10.05
C LEU C 520 32.36 12.19 10.47
N LEU C 521 33.07 13.31 10.29
CA LEU C 521 34.52 13.33 10.49
C LEU C 521 34.93 13.78 11.89
N ASP C 522 34.05 14.42 12.64
CA ASP C 522 34.40 14.92 13.96
C ASP C 522 34.78 13.75 14.86
N PRO C 523 35.99 13.72 15.43
CA PRO C 523 36.40 12.53 16.20
C PRO C 523 35.51 12.27 17.40
N GLU C 524 34.86 13.28 17.95
CA GLU C 524 33.95 13.08 19.08
C GLU C 524 32.51 12.88 18.63
N GLN C 525 32.08 13.57 17.57
CA GLN C 525 30.73 13.38 17.07
C GLN C 525 30.60 12.09 16.26
N ASN C 526 31.65 11.72 15.53
CA ASN C 526 31.56 10.53 14.68
C ASN C 526 31.37 9.26 15.51
N ALA C 527 31.83 9.27 16.75
CA ALA C 527 31.68 8.08 17.59
C ALA C 527 30.22 7.72 17.81
N ASN C 528 29.32 8.71 17.74
CA ASN C 528 27.89 8.50 17.86
C ASN C 528 27.16 8.82 16.55
N PHE C 529 27.79 8.53 15.43
CA PHE C 529 27.17 8.80 14.13
C PHE C 529 26.01 7.86 13.88
N LEU C 530 24.90 8.42 13.41
CA LEU C 530 23.72 7.65 13.03
C LEU C 530 23.24 8.12 11.66
N ASP C 531 22.61 7.22 10.93
CA ASP C 531 21.93 7.57 9.70
C ASP C 531 20.42 7.56 9.95
N HIS C 532 19.69 8.31 9.12
CA HIS C 532 18.25 8.43 9.33
C HIS C 532 17.57 7.06 9.22
N TYR C 533 17.99 6.23 8.26
CA TYR C 533 17.42 4.90 8.14
C TYR C 533 17.57 4.12 9.44
N LEU C 534 18.81 3.86 9.84
CA LEU C 534 19.11 3.17 11.09
C LEU C 534 19.47 4.24 12.12
N ASP C 535 18.45 4.73 12.83
CA ASP C 535 18.65 5.85 13.73
C ASP C 535 19.64 5.52 14.84
N VAL C 536 19.91 4.25 15.09
CA VAL C 536 20.84 3.89 16.16
C VAL C 536 22.26 4.31 15.75
N PRO C 537 23.01 4.97 16.63
CA PRO C 537 24.36 5.42 16.25
C PRO C 537 25.32 4.26 16.01
N VAL C 538 26.47 4.62 15.44
CA VAL C 538 27.58 3.69 15.22
C VAL C 538 28.88 4.38 15.64
N ASP C 539 29.90 3.56 15.88
CA ASP C 539 31.20 4.07 16.32
C ASP C 539 32.15 4.17 15.13
N LEU C 540 32.62 5.39 14.86
CA LEU C 540 33.55 5.66 13.77
C LEU C 540 34.83 6.32 14.27
N SER C 541 35.31 5.91 15.45
CA SER C 541 36.57 6.41 15.95
C SER C 541 37.77 5.62 15.42
N LYS C 542 37.52 4.48 14.75
CA LYS C 542 38.59 3.66 14.21
C LYS C 542 38.64 3.65 12.68
N VAL C 543 37.57 4.11 12.01
CA VAL C 543 37.60 4.23 10.57
C VAL C 543 38.72 5.16 10.15
N LEU C 544 39.48 4.76 9.13
CA LEU C 544 40.57 5.57 8.58
C LEU C 544 40.06 6.19 7.28
N PHE C 545 39.47 7.39 7.40
CA PHE C 545 38.99 8.09 6.23
C PHE C 545 40.15 8.65 5.42
N ILE C 546 39.91 8.80 4.11
CA ILE C 546 40.86 9.45 3.21
C ILE C 546 40.07 10.43 2.35
N CYS C 547 40.66 11.60 2.11
CA CYS C 547 40.05 12.63 1.28
C CYS C 547 41.04 13.04 0.20
N THR C 548 40.53 13.33 -0.99
CA THR C 548 41.35 13.70 -2.13
C THR C 548 40.74 14.91 -2.82
N ALA C 549 41.61 15.86 -3.19
CA ALA C 549 41.17 17.07 -3.86
C ALA C 549 42.38 17.72 -4.52
N ASN C 550 42.25 18.03 -5.81
CA ASN C 550 43.34 18.68 -6.53
C ASN C 550 43.59 20.10 -6.05
N VAL C 551 42.69 20.67 -5.25
CA VAL C 551 42.86 22.00 -4.69
C VAL C 551 42.23 22.01 -3.30
N THR C 552 42.79 22.83 -2.41
CA THR C 552 42.35 22.90 -1.03
C THR C 552 41.65 24.21 -0.69
N ASP C 553 41.16 24.93 -1.71
CA ASP C 553 40.42 26.17 -1.47
C ASP C 553 38.92 25.92 -1.39
N THR C 554 38.34 25.37 -2.46
CA THR C 554 36.90 25.18 -2.50
C THR C 554 36.41 24.21 -1.43
N ILE C 555 37.31 23.39 -0.88
CA ILE C 555 36.90 22.53 0.23
C ILE C 555 36.48 23.40 1.40
N PRO C 556 35.33 23.13 2.06
CA PRO C 556 34.87 24.02 3.13
C PRO C 556 35.90 24.15 4.24
N GLU C 557 35.99 25.35 4.80
CA GLU C 557 36.93 25.56 5.91
C GLU C 557 36.61 24.69 7.12
N PRO C 558 35.36 24.51 7.56
CA PRO C 558 35.14 23.66 8.73
C PRO C 558 35.64 22.25 8.51
N LEU C 559 35.56 21.77 7.27
CA LEU C 559 36.06 20.45 6.91
C LEU C 559 37.56 20.47 6.64
N ARG C 560 38.06 21.57 6.05
CA ARG C 560 39.48 21.66 5.75
C ARG C 560 40.32 21.63 7.02
N ASP C 561 39.89 22.36 8.05
CA ASP C 561 40.68 22.44 9.28
C ASP C 561 40.51 21.22 10.17
N ARG C 562 39.62 20.30 9.83
CA ARG C 562 39.32 19.14 10.66
C ARG C 562 40.27 17.98 10.43
N MET C 563 41.15 18.06 9.42
CA MET C 563 42.02 16.95 9.08
C MET C 563 43.38 17.50 8.68
N GLU C 564 44.36 16.61 8.61
CA GLU C 564 45.69 16.98 8.14
C GLU C 564 45.77 16.75 6.64
N MET C 565 46.37 17.69 5.93
CA MET C 565 46.43 17.68 4.48
C MET C 565 47.84 17.30 4.04
N ILE C 566 47.97 16.20 3.32
CA ILE C 566 49.23 15.68 2.82
C ILE C 566 49.29 15.88 1.31
N ASN C 567 50.40 16.41 0.83
CA ASN C 567 50.57 16.75 -0.58
C ASN C 567 51.27 15.61 -1.31
N VAL C 568 50.65 15.16 -2.40
CA VAL C 568 51.27 14.24 -3.36
C VAL C 568 51.19 14.96 -4.71
N SER C 569 52.28 15.62 -5.09
CA SER C 569 52.27 16.56 -6.21
C SER C 569 53.38 16.23 -7.19
N GLY C 570 53.01 16.09 -8.46
CA GLY C 570 53.96 16.12 -9.55
C GLY C 570 54.91 14.96 -9.66
N TYR C 571 55.40 14.72 -10.87
CA TYR C 571 56.39 13.68 -11.13
C TYR C 571 57.26 14.18 -12.28
N VAL C 572 58.50 14.55 -11.98
CA VAL C 572 59.42 15.05 -13.00
C VAL C 572 59.68 13.90 -13.98
N ALA C 573 60.23 14.23 -15.15
CA ALA C 573 60.36 13.25 -16.22
C ALA C 573 61.02 11.97 -15.73
N GLN C 574 62.09 12.09 -14.93
CA GLN C 574 62.75 10.90 -14.40
C GLN C 574 61.81 10.09 -13.52
N GLU C 575 61.06 10.76 -12.65
CA GLU C 575 60.15 10.06 -11.76
C GLU C 575 59.04 9.37 -12.55
N LYS C 576 58.47 10.06 -13.55
CA LYS C 576 57.45 9.44 -14.37
C LYS C 576 58.01 8.24 -15.13
N LEU C 577 59.22 8.36 -15.66
CA LEU C 577 59.82 7.25 -16.39
C LEU C 577 60.02 6.05 -15.47
N ALA C 578 60.51 6.29 -14.24
CA ALA C 578 60.68 5.19 -13.30
C ALA C 578 59.35 4.53 -12.98
N ILE C 579 58.33 5.33 -12.70
CA ILE C 579 57.01 4.79 -12.38
C ILE C 579 56.50 3.95 -13.55
N ALA C 580 56.65 4.46 -14.77
CA ALA C 580 56.16 3.74 -15.94
C ALA C 580 56.88 2.42 -16.12
N GLU C 581 58.22 2.43 -15.99
CA GLU C 581 58.97 1.20 -16.13
C GLU C 581 58.56 0.17 -15.09
N ARG C 582 58.38 0.60 -13.84
CA ARG C 582 58.18 -0.34 -12.74
C ARG C 582 56.72 -0.61 -12.41
N TYR C 583 55.80 0.29 -12.77
CA TYR C 583 54.41 0.13 -12.34
C TYR C 583 53.40 0.17 -13.48
N LEU C 584 53.59 1.06 -14.47
CA LEU C 584 52.57 1.21 -15.50
C LEU C 584 52.69 0.12 -16.56
N VAL C 585 53.90 -0.11 -17.08
CA VAL C 585 54.07 -1.07 -18.15
C VAL C 585 53.63 -2.47 -17.72
N PRO C 586 54.10 -3.03 -16.61
CA PRO C 586 53.60 -4.37 -16.21
C PRO C 586 52.10 -4.39 -15.97
N GLN C 587 51.55 -3.33 -15.39
CA GLN C 587 50.12 -3.30 -15.11
C GLN C 587 49.30 -3.36 -16.39
N ALA C 588 49.60 -2.48 -17.34
CA ALA C 588 48.87 -2.48 -18.60
C ALA C 588 49.15 -3.73 -19.42
N ARG C 589 50.35 -4.32 -19.26
CA ARG C 589 50.65 -5.58 -19.94
C ARG C 589 49.76 -6.70 -19.42
N ALA C 590 49.63 -6.81 -18.10
CA ALA C 590 48.72 -7.79 -17.52
C ALA C 590 47.28 -7.50 -17.92
N LEU C 591 46.93 -6.22 -18.02
CA LEU C 591 45.58 -5.86 -18.47
C LEU C 591 45.32 -6.36 -19.88
N CYS C 592 46.31 -6.26 -20.77
CA CYS C 592 46.17 -6.72 -22.14
C CYS C 592 46.42 -8.21 -22.29
N GLY C 593 46.65 -8.93 -21.19
CA GLY C 593 46.94 -10.36 -21.26
C GLY C 593 48.23 -10.63 -22.01
N LEU C 594 49.25 -9.82 -21.73
CA LEU C 594 50.54 -9.92 -22.40
C LEU C 594 51.62 -10.28 -21.39
N ASP C 595 52.80 -10.63 -21.90
CA ASP C 595 53.93 -11.00 -21.08
C ASP C 595 55.14 -10.15 -21.48
N GLU C 596 56.06 -9.99 -20.55
CA GLU C 596 57.24 -9.16 -20.78
C GLU C 596 57.96 -9.58 -22.06
N SER C 597 58.04 -10.89 -22.32
CA SER C 597 58.75 -11.37 -23.49
C SER C 597 58.09 -10.89 -24.77
N LYS C 598 56.76 -10.99 -24.86
CA LYS C 598 56.08 -10.64 -26.10
C LYS C 598 56.06 -9.12 -26.31
N ALA C 599 55.75 -8.36 -25.26
CA ALA C 599 55.67 -6.91 -25.34
C ALA C 599 56.81 -6.31 -24.51
N LYS C 600 57.63 -5.49 -25.15
CA LYS C 600 58.77 -4.86 -24.51
C LYS C 600 58.84 -3.40 -24.92
N LEU C 601 59.26 -2.55 -23.99
CA LEU C 601 59.45 -1.13 -24.25
C LEU C 601 60.82 -0.70 -23.73
N SER C 602 61.44 0.23 -24.43
CA SER C 602 62.73 0.77 -24.05
C SER C 602 62.53 2.07 -23.29
N SER C 603 63.42 2.33 -22.32
CA SER C 603 63.31 3.53 -21.51
C SER C 603 63.30 4.79 -22.37
N ASP C 604 64.02 4.76 -23.50
CA ASP C 604 64.01 5.91 -24.41
C ASP C 604 62.62 6.14 -24.97
N VAL C 605 61.90 5.07 -25.29
CA VAL C 605 60.53 5.21 -25.78
C VAL C 605 59.66 5.86 -24.72
N LEU C 606 59.79 5.42 -23.46
CA LEU C 606 58.98 6.00 -22.39
C LEU C 606 59.33 7.47 -22.19
N THR C 607 60.62 7.81 -22.28
CA THR C 607 61.01 9.21 -22.18
C THR C 607 60.40 10.04 -23.31
N LEU C 608 60.39 9.49 -24.52
CA LEU C 608 59.78 10.19 -25.65
C LEU C 608 58.29 10.39 -25.43
N LEU C 609 57.60 9.36 -24.93
CA LEU C 609 56.19 9.50 -24.62
C LEU C 609 55.96 10.59 -23.58
N ILE C 610 56.81 10.63 -22.54
CA ILE C 610 56.66 11.62 -21.50
C ILE C 610 56.90 13.02 -22.04
N LYS C 611 57.90 13.18 -22.90
CA LYS C 611 58.34 14.50 -23.32
C LYS C 611 57.54 15.05 -24.50
N GLN C 612 56.85 14.20 -25.26
CA GLN C 612 56.14 14.64 -26.46
C GLN C 612 54.68 14.21 -26.51
N TYR C 613 54.29 13.11 -25.87
CA TYR C 613 52.92 12.62 -25.94
C TYR C 613 52.14 12.89 -24.66
N CYS C 614 52.74 13.56 -23.68
CA CYS C 614 52.14 13.70 -22.35
C CYS C 614 52.77 14.90 -21.66
N ARG C 615 52.00 15.96 -21.44
CA ARG C 615 52.49 17.18 -20.81
C ARG C 615 51.54 17.53 -19.66
N GLU C 616 51.78 16.96 -18.49
CA GLU C 616 51.04 17.30 -17.29
C GLU C 616 51.72 16.63 -16.11
N SER C 617 51.52 17.22 -14.92
CA SER C 617 52.12 16.65 -13.72
C SER C 617 51.62 15.24 -13.45
N GLY C 618 50.35 14.97 -13.75
CA GLY C 618 49.80 13.65 -13.58
C GLY C 618 50.44 12.63 -14.51
N VAL C 619 50.01 11.39 -14.34
CA VAL C 619 50.57 10.26 -15.09
C VAL C 619 49.54 9.54 -15.96
N ARG C 620 48.25 9.85 -15.82
CA ARG C 620 47.22 9.05 -16.48
C ARG C 620 47.35 9.08 -18.00
N ASN C 621 47.73 10.23 -18.56
CA ASN C 621 47.89 10.31 -20.02
C ASN C 621 48.96 9.35 -20.51
N LEU C 622 50.09 9.28 -19.79
CA LEU C 622 51.10 8.29 -20.12
C LEU C 622 50.53 6.88 -20.01
N GLN C 623 49.64 6.66 -19.05
CA GLN C 623 48.96 5.37 -18.95
C GLN C 623 48.15 5.07 -20.21
N LYS C 624 47.42 6.08 -20.71
CA LYS C 624 46.65 5.88 -21.94
C LYS C 624 47.57 5.54 -23.09
N GLN C 625 48.69 6.25 -23.21
CA GLN C 625 49.60 6.00 -24.33
C GLN C 625 50.20 4.61 -24.26
N VAL C 626 50.65 4.20 -23.07
CA VAL C 626 51.24 2.88 -22.92
C VAL C 626 50.20 1.79 -23.18
N GLU C 627 48.96 2.02 -22.72
CA GLU C 627 47.90 1.06 -22.98
C GLU C 627 47.59 0.95 -24.47
N LYS C 628 47.61 2.08 -25.18
CA LYS C 628 47.37 2.06 -26.62
C LYS C 628 48.46 1.26 -27.34
N VAL C 629 49.73 1.52 -27.01
CA VAL C 629 50.81 0.80 -27.68
C VAL C 629 50.74 -0.69 -27.34
N LEU C 630 50.38 -1.02 -26.10
CA LEU C 630 50.26 -2.43 -25.73
C LEU C 630 49.09 -3.09 -26.44
N ARG C 631 47.98 -2.38 -26.63
CA ARG C 631 46.86 -2.92 -27.38
C ARG C 631 47.27 -3.21 -28.82
N LYS C 632 47.98 -2.27 -29.44
CA LYS C 632 48.41 -2.49 -30.82
C LYS C 632 49.43 -3.62 -30.89
N SER C 633 50.29 -3.75 -29.89
CA SER C 633 51.22 -4.87 -29.85
C SER C 633 50.47 -6.20 -29.72
N ALA C 634 49.45 -6.25 -28.87
CA ALA C 634 48.64 -7.46 -28.74
C ALA C 634 48.00 -7.81 -30.06
N TYR C 635 47.41 -6.83 -30.75
CA TYR C 635 46.81 -7.09 -32.05
C TYR C 635 47.85 -7.61 -33.03
N LYS C 636 49.03 -6.97 -33.06
CA LYS C 636 50.11 -7.43 -33.93
C LYS C 636 50.57 -8.83 -33.58
N ILE C 637 50.35 -9.26 -32.34
CA ILE C 637 50.75 -10.61 -31.94
C ILE C 637 49.68 -11.63 -32.35
N VAL C 638 48.41 -11.26 -32.25
CA VAL C 638 47.32 -12.20 -32.56
C VAL C 638 47.36 -12.56 -34.03
N SER C 639 47.13 -11.55 -34.89
CA SER C 639 47.08 -11.75 -36.33
C SER C 639 48.29 -11.20 -37.05
N GLY C 640 48.96 -10.19 -36.48
CA GLY C 640 50.16 -9.67 -37.09
C GLY C 640 51.27 -10.71 -37.09
N GLU C 641 52.20 -10.54 -38.04
CA GLU C 641 53.26 -11.53 -38.21
C GLU C 641 54.26 -11.53 -37.06
N ALA C 642 54.31 -10.47 -36.26
CA ALA C 642 55.29 -10.35 -35.19
C ALA C 642 54.80 -11.13 -33.97
N GLU C 643 55.48 -12.25 -33.66
CA GLU C 643 55.16 -13.00 -32.45
C GLU C 643 55.45 -12.17 -31.20
N SER C 644 56.57 -11.45 -31.20
CA SER C 644 56.96 -10.57 -30.10
C SER C 644 57.16 -9.16 -30.63
N VAL C 645 57.21 -8.20 -29.71
CA VAL C 645 57.34 -6.79 -30.05
C VAL C 645 58.47 -6.18 -29.22
N GLU C 646 59.32 -5.39 -29.89
CA GLU C 646 60.39 -4.63 -29.24
C GLU C 646 60.18 -3.18 -29.63
N VAL C 647 59.37 -2.46 -28.85
CA VAL C 647 59.02 -1.10 -29.19
C VAL C 647 60.25 -0.20 -29.07
N THR C 648 60.49 0.59 -30.10
CA THR C 648 61.57 1.57 -30.16
C THR C 648 60.99 2.86 -30.72
N PRO C 649 61.69 3.98 -30.55
CA PRO C 649 61.18 5.24 -31.12
C PRO C 649 60.92 5.14 -32.62
N GLU C 650 61.67 4.29 -33.32
CA GLU C 650 61.42 4.09 -34.75
C GLU C 650 60.05 3.47 -34.98
N ASN C 651 59.68 2.46 -34.19
CA ASN C 651 58.36 1.84 -34.31
C ASN C 651 57.28 2.64 -33.59
N LEU C 652 57.66 3.58 -32.72
CA LEU C 652 56.67 4.31 -31.95
C LEU C 652 55.74 5.11 -32.85
N GLN C 653 56.24 5.58 -34.00
CA GLN C 653 55.39 6.35 -34.90
C GLN C 653 54.21 5.53 -35.37
N ASP C 654 54.44 4.28 -35.76
CA ASP C 654 53.33 3.41 -36.15
C ASP C 654 52.54 2.91 -34.96
N PHE C 655 53.16 2.81 -33.77
CA PHE C 655 52.43 2.31 -32.62
C PHE C 655 51.43 3.34 -32.07
N VAL C 656 51.80 4.61 -32.03
CA VAL C 656 50.94 5.61 -31.40
C VAL C 656 50.75 6.85 -32.29
N GLY C 657 51.58 7.00 -33.31
CA GLY C 657 51.44 8.11 -34.24
C GLY C 657 52.46 9.21 -34.01
N LYS C 658 52.29 10.28 -34.78
CA LYS C 658 53.22 11.39 -34.76
C LYS C 658 53.08 12.19 -33.46
N PRO C 659 54.11 12.91 -33.07
CA PRO C 659 54.08 13.61 -31.77
C PRO C 659 53.11 14.79 -31.77
N VAL C 660 52.69 15.14 -30.55
CA VAL C 660 51.77 16.25 -30.33
C VAL C 660 52.56 17.43 -29.78
N PHE C 661 53.21 17.24 -28.64
CA PHE C 661 53.96 18.30 -27.96
C PHE C 661 55.35 18.42 -28.58
N THR C 662 55.36 18.96 -29.80
CA THR C 662 56.62 19.15 -30.51
C THR C 662 57.49 20.23 -29.88
N VAL C 663 56.92 21.08 -29.03
CA VAL C 663 57.62 22.20 -28.45
C VAL C 663 57.42 22.17 -26.93
N GLU C 664 58.51 22.36 -26.19
CA GLU C 664 58.45 22.36 -24.74
C GLU C 664 57.84 23.62 -24.15
N ARG C 665 57.70 24.68 -24.94
CA ARG C 665 57.19 25.95 -24.46
C ARG C 665 56.49 26.65 -25.62
N MET C 666 55.90 27.82 -25.33
CA MET C 666 55.35 28.64 -26.39
C MET C 666 56.45 29.08 -27.35
N TYR C 667 57.62 29.39 -26.82
CA TYR C 667 58.78 29.85 -27.58
C TYR C 667 59.97 29.85 -26.64
N ASP C 668 61.10 30.38 -27.12
CA ASP C 668 62.32 30.41 -26.31
C ASP C 668 63.10 31.72 -26.44
N VAL C 669 62.46 32.80 -26.90
CA VAL C 669 63.14 34.06 -27.11
C VAL C 669 62.62 35.17 -26.19
N THR C 670 61.36 35.11 -25.78
CA THR C 670 60.77 36.09 -24.88
C THR C 670 60.98 37.50 -25.40
N PRO C 671 60.28 37.90 -26.47
CA PRO C 671 60.48 39.24 -27.03
C PRO C 671 60.14 40.32 -26.01
N PRO C 672 60.36 41.58 -26.36
CA PRO C 672 60.07 42.66 -25.39
C PRO C 672 58.60 42.67 -25.02
N GLY C 673 58.34 42.97 -23.75
CA GLY C 673 56.99 43.11 -23.25
C GLY C 673 56.30 41.82 -22.86
N VAL C 674 56.98 40.67 -22.99
CA VAL C 674 56.41 39.38 -22.59
C VAL C 674 57.44 38.66 -21.72
N VAL C 675 56.95 38.05 -20.64
CA VAL C 675 57.81 37.36 -19.68
C VAL C 675 57.11 36.11 -19.18
N MET C 676 57.90 35.07 -18.91
CA MET C 676 57.37 33.80 -18.47
C MET C 676 57.35 33.72 -16.95
N GLY C 677 56.21 33.27 -16.41
CA GLY C 677 56.06 33.06 -14.99
C GLY C 677 55.44 31.70 -14.72
N LEU C 678 55.33 31.37 -13.44
CA LEU C 678 54.86 30.07 -12.99
C LEU C 678 53.51 30.20 -12.31
N ALA C 679 52.59 29.29 -12.65
CA ALA C 679 51.22 29.32 -12.15
C ALA C 679 50.90 27.99 -11.48
N TRP C 680 50.25 28.06 -10.31
CA TRP C 680 49.82 26.88 -9.57
C TRP C 680 48.33 26.70 -9.81
N THR C 681 48.01 26.01 -10.91
CA THR C 681 46.62 25.79 -11.28
C THR C 681 46.12 24.48 -10.68
N ALA C 682 44.80 24.34 -10.64
CA ALA C 682 44.19 23.15 -10.03
C ALA C 682 44.82 21.88 -10.59
N MET C 683 45.11 21.87 -11.89
CA MET C 683 45.88 20.78 -12.50
C MET C 683 47.37 21.13 -12.34
N GLY C 684 47.85 20.95 -11.11
CA GLY C 684 49.28 21.05 -10.86
C GLY C 684 49.83 22.41 -11.25
N GLY C 685 50.88 22.40 -12.07
CA GLY C 685 51.59 23.62 -12.41
C GLY C 685 51.62 23.90 -13.89
N SER C 686 51.92 25.16 -14.23
CA SER C 686 52.04 25.55 -15.63
C SER C 686 53.00 26.72 -15.73
N THR C 687 53.53 26.92 -16.92
CA THR C 687 54.35 28.08 -17.25
C THR C 687 53.56 28.96 -18.20
N LEU C 688 53.26 30.18 -17.77
CA LEU C 688 52.38 31.08 -18.50
C LEU C 688 53.15 32.33 -18.89
N PHE C 689 52.98 32.76 -20.14
CA PHE C 689 53.70 33.91 -20.68
C PHE C 689 52.80 35.13 -20.58
N VAL C 690 53.08 35.97 -19.58
CA VAL C 690 52.37 37.25 -19.45
C VAL C 690 52.86 38.16 -20.58
N GLU C 691 51.93 38.62 -21.41
CA GLU C 691 52.25 39.38 -22.61
C GLU C 691 51.75 40.81 -22.48
N THR C 692 52.45 41.73 -23.12
CA THR C 692 52.05 43.12 -23.18
C THR C 692 52.16 43.63 -24.61
N SER C 693 51.28 44.56 -24.96
CA SER C 693 51.25 45.15 -26.29
C SER C 693 50.85 46.62 -26.16
N LEU C 694 51.25 47.41 -27.15
CA LEU C 694 50.90 48.83 -27.22
C LEU C 694 49.70 48.96 -28.15
N ARG C 695 48.52 49.16 -27.58
CA ARG C 695 47.28 49.21 -28.34
C ARG C 695 46.91 50.62 -28.78
N ARG C 696 47.84 51.57 -28.68
CA ARG C 696 47.60 52.93 -29.15
C ARG C 696 48.94 53.59 -29.40
N PRO C 697 49.03 54.54 -30.33
CA PRO C 697 50.32 55.19 -30.57
C PRO C 697 50.86 55.83 -29.31
N GLN C 698 52.17 55.70 -29.10
CA GLN C 698 52.77 56.24 -27.89
C GLN C 698 52.61 57.75 -27.81
N ASP C 699 52.83 58.44 -28.93
CA ASP C 699 52.84 59.90 -28.98
C ASP C 699 51.65 60.37 -29.82
N LYS C 700 50.48 60.49 -29.18
CA LYS C 700 49.38 61.20 -29.81
C LYS C 700 49.70 62.68 -29.95
N ASP C 701 50.33 63.25 -28.92
CA ASP C 701 50.80 64.63 -28.95
C ASP C 701 51.87 64.78 -27.88
N ALA C 702 53.08 65.16 -28.28
CA ALA C 702 54.19 65.22 -27.34
C ALA C 702 53.84 66.06 -26.12
N LYS C 703 53.15 67.18 -26.33
CA LYS C 703 52.69 67.98 -25.20
C LYS C 703 51.74 67.21 -24.31
N GLY C 704 51.01 66.25 -24.88
CA GLY C 704 50.04 65.48 -24.13
C GLY C 704 50.58 64.91 -22.83
N ASP C 705 49.95 65.29 -21.72
CA ASP C 705 50.35 64.83 -20.39
C ASP C 705 49.42 63.75 -19.85
N LYS C 706 48.54 63.20 -20.69
CA LYS C 706 47.57 62.22 -20.22
C LYS C 706 48.27 60.94 -19.76
N ASP C 707 47.64 60.27 -18.80
CA ASP C 707 48.19 59.06 -18.21
C ASP C 707 47.96 57.87 -19.13
N GLY C 708 48.84 56.87 -19.00
CA GLY C 708 48.78 55.67 -19.80
C GLY C 708 47.83 54.62 -19.27
N SER C 709 46.52 54.81 -19.49
CA SER C 709 45.54 53.84 -19.04
C SER C 709 45.95 52.44 -19.47
N LEU C 710 45.57 51.45 -18.65
CA LEU C 710 45.94 50.07 -18.86
C LEU C 710 44.70 49.20 -19.03
N GLU C 711 44.75 48.27 -19.97
CA GLU C 711 43.73 47.25 -20.16
C GLU C 711 44.32 45.90 -19.79
N VAL C 712 43.48 45.06 -19.19
CA VAL C 712 43.91 43.75 -18.71
C VAL C 712 42.96 42.68 -19.23
N THR C 713 43.52 41.49 -19.49
CA THR C 713 42.71 40.35 -19.89
C THR C 713 43.21 39.10 -19.20
N GLY C 714 42.38 38.05 -19.21
CA GLY C 714 42.70 36.81 -18.56
C GLY C 714 41.68 36.37 -17.52
N GLN C 715 40.42 36.79 -17.68
CA GLN C 715 39.36 36.44 -16.75
C GLN C 715 39.73 36.86 -15.33
N LEU C 716 40.30 38.05 -15.21
CA LEU C 716 40.86 38.50 -13.94
C LEU C 716 39.76 38.76 -12.91
N GLY C 717 40.02 38.35 -11.67
CA GLY C 717 39.17 38.70 -10.56
C GLY C 717 39.52 40.07 -10.01
N GLU C 718 38.68 40.55 -9.08
CA GLU C 718 38.89 41.87 -8.51
C GLU C 718 40.23 41.97 -7.79
N VAL C 719 40.59 40.94 -7.04
CA VAL C 719 41.88 40.95 -6.35
C VAL C 719 43.02 40.95 -7.36
N MET C 720 42.88 40.17 -8.44
CA MET C 720 43.90 40.18 -9.48
C MET C 720 44.01 41.55 -10.13
N LYS C 721 42.86 42.21 -10.35
CA LYS C 721 42.88 43.54 -10.94
C LYS C 721 43.57 44.54 -10.02
N GLU C 722 43.30 44.46 -8.72
CA GLU C 722 43.99 45.33 -7.77
C GLU C 722 45.49 45.07 -7.79
N SER C 723 45.89 43.80 -7.83
CA SER C 723 47.31 43.48 -7.91
C SER C 723 47.93 44.03 -9.18
N ALA C 724 47.20 43.96 -10.30
CA ALA C 724 47.70 44.50 -11.56
C ALA C 724 47.88 46.01 -11.48
N ARG C 725 46.92 46.71 -10.88
CA ARG C 725 47.05 48.16 -10.72
C ARG C 725 48.25 48.50 -9.83
N ILE C 726 48.43 47.75 -8.74
CA ILE C 726 49.57 47.98 -7.86
C ILE C 726 50.87 47.76 -8.60
N ALA C 727 50.94 46.69 -9.39
CA ALA C 727 52.15 46.41 -10.17
C ALA C 727 52.40 47.50 -11.19
N TYR C 728 51.34 48.01 -11.82
CA TYR C 728 51.49 49.09 -12.79
C TYR C 728 52.06 50.34 -12.13
N THR C 729 51.53 50.70 -10.96
CA THR C 729 52.06 51.86 -10.24
C THR C 729 53.50 51.64 -9.83
N PHE C 730 53.83 50.44 -9.35
CA PHE C 730 55.20 50.15 -8.95
C PHE C 730 56.15 50.23 -10.13
N ALA C 731 55.74 49.71 -11.29
CA ALA C 731 56.59 49.79 -12.48
C ALA C 731 56.76 51.24 -12.92
N ARG C 732 55.70 52.05 -12.81
CA ARG C 732 55.82 53.46 -13.13
C ARG C 732 56.85 54.13 -12.23
N ALA C 733 56.78 53.85 -10.92
CA ALA C 733 57.76 54.42 -10.00
C ALA C 733 59.18 53.91 -10.28
N PHE C 734 59.30 52.62 -10.61
CA PHE C 734 60.61 52.05 -10.87
C PHE C 734 61.24 52.68 -12.11
N LEU C 735 60.44 52.96 -13.13
CA LEU C 735 60.96 53.68 -14.29
C LEU C 735 61.27 55.14 -13.94
N MET C 736 60.42 55.76 -13.12
CA MET C 736 60.68 57.13 -12.69
C MET C 736 62.05 57.23 -12.04
N GLN C 737 62.41 56.24 -11.23
CA GLN C 737 63.71 56.24 -10.56
C GLN C 737 64.82 55.83 -11.51
N HIS C 738 64.74 54.62 -12.06
CA HIS C 738 65.80 54.06 -12.89
C HIS C 738 65.92 54.77 -14.23
N ALA C 739 64.84 55.36 -14.75
CA ALA C 739 64.88 56.01 -16.05
C ALA C 739 63.83 57.10 -16.14
N PRO C 740 64.08 58.28 -15.54
CA PRO C 740 63.07 59.35 -15.61
C PRO C 740 62.72 59.75 -17.02
N ALA C 741 63.68 59.73 -17.95
CA ALA C 741 63.42 60.14 -19.33
C ALA C 741 62.48 59.18 -20.05
N ASN C 742 62.25 57.98 -19.53
CA ASN C 742 61.37 57.00 -20.17
C ASN C 742 59.95 57.24 -19.69
N ASP C 743 59.23 58.10 -20.40
CA ASP C 743 57.81 58.35 -20.12
C ASP C 743 56.91 57.33 -20.80
N TYR C 744 57.48 56.26 -21.35
CA TYR C 744 56.67 55.25 -22.04
C TYR C 744 55.57 54.72 -21.13
N LEU C 745 55.93 54.29 -19.93
CA LEU C 745 54.98 53.62 -19.06
C LEU C 745 53.93 54.55 -18.47
N VAL C 746 54.12 55.87 -18.57
CA VAL C 746 53.14 56.84 -18.10
C VAL C 746 52.25 57.33 -19.23
N THR C 747 52.85 57.82 -20.31
CA THR C 747 52.10 58.34 -21.46
C THR C 747 52.02 57.28 -22.56
N SER C 748 51.32 56.18 -22.27
CA SER C 748 51.14 55.12 -23.25
C SER C 748 50.05 54.18 -22.76
N HIS C 749 49.09 53.90 -23.64
CA HIS C 749 48.01 52.97 -23.34
C HIS C 749 48.44 51.56 -23.73
N ILE C 750 48.33 50.62 -22.78
CA ILE C 750 48.90 49.30 -22.92
C ILE C 750 47.83 48.25 -22.67
N HIS C 751 48.00 47.09 -23.30
CA HIS C 751 47.18 45.90 -23.08
C HIS C 751 48.06 44.81 -22.51
N LEU C 752 47.68 44.30 -21.34
CA LEU C 752 48.40 43.21 -20.70
C LEU C 752 47.48 42.00 -20.58
N HIS C 753 47.98 40.85 -21.03
CA HIS C 753 47.26 39.58 -20.93
C HIS C 753 48.06 38.63 -20.08
N VAL C 754 47.48 38.20 -18.96
CA VAL C 754 48.02 37.14 -18.13
C VAL C 754 47.22 35.87 -18.41
N PRO C 755 47.82 34.80 -18.92
CA PRO C 755 47.05 33.58 -19.17
C PRO C 755 46.38 33.08 -17.91
N GLU C 756 45.13 32.65 -18.06
CA GLU C 756 44.36 32.17 -16.92
C GLU C 756 44.70 30.72 -16.62
N GLY C 757 44.13 30.21 -15.52
CA GLY C 757 44.39 28.85 -15.08
C GLY C 757 44.90 28.82 -13.66
N ALA C 758 45.74 29.78 -13.30
CA ALA C 758 46.24 29.87 -11.94
C ALA C 758 45.07 29.99 -10.97
N THR C 759 45.15 29.24 -9.88
CA THR C 759 44.12 29.34 -8.85
C THR C 759 44.07 30.76 -8.32
N PRO C 760 42.88 31.28 -7.98
CA PRO C 760 42.79 32.70 -7.62
C PRO C 760 43.73 33.10 -6.50
N LYS C 761 43.95 32.23 -5.52
CA LYS C 761 44.90 32.54 -4.46
C LYS C 761 46.32 32.70 -5.01
N ASP C 762 46.65 31.98 -6.08
CA ASP C 762 47.96 32.06 -6.70
C ASP C 762 48.04 33.12 -7.79
N GLY C 763 46.93 33.79 -8.11
CA GLY C 763 46.90 34.78 -9.14
C GLY C 763 47.85 35.94 -8.88
N PRO C 764 47.82 36.48 -7.65
CA PRO C 764 48.72 37.60 -7.33
C PRO C 764 50.20 37.29 -7.48
N SER C 765 50.58 36.01 -7.62
CA SER C 765 51.98 35.66 -7.77
C SER C 765 52.56 36.11 -9.10
N ALA C 766 51.73 36.59 -10.02
CA ALA C 766 52.18 37.07 -11.32
C ALA C 766 52.52 38.54 -11.34
N GLY C 767 52.51 39.21 -10.18
CA GLY C 767 52.86 40.63 -10.14
C GLY C 767 54.28 40.88 -10.59
N CYS C 768 55.22 40.04 -10.17
CA CYS C 768 56.61 40.20 -10.59
C CYS C 768 56.73 40.07 -12.10
N THR C 769 56.09 39.05 -12.68
CA THR C 769 56.02 38.93 -14.13
C THR C 769 55.53 40.24 -14.72
N ILE C 770 54.31 40.64 -14.37
CA ILE C 770 53.69 41.86 -14.87
C ILE C 770 54.69 43.01 -14.87
N VAL C 771 55.37 43.23 -13.74
CA VAL C 771 56.27 44.37 -13.62
C VAL C 771 57.42 44.25 -14.62
N THR C 772 58.06 43.09 -14.67
CA THR C 772 59.21 42.96 -15.56
C THR C 772 58.80 43.02 -17.03
N ALA C 773 57.63 42.48 -17.37
CA ALA C 773 57.12 42.58 -18.73
C ALA C 773 56.86 44.02 -19.11
N LEU C 774 56.23 44.79 -18.22
CA LEU C 774 55.98 46.20 -18.50
C LEU C 774 57.29 46.95 -18.67
N LEU C 775 58.27 46.67 -17.82
CA LEU C 775 59.57 47.34 -17.94
C LEU C 775 60.22 47.00 -19.27
N SER C 776 60.20 45.72 -19.64
CA SER C 776 60.81 45.31 -20.91
C SER C 776 60.13 45.99 -22.09
N LEU C 777 58.80 46.07 -22.06
CA LEU C 777 58.08 46.78 -23.12
C LEU C 777 58.48 48.25 -23.14
N ALA C 778 58.62 48.87 -21.97
CA ALA C 778 58.97 50.28 -21.92
C ALA C 778 60.34 50.54 -22.52
N MET C 779 61.33 49.72 -22.17
CA MET C 779 62.68 49.90 -22.69
C MET C 779 63.01 49.00 -23.87
N GLY C 780 62.15 48.03 -24.18
CA GLY C 780 62.33 47.19 -25.35
C GLY C 780 63.35 46.09 -25.19
N ARG C 781 63.99 45.97 -24.04
CA ARG C 781 64.97 44.91 -23.83
C ARG C 781 64.24 43.61 -23.49
N PRO C 782 64.41 42.55 -24.28
CA PRO C 782 63.75 41.28 -23.93
C PRO C 782 64.24 40.75 -22.59
N VAL C 783 63.31 40.17 -21.84
CA VAL C 783 63.69 39.49 -20.60
C VAL C 783 64.65 38.35 -20.95
N ARG C 784 65.53 38.01 -20.01
CA ARG C 784 66.52 36.99 -20.26
C ARG C 784 65.85 35.66 -20.62
N GLN C 785 66.41 34.96 -21.59
CA GLN C 785 65.84 33.70 -22.03
C GLN C 785 65.83 32.69 -20.89
N ASN C 786 64.99 31.66 -21.05
CA ASN C 786 64.84 30.58 -20.09
C ASN C 786 64.92 31.10 -18.65
N LEU C 787 64.15 32.14 -18.38
CA LEU C 787 64.03 32.73 -17.06
C LEU C 787 62.58 32.69 -16.61
N ALA C 788 62.36 32.36 -15.34
CA ALA C 788 61.03 32.29 -14.75
C ALA C 788 61.03 33.02 -13.42
N MET C 789 59.84 33.47 -13.02
CA MET C 789 59.69 34.17 -11.75
C MET C 789 58.24 34.05 -11.28
N THR C 790 58.07 34.20 -9.98
CA THR C 790 56.73 34.16 -9.36
C THR C 790 56.83 34.83 -8.01
N GLY C 791 55.99 35.84 -7.78
CA GLY C 791 56.05 36.59 -6.54
C GLY C 791 54.94 37.62 -6.49
N GLU C 792 54.82 38.26 -5.33
CA GLU C 792 53.77 39.23 -5.07
C GLU C 792 54.40 40.55 -4.64
N VAL C 793 54.05 41.63 -5.34
CA VAL C 793 54.59 42.94 -5.04
C VAL C 793 53.68 43.64 -4.03
N SER C 794 54.23 44.63 -3.34
CA SER C 794 53.54 45.34 -2.26
C SER C 794 53.51 46.83 -2.52
N LEU C 795 53.36 47.23 -3.79
CA LEU C 795 53.25 48.64 -4.17
C LEU C 795 54.57 49.38 -3.95
N THR C 796 55.60 48.68 -3.46
CA THR C 796 56.90 49.29 -3.23
C THR C 796 58.05 48.42 -3.73
N GLY C 797 57.78 47.21 -4.22
CA GLY C 797 58.81 46.34 -4.74
C GLY C 797 59.21 45.20 -3.82
N LYS C 798 58.62 45.09 -2.64
CA LYS C 798 58.94 44.00 -1.73
C LYS C 798 58.14 42.77 -2.11
N ILE C 799 58.85 41.66 -2.33
CA ILE C 799 58.23 40.43 -2.83
C ILE C 799 57.76 39.60 -1.65
N LEU C 800 56.50 39.17 -1.70
CA LEU C 800 55.92 38.30 -0.69
C LEU C 800 55.97 36.85 -1.14
N PRO C 801 55.92 35.90 -0.20
CA PRO C 801 55.97 34.49 -0.59
C PRO C 801 54.69 34.04 -1.28
N VAL C 802 54.79 32.89 -1.95
CA VAL C 802 53.67 32.28 -2.66
C VAL C 802 53.69 30.77 -2.43
N GLY C 803 52.58 30.13 -2.77
CA GLY C 803 52.46 28.69 -2.67
C GLY C 803 52.79 27.99 -3.98
N GLY C 804 52.68 26.66 -3.94
CA GLY C 804 52.95 25.86 -5.12
C GLY C 804 54.37 25.95 -5.61
N ILE C 805 55.33 26.10 -4.70
CA ILE C 805 56.72 26.25 -5.10
C ILE C 805 57.23 24.96 -5.75
N LYS C 806 56.91 23.81 -5.15
CA LYS C 806 57.31 22.53 -5.75
C LYS C 806 56.65 22.33 -7.11
N GLU C 807 55.35 22.61 -7.20
CA GLU C 807 54.64 22.39 -8.45
C GLU C 807 55.09 23.36 -9.53
N LYS C 808 55.29 24.63 -9.17
CA LYS C 808 55.82 25.60 -10.12
C LYS C 808 57.22 25.21 -10.56
N THR C 809 58.04 24.70 -9.65
CA THR C 809 59.37 24.24 -10.01
C THR C 809 59.30 23.06 -10.97
N ILE C 810 58.34 22.16 -10.76
CA ILE C 810 58.17 21.03 -11.67
C ILE C 810 57.80 21.51 -13.06
N ALA C 811 56.86 22.45 -13.14
CA ALA C 811 56.49 23.02 -14.43
C ALA C 811 57.68 23.71 -15.09
N ALA C 812 58.46 24.44 -14.29
CA ALA C 812 59.67 25.10 -14.80
C ALA C 812 60.64 24.09 -15.38
N LYS C 813 60.95 23.04 -14.62
CA LYS C 813 61.90 22.04 -15.09
C LYS C 813 61.40 21.35 -16.35
N ARG C 814 60.11 21.03 -16.39
CA ARG C 814 59.52 20.45 -17.59
C ARG C 814 59.47 21.44 -18.75
N ALA C 815 59.48 22.74 -18.45
CA ALA C 815 59.41 23.78 -19.47
C ALA C 815 60.79 24.21 -19.97
N GLY C 816 61.86 23.57 -19.50
CA GLY C 816 63.19 23.93 -19.96
C GLY C 816 63.63 25.32 -19.59
N VAL C 817 63.33 25.77 -18.38
CA VAL C 817 63.77 27.06 -17.87
C VAL C 817 64.92 26.82 -16.91
N THR C 818 66.03 27.54 -17.11
CA THR C 818 67.24 27.32 -16.34
C THR C 818 67.36 28.22 -15.12
N CYS C 819 67.00 29.50 -15.24
CA CYS C 819 67.06 30.44 -14.14
C CYS C 819 65.65 30.70 -13.62
N ILE C 820 65.48 30.60 -12.31
CA ILE C 820 64.18 30.80 -11.67
C ILE C 820 64.35 31.83 -10.56
N VAL C 821 63.36 32.72 -10.42
CA VAL C 821 63.35 33.75 -9.40
C VAL C 821 62.23 33.43 -8.42
N LEU C 822 62.56 33.37 -7.14
CA LEU C 822 61.61 33.08 -6.08
C LEU C 822 61.83 34.06 -4.94
N PRO C 823 60.81 34.32 -4.13
CA PRO C 823 61.01 35.14 -2.93
C PRO C 823 61.91 34.43 -1.93
N ALA C 824 62.63 35.24 -1.14
CA ALA C 824 63.51 34.67 -0.13
C ALA C 824 62.72 33.86 0.90
N GLU C 825 61.52 34.35 1.25
CA GLU C 825 60.72 33.66 2.25
C GLU C 825 60.32 32.27 1.79
N ASN C 826 60.18 32.06 0.48
CA ASN C 826 59.86 30.74 -0.06
C ASN C 826 61.09 29.85 -0.21
N LYS C 827 62.28 30.36 0.11
CA LYS C 827 63.50 29.60 -0.13
C LYS C 827 63.38 28.20 0.45
N LYS C 828 62.81 28.08 1.65
CA LYS C 828 62.75 26.79 2.30
C LYS C 828 61.93 25.80 1.49
N ASP C 829 60.78 26.24 0.98
CA ASP C 829 59.94 25.35 0.18
C ASP C 829 60.67 24.88 -1.07
N PHE C 830 61.70 25.63 -1.50
CA PHE C 830 62.49 25.21 -2.64
C PHE C 830 63.62 24.28 -2.24
N TYR C 831 64.13 24.41 -1.02
CA TYR C 831 65.20 23.55 -0.54
C TYR C 831 64.70 22.25 0.09
N ASP C 832 63.45 22.20 0.52
CA ASP C 832 62.87 20.96 0.99
C ASP C 832 62.70 19.94 -0.13
N LEU C 833 62.83 20.36 -1.38
CA LEU C 833 62.70 19.48 -2.52
C LEU C 833 63.91 18.56 -2.63
N ALA C 834 63.73 17.45 -3.34
CA ALA C 834 64.82 16.52 -3.57
C ALA C 834 65.89 17.17 -4.43
N ALA C 835 67.03 16.48 -4.54
CA ALA C 835 68.11 16.97 -5.39
C ALA C 835 67.78 16.77 -6.87
N PHE C 836 67.23 15.60 -7.23
CA PHE C 836 67.02 15.26 -8.62
C PHE C 836 66.03 16.19 -9.31
N ILE C 837 65.26 16.96 -8.55
CA ILE C 837 64.28 17.87 -9.15
C ILE C 837 64.88 19.24 -9.48
N THR C 838 66.05 19.58 -8.96
CA THR C 838 66.56 20.93 -9.00
C THR C 838 67.73 21.14 -9.95
N GLU C 839 68.36 20.08 -10.45
CA GLU C 839 69.53 20.23 -11.29
C GLU C 839 69.24 21.14 -12.48
N GLY C 840 70.15 22.08 -12.72
CA GLY C 840 70.00 23.03 -13.81
C GLY C 840 69.19 24.26 -13.47
N LEU C 841 68.63 24.34 -12.26
CA LEU C 841 67.84 25.49 -11.84
C LEU C 841 68.74 26.44 -11.07
N GLU C 842 69.28 27.44 -11.76
CA GLU C 842 70.07 28.50 -11.13
C GLU C 842 69.11 29.43 -10.40
N VAL C 843 68.71 29.00 -9.20
CA VAL C 843 67.69 29.72 -8.46
C VAL C 843 68.18 31.13 -8.13
N HIS C 844 67.23 32.06 -8.04
CA HIS C 844 67.52 33.45 -7.69
C HIS C 844 66.52 33.87 -6.63
N PHE C 845 67.01 34.15 -5.42
CA PHE C 845 66.15 34.46 -4.30
C PHE C 845 66.20 35.96 -4.00
N VAL C 846 65.03 36.56 -3.82
CA VAL C 846 64.91 38.01 -3.79
C VAL C 846 63.88 38.40 -2.74
N GLU C 847 64.07 39.60 -2.17
CA GLU C 847 63.07 40.23 -1.32
C GLU C 847 62.62 41.58 -1.84
N HIS C 848 63.43 42.26 -2.65
CA HIS C 848 63.08 43.53 -3.28
C HIS C 848 63.19 43.37 -4.79
N TYR C 849 62.28 44.02 -5.51
CA TYR C 849 62.23 43.83 -6.96
C TYR C 849 63.51 44.31 -7.64
N ARG C 850 64.23 45.25 -7.02
CA ARG C 850 65.45 45.77 -7.64
C ARG C 850 66.38 44.64 -8.06
N GLU C 851 66.54 43.64 -7.21
CA GLU C 851 67.36 42.48 -7.57
C GLU C 851 66.81 41.79 -8.81
N ILE C 852 65.49 41.73 -8.94
CA ILE C 852 64.89 41.10 -10.11
C ILE C 852 65.17 41.92 -11.35
N PHE C 853 65.12 43.24 -11.24
CA PHE C 853 65.47 44.09 -12.39
C PHE C 853 66.92 43.88 -12.80
N ASP C 854 67.82 43.78 -11.83
CA ASP C 854 69.22 43.51 -12.16
C ASP C 854 69.44 42.12 -12.72
N ILE C 855 68.59 41.15 -12.35
CA ILE C 855 68.73 39.79 -12.86
C ILE C 855 68.21 39.70 -14.29
N ALA C 856 66.92 40.00 -14.48
CA ALA C 856 66.31 39.87 -15.80
C ALA C 856 66.95 40.82 -16.81
N PHE C 857 67.56 41.90 -16.35
CA PHE C 857 68.15 42.92 -17.22
C PHE C 857 69.58 43.16 -16.77
N PRO C 858 70.47 42.18 -16.97
CA PRO C 858 71.86 42.35 -16.52
C PRO C 858 72.57 43.51 -17.18
N ASP C 859 72.20 43.84 -18.42
CA ASP C 859 72.84 44.94 -19.15
C ASP C 859 74.31 44.64 -19.38
N HIS D 33 -69.77 -22.18 52.94
CA HIS D 33 -70.21 -20.90 52.28
C HIS D 33 -69.01 -20.01 52.04
N LEU D 34 -68.29 -20.25 50.96
CA LEU D 34 -67.09 -19.52 50.61
C LEU D 34 -67.15 -19.03 49.17
N PRO D 35 -66.49 -17.92 48.86
CA PRO D 35 -66.46 -17.46 47.47
C PRO D 35 -65.70 -18.44 46.59
N LEU D 36 -66.12 -18.52 45.32
CA LEU D 36 -65.51 -19.46 44.40
C LEU D 36 -64.04 -19.14 44.19
N ILE D 37 -63.21 -20.20 44.15
CA ILE D 37 -61.79 -20.02 43.93
C ILE D 37 -61.53 -19.70 42.47
N ALA D 38 -60.71 -18.68 42.22
CA ALA D 38 -60.35 -18.28 40.85
C ALA D 38 -59.32 -19.26 40.32
N ILE D 39 -59.74 -20.11 39.37
CA ILE D 39 -58.85 -21.15 38.86
C ILE D 39 -57.69 -20.51 38.08
N THR D 40 -57.99 -19.59 37.19
CA THR D 40 -56.98 -18.88 36.40
C THR D 40 -56.03 -19.87 35.71
N ARG D 41 -56.60 -20.65 34.79
CA ARG D 41 -55.86 -21.56 33.94
C ARG D 41 -54.95 -22.49 34.76
N ASN D 42 -55.53 -23.07 35.81
CA ASN D 42 -54.85 -24.07 36.64
C ASN D 42 -55.76 -25.28 36.77
N PRO D 43 -55.88 -26.08 35.71
CA PRO D 43 -56.74 -27.27 35.79
C PRO D 43 -56.25 -28.23 36.88
N VAL D 44 -57.21 -28.85 37.56
CA VAL D 44 -56.94 -29.76 38.66
C VAL D 44 -57.57 -31.09 38.31
N PHE D 45 -56.76 -32.01 37.77
CA PHE D 45 -57.27 -33.31 37.40
C PHE D 45 -57.57 -34.13 38.65
N PRO D 46 -58.50 -35.09 38.57
CA PRO D 46 -58.77 -35.94 39.73
C PRO D 46 -57.52 -36.69 40.17
N ARG D 47 -57.32 -36.73 41.49
CA ARG D 47 -56.19 -37.42 42.09
C ARG D 47 -54.86 -36.96 41.47
N PHE D 48 -54.65 -35.64 41.47
CA PHE D 48 -53.44 -35.06 40.93
C PHE D 48 -53.12 -33.78 41.68
N ILE D 49 -51.91 -33.71 42.26
CA ILE D 49 -51.49 -32.51 42.96
C ILE D 49 -51.29 -31.38 41.96
N LYS D 50 -51.86 -30.21 42.26
CA LYS D 50 -51.72 -29.05 41.41
C LYS D 50 -51.48 -27.82 42.27
N ILE D 51 -50.87 -26.81 41.67
CA ILE D 51 -50.54 -25.56 42.34
C ILE D 51 -51.28 -24.42 41.64
N ILE D 52 -52.06 -23.67 42.41
CA ILE D 52 -52.78 -22.50 41.93
C ILE D 52 -52.10 -21.27 42.50
N GLU D 53 -51.74 -20.33 41.63
CA GLU D 53 -51.09 -19.08 42.01
C GLU D 53 -51.84 -17.94 41.34
N VAL D 54 -52.76 -17.32 42.09
CA VAL D 54 -53.53 -16.19 41.59
C VAL D 54 -52.81 -14.90 42.00
N LYS D 55 -52.60 -14.02 41.02
CA LYS D 55 -51.90 -12.76 41.31
C LYS D 55 -52.68 -11.93 42.32
N ASN D 56 -54.00 -11.89 42.19
CA ASN D 56 -54.81 -11.09 43.10
C ASN D 56 -54.58 -11.53 44.54
N LYS D 57 -54.39 -10.54 45.42
CA LYS D 57 -54.14 -10.82 46.83
C LYS D 57 -55.43 -10.97 47.64
N LYS D 58 -56.60 -10.79 47.01
CA LYS D 58 -57.85 -10.92 47.73
C LYS D 58 -57.99 -12.31 48.34
N LEU D 59 -57.54 -13.34 47.62
CA LEU D 59 -57.60 -14.70 48.14
C LEU D 59 -56.70 -14.90 49.35
N VAL D 60 -55.72 -14.01 49.56
CA VAL D 60 -54.85 -14.13 50.73
C VAL D 60 -55.66 -13.98 52.00
N GLU D 61 -56.59 -13.01 52.03
CA GLU D 61 -57.43 -12.82 53.21
C GLU D 61 -58.27 -14.05 53.47
N LEU D 62 -58.86 -14.63 52.42
CA LEU D 62 -59.67 -15.83 52.59
C LEU D 62 -58.83 -16.97 53.13
N LEU D 63 -57.62 -17.16 52.59
CA LEU D 63 -56.76 -18.25 53.06
C LEU D 63 -56.36 -18.05 54.51
N ARG D 64 -56.03 -16.81 54.89
CA ARG D 64 -55.65 -16.53 56.26
C ARG D 64 -56.83 -16.64 57.22
N ARG D 65 -58.05 -16.46 56.72
CA ARG D 65 -59.23 -16.59 57.57
C ARG D 65 -59.47 -18.03 57.98
N LYS D 66 -59.21 -18.98 57.08
CA LYS D 66 -59.49 -20.38 57.30
C LYS D 66 -58.38 -21.09 58.08
N VAL D 67 -57.34 -20.37 58.50
CA VAL D 67 -56.25 -20.98 59.22
C VAL D 67 -56.70 -21.43 60.61
N ARG D 68 -57.47 -20.57 61.29
CA ARG D 68 -57.98 -20.92 62.60
C ARG D 68 -58.85 -22.17 62.57
N LEU D 69 -59.41 -22.50 61.41
CA LEU D 69 -60.23 -23.70 61.29
C LEU D 69 -59.39 -24.94 61.56
N ALA D 70 -59.98 -25.90 62.28
CA ALA D 70 -59.25 -27.12 62.62
C ALA D 70 -58.93 -27.94 61.37
N GLN D 71 -59.80 -27.92 60.38
CA GLN D 71 -59.63 -28.70 59.14
C GLN D 71 -59.77 -27.76 57.95
N PRO D 72 -58.70 -27.04 57.62
CA PRO D 72 -58.78 -26.11 56.48
C PRO D 72 -59.10 -26.84 55.19
N TYR D 73 -59.91 -26.20 54.34
CA TYR D 73 -60.34 -26.79 53.09
C TYR D 73 -60.42 -25.71 52.03
N VAL D 74 -60.36 -26.14 50.76
CA VAL D 74 -60.41 -25.24 49.62
C VAL D 74 -61.32 -25.85 48.56
N GLY D 75 -62.07 -25.00 47.88
CA GLY D 75 -62.92 -25.44 46.78
C GLY D 75 -62.16 -25.40 45.47
N VAL D 76 -62.23 -26.51 44.74
CA VAL D 76 -61.59 -26.63 43.43
C VAL D 76 -62.68 -26.83 42.39
N PHE D 77 -62.64 -26.03 41.34
CA PHE D 77 -63.66 -26.06 40.29
C PHE D 77 -62.95 -25.93 38.95
N LEU D 78 -63.75 -25.76 37.89
CA LEU D 78 -63.23 -25.58 36.55
C LEU D 78 -63.97 -24.43 35.89
N LYS D 79 -63.23 -23.58 35.19
CA LYS D 79 -63.82 -22.42 34.51
C LYS D 79 -64.38 -22.83 33.16
N ARG D 80 -65.43 -22.13 32.75
CA ARG D 80 -66.06 -22.38 31.46
C ARG D 80 -65.22 -21.73 30.36
N ASP D 81 -65.66 -21.91 29.11
CA ASP D 81 -64.99 -21.28 27.99
C ASP D 81 -65.01 -19.76 28.15
N ASP D 82 -64.11 -19.10 27.44
CA ASP D 82 -63.99 -17.64 27.46
C ASP D 82 -63.74 -17.14 28.88
N SER D 83 -62.61 -17.55 29.44
CA SER D 83 -62.23 -17.13 30.78
C SER D 83 -62.15 -15.61 30.85
N ASN D 84 -62.75 -15.03 31.90
CA ASN D 84 -62.74 -13.60 32.11
C ASN D 84 -62.68 -13.33 33.60
N GLU D 85 -61.63 -12.64 34.05
CA GLU D 85 -61.45 -12.38 35.47
C GLU D 85 -62.56 -11.51 36.03
N SER D 86 -62.98 -10.50 35.27
CA SER D 86 -64.05 -9.62 35.74
C SER D 86 -65.35 -10.39 35.96
N ASP D 87 -65.66 -11.31 35.04
CA ASP D 87 -66.88 -12.10 35.19
C ASP D 87 -66.82 -13.03 36.39
N VAL D 88 -65.61 -13.44 36.80
CA VAL D 88 -65.48 -14.32 37.97
C VAL D 88 -66.02 -13.61 39.21
N VAL D 89 -65.77 -12.30 39.31
CA VAL D 89 -66.27 -11.53 40.46
C VAL D 89 -67.66 -10.93 40.20
N GLU D 90 -68.07 -10.81 38.94
CA GLU D 90 -69.37 -10.23 38.65
C GLU D 90 -70.48 -11.28 38.73
N SER D 91 -70.25 -12.45 38.13
CA SER D 91 -71.23 -13.54 38.12
C SER D 91 -70.54 -14.84 38.50
N LEU D 92 -71.29 -15.69 39.22
CA LEU D 92 -70.76 -16.96 39.70
C LEU D 92 -71.11 -18.14 38.79
N ASP D 93 -71.84 -17.91 37.70
CA ASP D 93 -72.22 -19.01 36.82
C ASP D 93 -71.10 -19.42 35.87
N GLU D 94 -70.06 -18.60 35.71
CA GLU D 94 -68.96 -18.96 34.82
C GLU D 94 -68.26 -20.23 35.29
N ILE D 95 -68.02 -20.34 36.58
CA ILE D 95 -67.36 -21.51 37.14
C ILE D 95 -68.29 -22.72 37.04
N HIS D 97 -70.41 -25.94 37.70
CA HIS D 97 -71.06 -26.44 38.90
C HIS D 97 -70.25 -27.59 39.49
N THR D 98 -69.54 -28.30 38.63
CA THR D 98 -68.67 -29.38 39.09
C THR D 98 -67.51 -28.81 39.89
N GLY D 99 -67.11 -29.53 40.94
CA GLY D 99 -66.01 -29.12 41.78
C GLY D 99 -65.34 -30.33 42.40
N THR D 100 -64.21 -30.07 43.07
CA THR D 100 -63.42 -31.13 43.69
C THR D 100 -63.02 -30.65 45.09
N PHE D 101 -63.84 -30.99 46.09
CA PHE D 101 -63.52 -30.65 47.46
C PHE D 101 -62.29 -31.43 47.92
N ALA D 102 -61.45 -30.77 48.71
CA ALA D 102 -60.18 -31.35 49.12
C ALA D 102 -59.73 -30.71 50.43
N GLN D 103 -58.73 -31.33 51.04
CA GLN D 103 -58.14 -30.85 52.28
C GLN D 103 -56.85 -30.11 51.98
N ILE D 104 -56.68 -28.94 52.59
CA ILE D 104 -55.48 -28.14 52.35
C ILE D 104 -54.30 -28.79 53.06
N HIS D 105 -53.14 -28.80 52.38
CA HIS D 105 -51.97 -29.53 52.87
C HIS D 105 -51.04 -28.65 53.68
N GLU D 106 -50.46 -27.61 53.07
CA GLU D 106 -49.52 -26.76 53.78
C GLU D 106 -49.15 -25.57 52.91
N MET D 107 -48.97 -24.42 53.56
CA MET D 107 -48.50 -23.21 52.90
C MET D 107 -47.00 -23.29 52.63
N GLN D 108 -46.60 -22.81 51.45
CA GLN D 108 -45.20 -22.64 51.11
C GLN D 108 -44.84 -21.19 50.87
N ASP D 109 -45.51 -20.51 49.95
CA ASP D 109 -45.25 -19.10 49.64
C ASP D 109 -43.75 -18.86 49.42
N LEU D 110 -43.17 -19.64 48.52
CA LEU D 110 -41.74 -19.54 48.27
C LEU D 110 -41.40 -18.26 47.51
N GLY D 111 -41.92 -18.13 46.29
CA GLY D 111 -41.65 -16.96 45.47
C GLY D 111 -42.80 -15.98 45.49
N ASP D 112 -44.02 -16.49 45.44
CA ASP D 112 -45.23 -15.68 45.49
C ASP D 112 -45.91 -15.84 46.84
N LYS D 113 -46.79 -14.87 47.14
CA LYS D 113 -47.54 -14.89 48.39
C LYS D 113 -48.73 -15.83 48.32
N LEU D 114 -49.01 -16.43 47.17
CA LEU D 114 -50.13 -17.36 47.01
C LEU D 114 -49.64 -18.57 46.21
N ARG D 115 -49.41 -19.68 46.90
CA ARG D 115 -48.97 -20.93 46.29
C ARG D 115 -49.93 -22.05 46.67
N MET D 116 -51.22 -21.80 46.48
CA MET D 116 -52.24 -22.73 46.96
C MET D 116 -52.01 -24.12 46.38
N ILE D 117 -52.16 -25.13 47.22
CA ILE D 117 -52.03 -26.53 46.81
C ILE D 117 -53.41 -27.14 46.74
N VAL D 118 -53.83 -27.56 45.55
CA VAL D 118 -55.15 -28.13 45.32
C VAL D 118 -54.98 -29.57 44.88
N MET D 119 -55.73 -30.48 45.50
CA MET D 119 -55.66 -31.90 45.24
C MET D 119 -57.05 -32.43 44.92
N GLY D 120 -57.10 -33.49 44.12
CA GLY D 120 -58.37 -34.11 43.78
C GLY D 120 -58.76 -35.17 44.78
N HIS D 121 -59.63 -34.82 45.73
CA HIS D 121 -60.04 -35.74 46.78
C HIS D 121 -61.48 -36.22 46.61
N ARG D 122 -62.45 -35.30 46.51
CA ARG D 122 -63.86 -35.66 46.49
C ARG D 122 -64.56 -34.87 45.40
N ARG D 123 -64.92 -35.54 44.31
CA ARG D 123 -65.69 -34.89 43.26
C ARG D 123 -67.10 -34.60 43.74
N VAL D 124 -67.63 -33.45 43.33
CA VAL D 124 -68.98 -33.03 43.73
C VAL D 124 -69.60 -32.27 42.57
N HIS D 125 -70.93 -32.32 42.49
CA HIS D 125 -71.69 -31.62 41.46
C HIS D 125 -72.84 -30.89 42.12
N ILE D 126 -72.74 -29.57 42.20
CA ILE D 126 -73.76 -28.75 42.85
C ILE D 126 -74.94 -28.59 41.90
N SER D 127 -76.14 -28.84 42.41
CA SER D 127 -77.34 -28.75 41.57
C SER D 127 -77.54 -27.33 41.05
N ARG D 128 -77.41 -26.33 41.93
CA ARG D 128 -77.62 -24.94 41.54
C ARG D 128 -76.64 -24.09 42.35
N GLN D 129 -75.53 -23.69 41.72
CA GLN D 129 -74.58 -22.82 42.38
C GLN D 129 -75.10 -21.41 42.60
N LEU D 130 -76.22 -21.04 41.96
CA LEU D 130 -76.81 -19.73 42.21
C LEU D 130 -77.29 -19.60 43.64
N GLU D 131 -77.94 -20.64 44.17
CA GLU D 131 -78.49 -20.59 45.51
C GLU D 131 -77.40 -20.80 46.55
N MET D 182 -73.18 -23.19 51.23
CA MET D 182 -74.08 -23.62 50.16
C MET D 182 -74.51 -25.08 50.37
N VAL D 183 -75.65 -25.43 49.79
CA VAL D 183 -76.11 -26.81 49.83
C VAL D 183 -75.26 -27.66 48.88
N GLU D 184 -74.76 -28.78 49.37
CA GLU D 184 -73.94 -29.67 48.56
C GLU D 184 -74.21 -31.10 48.98
N VAL D 185 -74.06 -32.02 48.02
CA VAL D 185 -74.26 -33.44 48.25
C VAL D 185 -73.20 -34.20 47.47
N GLU D 186 -72.67 -35.28 48.09
CA GLU D 186 -71.63 -36.09 47.46
C GLU D 186 -72.29 -37.10 46.51
N ASN D 187 -72.79 -36.56 45.40
CA ASN D 187 -73.45 -37.37 44.37
C ASN D 187 -72.41 -37.98 43.43
N VAL D 188 -71.55 -38.82 44.01
CA VAL D 188 -70.53 -39.52 43.26
C VAL D 188 -71.13 -40.81 42.71
N VAL D 189 -71.21 -40.91 41.39
CA VAL D 189 -71.81 -42.06 40.73
C VAL D 189 -70.67 -42.96 40.24
N HIS D 190 -70.61 -44.17 40.80
CA HIS D 190 -69.60 -45.17 40.44
C HIS D 190 -70.26 -46.52 40.24
N GLU D 191 -71.37 -46.53 39.50
CA GLU D 191 -72.12 -47.77 39.30
C GLU D 191 -71.29 -48.77 38.50
N ASP D 192 -71.40 -50.04 38.88
CA ASP D 192 -70.66 -51.12 38.21
C ASP D 192 -71.51 -52.37 38.22
N PHE D 193 -71.20 -53.28 37.31
CA PHE D 193 -71.94 -54.52 37.17
C PHE D 193 -71.46 -55.56 38.18
N GLN D 194 -72.38 -56.44 38.58
CA GLN D 194 -72.03 -57.48 39.55
C GLN D 194 -70.96 -58.41 38.99
N VAL D 195 -71.12 -58.84 37.75
CA VAL D 195 -70.15 -59.72 37.12
C VAL D 195 -68.94 -58.86 36.72
N THR D 196 -67.81 -59.09 37.38
CA THR D 196 -66.59 -58.32 37.15
C THR D 196 -65.52 -59.29 36.66
N GLU D 197 -65.54 -59.57 35.36
CA GLU D 197 -64.50 -60.38 34.72
C GLU D 197 -64.03 -59.82 33.38
N GLU D 198 -64.84 -59.01 32.70
CA GLU D 198 -64.41 -58.28 31.52
C GLU D 198 -64.25 -56.78 31.77
N VAL D 199 -64.73 -56.28 32.91
CA VAL D 199 -64.65 -54.85 33.18
C VAL D 199 -63.20 -54.39 33.26
N LYS D 200 -62.34 -55.20 33.88
CA LYS D 200 -60.93 -54.83 34.03
C LYS D 200 -60.09 -55.12 32.79
N ALA D 201 -60.66 -55.78 31.77
CA ALA D 201 -59.94 -55.95 30.52
C ALA D 201 -59.71 -54.60 29.84
N LEU D 202 -60.75 -53.77 29.78
CA LEU D 202 -60.58 -52.43 29.24
C LEU D 202 -59.58 -51.64 30.07
N THR D 203 -59.45 -51.95 31.37
CA THR D 203 -58.39 -51.34 32.15
C THR D 203 -57.01 -51.74 31.62
N ALA D 204 -56.85 -53.01 31.24
CA ALA D 204 -55.59 -53.44 30.64
C ALA D 204 -55.32 -52.67 29.35
N GLU D 205 -56.35 -52.54 28.50
CA GLU D 205 -56.15 -51.78 27.27
C GLU D 205 -55.80 -50.32 27.56
N ILE D 206 -56.47 -49.72 28.56
CA ILE D 206 -56.22 -48.33 28.90
C ILE D 206 -54.79 -48.13 29.39
N VAL D 207 -54.31 -49.04 30.25
CA VAL D 207 -52.95 -48.89 30.76
C VAL D 207 -51.93 -49.12 29.66
N LYS D 208 -52.20 -50.07 28.75
CA LYS D 208 -51.29 -50.26 27.63
C LYS D 208 -51.23 -49.01 26.75
N THR D 209 -52.39 -48.40 26.48
CA THR D 209 -52.41 -47.17 25.70
C THR D 209 -51.66 -46.05 26.41
N ILE D 210 -51.85 -45.93 27.73
CA ILE D 210 -51.15 -44.91 28.50
C ILE D 210 -49.65 -45.11 28.41
N ARG D 211 -49.21 -46.36 28.54
CA ARG D 211 -47.78 -46.66 28.42
C ARG D 211 -47.27 -46.26 27.04
N ASP D 212 -48.03 -46.58 25.99
CA ASP D 212 -47.61 -46.22 24.64
C ASP D 212 -47.48 -44.71 24.50
N ILE D 213 -48.46 -43.96 25.02
CA ILE D 213 -48.44 -42.50 24.87
C ILE D 213 -47.23 -41.92 25.62
N ILE D 214 -47.00 -42.37 26.85
CA ILE D 214 -45.90 -41.81 27.63
C ILE D 214 -44.57 -42.17 27.00
N ALA D 215 -44.46 -43.38 26.44
CA ALA D 215 -43.21 -43.77 25.78
C ALA D 215 -42.96 -42.91 24.54
N LEU D 216 -43.97 -42.79 23.67
CA LEU D 216 -43.81 -42.00 22.46
C LEU D 216 -43.93 -40.51 22.75
N ASN D 217 -44.68 -40.12 23.78
CA ASN D 217 -44.89 -38.73 24.17
C ASN D 217 -44.62 -38.59 25.66
N PRO D 218 -43.35 -38.55 26.07
CA PRO D 218 -43.05 -38.45 27.50
C PRO D 218 -43.61 -37.16 28.10
N LEU D 219 -44.35 -37.32 29.21
CA LEU D 219 -44.92 -36.18 29.91
C LEU D 219 -44.56 -36.21 31.39
N TYR D 220 -44.48 -37.41 31.97
CA TYR D 220 -44.21 -37.57 33.38
C TYR D 220 -43.32 -38.77 33.59
N ARG D 221 -42.71 -38.83 34.78
CA ARG D 221 -41.80 -39.92 35.10
C ARG D 221 -42.53 -41.25 35.15
N GLU D 222 -41.81 -42.32 34.79
CA GLU D 222 -42.38 -43.66 34.78
C GLU D 222 -42.51 -44.26 36.17
N SER D 223 -41.93 -43.64 37.19
CA SER D 223 -42.00 -44.22 38.53
C SER D 223 -43.43 -44.32 39.02
N VAL D 224 -44.31 -43.42 38.59
CA VAL D 224 -45.71 -43.50 39.01
C VAL D 224 -46.34 -44.78 38.52
N LEU D 225 -46.06 -45.17 37.27
CA LEU D 225 -46.62 -46.41 36.73
C LEU D 225 -46.11 -47.61 37.51
N GLN D 226 -44.82 -47.63 37.84
CA GLN D 226 -44.27 -48.74 38.62
C GLN D 226 -44.92 -48.80 40.00
N MET D 227 -45.09 -47.65 40.65
CA MET D 227 -45.74 -47.64 41.95
C MET D 227 -47.18 -48.12 41.87
N MET D 228 -47.90 -47.69 40.84
CA MET D 228 -49.30 -48.07 40.62
C MET D 228 -49.31 -49.06 39.45
N GLN D 229 -49.26 -50.35 39.79
CA GLN D 229 -49.32 -51.41 38.81
C GLN D 229 -50.67 -52.11 38.89
N ALA D 230 -51.29 -52.36 37.74
CA ALA D 230 -52.62 -52.96 37.73
C ALA D 230 -52.61 -54.32 38.42
N GLY D 231 -51.52 -55.08 38.28
CA GLY D 231 -51.44 -56.39 38.90
C GLY D 231 -51.16 -56.37 40.39
N GLN D 232 -50.73 -55.22 40.93
CA GLN D 232 -50.45 -55.14 42.35
C GLN D 232 -51.69 -55.31 43.20
N ARG D 233 -52.88 -55.14 42.62
CA ARG D 233 -54.18 -55.26 43.28
C ARG D 233 -54.45 -54.12 44.24
N VAL D 234 -53.52 -53.17 44.40
CA VAL D 234 -53.72 -52.05 45.31
C VAL D 234 -54.63 -50.97 44.74
N VAL D 235 -55.18 -51.18 43.54
CA VAL D 235 -56.05 -50.19 42.91
C VAL D 235 -57.46 -50.37 43.44
N ASP D 236 -57.77 -49.70 44.54
CA ASP D 236 -59.12 -49.74 45.11
C ASP D 236 -60.06 -48.74 44.45
N ASN D 237 -59.55 -47.86 43.60
CA ASN D 237 -60.35 -46.83 42.93
C ASN D 237 -60.04 -46.88 41.44
N PRO D 238 -60.60 -47.86 40.72
CA PRO D 238 -60.37 -47.90 39.27
C PRO D 238 -60.84 -46.65 38.56
N ILE D 239 -61.92 -46.02 39.04
CA ILE D 239 -62.37 -44.76 38.45
C ILE D 239 -61.28 -43.70 38.57
N TYR D 240 -60.65 -43.60 39.73
CA TYR D 240 -59.60 -42.60 39.92
C TYR D 240 -58.36 -42.94 39.09
N LEU D 241 -58.04 -44.23 38.94
CA LEU D 241 -56.93 -44.61 38.08
C LEU D 241 -57.20 -44.18 36.64
N SER D 242 -58.41 -44.42 36.15
CA SER D 242 -58.77 -43.97 34.81
C SER D 242 -58.73 -42.46 34.71
N ASP D 243 -59.18 -41.77 35.76
CA ASP D 243 -59.16 -40.31 35.76
C ASP D 243 -57.73 -39.79 35.64
N MET D 244 -56.79 -40.40 36.36
CA MET D 244 -55.39 -39.97 36.27
C MET D 244 -54.82 -40.28 34.88
N GLY D 245 -55.08 -41.48 34.37
CA GLY D 245 -54.60 -41.83 33.04
C GLY D 245 -55.10 -40.86 32.00
N ALA D 246 -56.37 -40.45 32.10
CA ALA D 246 -56.89 -39.39 31.24
C ALA D 246 -56.32 -38.04 31.60
N ALA D 247 -55.87 -37.85 32.84
CA ALA D 247 -55.25 -36.59 33.23
C ALA D 247 -53.94 -36.37 32.49
N LEU D 248 -53.23 -37.45 32.14
CA LEU D 248 -52.09 -37.28 31.26
C LEU D 248 -52.47 -36.63 29.92
N THR D 249 -53.73 -36.74 29.51
CA THR D 249 -54.16 -36.13 28.26
C THR D 249 -53.99 -34.61 28.31
N GLY D 250 -53.61 -34.03 27.19
CA GLY D 250 -53.47 -32.59 27.08
C GLY D 250 -54.71 -31.94 26.51
N ALA D 251 -55.84 -32.64 26.60
CA ALA D 251 -57.07 -32.16 25.99
C ALA D 251 -57.53 -30.87 26.65
N GLU D 252 -58.15 -30.01 25.85
CA GLU D 252 -58.68 -28.75 26.36
C GLU D 252 -59.67 -29.03 27.48
N SER D 253 -59.81 -28.05 28.38
CA SER D 253 -60.70 -28.21 29.53
C SER D 253 -62.12 -28.52 29.11
N HIS D 254 -62.53 -28.11 27.90
CA HIS D 254 -63.84 -28.47 27.40
C HIS D 254 -63.99 -29.99 27.29
N GLU D 255 -62.95 -30.66 26.80
CA GLU D 255 -63.00 -32.12 26.68
C GLU D 255 -63.08 -32.77 28.05
N LEU D 256 -62.34 -32.25 29.02
CA LEU D 256 -62.40 -32.79 30.38
C LEU D 256 -63.79 -32.61 30.96
N GLN D 257 -64.41 -31.45 30.72
CA GLN D 257 -65.78 -31.24 31.18
C GLN D 257 -66.74 -32.21 30.51
N ASP D 258 -66.54 -32.47 29.21
CA ASP D 258 -67.38 -33.43 28.52
C ASP D 258 -67.24 -34.82 29.12
N VAL D 259 -66.01 -35.22 29.44
CA VAL D 259 -65.79 -36.51 30.10
C VAL D 259 -66.49 -36.54 31.45
N LEU D 260 -66.39 -35.45 32.21
CA LEU D 260 -67.03 -35.41 33.52
C LEU D 260 -68.54 -35.54 33.40
N GLU D 261 -69.14 -34.86 32.42
CA GLU D 261 -70.58 -34.93 32.25
C GLU D 261 -71.06 -36.36 32.06
N GLU D 262 -70.25 -37.20 31.41
CA GLU D 262 -70.62 -38.60 31.24
C GLU D 262 -70.81 -39.27 32.59
N THR D 263 -71.97 -39.91 32.77
CA THR D 263 -72.24 -40.63 34.00
C THR D 263 -71.92 -42.12 33.87
N ASN D 264 -72.17 -42.70 32.70
CA ASN D 264 -71.85 -44.10 32.48
C ASN D 264 -70.35 -44.31 32.43
N ILE D 265 -69.87 -45.32 33.15
CA ILE D 265 -68.43 -45.59 33.18
C ILE D 265 -67.89 -45.91 31.78
N PRO D 266 -68.53 -46.77 30.98
CA PRO D 266 -67.97 -47.04 29.65
C PRO D 266 -67.85 -45.79 28.79
N LYS D 267 -68.86 -44.91 28.83
CA LYS D 267 -68.82 -43.70 28.02
C LYS D 267 -67.61 -42.86 28.36
N ARG D 268 -67.40 -42.60 29.67
CA ARG D 268 -66.26 -41.78 30.08
C ARG D 268 -64.94 -42.45 29.74
N LEU D 269 -64.85 -43.77 29.93
CA LEU D 269 -63.59 -44.46 29.62
C LEU D 269 -63.25 -44.34 28.14
N TYR D 270 -64.22 -44.60 27.27
CA TYR D 270 -63.97 -44.53 25.83
C TYR D 270 -63.67 -43.10 25.39
N LYS D 271 -64.40 -42.12 25.95
CA LYS D 271 -64.12 -40.73 25.61
C LYS D 271 -62.70 -40.35 26.03
N ALA D 272 -62.28 -40.79 27.23
CA ALA D 272 -60.93 -40.50 27.69
C ALA D 272 -59.89 -41.12 26.78
N LEU D 273 -60.09 -42.38 26.37
CA LEU D 273 -59.14 -43.03 25.48
C LEU D 273 -59.03 -42.25 24.16
N SER D 274 -60.17 -41.87 23.59
CA SER D 274 -60.15 -41.16 22.33
C SER D 274 -59.45 -39.81 22.47
N LEU D 275 -59.73 -39.09 23.56
CA LEU D 275 -59.08 -37.81 23.80
C LEU D 275 -57.57 -37.99 23.95
N LEU D 276 -57.16 -39.06 24.65
CA LEU D 276 -55.74 -39.34 24.83
C LEU D 276 -55.07 -39.53 23.48
N LYS D 277 -55.69 -40.31 22.59
CA LYS D 277 -55.05 -40.56 21.32
C LYS D 277 -55.03 -39.30 20.44
N LYS D 278 -56.06 -38.45 20.54
CA LYS D 278 -56.00 -37.18 19.80
C LYS D 278 -54.87 -36.29 20.30
N GLU D 279 -54.72 -36.18 21.62
CA GLU D 279 -53.66 -35.34 22.15
C GLU D 279 -52.29 -35.89 21.78
N PHE D 280 -52.16 -37.22 21.76
CA PHE D 280 -50.93 -37.83 21.26
C PHE D 280 -50.71 -37.48 19.80
N GLU D 281 -51.77 -37.50 19.00
CA GLU D 281 -51.64 -37.12 17.58
C GLU D 281 -51.08 -35.71 17.47
N LEU D 282 -51.67 -34.76 18.20
CA LEU D 282 -51.20 -33.39 18.14
C LEU D 282 -49.74 -33.29 18.54
N SER D 283 -49.38 -33.85 19.71
CA SER D 283 -48.03 -33.72 20.22
C SER D 283 -47.02 -34.39 19.29
N LYS D 284 -47.38 -35.54 18.70
CA LYS D 284 -46.47 -36.21 17.80
C LYS D 284 -46.27 -35.42 16.52
N LEU D 285 -47.31 -34.71 16.05
CA LEU D 285 -47.10 -33.77 14.96
C LEU D 285 -46.11 -32.69 15.37
N GLN D 286 -46.28 -32.15 16.58
CA GLN D 286 -45.41 -31.10 17.06
C GLN D 286 -43.95 -31.53 16.99
N GLN D 287 -43.65 -32.72 17.53
CA GLN D 287 -42.28 -33.19 17.55
C GLN D 287 -41.81 -33.69 16.17
N ARG D 288 -42.75 -34.18 15.36
CA ARG D 288 -42.41 -34.67 14.03
C ARG D 288 -41.91 -33.55 13.14
N LEU D 289 -42.42 -32.33 13.32
CA LEU D 289 -41.90 -31.22 12.52
C LEU D 289 -40.38 -31.09 12.72
N GLY D 290 -39.93 -31.02 13.97
CA GLY D 290 -38.50 -30.88 14.22
C GLY D 290 -37.69 -32.08 13.81
N ARG D 291 -38.21 -33.29 14.08
CA ARG D 291 -37.46 -34.48 13.68
C ARG D 291 -37.39 -34.60 12.15
N GLU D 292 -38.40 -34.08 11.45
CA GLU D 292 -38.34 -34.02 10.00
C GLU D 292 -37.32 -33.00 9.52
N VAL D 293 -37.16 -31.89 10.25
CA VAL D 293 -36.05 -30.99 9.96
C VAL D 293 -34.73 -31.72 10.08
N GLU D 294 -34.60 -32.52 11.15
CA GLU D 294 -33.40 -33.36 11.32
C GLU D 294 -33.17 -34.22 10.10
N GLU D 295 -34.23 -34.91 9.65
CA GLU D 295 -34.10 -35.80 8.50
C GLU D 295 -33.72 -35.03 7.24
N LYS D 296 -34.31 -33.86 7.01
CA LYS D 296 -33.97 -33.07 5.83
C LYS D 296 -32.51 -32.67 5.83
N ILE D 297 -32.01 -32.17 6.96
CA ILE D 297 -30.63 -31.72 6.98
C ILE D 297 -29.67 -32.90 6.83
N LYS D 298 -30.01 -34.04 7.43
CA LYS D 298 -29.16 -35.21 7.22
C LYS D 298 -29.18 -35.67 5.77
N GLN D 299 -30.35 -35.60 5.12
CA GLN D 299 -30.44 -36.00 3.72
C GLN D 299 -29.57 -35.10 2.84
N THR D 300 -29.66 -33.78 3.04
CA THR D 300 -28.83 -32.89 2.23
C THR D 300 -27.36 -33.11 2.51
N HIS D 301 -26.99 -33.34 3.78
CA HIS D 301 -25.59 -33.61 4.09
C HIS D 301 -25.12 -34.90 3.42
N ARG D 302 -25.97 -35.93 3.38
CA ARG D 302 -25.58 -37.19 2.76
C ARG D 302 -25.42 -37.04 1.26
N LYS D 303 -26.33 -36.32 0.61
CA LYS D 303 -26.18 -36.07 -0.82
C LYS D 303 -24.89 -35.29 -1.10
N TYR D 304 -24.62 -34.27 -0.27
CA TYR D 304 -23.37 -33.53 -0.41
C TYR D 304 -22.17 -34.41 -0.12
N LEU D 305 -22.34 -35.45 0.70
CA LEU D 305 -21.22 -36.34 1.01
C LEU D 305 -20.91 -37.27 -0.16
N LEU D 306 -21.94 -37.73 -0.87
CA LEU D 306 -21.68 -38.48 -2.11
C LEU D 306 -21.05 -37.57 -3.15
N GLN D 307 -21.58 -36.35 -3.29
CA GLN D 307 -20.93 -35.36 -4.14
C GLN D 307 -19.48 -35.18 -3.73
N GLU D 308 -19.21 -35.19 -2.42
CA GLU D 308 -17.87 -34.95 -1.92
C GLU D 308 -16.95 -36.13 -2.20
N GLN D 309 -17.46 -37.36 -2.13
CA GLN D 309 -16.63 -38.50 -2.49
C GLN D 309 -16.19 -38.39 -3.95
N LEU D 310 -17.15 -38.21 -4.85
CA LEU D 310 -16.76 -38.09 -6.26
C LEU D 310 -15.94 -36.83 -6.50
N LYS D 311 -16.13 -35.80 -5.67
CA LYS D 311 -15.36 -34.56 -5.83
C LYS D 311 -13.94 -34.69 -5.31
N ILE D 312 -13.71 -35.48 -4.26
CA ILE D 312 -12.34 -35.80 -3.86
C ILE D 312 -11.65 -36.59 -4.95
N ILE D 313 -12.36 -37.58 -5.52
CA ILE D 313 -11.77 -38.34 -6.62
C ILE D 313 -11.45 -37.41 -7.79
N LYS D 314 -12.33 -36.44 -8.04
CA LYS D 314 -12.07 -35.44 -9.08
C LYS D 314 -10.88 -34.56 -8.72
N LYS D 315 -10.78 -34.15 -7.45
CA LYS D 315 -9.64 -33.35 -7.00
C LYS D 315 -8.34 -34.07 -7.30
N GLU D 316 -8.29 -35.37 -7.03
CA GLU D 316 -7.12 -36.16 -7.41
C GLU D 316 -6.94 -36.16 -8.92
N LEU D 317 -8.04 -36.35 -9.67
CA LEU D 317 -7.99 -36.48 -11.12
C LEU D 317 -8.41 -35.20 -11.83
N GLY D 318 -9.64 -34.74 -11.61
CA GLY D 318 -10.18 -33.61 -12.35
C GLY D 318 -9.40 -32.32 -12.17
N LEU D 319 -9.24 -31.88 -10.92
CA LEU D 319 -8.44 -30.69 -10.69
C LEU D 319 -6.95 -30.97 -10.87
N GLU D 320 -6.54 -32.22 -10.74
CA GLU D 320 -5.16 -32.68 -10.86
C GLU D 320 -4.27 -32.14 -9.75
N LYS D 321 -4.82 -31.43 -8.77
CA LYS D 321 -4.01 -30.81 -7.73
C LYS D 321 -2.92 -29.92 -8.35
N ASP D 322 -3.30 -29.18 -9.38
CA ASP D 322 -2.35 -28.32 -10.08
C ASP D 322 -2.15 -27.02 -9.30
N ASP D 323 -1.03 -26.36 -9.60
CA ASP D 323 -0.62 -25.10 -8.97
C ASP D 323 -0.27 -25.27 -7.49
N LYS D 324 -0.13 -26.51 -7.01
CA LYS D 324 0.32 -26.75 -5.65
C LYS D 324 1.82 -26.50 -5.59
N ASP D 325 2.18 -25.22 -5.60
CA ASP D 325 3.57 -24.79 -5.61
C ASP D 325 4.31 -25.30 -6.84
N ALA D 326 3.58 -25.47 -7.95
CA ALA D 326 4.19 -25.94 -9.19
C ALA D 326 5.02 -24.85 -9.86
N ILE D 327 4.64 -23.59 -9.70
CA ILE D 327 5.43 -22.49 -10.25
C ILE D 327 6.83 -22.51 -9.68
N GLU D 328 6.98 -22.99 -8.44
CA GLU D 328 8.31 -23.10 -7.85
C GLU D 328 9.20 -24.03 -8.68
N GLU D 329 8.70 -25.22 -9.01
CA GLU D 329 9.48 -26.15 -9.82
C GLU D 329 9.68 -25.62 -11.23
N LYS D 330 8.66 -24.95 -11.78
CA LYS D 330 8.80 -24.32 -13.09
C LYS D 330 10.00 -23.39 -13.11
N PHE D 331 10.07 -22.50 -12.13
CA PHE D 331 11.18 -21.55 -12.07
C PHE D 331 12.49 -22.23 -11.73
N ARG D 332 12.44 -23.31 -10.94
CA ARG D 332 13.65 -24.07 -10.67
C ARG D 332 14.27 -24.59 -11.96
N GLU D 333 13.44 -25.21 -12.81
CA GLU D 333 13.94 -25.70 -14.10
C GLU D 333 14.34 -24.54 -15.00
N ARG D 334 13.58 -23.44 -14.97
CA ARG D 334 13.91 -22.29 -15.81
C ARG D 334 15.27 -21.73 -15.45
N LEU D 335 15.62 -21.74 -14.16
CA LEU D 335 16.92 -21.29 -13.70
C LEU D 335 17.98 -22.38 -13.73
N LYS D 336 17.58 -23.63 -14.03
CA LYS D 336 18.51 -24.74 -13.99
C LYS D 336 19.63 -24.57 -15.01
N GLU D 337 19.28 -24.25 -16.26
CA GLU D 337 20.30 -24.09 -17.29
C GLU D 337 21.22 -22.92 -17.00
N LEU D 338 20.69 -21.87 -16.37
CA LEU D 338 21.50 -20.70 -16.04
C LEU D 338 22.54 -21.06 -14.98
N VAL D 339 23.75 -20.55 -15.15
CA VAL D 339 24.77 -20.64 -14.12
C VAL D 339 24.54 -19.47 -13.16
N VAL D 340 23.65 -19.67 -12.19
CA VAL D 340 23.16 -18.57 -11.37
C VAL D 340 24.07 -18.39 -10.15
N PRO D 341 24.29 -17.16 -9.69
CA PRO D 341 25.07 -16.95 -8.47
C PRO D 341 24.39 -17.60 -7.27
N LYS D 342 25.10 -17.56 -6.13
CA LYS D 342 24.62 -18.20 -4.91
C LYS D 342 23.79 -17.28 -4.04
N HIS D 343 24.17 -16.00 -3.93
CA HIS D 343 23.37 -15.06 -3.16
C HIS D 343 21.96 -14.94 -3.74
N VAL D 344 21.87 -14.78 -5.06
CA VAL D 344 20.56 -14.74 -5.69
C VAL D 344 19.90 -16.11 -5.64
N MET D 345 20.68 -17.18 -5.51
CA MET D 345 20.09 -18.50 -5.33
C MET D 345 19.28 -18.55 -4.03
N ASP D 346 19.88 -18.07 -2.93
CA ASP D 346 19.15 -18.07 -1.67
C ASP D 346 18.04 -17.03 -1.69
N VAL D 347 18.21 -15.92 -2.43
CA VAL D 347 17.11 -14.97 -2.58
C VAL D 347 15.93 -15.64 -3.28
N VAL D 348 16.20 -16.42 -4.33
CA VAL D 348 15.14 -17.13 -5.04
C VAL D 348 14.51 -18.16 -4.13
N ASP D 349 15.31 -18.84 -3.31
CA ASP D 349 14.76 -19.83 -2.37
C ASP D 349 13.83 -19.15 -1.37
N GLU D 350 14.24 -17.99 -0.85
CA GLU D 350 13.38 -17.26 0.09
C GLU D 350 12.10 -16.80 -0.59
N GLU D 351 12.20 -16.30 -1.82
CA GLU D 351 11.00 -15.89 -2.54
C GLU D 351 10.08 -17.07 -2.79
N LEU D 352 10.64 -18.23 -3.11
CA LEU D 352 9.83 -19.42 -3.31
C LEU D 352 9.13 -19.84 -2.02
N SER D 353 9.85 -19.79 -0.90
CA SER D 353 9.23 -20.13 0.38
C SER D 353 8.10 -19.17 0.70
N LYS D 354 8.31 -17.87 0.46
CA LYS D 354 7.24 -16.90 0.66
C LYS D 354 6.05 -17.24 -0.23
N LEU D 355 6.29 -17.42 -1.53
CA LEU D 355 5.20 -17.68 -2.47
C LEU D 355 4.40 -18.90 -2.06
N GLY D 356 5.09 -19.96 -1.62
CA GLY D 356 4.38 -21.10 -1.06
C GLY D 356 3.57 -20.72 0.16
N LEU D 357 4.14 -19.87 1.02
CA LEU D 357 3.42 -19.36 2.18
C LEU D 357 2.34 -18.35 1.81
N LEU D 358 2.59 -17.54 0.77
CA LEU D 358 1.61 -16.54 0.34
C LEU D 358 0.46 -17.22 -0.38
N ASP D 359 -0.75 -16.73 -0.11
CA ASP D 359 -1.95 -17.30 -0.73
C ASP D 359 -2.10 -16.82 -2.16
N ASN D 360 -2.54 -17.72 -3.04
CA ASN D 360 -2.62 -17.39 -4.46
C ASN D 360 -3.50 -16.17 -4.70
N HIS D 361 -4.63 -16.08 -3.99
CA HIS D 361 -5.55 -14.97 -4.23
C HIS D 361 -4.95 -13.62 -3.85
N SER D 362 -4.10 -13.59 -2.83
CA SER D 362 -3.56 -12.32 -2.36
C SER D 362 -2.82 -11.60 -3.48
N SER D 363 -3.08 -10.29 -3.59
CA SER D 363 -2.34 -9.49 -4.56
C SER D 363 -0.85 -9.51 -4.28
N GLU D 364 -0.45 -9.65 -3.01
CA GLU D 364 0.96 -9.79 -2.68
C GLU D 364 1.56 -11.03 -3.33
N PHE D 365 0.79 -12.12 -3.38
CA PHE D 365 1.26 -13.32 -4.06
C PHE D 365 1.47 -13.07 -5.54
N ASN D 366 0.55 -12.36 -6.19
CA ASN D 366 0.70 -12.06 -7.61
C ASN D 366 1.93 -11.18 -7.84
N VAL D 367 2.15 -10.20 -6.97
CA VAL D 367 3.31 -9.33 -7.10
C VAL D 367 4.60 -10.13 -6.87
N THR D 368 4.57 -11.07 -5.92
CA THR D 368 5.74 -11.91 -5.68
C THR D 368 6.04 -12.77 -6.90
N ARG D 369 5.00 -13.35 -7.53
CA ARG D 369 5.21 -14.12 -8.74
C ARG D 369 5.75 -13.24 -9.86
N ASN D 370 5.24 -12.01 -9.97
CA ASN D 370 5.73 -11.09 -10.99
C ASN D 370 7.21 -10.77 -10.78
N TYR D 371 7.59 -10.49 -9.53
CA TYR D 371 8.98 -10.17 -9.24
C TYR D 371 9.89 -11.38 -9.49
N LEU D 372 9.41 -12.57 -9.13
CA LEU D 372 10.20 -13.77 -9.39
C LEU D 372 10.34 -14.03 -10.89
N ASP D 373 9.28 -13.76 -11.66
CA ASP D 373 9.38 -13.81 -13.11
C ASP D 373 10.44 -12.83 -13.61
N TRP D 374 10.41 -11.60 -13.11
CA TRP D 374 11.37 -10.60 -13.54
C TRP D 374 12.80 -11.06 -13.24
N LEU D 375 13.02 -11.61 -12.05
CA LEU D 375 14.36 -12.05 -11.66
C LEU D 375 14.82 -13.23 -12.50
N THR D 376 13.98 -14.27 -12.60
CA THR D 376 14.39 -15.47 -13.32
C THR D 376 14.55 -15.23 -14.81
N SER D 377 13.79 -14.30 -15.38
CA SER D 377 13.91 -14.01 -16.80
C SER D 377 15.27 -13.43 -17.15
N ILE D 378 15.97 -12.86 -16.19
CA ILE D 378 17.30 -12.29 -16.46
C ILE D 378 18.29 -13.43 -16.68
N PRO D 379 19.13 -13.38 -17.71
CA PRO D 379 20.17 -14.40 -17.84
C PRO D 379 21.18 -14.31 -16.71
N TRP D 380 21.70 -15.47 -16.32
CA TRP D 380 22.71 -15.56 -15.26
C TRP D 380 23.76 -16.55 -15.75
N GLY D 381 24.89 -16.03 -16.22
CA GLY D 381 25.90 -16.86 -16.83
C GLY D 381 25.66 -17.19 -18.29
N LYS D 382 24.64 -16.59 -18.91
CA LYS D 382 24.34 -16.82 -20.33
C LYS D 382 25.28 -15.94 -21.16
N TYR D 383 26.44 -16.49 -21.50
CA TYR D 383 27.42 -15.79 -22.32
C TYR D 383 27.16 -16.16 -23.77
N SER D 384 26.50 -15.25 -24.49
CA SER D 384 26.19 -15.50 -25.89
C SER D 384 27.47 -15.77 -26.66
N ASN D 385 27.44 -16.82 -27.49
CA ASN D 385 28.62 -17.17 -28.26
C ASN D 385 29.07 -15.99 -29.11
N GLU D 386 30.36 -15.69 -29.03
CA GLU D 386 30.93 -14.51 -29.68
C GLU D 386 31.81 -14.94 -30.85
N ASN D 387 31.55 -14.38 -32.02
CA ASN D 387 32.41 -14.63 -33.17
C ASN D 387 33.81 -14.09 -32.90
N LEU D 388 34.81 -14.86 -33.31
CA LEU D 388 36.21 -14.49 -33.10
C LEU D 388 37.06 -14.54 -34.36
N ASP D 389 36.58 -15.14 -35.45
CA ASP D 389 37.33 -15.14 -36.69
C ASP D 389 37.54 -13.71 -37.16
N LEU D 390 38.79 -13.25 -37.12
CA LEU D 390 39.08 -11.84 -37.42
C LEU D 390 38.74 -11.51 -38.87
N ALA D 391 39.10 -12.40 -39.80
CA ALA D 391 38.84 -12.13 -41.21
C ALA D 391 37.35 -12.04 -41.50
N ARG D 392 36.55 -12.93 -40.91
CA ARG D 392 35.12 -12.93 -41.15
C ARG D 392 34.48 -11.64 -40.67
N ALA D 393 34.82 -11.20 -39.45
CA ALA D 393 34.28 -9.95 -38.93
C ALA D 393 34.76 -8.76 -39.75
N GLN D 394 36.02 -8.79 -40.18
CA GLN D 394 36.53 -7.72 -41.04
C GLN D 394 35.73 -7.62 -42.32
N ALA D 395 35.48 -8.77 -42.97
CA ALA D 395 34.70 -8.77 -44.19
C ALA D 395 33.27 -8.29 -43.94
N VAL D 396 32.69 -8.68 -42.80
CA VAL D 396 31.35 -8.23 -42.46
C VAL D 396 31.31 -6.71 -42.35
N LEU D 397 32.27 -6.14 -41.62
CA LEU D 397 32.30 -4.69 -41.46
C LEU D 397 32.52 -3.98 -42.79
N GLU D 398 33.39 -4.52 -43.65
CA GLU D 398 33.64 -3.89 -44.93
C GLU D 398 32.43 -3.99 -45.86
N GLU D 399 31.71 -5.12 -45.83
CA GLU D 399 30.58 -5.29 -46.73
C GLU D 399 29.36 -4.51 -46.27
N ASP D 400 29.16 -4.39 -44.96
CA ASP D 400 28.01 -3.65 -44.44
C ASP D 400 28.25 -2.14 -44.39
N HIS D 401 29.45 -1.67 -44.71
CA HIS D 401 29.73 -0.26 -44.53
C HIS D 401 30.90 0.17 -45.40
N TYR D 402 30.95 1.48 -45.66
CA TYR D 402 32.03 2.12 -46.40
C TYR D 402 32.87 2.97 -45.47
N GLY D 403 34.18 2.99 -45.74
CA GLY D 403 35.07 3.82 -44.93
C GLY D 403 35.01 3.41 -43.48
N MET D 404 35.11 4.40 -42.60
CA MET D 404 35.10 4.17 -41.15
C MET D 404 36.17 3.16 -40.76
N GLU D 405 37.38 3.37 -41.28
CA GLU D 405 38.47 2.42 -41.05
C GLU D 405 38.86 2.36 -39.58
N ASP D 406 38.84 3.51 -38.88
CA ASP D 406 39.28 3.52 -37.50
C ASP D 406 38.38 2.64 -36.62
N VAL D 407 37.06 2.73 -36.82
CA VAL D 407 36.15 1.91 -36.02
C VAL D 407 36.41 0.43 -36.27
N LYS D 408 36.58 0.05 -37.54
CA LYS D 408 36.84 -1.35 -37.86
C LYS D 408 38.16 -1.82 -37.28
N LYS D 409 39.18 -0.97 -37.32
CA LYS D 409 40.46 -1.32 -36.72
C LYS D 409 40.32 -1.53 -35.22
N ARG D 410 39.57 -0.66 -34.55
CA ARG D 410 39.39 -0.83 -33.11
C ARG D 410 38.62 -2.10 -32.80
N ILE D 411 37.61 -2.42 -33.61
CA ILE D 411 36.84 -3.64 -33.39
C ILE D 411 37.71 -4.87 -33.62
N LEU D 412 38.57 -4.83 -34.63
CA LEU D 412 39.49 -5.94 -34.86
C LEU D 412 40.48 -6.08 -33.71
N GLU D 413 40.96 -4.97 -33.17
CA GLU D 413 41.83 -5.03 -32.00
C GLU D 413 41.10 -5.63 -30.81
N PHE D 414 39.85 -5.24 -30.61
CA PHE D 414 39.05 -5.80 -29.53
C PHE D 414 38.87 -7.31 -29.72
N ILE D 415 38.59 -7.75 -30.94
CA ILE D 415 38.42 -9.17 -31.20
C ILE D 415 39.72 -9.91 -30.93
N ALA D 416 40.85 -9.32 -31.35
CA ALA D 416 42.15 -9.97 -31.14
C ALA D 416 42.48 -10.09 -29.66
N VAL D 417 42.24 -9.03 -28.88
CA VAL D 417 42.55 -9.09 -27.46
C VAL D 417 41.61 -10.06 -26.75
N SER D 418 40.34 -10.12 -27.16
CA SER D 418 39.44 -11.11 -26.60
C SER D 418 39.93 -12.52 -26.92
N GLN D 419 40.39 -12.74 -28.15
CA GLN D 419 40.88 -14.05 -28.55
C GLN D 419 42.09 -14.47 -27.72
N LEU D 420 43.03 -13.55 -27.50
CA LEU D 420 44.17 -13.85 -26.64
C LEU D 420 43.72 -14.14 -25.22
N ARG D 421 42.88 -13.26 -24.67
CA ARG D 421 42.37 -13.45 -23.31
C ARG D 421 41.55 -14.73 -23.19
N GLY D 422 41.07 -15.28 -24.30
CA GLY D 422 40.21 -16.44 -24.26
C GLY D 422 38.76 -16.04 -24.09
N SER D 423 38.28 -16.05 -22.85
CA SER D 423 36.94 -15.57 -22.56
C SER D 423 36.75 -14.18 -23.14
N THR D 424 35.50 -13.86 -23.47
CA THR D 424 35.17 -12.55 -24.00
C THR D 424 35.16 -11.50 -22.89
N GLN D 425 35.36 -10.25 -23.29
CA GLN D 425 35.31 -9.13 -22.36
C GLN D 425 34.60 -7.97 -23.03
N GLY D 426 34.15 -7.03 -22.22
CA GLY D 426 33.42 -5.88 -22.72
C GLY D 426 33.90 -4.56 -22.16
N LYS D 427 34.25 -3.63 -23.04
CA LYS D 427 34.71 -2.31 -22.68
C LYS D 427 33.76 -1.27 -23.26
N ILE D 428 34.10 0.01 -23.09
CA ILE D 428 33.23 1.11 -23.46
C ILE D 428 33.98 2.04 -24.42
N LEU D 429 33.36 2.30 -25.57
CA LEU D 429 33.90 3.22 -26.56
C LEU D 429 32.75 3.95 -27.22
N CYS D 430 32.89 5.26 -27.37
CA CYS D 430 31.84 6.13 -27.89
C CYS D 430 32.18 6.57 -29.30
N PHE D 431 31.24 6.37 -30.23
CA PHE D 431 31.40 6.81 -31.60
C PHE D 431 30.81 8.21 -31.71
N TYR D 432 31.67 9.22 -31.86
CA TYR D 432 31.24 10.61 -31.93
C TYR D 432 31.51 11.16 -33.33
N GLY D 433 30.49 11.78 -33.92
CA GLY D 433 30.59 12.34 -35.24
C GLY D 433 29.27 12.92 -35.72
N PRO D 434 29.25 13.47 -36.93
CA PRO D 434 28.03 14.09 -37.42
C PRO D 434 26.92 13.06 -37.56
N PRO D 435 25.66 13.48 -37.47
CA PRO D 435 24.56 12.54 -37.61
C PRO D 435 24.42 12.03 -39.04
N GLY D 436 23.71 10.92 -39.19
CA GLY D 436 23.51 10.33 -40.50
C GLY D 436 24.79 9.90 -41.17
N VAL D 437 25.69 9.27 -40.41
CA VAL D 437 27.00 8.89 -40.91
C VAL D 437 27.14 7.37 -40.87
N GLY D 438 26.40 6.73 -39.96
CA GLY D 438 26.40 5.28 -39.87
C GLY D 438 26.86 4.75 -38.54
N LYS D 439 26.84 5.59 -37.49
CA LYS D 439 27.27 5.13 -36.18
C LYS D 439 26.37 4.02 -35.66
N THR D 440 25.05 4.26 -35.67
CA THR D 440 24.12 3.21 -35.27
C THR D 440 24.20 2.01 -36.20
N SER D 441 24.31 2.27 -37.51
CA SER D 441 24.40 1.17 -38.47
C SER D 441 25.65 0.33 -38.24
N ILE D 442 26.79 0.97 -37.97
CA ILE D 442 28.01 0.20 -37.78
C ILE D 442 28.03 -0.47 -36.41
N ALA D 443 27.34 0.11 -35.41
CA ALA D 443 27.17 -0.61 -34.15
C ALA D 443 26.35 -1.88 -34.37
N ARG D 444 25.29 -1.77 -35.18
CA ARG D 444 24.51 -2.96 -35.53
C ARG D 444 25.37 -3.97 -36.26
N SER D 445 26.22 -3.49 -37.18
CA SER D 445 27.10 -4.39 -37.92
C SER D 445 28.09 -5.08 -36.98
N ILE D 446 28.59 -4.35 -35.98
CA ILE D 446 29.51 -4.94 -35.01
C ILE D 446 28.80 -6.01 -34.20
N ALA D 447 27.57 -5.74 -33.76
CA ALA D 447 26.81 -6.75 -33.04
C ALA D 447 26.58 -7.99 -33.91
N ARG D 448 26.27 -7.77 -35.19
CA ARG D 448 26.07 -8.88 -36.11
C ARG D 448 27.35 -9.70 -36.26
N ALA D 449 28.48 -9.02 -36.45
CA ALA D 449 29.74 -9.73 -36.67
C ALA D 449 30.16 -10.51 -35.44
N LEU D 450 30.17 -9.87 -34.27
CA LEU D 450 30.56 -10.55 -33.05
C LEU D 450 29.55 -11.61 -32.63
N ASN D 451 28.34 -11.57 -33.17
CA ASN D 451 27.23 -12.47 -32.89
C ASN D 451 26.57 -12.15 -31.54
N ARG D 452 27.10 -11.23 -30.76
CA ARG D 452 26.45 -10.83 -29.52
C ARG D 452 25.21 -9.98 -29.82
N GLU D 453 24.21 -10.10 -28.96
CA GLU D 453 22.94 -9.43 -29.19
C GLU D 453 23.11 -7.92 -29.17
N TYR D 454 22.08 -7.22 -29.64
CA TYR D 454 22.10 -5.78 -29.79
C TYR D 454 20.85 -5.17 -29.16
N PHE D 455 21.01 -4.00 -28.56
CA PHE D 455 19.90 -3.23 -28.01
C PHE D 455 20.32 -1.78 -27.97
N ARG D 456 19.35 -0.88 -28.08
CA ARG D 456 19.61 0.55 -28.10
C ARG D 456 18.79 1.25 -27.02
N PHE D 457 19.33 2.37 -26.53
CA PHE D 457 18.74 3.14 -25.46
C PHE D 457 19.06 4.60 -25.70
N SER D 458 18.02 5.41 -25.92
CA SER D 458 18.19 6.84 -26.16
C SER D 458 18.21 7.56 -24.82
N VAL D 459 19.39 8.02 -24.40
CA VAL D 459 19.55 8.71 -23.13
C VAL D 459 19.41 10.22 -23.28
N GLY D 460 19.24 10.73 -24.50
CA GLY D 460 19.13 12.16 -24.69
C GLY D 460 17.79 12.70 -24.22
N GLY D 461 17.80 13.96 -23.81
CA GLY D 461 16.60 14.60 -23.32
C GLY D 461 15.96 13.86 -22.17
N MET D 462 16.78 13.26 -21.30
CA MET D 462 16.31 12.40 -20.23
C MET D 462 16.82 12.93 -18.89
N THR D 463 15.92 12.99 -17.91
CA THR D 463 16.25 13.50 -16.59
C THR D 463 16.13 12.43 -15.51
N ASP D 464 14.97 11.79 -15.39
CA ASP D 464 14.75 10.83 -14.31
C ASP D 464 15.62 9.60 -14.48
N VAL D 465 16.22 9.16 -13.37
CA VAL D 465 17.04 7.94 -13.38
C VAL D 465 16.19 6.68 -13.28
N ALA D 466 14.88 6.81 -13.12
CA ALA D 466 14.03 5.63 -12.91
C ALA D 466 14.10 4.69 -14.11
N GLU D 467 14.05 5.22 -15.33
CA GLU D 467 14.05 4.36 -16.50
C GLU D 467 15.32 3.52 -16.61
N ILE D 468 16.39 3.91 -15.92
CA ILE D 468 17.62 3.13 -15.91
C ILE D 468 17.66 2.20 -14.71
N LYS D 469 17.16 2.66 -13.56
CA LYS D 469 17.16 1.87 -12.33
C LYS D 469 15.74 1.52 -11.88
N GLY D 470 14.77 1.60 -12.79
CA GLY D 470 13.41 1.20 -12.46
C GLY D 470 12.84 2.01 -11.31
N HIS D 471 12.17 1.31 -10.40
CA HIS D 471 11.55 1.91 -9.23
C HIS D 471 11.88 1.05 -8.01
N ARG D 472 11.38 1.46 -6.86
CA ARG D 472 11.64 0.76 -5.61
C ARG D 472 10.91 -0.57 -5.51
N ARG D 473 10.06 -0.89 -6.48
CA ARG D 473 9.23 -2.11 -6.49
C ARG D 473 8.07 -1.98 -5.51
N THR D 474 8.05 -0.90 -4.72
CA THR D 474 6.95 -0.66 -3.79
C THR D 474 5.90 0.27 -4.37
N TYR D 475 6.32 1.23 -5.21
CA TYR D 475 5.38 2.12 -5.86
C TYR D 475 4.39 1.30 -6.68
N VAL D 476 3.10 1.64 -6.57
CA VAL D 476 2.08 0.87 -7.27
C VAL D 476 2.38 0.89 -8.76
N GLY D 477 2.40 -0.29 -9.37
CA GLY D 477 2.78 -0.41 -10.76
C GLY D 477 4.22 -0.04 -11.02
N ALA D 478 5.14 -0.47 -10.16
CA ALA D 478 6.55 -0.18 -10.33
C ALA D 478 7.14 -1.04 -11.45
N MET D 479 8.17 -0.50 -12.10
CA MET D 479 8.86 -1.18 -13.18
C MET D 479 10.36 -1.23 -12.91
N PRO D 480 11.07 -2.21 -13.45
CA PRO D 480 12.53 -2.23 -13.34
C PRO D 480 13.17 -1.34 -14.40
N GLY D 481 14.49 -1.19 -14.27
CA GLY D 481 15.21 -0.34 -15.20
C GLY D 481 15.14 -0.87 -16.62
N LYS D 482 15.27 0.05 -17.58
CA LYS D 482 15.25 -0.34 -18.99
C LYS D 482 16.34 -1.35 -19.30
N ILE D 483 17.44 -1.32 -18.55
CA ILE D 483 18.49 -2.32 -18.73
C ILE D 483 17.97 -3.70 -18.34
N ILE D 484 17.08 -3.78 -17.36
CA ILE D 484 16.46 -5.05 -17.00
C ILE D 484 15.64 -5.58 -18.17
N GLN D 485 14.88 -4.69 -18.83
CA GLN D 485 14.12 -5.11 -20.01
C GLN D 485 15.06 -5.56 -21.12
N CYS D 486 16.19 -4.86 -21.29
CA CYS D 486 17.18 -5.28 -22.26
C CYS D 486 17.70 -6.68 -21.96
N LEU D 487 18.04 -6.95 -20.69
CA LEU D 487 18.57 -8.25 -20.33
C LEU D 487 17.53 -9.33 -20.54
N LYS D 488 16.26 -9.03 -20.23
CA LYS D 488 15.20 -9.99 -20.47
C LYS D 488 15.03 -10.28 -21.96
N LYS D 489 15.06 -9.24 -22.80
CA LYS D 489 14.81 -9.42 -24.23
C LYS D 489 15.97 -10.14 -24.90
N THR D 490 17.20 -9.70 -24.63
CA THR D 490 18.36 -10.26 -25.32
C THR D 490 18.55 -11.72 -24.99
N LYS D 491 18.23 -12.14 -23.77
CA LYS D 491 18.49 -13.50 -23.32
C LYS D 491 19.99 -13.81 -23.39
N THR D 492 20.80 -12.82 -23.02
CA THR D 492 22.25 -12.97 -23.00
C THR D 492 22.83 -12.14 -21.86
N GLU D 493 23.96 -12.59 -21.34
CA GLU D 493 24.68 -11.86 -20.31
C GLU D 493 25.70 -10.88 -20.88
N ASN D 494 26.07 -11.03 -22.16
CA ASN D 494 27.03 -10.15 -22.80
C ASN D 494 26.46 -9.64 -24.13
N PRO D 495 25.33 -8.93 -24.08
CA PRO D 495 24.82 -8.28 -25.31
C PRO D 495 25.57 -7.00 -25.64
N LEU D 496 25.12 -6.29 -26.66
CA LEU D 496 25.73 -5.03 -27.08
C LEU D 496 24.72 -3.91 -26.87
N ILE D 497 24.95 -3.08 -25.85
CA ILE D 497 24.05 -1.96 -25.56
C ILE D 497 24.61 -0.71 -26.21
N LEU D 498 23.71 0.09 -26.78
CA LEU D 498 24.07 1.30 -27.52
C LEU D 498 23.34 2.50 -26.92
N ILE D 499 24.08 3.32 -26.18
CA ILE D 499 23.53 4.56 -25.65
C ILE D 499 23.61 5.63 -26.73
N ASP D 500 22.47 6.27 -27.00
CA ASP D 500 22.36 7.31 -28.02
C ASP D 500 22.09 8.66 -27.35
N GLU D 501 22.72 9.70 -27.88
CA GLU D 501 22.56 11.05 -27.35
C GLU D 501 23.07 11.14 -25.90
N VAL D 502 24.26 10.61 -25.68
CA VAL D 502 24.90 10.73 -24.37
C VAL D 502 25.09 12.20 -24.02
N ASP D 503 25.47 13.01 -25.00
CA ASP D 503 25.74 14.43 -24.81
C ASP D 503 24.47 15.24 -24.55
N LYS D 504 23.29 14.64 -24.70
CA LYS D 504 22.02 15.35 -24.58
C LYS D 504 21.36 15.17 -23.21
N ILE D 505 22.07 14.58 -22.24
CA ILE D 505 21.50 14.37 -20.91
C ILE D 505 21.22 15.73 -20.26
N GLY D 506 20.09 15.80 -19.55
CA GLY D 506 19.71 17.03 -18.86
C GLY D 506 20.26 17.10 -17.45
N ARG D 507 20.31 15.94 -16.78
CA ARG D 507 20.81 15.83 -15.41
C ARG D 507 20.33 17.00 -14.55
N GLY D 508 19.01 17.15 -14.49
CA GLY D 508 18.38 18.20 -13.72
C GLY D 508 18.00 17.76 -12.32
N TYR D 509 17.03 18.47 -11.75
CA TYR D 509 16.55 18.15 -10.41
C TYR D 509 16.02 16.72 -10.37
N GLN D 510 16.39 15.99 -9.32
CA GLN D 510 16.01 14.59 -9.13
C GLN D 510 16.59 13.69 -10.21
N GLY D 511 17.37 14.23 -11.14
CA GLY D 511 17.89 13.45 -12.24
C GLY D 511 19.32 13.03 -12.01
N ASP D 512 20.25 13.76 -12.62
CA ASP D 512 21.67 13.41 -12.59
C ASP D 512 21.87 11.93 -12.91
N PRO D 513 21.25 11.43 -13.98
CA PRO D 513 21.46 10.02 -14.35
C PRO D 513 22.90 9.72 -14.72
N SER D 514 23.71 10.76 -14.98
CA SER D 514 25.12 10.54 -15.26
C SER D 514 25.78 9.78 -14.11
N SER D 515 25.28 9.92 -12.89
CA SER D 515 25.75 9.07 -11.80
C SER D 515 25.45 7.61 -12.08
N ALA D 516 24.23 7.31 -12.50
CA ALA D 516 23.88 5.94 -12.86
C ALA D 516 24.71 5.45 -14.03
N LEU D 517 24.93 6.30 -15.03
CA LEU D 517 25.76 5.92 -16.16
C LEU D 517 27.18 5.60 -15.73
N LEU D 518 27.74 6.42 -14.83
CA LEU D 518 29.09 6.17 -14.35
C LEU D 518 29.17 4.86 -13.56
N GLU D 519 28.18 4.59 -12.72
CA GLU D 519 28.14 3.32 -12.02
C GLU D 519 28.01 2.15 -13.00
N LEU D 520 27.30 2.37 -14.11
CA LEU D 520 27.09 1.30 -15.09
C LEU D 520 28.36 1.02 -15.89
N LEU D 521 29.07 2.08 -16.29
CA LEU D 521 30.22 1.97 -17.18
C LEU D 521 31.53 1.77 -16.45
N ASP D 522 31.55 1.85 -15.12
CA ASP D 522 32.77 1.65 -14.38
C ASP D 522 33.31 0.24 -14.63
N PRO D 523 34.56 0.09 -15.08
CA PRO D 523 35.05 -1.27 -15.40
C PRO D 523 35.01 -2.22 -14.23
N GLU D 524 34.88 -1.74 -12.99
CA GLU D 524 34.81 -2.59 -11.81
C GLU D 524 33.42 -2.64 -11.19
N GLN D 525 32.82 -1.47 -10.93
CA GLN D 525 31.48 -1.44 -10.34
C GLN D 525 30.43 -1.99 -11.29
N ASN D 526 30.67 -1.93 -12.60
CA ASN D 526 29.71 -2.52 -13.54
C ASN D 526 29.48 -3.99 -13.27
N ALA D 527 30.48 -4.67 -12.69
CA ALA D 527 30.34 -6.09 -12.38
C ALA D 527 29.27 -6.35 -11.32
N ASN D 528 28.90 -5.35 -10.52
CA ASN D 528 27.88 -5.50 -9.50
C ASN D 528 26.86 -4.37 -9.60
N PHE D 529 26.41 -4.06 -10.81
CA PHE D 529 25.36 -3.08 -11.00
C PHE D 529 24.02 -3.64 -10.56
N LEU D 530 23.20 -2.78 -9.95
CA LEU D 530 21.88 -3.17 -9.49
C LEU D 530 20.99 -1.93 -9.45
N ASP D 531 19.70 -2.15 -9.61
CA ASP D 531 18.71 -1.07 -9.68
C ASP D 531 17.85 -1.06 -8.43
N HIS D 532 16.89 -0.13 -8.42
CA HIS D 532 15.97 -0.03 -7.28
C HIS D 532 14.99 -1.20 -7.28
N TYR D 533 14.40 -1.52 -8.44
CA TYR D 533 13.41 -2.59 -8.51
C TYR D 533 14.04 -3.94 -8.13
N LEU D 534 15.15 -4.29 -8.77
CA LEU D 534 15.90 -5.49 -8.46
C LEU D 534 17.16 -5.10 -7.71
N ASP D 535 17.30 -5.58 -6.48
CA ASP D 535 18.42 -5.24 -5.62
C ASP D 535 19.51 -6.32 -5.64
N VAL D 536 19.71 -6.95 -6.78
CA VAL D 536 20.71 -8.01 -6.95
C VAL D 536 21.73 -7.52 -7.98
N PRO D 537 23.03 -7.65 -7.72
CA PRO D 537 24.02 -7.19 -8.70
C PRO D 537 24.03 -8.07 -9.95
N VAL D 538 24.51 -7.48 -11.05
CA VAL D 538 24.65 -8.18 -12.32
C VAL D 538 26.03 -7.89 -12.89
N ASP D 539 26.68 -8.93 -13.42
CA ASP D 539 28.00 -8.77 -14.03
C ASP D 539 27.85 -8.16 -15.42
N LEU D 540 28.71 -7.18 -15.73
CA LEU D 540 28.67 -6.52 -17.02
C LEU D 540 30.06 -6.29 -17.61
N SER D 541 31.10 -6.90 -17.06
CA SER D 541 32.44 -6.72 -17.59
C SER D 541 32.57 -7.24 -19.02
N LYS D 542 31.72 -8.19 -19.41
CA LYS D 542 31.76 -8.75 -20.76
C LYS D 542 30.83 -8.04 -21.72
N VAL D 543 29.91 -7.22 -21.20
CA VAL D 543 28.97 -6.50 -22.06
C VAL D 543 29.70 -5.40 -22.80
N LEU D 544 29.40 -5.24 -24.08
CA LEU D 544 29.99 -4.19 -24.90
C LEU D 544 29.03 -3.01 -24.96
N PHE D 545 29.53 -1.84 -24.57
CA PHE D 545 28.78 -0.59 -24.62
C PHE D 545 29.31 0.27 -25.77
N ILE D 546 28.40 0.75 -26.61
CA ILE D 546 28.69 1.75 -27.62
C ILE D 546 27.95 3.02 -27.20
N CYS D 547 28.56 4.17 -27.48
CA CYS D 547 27.94 5.45 -27.16
C CYS D 547 28.06 6.37 -28.37
N THR D 548 26.97 7.08 -28.66
CA THR D 548 26.93 7.99 -29.80
C THR D 548 26.62 9.40 -29.33
N ALA D 549 27.45 10.35 -29.75
CA ALA D 549 27.28 11.75 -29.39
C ALA D 549 27.86 12.60 -30.51
N ASN D 550 27.04 13.49 -31.07
CA ASN D 550 27.51 14.33 -32.17
C ASN D 550 28.67 15.21 -31.75
N VAL D 551 28.80 15.52 -30.47
CA VAL D 551 29.92 16.31 -29.95
C VAL D 551 30.41 15.67 -28.65
N THR D 552 31.65 15.98 -28.30
CA THR D 552 32.30 15.40 -27.13
C THR D 552 32.41 16.36 -25.95
N ASP D 553 32.42 17.67 -26.19
CA ASP D 553 32.67 18.62 -25.12
C ASP D 553 31.61 18.53 -24.04
N THR D 554 30.34 18.44 -24.43
CA THR D 554 29.24 18.48 -23.47
C THR D 554 29.08 17.18 -22.69
N ILE D 555 29.73 16.09 -23.10
CA ILE D 555 29.65 14.86 -22.32
C ILE D 555 30.30 15.08 -20.96
N PRO D 556 29.76 14.53 -19.87
CA PRO D 556 30.39 14.73 -18.57
C PRO D 556 31.83 14.24 -18.57
N GLU D 557 32.70 15.01 -17.93
CA GLU D 557 34.12 14.63 -17.86
C GLU D 557 34.31 13.28 -17.20
N PRO D 558 33.70 12.99 -16.05
CA PRO D 558 33.85 11.64 -15.47
C PRO D 558 33.35 10.55 -16.39
N LEU D 559 32.36 10.85 -17.23
CA LEU D 559 31.89 9.88 -18.22
C LEU D 559 32.77 9.90 -19.47
N ARG D 560 33.25 11.08 -19.86
CA ARG D 560 34.07 11.19 -21.07
C ARG D 560 35.38 10.42 -20.91
N ASP D 561 36.06 10.59 -19.77
CA ASP D 561 37.34 9.94 -19.57
C ASP D 561 37.22 8.45 -19.27
N ARG D 562 36.01 7.96 -19.02
CA ARG D 562 35.81 6.59 -18.60
C ARG D 562 35.70 5.61 -19.78
N MET D 563 35.77 6.11 -21.01
CA MET D 563 35.60 5.27 -22.18
C MET D 563 36.47 5.79 -23.32
N GLU D 564 36.73 4.93 -24.30
CA GLU D 564 37.45 5.35 -25.48
C GLU D 564 36.56 6.24 -26.34
N MET D 565 37.20 7.03 -27.20
CA MET D 565 36.48 7.90 -28.13
C MET D 565 36.96 7.61 -29.54
N ILE D 566 36.02 7.29 -30.44
CA ILE D 566 36.32 7.04 -31.84
C ILE D 566 35.54 8.02 -32.69
N ASN D 567 36.23 8.70 -33.60
CA ASN D 567 35.62 9.68 -34.48
C ASN D 567 35.12 9.02 -35.75
N VAL D 568 33.88 9.31 -36.12
CA VAL D 568 33.30 8.88 -37.39
C VAL D 568 32.75 10.15 -38.05
N SER D 569 33.59 10.81 -38.85
CA SER D 569 33.35 12.19 -39.26
C SER D 569 33.19 12.28 -40.77
N GLY D 570 31.98 12.63 -41.21
CA GLY D 570 31.76 13.17 -42.54
C GLY D 570 32.08 12.26 -43.71
N TYR D 571 31.60 12.67 -44.88
CA TYR D 571 31.92 12.02 -46.15
C TYR D 571 31.99 13.09 -47.22
N VAL D 572 32.99 12.99 -48.09
CA VAL D 572 33.09 13.92 -49.22
C VAL D 572 32.13 13.46 -50.30
N ALA D 573 31.91 14.30 -51.31
CA ALA D 573 30.96 13.96 -52.37
C ALA D 573 31.29 12.61 -52.99
N GLN D 574 32.58 12.28 -53.11
CA GLN D 574 32.97 11.00 -53.66
C GLN D 574 32.53 9.85 -52.76
N GLU D 575 32.81 9.97 -51.46
CA GLU D 575 32.42 8.91 -50.53
C GLU D 575 30.91 8.77 -50.46
N LYS D 576 30.19 9.89 -50.45
CA LYS D 576 28.74 9.85 -50.44
C LYS D 576 28.21 9.18 -51.71
N LEU D 577 28.79 9.51 -52.85
CA LEU D 577 28.34 8.90 -54.11
C LEU D 577 28.58 7.40 -54.10
N ALA D 578 29.75 6.97 -53.61
CA ALA D 578 30.02 5.53 -53.52
C ALA D 578 29.02 4.85 -52.59
N ILE D 579 28.76 5.46 -51.42
CA ILE D 579 27.83 4.88 -50.47
C ILE D 579 26.44 4.74 -51.11
N ALA D 580 26.00 5.79 -51.80
CA ALA D 580 24.69 5.74 -52.44
C ALA D 580 24.64 4.67 -53.52
N GLU D 581 25.71 4.57 -54.31
CA GLU D 581 25.73 3.58 -55.39
C GLU D 581 25.66 2.15 -54.84
N ARG D 582 26.43 1.88 -53.78
CA ARG D 582 26.59 0.51 -53.32
C ARG D 582 25.72 0.15 -52.12
N TYR D 583 25.28 1.12 -51.33
CA TYR D 583 24.56 0.82 -50.10
C TYR D 583 23.15 1.41 -50.05
N LEU D 584 22.98 2.69 -50.40
CA LEU D 584 21.67 3.32 -50.25
C LEU D 584 20.73 2.88 -51.37
N VAL D 585 21.15 3.06 -52.62
CA VAL D 585 20.27 2.74 -53.75
C VAL D 585 19.75 1.32 -53.66
N PRO D 586 20.58 0.30 -53.42
CA PRO D 586 20.01 -1.05 -53.23
C PRO D 586 19.00 -1.12 -52.10
N GLN D 587 19.27 -0.45 -50.98
CA GLN D 587 18.37 -0.53 -49.83
C GLN D 587 17.00 0.07 -50.14
N ALA D 588 16.98 1.30 -50.66
CA ALA D 588 15.71 1.93 -50.99
C ALA D 588 15.01 1.22 -52.14
N ARG D 589 15.79 0.66 -53.07
CA ARG D 589 15.21 -0.10 -54.18
C ARG D 589 14.49 -1.34 -53.66
N ALA D 590 15.11 -2.07 -52.73
CA ALA D 590 14.45 -3.22 -52.12
C ALA D 590 13.25 -2.76 -51.30
N LEU D 591 13.35 -1.61 -50.64
CA LEU D 591 12.24 -1.09 -49.86
C LEU D 591 11.02 -0.82 -50.75
N CYS D 592 11.26 -0.25 -51.94
CA CYS D 592 10.19 0.04 -52.88
C CYS D 592 9.82 -1.15 -53.75
N GLY D 593 10.54 -2.26 -53.64
CA GLY D 593 10.25 -3.42 -54.45
C GLY D 593 10.68 -3.30 -55.89
N LEU D 594 11.58 -2.37 -56.19
CA LEU D 594 12.06 -2.16 -57.56
C LEU D 594 13.29 -3.01 -57.83
N ASP D 595 13.73 -3.01 -59.08
CA ASP D 595 14.87 -3.78 -59.53
C ASP D 595 15.85 -2.88 -60.27
N GLU D 596 17.11 -3.31 -60.31
CA GLU D 596 18.14 -2.53 -60.99
C GLU D 596 17.76 -2.27 -62.44
N SER D 597 17.05 -3.20 -63.07
CA SER D 597 16.59 -2.99 -64.44
C SER D 597 15.47 -1.96 -64.49
N LYS D 598 14.50 -2.07 -63.59
CA LYS D 598 13.39 -1.13 -63.59
C LYS D 598 13.83 0.27 -63.18
N ALA D 599 14.64 0.37 -62.13
CA ALA D 599 15.11 1.64 -61.62
C ALA D 599 16.61 1.77 -61.82
N LYS D 600 17.04 2.92 -62.31
CA LYS D 600 18.45 3.15 -62.62
C LYS D 600 18.77 4.62 -62.39
N LEU D 601 19.78 4.88 -61.58
CA LEU D 601 20.23 6.25 -61.28
C LEU D 601 21.70 6.36 -61.66
N SER D 602 22.02 7.28 -62.56
CA SER D 602 23.39 7.48 -62.99
C SER D 602 24.20 8.14 -61.88
N SER D 603 25.51 7.89 -61.88
CA SER D 603 26.39 8.53 -60.91
C SER D 603 26.31 10.04 -61.01
N ASP D 604 26.11 10.58 -62.21
CA ASP D 604 25.91 12.01 -62.36
C ASP D 604 24.66 12.48 -61.64
N VAL D 605 23.58 11.69 -61.72
CA VAL D 605 22.35 12.04 -61.00
C VAL D 605 22.62 12.10 -59.50
N LEU D 606 23.34 11.12 -58.97
CA LEU D 606 23.60 11.11 -57.53
C LEU D 606 24.53 12.25 -57.13
N THR D 607 25.51 12.58 -57.99
CA THR D 607 26.38 13.72 -57.70
C THR D 607 25.61 15.02 -57.67
N LEU D 608 24.72 15.22 -58.64
CA LEU D 608 23.87 16.40 -58.63
C LEU D 608 22.96 16.41 -57.41
N LEU D 609 22.45 15.23 -57.04
CA LEU D 609 21.68 15.07 -55.81
C LEU D 609 22.45 15.61 -54.62
N ILE D 610 23.69 15.16 -54.46
CA ILE D 610 24.50 15.57 -53.31
C ILE D 610 24.77 17.07 -53.37
N LYS D 611 25.15 17.58 -54.55
CA LYS D 611 25.60 18.95 -54.63
C LYS D 611 24.46 19.94 -54.41
N GLN D 612 23.28 19.66 -54.97
CA GLN D 612 22.22 20.67 -55.03
C GLN D 612 21.01 20.38 -54.15
N TYR D 613 20.75 19.12 -53.80
CA TYR D 613 19.63 18.78 -52.93
C TYR D 613 20.05 18.48 -51.50
N CYS D 614 21.34 18.20 -51.24
CA CYS D 614 21.76 17.65 -49.95
C CYS D 614 23.21 18.04 -49.66
N ARG D 615 23.40 19.10 -48.87
CA ARG D 615 24.74 19.53 -48.45
C ARG D 615 24.83 19.43 -46.93
N GLU D 616 25.48 18.37 -46.45
CA GLU D 616 25.77 18.18 -45.03
C GLU D 616 26.65 16.95 -44.89
N SER D 617 27.43 16.91 -43.82
CA SER D 617 28.37 15.81 -43.62
C SER D 617 27.66 14.47 -43.63
N GLY D 618 26.47 14.40 -43.04
CA GLY D 618 25.72 13.17 -42.98
C GLY D 618 25.24 12.75 -44.36
N VAL D 619 24.48 11.65 -44.35
CA VAL D 619 23.94 11.06 -45.57
C VAL D 619 22.42 10.91 -45.52
N ARG D 620 21.79 11.31 -44.41
CA ARG D 620 20.37 11.04 -44.23
C ARG D 620 19.52 11.67 -45.33
N ASN D 621 19.74 12.95 -45.60
CA ASN D 621 18.90 13.64 -46.58
C ASN D 621 19.08 13.04 -47.97
N LEU D 622 20.30 12.56 -48.28
CA LEU D 622 20.49 11.85 -49.53
C LEU D 622 19.65 10.58 -49.58
N GLN D 623 19.56 9.87 -48.45
CA GLN D 623 18.68 8.72 -48.37
C GLN D 623 17.22 9.12 -48.62
N LYS D 624 16.79 10.23 -48.02
CA LYS D 624 15.43 10.71 -48.26
C LYS D 624 15.20 10.96 -49.74
N GLN D 625 16.15 11.64 -50.39
CA GLN D 625 15.97 12.01 -51.79
C GLN D 625 15.95 10.77 -52.69
N VAL D 626 16.85 9.82 -52.45
CA VAL D 626 16.86 8.61 -53.27
C VAL D 626 15.59 7.82 -53.07
N GLU D 627 15.10 7.74 -51.82
CA GLU D 627 13.84 7.05 -51.57
C GLU D 627 12.68 7.76 -52.28
N LYS D 628 12.69 9.09 -52.29
CA LYS D 628 11.63 9.83 -52.98
C LYS D 628 11.64 9.52 -54.47
N VAL D 629 12.82 9.59 -55.09
CA VAL D 629 12.89 9.35 -56.54
C VAL D 629 12.51 7.91 -56.85
N LEU D 630 12.88 6.97 -55.98
CA LEU D 630 12.50 5.58 -56.21
C LEU D 630 11.00 5.38 -56.04
N ARG D 631 10.38 6.05 -55.06
CA ARG D 631 8.93 5.98 -54.92
C ARG D 631 8.23 6.52 -56.15
N LYS D 632 8.71 7.64 -56.67
CA LYS D 632 8.08 8.21 -57.87
C LYS D 632 8.32 7.34 -59.09
N SER D 633 9.48 6.69 -59.18
CA SER D 633 9.70 5.71 -60.24
C SER D 633 8.73 4.54 -60.11
N ALA D 634 8.49 4.08 -58.88
CA ALA D 634 7.54 3.00 -58.68
C ALA D 634 6.14 3.41 -59.11
N TYR D 635 5.73 4.62 -58.77
CA TYR D 635 4.42 5.10 -59.22
C TYR D 635 4.37 5.21 -60.74
N LYS D 636 5.45 5.72 -61.34
CA LYS D 636 5.52 5.87 -62.80
C LYS D 636 5.51 4.53 -63.51
N ILE D 637 5.92 3.46 -62.83
CA ILE D 637 5.97 2.14 -63.44
C ILE D 637 4.67 1.38 -63.22
N VAL D 638 4.09 1.46 -62.03
CA VAL D 638 2.90 0.67 -61.71
C VAL D 638 1.76 1.04 -62.65
N SER D 639 1.32 2.30 -62.60
CA SER D 639 0.20 2.78 -63.41
C SER D 639 0.60 3.85 -64.41
N GLY D 640 1.88 4.23 -64.47
CA GLY D 640 2.33 5.23 -65.42
C GLY D 640 2.46 4.66 -66.82
N GLU D 641 3.44 5.19 -67.56
CA GLU D 641 3.64 4.82 -68.96
C GLU D 641 4.88 4.00 -69.22
N ALA D 642 5.91 4.11 -68.39
CA ALA D 642 7.20 3.48 -68.62
C ALA D 642 7.38 2.31 -67.66
N GLU D 643 7.58 1.12 -68.22
CA GLU D 643 7.91 -0.05 -67.41
C GLU D 643 9.28 0.07 -66.75
N SER D 644 10.17 0.90 -67.30
CA SER D 644 11.50 1.10 -66.77
C SER D 644 11.80 2.59 -66.71
N VAL D 645 12.71 2.95 -65.79
CA VAL D 645 13.10 4.34 -65.58
C VAL D 645 14.62 4.43 -65.68
N GLU D 646 15.10 5.40 -66.46
CA GLU D 646 16.52 5.71 -66.58
C GLU D 646 16.68 7.15 -66.10
N VAL D 647 16.89 7.31 -64.79
CA VAL D 647 16.91 8.65 -64.21
C VAL D 647 18.15 9.39 -64.69
N THR D 648 17.94 10.62 -65.15
CA THR D 648 19.00 11.50 -65.62
C THR D 648 18.74 12.89 -65.03
N PRO D 649 19.76 13.74 -64.98
CA PRO D 649 19.54 15.08 -64.40
C PRO D 649 18.42 15.86 -65.06
N GLU D 650 18.20 15.65 -66.37
CA GLU D 650 17.10 16.32 -67.05
C GLU D 650 15.75 15.87 -66.50
N ASN D 651 15.60 14.57 -66.22
CA ASN D 651 14.38 14.05 -65.62
C ASN D 651 14.37 14.18 -64.10
N LEU D 652 15.53 14.49 -63.50
CA LEU D 652 15.58 14.64 -62.06
C LEU D 652 14.68 15.78 -61.60
N GLN D 653 14.41 16.76 -62.46
CA GLN D 653 13.50 17.84 -62.11
C GLN D 653 12.08 17.31 -61.91
N ASP D 654 11.58 16.54 -62.87
CA ASP D 654 10.25 15.98 -62.72
C ASP D 654 10.19 14.96 -61.59
N PHE D 655 11.32 14.33 -61.24
CA PHE D 655 11.31 13.38 -60.15
C PHE D 655 11.33 14.05 -58.77
N VAL D 656 12.40 14.75 -58.44
CA VAL D 656 12.48 15.42 -57.14
C VAL D 656 11.92 16.83 -57.22
N GLY D 657 12.24 17.54 -58.31
CA GLY D 657 11.93 18.95 -58.40
C GLY D 657 13.19 19.75 -58.71
N LYS D 658 13.10 21.05 -58.49
CA LYS D 658 14.17 21.98 -58.79
C LYS D 658 15.31 21.86 -57.77
N PRO D 659 16.46 22.47 -58.05
CA PRO D 659 17.57 22.46 -57.08
C PRO D 659 17.31 23.34 -55.86
N VAL D 660 17.38 22.71 -54.68
CA VAL D 660 17.26 23.45 -53.42
C VAL D 660 18.45 24.38 -53.24
N PHE D 661 19.66 23.83 -53.27
CA PHE D 661 20.88 24.58 -53.03
C PHE D 661 21.60 24.81 -54.36
N THR D 662 21.82 26.07 -54.70
CA THR D 662 22.55 26.42 -55.92
C THR D 662 23.61 27.49 -55.73
N VAL D 663 23.53 28.34 -54.71
CA VAL D 663 24.53 29.38 -54.53
C VAL D 663 25.88 28.78 -54.17
N GLU D 664 25.87 27.72 -53.36
CA GLU D 664 27.02 26.94 -52.93
C GLU D 664 27.81 27.66 -51.84
N ARG D 665 27.52 28.92 -51.54
CA ARG D 665 28.06 29.65 -50.41
C ARG D 665 27.47 31.06 -50.44
N MET D 666 27.52 31.74 -49.30
CA MET D 666 26.88 33.05 -49.19
C MET D 666 27.57 34.08 -50.09
N TYR D 667 28.85 34.34 -49.84
CA TYR D 667 29.63 35.27 -50.65
C TYR D 667 30.61 34.49 -51.52
N ASP D 668 30.59 34.77 -52.83
CA ASP D 668 31.56 34.22 -53.76
C ASP D 668 32.72 35.16 -54.04
N VAL D 669 32.68 36.39 -53.53
CA VAL D 669 33.71 37.37 -53.81
C VAL D 669 34.36 37.94 -52.55
N THR D 670 33.72 37.83 -51.39
CA THR D 670 34.30 38.28 -50.13
C THR D 670 34.67 39.77 -50.19
N PRO D 671 33.68 40.67 -50.18
CA PRO D 671 33.99 42.11 -50.22
C PRO D 671 34.86 42.50 -49.03
N PRO D 672 35.30 43.76 -48.96
CA PRO D 672 36.15 44.18 -47.84
C PRO D 672 35.44 43.97 -46.51
N GLY D 673 36.21 43.50 -45.52
CA GLY D 673 35.71 43.31 -44.18
C GLY D 673 35.02 41.98 -43.92
N VAL D 674 34.85 41.14 -44.94
CA VAL D 674 34.24 39.82 -44.77
C VAL D 674 35.20 38.76 -45.29
N VAL D 675 35.19 37.62 -44.61
CA VAL D 675 36.09 36.52 -44.96
C VAL D 675 35.49 35.23 -44.44
N MET D 676 35.67 34.15 -45.20
CA MET D 676 35.16 32.85 -44.79
C MET D 676 36.17 32.16 -43.89
N GLY D 677 35.66 31.48 -42.86
CA GLY D 677 36.50 30.67 -41.99
C GLY D 677 35.79 29.39 -41.62
N LEU D 678 36.58 28.35 -41.43
CA LEU D 678 36.02 27.03 -41.16
C LEU D 678 35.63 26.90 -39.68
N ALA D 679 34.46 26.33 -39.45
CA ALA D 679 33.93 26.12 -38.11
C ALA D 679 33.52 24.66 -37.95
N TRP D 680 33.67 24.16 -36.74
CA TRP D 680 33.36 22.77 -36.41
C TRP D 680 32.21 22.77 -35.41
N THR D 681 31.01 22.51 -35.90
CA THR D 681 29.80 22.50 -35.09
C THR D 681 29.28 21.08 -34.93
N ALA D 682 28.30 20.92 -34.04
CA ALA D 682 27.72 19.61 -33.78
C ALA D 682 27.33 18.93 -35.09
N MET D 683 26.79 19.70 -36.04
CA MET D 683 26.56 19.20 -37.39
C MET D 683 27.86 19.36 -38.17
N GLY D 684 28.80 18.48 -37.86
CA GLY D 684 30.01 18.37 -38.66
C GLY D 684 30.71 19.70 -38.81
N GLY D 685 30.94 20.10 -40.06
CA GLY D 685 31.69 21.30 -40.37
C GLY D 685 30.85 22.31 -41.15
N SER D 686 31.38 23.53 -41.22
CA SER D 686 30.72 24.60 -41.95
C SER D 686 31.76 25.64 -42.31
N THR D 687 31.39 26.51 -43.26
CA THR D 687 32.19 27.67 -43.62
C THR D 687 31.36 28.91 -43.29
N LEU D 688 31.76 29.62 -42.23
CA LEU D 688 31.04 30.78 -41.75
C LEU D 688 31.77 32.04 -42.17
N PHE D 689 31.04 33.00 -42.73
CA PHE D 689 31.63 34.23 -43.22
C PHE D 689 31.61 35.26 -42.10
N VAL D 690 32.76 35.47 -41.47
CA VAL D 690 32.88 36.54 -40.49
C VAL D 690 32.81 37.88 -41.23
N GLU D 691 31.92 38.74 -40.76
CA GLU D 691 31.61 40.00 -41.43
C GLU D 691 31.95 41.18 -40.52
N THR D 692 32.25 42.32 -41.13
CA THR D 692 32.52 43.54 -40.38
C THR D 692 31.91 44.72 -41.11
N SER D 693 31.54 45.74 -40.34
CA SER D 693 30.94 46.95 -40.89
C SER D 693 31.28 48.13 -39.99
N LEU D 694 31.14 49.33 -40.54
CA LEU D 694 31.38 50.57 -39.81
C LEU D 694 30.02 51.17 -39.47
N ARG D 695 29.69 51.18 -38.18
CA ARG D 695 28.37 51.61 -37.71
C ARG D 695 28.36 53.05 -37.21
N ARG D 696 29.43 53.81 -37.43
CA ARG D 696 29.51 55.19 -36.96
C ARG D 696 30.60 55.88 -37.76
N PRO D 697 30.51 57.19 -37.99
CA PRO D 697 31.49 57.84 -38.89
C PRO D 697 32.92 57.60 -38.42
N GLN D 698 33.79 57.31 -39.39
CA GLN D 698 35.20 57.16 -39.08
C GLN D 698 35.77 58.45 -38.50
N ASP D 699 35.38 59.59 -39.07
CA ASP D 699 35.83 60.90 -38.62
C ASP D 699 34.64 61.63 -38.02
N LYS D 700 34.38 61.36 -36.74
CA LYS D 700 33.47 62.20 -35.97
C LYS D 700 34.15 63.50 -35.57
N ASP D 701 35.48 63.48 -35.45
CA ASP D 701 36.27 64.67 -35.18
C ASP D 701 37.71 64.37 -35.59
N ALA D 702 38.23 65.14 -36.54
CA ALA D 702 39.56 64.85 -37.07
C ALA D 702 40.60 64.84 -35.95
N LYS D 703 40.54 65.81 -35.05
CA LYS D 703 41.45 65.82 -33.90
C LYS D 703 41.15 64.69 -32.94
N GLY D 704 39.94 64.11 -33.01
CA GLY D 704 39.48 63.13 -32.04
C GLY D 704 40.52 62.14 -31.56
N ASP D 705 40.69 62.07 -30.23
CA ASP D 705 41.56 61.09 -29.60
C ASP D 705 40.78 59.91 -29.04
N LYS D 706 39.48 59.81 -29.35
CA LYS D 706 38.66 58.73 -28.82
C LYS D 706 39.05 57.41 -29.46
N ASP D 707 38.78 56.32 -28.74
CA ASP D 707 39.15 55.00 -29.19
C ASP D 707 38.11 54.43 -30.16
N GLY D 708 38.58 53.51 -31.01
CA GLY D 708 37.73 52.84 -31.96
C GLY D 708 36.99 51.67 -31.36
N SER D 709 35.93 51.94 -30.60
CA SER D 709 35.19 50.88 -29.92
C SER D 709 34.75 49.79 -30.89
N LEU D 710 34.43 48.61 -30.37
CA LEU D 710 34.02 47.49 -31.18
C LEU D 710 32.78 46.84 -30.59
N GLU D 711 31.90 46.37 -31.47
CA GLU D 711 30.71 45.63 -31.12
C GLU D 711 30.78 44.27 -31.79
N VAL D 712 30.27 43.24 -31.11
CA VAL D 712 30.37 41.87 -31.57
C VAL D 712 29.00 41.21 -31.51
N THR D 713 28.69 40.41 -32.53
CA THR D 713 27.45 39.64 -32.52
C THR D 713 27.74 38.21 -32.95
N GLY D 714 26.78 37.32 -32.67
CA GLY D 714 26.94 35.91 -32.94
C GLY D 714 26.73 35.03 -31.73
N GLN D 715 25.95 35.51 -30.76
CA GLN D 715 25.68 34.78 -29.52
C GLN D 715 26.99 34.42 -28.83
N LEU D 716 27.74 35.46 -28.47
CA LEU D 716 29.12 35.31 -28.05
C LEU D 716 29.22 34.84 -26.61
N GLY D 717 30.16 33.92 -26.36
CA GLY D 717 30.52 33.56 -25.00
C GLY D 717 31.64 34.43 -24.46
N GLU D 718 31.91 34.28 -23.17
CA GLU D 718 32.95 35.08 -22.54
C GLU D 718 34.32 34.77 -23.13
N VAL D 719 34.63 33.50 -23.34
CA VAL D 719 35.92 33.13 -23.92
C VAL D 719 36.01 33.65 -25.35
N MET D 720 34.91 33.53 -26.11
CA MET D 720 34.92 34.07 -27.47
C MET D 720 35.05 35.59 -27.45
N LYS D 721 34.43 36.24 -26.47
CA LYS D 721 34.56 37.69 -26.35
C LYS D 721 36.01 38.08 -26.09
N GLU D 722 36.69 37.36 -25.19
CA GLU D 722 38.09 37.66 -24.92
C GLU D 722 38.95 37.37 -26.15
N SER D 723 38.65 36.30 -26.88
CA SER D 723 39.39 36.02 -28.11
C SER D 723 39.20 37.13 -29.12
N ALA D 724 37.98 37.65 -29.25
CA ALA D 724 37.73 38.76 -30.17
C ALA D 724 38.48 40.01 -29.73
N ARG D 725 38.51 40.28 -28.42
CA ARG D 725 39.27 41.43 -27.92
C ARG D 725 40.75 41.28 -28.24
N ILE D 726 41.29 40.07 -28.04
CA ILE D 726 42.70 39.82 -28.34
C ILE D 726 42.98 40.02 -29.82
N ALA D 727 42.09 39.50 -30.67
CA ALA D 727 42.25 39.67 -32.11
C ALA D 727 42.19 41.15 -32.49
N TYR D 728 41.28 41.90 -31.86
CA TYR D 728 41.18 43.33 -32.15
C TYR D 728 42.46 44.06 -31.78
N THR D 729 43.00 43.77 -30.59
CA THR D 729 44.24 44.41 -30.17
C THR D 729 45.39 44.04 -31.09
N PHE D 730 45.49 42.76 -31.46
CA PHE D 730 46.57 42.34 -32.36
C PHE D 730 46.43 42.99 -33.72
N ALA D 731 45.20 43.11 -34.23
CA ALA D 731 45.00 43.77 -35.51
C ALA D 731 45.40 45.24 -35.43
N ARG D 732 45.09 45.89 -34.31
CA ARG D 732 45.50 47.28 -34.13
C ARG D 732 47.02 47.40 -34.14
N ALA D 733 47.70 46.53 -33.40
CA ALA D 733 49.17 46.57 -33.36
C ALA D 733 49.75 46.24 -34.73
N PHE D 734 49.14 45.29 -35.44
CA PHE D 734 49.61 44.92 -36.77
C PHE D 734 49.47 46.09 -37.74
N LEU D 735 48.37 46.83 -37.63
CA LEU D 735 48.22 48.03 -38.45
C LEU D 735 49.25 49.08 -38.08
N MET D 736 49.50 49.28 -36.79
CA MET D 736 50.52 50.25 -36.37
C MET D 736 51.88 49.89 -36.97
N GLN D 737 52.26 48.62 -36.90
CA GLN D 737 53.58 48.22 -37.39
C GLN D 737 53.63 48.22 -38.92
N HIS D 738 52.52 47.86 -39.57
CA HIS D 738 52.49 47.71 -41.02
C HIS D 738 52.05 48.99 -41.72
N ALA D 739 50.93 49.57 -41.28
CA ALA D 739 50.38 50.79 -41.88
C ALA D 739 50.13 51.79 -40.75
N PRO D 740 51.19 52.42 -40.25
CA PRO D 740 51.00 53.33 -39.10
C PRO D 740 50.00 54.45 -39.37
N ALA D 741 49.97 54.97 -40.60
CA ALA D 741 49.04 56.04 -40.92
C ALA D 741 47.59 55.58 -40.89
N ASN D 742 47.34 54.28 -40.91
CA ASN D 742 45.98 53.75 -40.93
C ASN D 742 45.41 53.82 -39.52
N ASP D 743 44.75 54.93 -39.22
CA ASP D 743 44.04 55.11 -37.95
C ASP D 743 42.61 54.58 -38.01
N TYR D 744 42.24 53.90 -39.10
CA TYR D 744 40.90 53.34 -39.22
C TYR D 744 40.57 52.46 -38.02
N LEU D 745 41.44 51.51 -37.71
CA LEU D 745 41.14 50.54 -36.66
C LEU D 745 41.20 51.19 -35.29
N VAL D 746 42.15 52.12 -35.09
CA VAL D 746 42.26 52.80 -33.80
C VAL D 746 41.06 53.72 -33.60
N THR D 747 40.72 54.52 -34.61
CA THR D 747 39.62 55.48 -34.53
C THR D 747 38.58 55.10 -35.59
N SER D 748 37.73 54.13 -35.23
CA SER D 748 36.53 53.80 -35.99
C SER D 748 35.72 52.82 -35.16
N HIS D 749 34.42 53.02 -35.08
CA HIS D 749 33.56 52.18 -34.26
C HIS D 749 32.88 51.16 -35.15
N ILE D 750 33.23 49.89 -34.93
CA ILE D 750 32.98 48.82 -35.88
C ILE D 750 32.05 47.80 -35.23
N HIS D 751 31.35 47.05 -36.08
CA HIS D 751 30.55 45.90 -35.66
C HIS D 751 31.03 44.69 -36.45
N LEU D 752 31.45 43.64 -35.75
CA LEU D 752 31.80 42.38 -36.38
C LEU D 752 30.82 41.30 -35.94
N HIS D 753 30.39 40.50 -36.92
CA HIS D 753 29.51 39.37 -36.68
C HIS D 753 30.25 38.09 -37.05
N VAL D 754 30.38 37.20 -36.08
CA VAL D 754 30.87 35.84 -36.30
C VAL D 754 29.67 34.90 -36.26
N PRO D 755 29.29 34.27 -37.37
CA PRO D 755 28.10 33.41 -37.34
C PRO D 755 28.26 32.31 -36.29
N GLU D 756 27.16 32.02 -35.60
CA GLU D 756 27.18 31.04 -34.53
C GLU D 756 27.05 29.63 -35.10
N GLY D 757 27.10 28.63 -34.22
CA GLY D 757 27.05 27.25 -34.61
C GLY D 757 28.28 26.49 -34.15
N ALA D 758 29.44 27.14 -34.25
CA ALA D 758 30.67 26.54 -33.78
C ALA D 758 30.57 26.27 -32.28
N THR D 759 31.03 25.09 -31.87
CA THR D 759 31.04 24.77 -30.46
C THR D 759 31.92 25.76 -29.72
N PRO D 760 31.59 26.12 -28.47
CA PRO D 760 32.35 27.18 -27.80
C PRO D 760 33.85 26.91 -27.74
N LYS D 761 34.24 25.64 -27.64
CA LYS D 761 35.67 25.32 -27.62
C LYS D 761 36.33 25.66 -28.95
N ASP D 762 35.60 25.52 -30.05
CA ASP D 762 36.12 25.80 -31.38
C ASP D 762 35.88 27.25 -31.81
N GLY D 763 35.17 28.05 -31.00
CA GLY D 763 34.95 29.43 -31.30
C GLY D 763 36.19 30.28 -31.36
N PRO D 764 37.17 30.09 -30.48
CA PRO D 764 38.40 30.88 -30.56
C PRO D 764 39.16 30.67 -31.87
N SER D 765 38.88 29.59 -32.59
CA SER D 765 39.56 29.32 -33.86
C SER D 765 39.25 30.37 -34.90
N ALA D 766 38.23 31.21 -34.68
CA ALA D 766 37.87 32.27 -35.61
C ALA D 766 38.65 33.56 -35.35
N GLY D 767 39.59 33.56 -34.40
CA GLY D 767 40.31 34.78 -34.09
C GLY D 767 41.11 35.30 -35.28
N CYS D 768 41.82 34.41 -35.96
CA CYS D 768 42.61 34.82 -37.12
C CYS D 768 41.72 35.31 -38.25
N THR D 769 40.59 34.62 -38.47
CA THR D 769 39.60 35.10 -39.44
C THR D 769 39.16 36.52 -39.09
N ILE D 770 38.95 36.77 -37.80
CA ILE D 770 38.55 38.11 -37.35
C ILE D 770 39.64 39.12 -37.66
N VAL D 771 40.89 38.75 -37.40
CA VAL D 771 42.00 39.68 -37.64
C VAL D 771 42.07 40.05 -39.11
N THR D 772 41.99 39.05 -39.99
CA THR D 772 42.08 39.34 -41.42
C THR D 772 40.88 40.14 -41.90
N ALA D 773 39.69 39.86 -41.35
CA ALA D 773 38.52 40.65 -41.71
C ALA D 773 38.71 42.12 -41.32
N LEU D 774 39.19 42.36 -40.11
CA LEU D 774 39.39 43.72 -39.64
C LEU D 774 40.44 44.44 -40.48
N LEU D 775 41.54 43.75 -40.81
CA LEU D 775 42.57 44.36 -41.64
C LEU D 775 42.04 44.69 -43.04
N SER D 776 41.26 43.77 -43.63
CA SER D 776 40.67 44.03 -44.94
C SER D 776 39.76 45.25 -44.88
N LEU D 777 38.94 45.35 -43.83
CA LEU D 777 38.08 46.52 -43.69
C LEU D 777 38.92 47.80 -43.54
N ALA D 778 40.01 47.72 -42.77
CA ALA D 778 40.85 48.89 -42.56
C ALA D 778 41.44 49.39 -43.87
N MET D 779 42.05 48.50 -44.65
CA MET D 779 42.62 48.88 -45.94
C MET D 779 41.61 48.81 -47.08
N GLY D 780 40.46 48.18 -46.88
CA GLY D 780 39.49 48.02 -47.94
C GLY D 780 39.85 46.96 -48.96
N ARG D 781 41.00 46.31 -48.83
CA ARG D 781 41.37 45.26 -49.77
C ARG D 781 40.55 44.01 -49.48
N PRO D 782 39.75 43.51 -50.42
CA PRO D 782 39.05 42.25 -50.17
C PRO D 782 40.02 41.10 -49.99
N VAL D 783 39.67 40.18 -49.09
CA VAL D 783 40.48 38.98 -48.90
C VAL D 783 40.47 38.18 -50.20
N ARG D 784 41.56 37.45 -50.43
CA ARG D 784 41.67 36.68 -51.65
C ARG D 784 40.50 35.70 -51.76
N GLN D 785 39.95 35.59 -52.97
CA GLN D 785 38.77 34.77 -53.17
C GLN D 785 39.06 33.33 -52.80
N ASN D 786 37.98 32.56 -52.64
CA ASN D 786 38.02 31.13 -52.31
C ASN D 786 39.20 30.79 -51.40
N LEU D 787 39.30 31.51 -50.27
CA LEU D 787 40.33 31.27 -49.27
C LEU D 787 39.67 31.10 -47.92
N ALA D 788 40.07 30.05 -47.19
CA ALA D 788 39.50 29.72 -45.89
C ALA D 788 40.58 29.77 -44.81
N MET D 789 40.14 30.11 -43.60
CA MET D 789 41.05 30.18 -42.46
C MET D 789 40.37 29.68 -41.19
N THR D 790 41.17 29.07 -40.33
CA THR D 790 40.81 28.77 -38.95
C THR D 790 42.09 28.81 -38.12
N GLY D 791 42.11 29.66 -37.09
CA GLY D 791 43.30 29.81 -36.29
C GLY D 791 43.02 30.63 -35.05
N GLU D 792 43.87 30.42 -34.04
CA GLU D 792 43.74 31.07 -32.75
C GLU D 792 44.95 31.97 -32.52
N VAL D 793 44.69 33.24 -32.23
CA VAL D 793 45.75 34.22 -32.02
C VAL D 793 45.99 34.37 -30.52
N SER D 794 47.21 34.79 -30.17
CA SER D 794 47.65 34.87 -28.78
C SER D 794 48.13 36.27 -28.43
N LEU D 795 47.43 37.29 -28.93
CA LEU D 795 47.68 38.71 -28.66
C LEU D 795 48.98 39.19 -29.30
N THR D 796 49.75 38.31 -29.95
CA THR D 796 50.97 38.70 -30.62
C THR D 796 51.02 38.26 -32.07
N GLY D 797 50.06 37.45 -32.53
CA GLY D 797 50.02 36.96 -33.89
C GLY D 797 50.33 35.49 -34.02
N LYS D 798 50.86 34.86 -32.98
CA LYS D 798 51.18 33.45 -33.04
C LYS D 798 49.91 32.63 -33.17
N ILE D 799 49.93 31.63 -34.04
CA ILE D 799 48.75 30.84 -34.38
C ILE D 799 48.88 29.48 -33.71
N LEU D 800 47.85 29.09 -32.97
CA LEU D 800 47.83 27.85 -32.21
C LEU D 800 46.95 26.82 -32.89
N PRO D 801 47.17 25.53 -32.62
CA PRO D 801 46.37 24.48 -33.28
C PRO D 801 44.90 24.59 -32.89
N VAL D 802 44.08 23.80 -33.59
CA VAL D 802 42.64 23.77 -33.39
C VAL D 802 42.16 22.33 -33.58
N GLY D 803 40.88 22.10 -33.29
CA GLY D 803 40.27 20.80 -33.44
C GLY D 803 39.32 20.75 -34.63
N GLY D 804 38.90 19.54 -34.96
CA GLY D 804 38.02 19.33 -36.10
C GLY D 804 38.66 19.67 -37.43
N ILE D 805 39.94 19.35 -37.60
CA ILE D 805 40.64 19.68 -38.83
C ILE D 805 40.04 18.92 -40.01
N LYS D 806 39.79 17.62 -39.83
CA LYS D 806 39.21 16.83 -40.91
C LYS D 806 37.83 17.34 -41.29
N GLU D 807 37.01 17.64 -40.28
CA GLU D 807 35.65 18.10 -40.55
C GLU D 807 35.65 19.47 -41.22
N LYS D 808 36.53 20.38 -40.76
CA LYS D 808 36.62 21.68 -41.39
C LYS D 808 37.13 21.55 -42.82
N THR D 809 38.03 20.60 -43.07
CA THR D 809 38.51 20.37 -44.44
C THR D 809 37.38 19.82 -45.31
N ILE D 810 36.52 18.96 -44.75
CA ILE D 810 35.37 18.47 -45.50
C ILE D 810 34.46 19.62 -45.87
N ALA D 811 34.18 20.50 -44.90
CA ALA D 811 33.35 21.67 -45.18
C ALA D 811 33.99 22.55 -46.24
N ALA D 812 35.31 22.72 -46.17
CA ALA D 812 36.02 23.50 -47.18
C ALA D 812 35.84 22.89 -48.57
N LYS D 813 36.10 21.59 -48.70
CA LYS D 813 36.00 20.95 -50.00
C LYS D 813 34.58 21.04 -50.55
N ARG D 814 33.58 20.80 -49.71
CA ARG D 814 32.20 20.95 -50.17
C ARG D 814 31.86 22.40 -50.46
N ALA D 815 32.60 23.35 -49.91
CA ALA D 815 32.38 24.77 -50.14
C ALA D 815 33.14 25.31 -51.35
N GLY D 816 33.99 24.50 -51.98
CA GLY D 816 34.70 24.91 -53.17
C GLY D 816 35.98 25.69 -52.92
N VAL D 817 36.30 26.01 -51.67
CA VAL D 817 37.54 26.73 -51.40
C VAL D 817 38.73 25.90 -51.82
N THR D 818 39.67 26.53 -52.55
CA THR D 818 40.85 25.86 -53.04
C THR D 818 42.11 26.18 -52.25
N CYS D 819 42.16 27.32 -51.57
CA CYS D 819 43.28 27.68 -50.71
C CYS D 819 42.83 27.66 -49.27
N ILE D 820 43.49 26.84 -48.45
CA ILE D 820 43.19 26.71 -47.04
C ILE D 820 44.44 27.01 -46.24
N VAL D 821 44.28 27.70 -45.12
CA VAL D 821 45.39 28.10 -44.26
C VAL D 821 45.14 27.53 -42.88
N LEU D 822 46.11 26.81 -42.34
CA LEU D 822 45.99 26.13 -41.06
C LEU D 822 47.24 26.35 -40.23
N PRO D 823 47.15 26.19 -38.92
CA PRO D 823 48.37 26.22 -38.10
C PRO D 823 49.27 25.05 -38.40
N ALA D 824 50.58 25.27 -38.24
CA ALA D 824 51.54 24.21 -38.50
C ALA D 824 51.35 23.04 -37.54
N GLU D 825 50.95 23.31 -36.30
CA GLU D 825 50.80 22.25 -35.32
C GLU D 825 49.66 21.29 -35.67
N ASN D 826 48.69 21.73 -36.47
CA ASN D 826 47.64 20.85 -36.97
C ASN D 826 48.04 20.09 -38.22
N LYS D 827 49.26 20.33 -38.73
CA LYS D 827 49.63 19.82 -40.04
C LYS D 827 49.45 18.32 -40.15
N LYS D 828 49.93 17.57 -39.14
CA LYS D 828 49.82 16.11 -39.20
C LYS D 828 48.36 15.70 -39.36
N ASP D 829 47.45 16.38 -38.66
CA ASP D 829 46.03 16.04 -38.79
C ASP D 829 45.57 16.24 -40.24
N PHE D 830 45.99 17.34 -40.86
CA PHE D 830 45.66 17.55 -42.27
C PHE D 830 46.37 16.53 -43.15
N TYR D 831 47.53 16.05 -42.73
CA TYR D 831 48.26 15.02 -43.48
C TYR D 831 47.82 13.62 -43.13
N ASP D 832 47.10 13.44 -42.02
CA ASP D 832 46.50 12.14 -41.70
C ASP D 832 45.27 11.85 -42.55
N LEU D 833 44.81 12.82 -43.33
CA LEU D 833 43.63 12.64 -44.17
C LEU D 833 44.00 11.89 -45.44
N ALA D 834 42.97 11.47 -46.17
CA ALA D 834 43.18 10.74 -47.42
C ALA D 834 43.62 11.70 -48.53
N ALA D 835 44.06 11.12 -49.65
CA ALA D 835 44.45 11.92 -50.80
C ALA D 835 43.23 12.47 -51.51
N PHE D 836 42.17 11.66 -51.66
CA PHE D 836 40.99 12.06 -52.42
C PHE D 836 40.21 13.18 -51.74
N ILE D 837 40.60 13.60 -50.54
CA ILE D 837 39.92 14.69 -49.84
C ILE D 837 40.72 15.99 -49.85
N THR D 838 41.93 15.98 -50.40
CA THR D 838 42.79 17.17 -50.40
C THR D 838 43.16 17.63 -51.80
N GLU D 839 42.41 17.22 -52.82
CA GLU D 839 42.68 17.69 -54.18
C GLU D 839 42.32 19.16 -54.30
N GLY D 840 43.25 19.95 -54.83
CA GLY D 840 43.02 21.35 -55.06
C GLY D 840 43.10 22.23 -53.82
N LEU D 841 43.31 21.64 -52.64
CA LEU D 841 43.44 22.41 -51.41
C LEU D 841 44.89 22.85 -51.29
N GLU D 842 45.19 24.03 -51.82
CA GLU D 842 46.54 24.61 -51.76
C GLU D 842 46.76 25.08 -50.32
N VAL D 843 47.08 24.12 -49.46
CA VAL D 843 47.18 24.41 -48.03
C VAL D 843 48.26 25.46 -47.77
N HIS D 844 48.09 26.21 -46.70
CA HIS D 844 49.03 27.26 -46.28
C HIS D 844 49.26 27.09 -44.78
N PHE D 845 50.24 26.27 -44.41
CA PHE D 845 50.54 26.05 -43.00
C PHE D 845 51.35 27.23 -42.46
N VAL D 846 50.92 27.73 -41.30
CA VAL D 846 51.46 28.96 -40.73
C VAL D 846 51.64 28.75 -39.24
N GLU D 847 52.47 29.61 -38.63
CA GLU D 847 52.60 29.67 -37.17
C GLU D 847 52.42 31.07 -36.61
N HIS D 848 52.66 32.11 -37.39
CA HIS D 848 52.44 33.49 -36.97
C HIS D 848 51.58 34.18 -38.02
N TYR D 849 50.83 35.19 -37.59
CA TYR D 849 49.84 35.79 -38.48
C TYR D 849 50.46 36.46 -39.69
N ARG D 850 51.72 36.90 -39.57
CA ARG D 850 52.36 37.64 -40.66
C ARG D 850 52.22 36.91 -41.99
N GLU D 851 52.56 35.62 -41.99
CA GLU D 851 52.50 34.84 -43.22
C GLU D 851 51.12 34.97 -43.88
N ILE D 852 50.06 34.89 -43.07
CA ILE D 852 48.70 34.97 -43.60
C ILE D 852 48.46 36.31 -44.27
N PHE D 853 49.00 37.39 -43.68
CA PHE D 853 48.84 38.70 -44.31
C PHE D 853 49.46 38.72 -45.70
N ASP D 854 50.50 37.91 -45.92
CA ASP D 854 51.11 37.81 -47.24
C ASP D 854 50.36 36.85 -48.15
N ILE D 855 49.40 36.08 -47.63
CA ILE D 855 48.60 35.16 -48.42
C ILE D 855 47.30 35.84 -48.79
N ALA D 856 46.52 36.24 -47.77
CA ALA D 856 45.24 36.89 -48.01
C ALA D 856 45.43 38.22 -48.75
N PHE D 857 46.42 39.00 -48.31
CA PHE D 857 46.69 40.30 -48.93
C PHE D 857 48.06 40.28 -49.60
N PRO D 858 48.19 39.60 -50.74
CA PRO D 858 49.52 39.52 -51.38
C PRO D 858 50.07 40.87 -51.80
N ASP D 859 49.28 41.65 -52.54
CA ASP D 859 49.72 42.95 -53.02
C ASP D 859 49.10 44.07 -52.19
N HIS E 33 -38.56 -71.28 -35.18
CA HIS E 33 -38.74 -70.28 -36.27
C HIS E 33 -39.55 -69.08 -35.78
N LEU E 34 -38.95 -68.29 -34.88
CA LEU E 34 -39.58 -67.10 -34.33
C LEU E 34 -38.58 -65.95 -34.37
N PRO E 35 -39.06 -64.71 -34.47
CA PRO E 35 -38.12 -63.58 -34.53
C PRO E 35 -37.30 -63.49 -33.26
N LEU E 36 -36.04 -63.08 -33.43
CA LEU E 36 -35.15 -62.94 -32.29
C LEU E 36 -35.69 -61.91 -31.32
N ILE E 37 -35.72 -62.27 -30.03
CA ILE E 37 -36.27 -61.39 -29.01
C ILE E 37 -35.29 -60.25 -28.76
N ALA E 38 -35.82 -59.03 -28.67
CA ALA E 38 -35.01 -57.86 -28.36
C ALA E 38 -34.63 -57.92 -26.89
N ILE E 39 -33.34 -58.15 -26.62
CA ILE E 39 -32.89 -58.33 -25.24
C ILE E 39 -33.03 -57.02 -24.47
N THR E 40 -32.60 -55.91 -25.08
CA THR E 40 -32.72 -54.57 -24.49
C THR E 40 -31.93 -54.49 -23.19
N ARG E 41 -30.62 -54.72 -23.30
CA ARG E 41 -29.68 -54.53 -22.19
C ARG E 41 -30.16 -55.25 -20.93
N ASN E 42 -30.61 -56.48 -21.10
CA ASN E 42 -31.11 -57.31 -20.01
C ASN E 42 -30.41 -58.66 -20.09
N PRO E 43 -29.13 -58.72 -19.69
CA PRO E 43 -28.40 -59.99 -19.80
C PRO E 43 -29.05 -61.07 -18.95
N VAL E 44 -29.29 -62.22 -19.56
CA VAL E 44 -29.95 -63.36 -18.91
C VAL E 44 -28.89 -64.43 -18.71
N PHE E 45 -28.47 -64.60 -17.45
CA PHE E 45 -27.45 -65.59 -17.14
C PHE E 45 -28.08 -66.98 -17.12
N PRO E 46 -27.29 -68.03 -17.36
CA PRO E 46 -27.84 -69.39 -17.29
C PRO E 46 -28.42 -69.68 -15.91
N ARG E 47 -29.58 -70.34 -15.91
CA ARG E 47 -30.27 -70.70 -14.67
C ARG E 47 -30.41 -69.49 -13.75
N PHE E 48 -30.76 -68.35 -14.35
CA PHE E 48 -30.92 -67.08 -13.63
C PHE E 48 -32.25 -66.46 -14.04
N ILE E 49 -33.07 -66.11 -13.06
CA ILE E 49 -34.35 -65.46 -13.32
C ILE E 49 -34.10 -64.00 -13.64
N LYS E 50 -34.62 -63.54 -14.77
CA LYS E 50 -34.49 -62.15 -15.19
C LYS E 50 -35.82 -61.68 -15.76
N ILE E 51 -35.97 -60.36 -15.84
CA ILE E 51 -37.16 -59.74 -16.39
C ILE E 51 -36.75 -58.84 -17.54
N ILE E 52 -37.35 -59.08 -18.70
CA ILE E 52 -37.13 -58.28 -19.90
C ILE E 52 -38.42 -57.51 -20.18
N GLU E 53 -38.31 -56.19 -20.29
CA GLU E 53 -39.45 -55.32 -20.58
C GLU E 53 -39.05 -54.42 -21.74
N VAL E 54 -39.27 -54.90 -22.96
CA VAL E 54 -38.92 -54.15 -24.16
C VAL E 54 -39.98 -53.09 -24.40
N LYS E 55 -39.53 -51.89 -24.81
CA LYS E 55 -40.47 -50.81 -25.09
C LYS E 55 -41.40 -51.18 -26.24
N ASN E 56 -40.86 -51.81 -27.28
CA ASN E 56 -41.66 -52.20 -28.43
C ASN E 56 -42.77 -53.16 -28.01
N LYS E 57 -43.97 -52.94 -28.54
CA LYS E 57 -45.13 -53.76 -28.22
C LYS E 57 -45.35 -54.90 -29.21
N LYS E 58 -44.53 -55.00 -30.26
CA LYS E 58 -44.67 -56.10 -31.21
C LYS E 58 -44.34 -57.43 -30.57
N LEU E 59 -43.30 -57.46 -29.73
CA LEU E 59 -43.00 -58.67 -28.98
C LEU E 59 -44.19 -59.08 -28.12
N VAL E 60 -45.06 -58.15 -27.73
CA VAL E 60 -46.30 -58.53 -27.07
C VAL E 60 -47.18 -59.31 -28.03
N GLU E 61 -47.23 -58.90 -29.30
CA GLU E 61 -47.95 -59.68 -30.30
C GLU E 61 -47.39 -61.09 -30.39
N LEU E 62 -46.07 -61.22 -30.42
CA LEU E 62 -45.46 -62.55 -30.46
C LEU E 62 -45.83 -63.36 -29.23
N LEU E 63 -45.74 -62.75 -28.05
CA LEU E 63 -46.04 -63.47 -26.81
C LEU E 63 -47.49 -63.92 -26.76
N ARG E 64 -48.41 -63.07 -27.22
CA ARG E 64 -49.82 -63.47 -27.25
C ARG E 64 -50.04 -64.58 -28.26
N ARG E 65 -49.33 -64.54 -29.39
CA ARG E 65 -49.51 -65.60 -30.39
C ARG E 65 -49.05 -66.97 -29.89
N LYS E 66 -48.17 -67.01 -28.90
CA LYS E 66 -47.71 -68.27 -28.33
C LYS E 66 -48.53 -68.70 -27.11
N VAL E 67 -49.54 -67.94 -26.71
CA VAL E 67 -50.38 -68.34 -25.59
C VAL E 67 -51.19 -69.58 -25.95
N ARG E 68 -51.74 -69.63 -27.16
CA ARG E 68 -52.53 -70.78 -27.56
C ARG E 68 -51.71 -72.07 -27.52
N LEU E 69 -50.40 -71.97 -27.73
CA LEU E 69 -49.55 -73.15 -27.71
C LEU E 69 -49.62 -73.83 -26.34
N ALA E 70 -49.67 -75.15 -26.35
CA ALA E 70 -49.78 -75.91 -25.10
C ALA E 70 -48.54 -75.75 -24.23
N GLN E 71 -47.37 -75.53 -24.84
CA GLN E 71 -46.10 -75.42 -24.13
C GLN E 71 -45.40 -74.14 -24.58
N PRO E 72 -45.87 -72.98 -24.13
CA PRO E 72 -45.22 -71.73 -24.53
C PRO E 72 -43.77 -71.69 -24.08
N TYR E 73 -42.93 -71.08 -24.91
CA TYR E 73 -41.50 -71.00 -24.64
C TYR E 73 -40.97 -69.69 -25.21
N VAL E 74 -39.78 -69.30 -24.74
CA VAL E 74 -39.07 -68.15 -25.26
C VAL E 74 -37.62 -68.51 -25.47
N GLY E 75 -37.07 -68.08 -26.61
CA GLY E 75 -35.63 -68.13 -26.80
C GLY E 75 -35.01 -66.79 -26.41
N VAL E 76 -34.01 -66.86 -25.53
CA VAL E 76 -33.28 -65.70 -25.06
C VAL E 76 -31.94 -65.70 -25.76
N PHE E 77 -31.34 -64.53 -25.91
CA PHE E 77 -30.04 -64.42 -26.56
C PHE E 77 -29.21 -63.36 -25.86
N LEU E 78 -28.02 -63.11 -26.40
CA LEU E 78 -27.14 -62.06 -25.93
C LEU E 78 -26.74 -61.19 -27.11
N LYS E 79 -26.93 -59.88 -26.96
CA LYS E 79 -26.55 -58.95 -28.02
C LYS E 79 -25.03 -58.81 -28.09
N ARG E 80 -24.55 -58.50 -29.28
CA ARG E 80 -23.13 -58.30 -29.50
C ARG E 80 -22.78 -56.83 -29.24
N ASP E 81 -21.53 -56.45 -29.53
CA ASP E 81 -21.11 -55.07 -29.34
C ASP E 81 -21.85 -54.15 -30.30
N ASP E 82 -21.98 -52.89 -29.91
CA ASP E 82 -22.68 -51.87 -30.69
C ASP E 82 -24.14 -52.27 -30.91
N SER E 83 -24.86 -52.36 -29.80
CA SER E 83 -26.27 -52.68 -29.84
C SER E 83 -27.03 -51.67 -30.67
N ASN E 84 -27.91 -52.16 -31.55
CA ASN E 84 -28.70 -51.30 -32.43
C ASN E 84 -30.06 -51.93 -32.63
N GLU E 85 -31.11 -51.22 -32.17
CA GLU E 85 -32.45 -51.76 -32.24
C GLU E 85 -32.90 -51.96 -33.70
N SER E 86 -32.58 -51.00 -34.56
CA SER E 86 -32.97 -51.12 -35.97
C SER E 86 -32.29 -52.32 -36.61
N ASP E 87 -31.01 -52.54 -36.29
CA ASP E 87 -30.30 -53.68 -36.87
C ASP E 87 -30.94 -55.00 -36.47
N VAL E 88 -31.62 -55.04 -35.32
CA VAL E 88 -32.29 -56.26 -34.90
C VAL E 88 -33.37 -56.64 -35.90
N VAL E 89 -34.19 -55.68 -36.31
CA VAL E 89 -35.24 -55.96 -37.30
C VAL E 89 -34.69 -56.01 -38.72
N GLU E 90 -33.50 -55.46 -38.96
CA GLU E 90 -32.92 -55.48 -40.30
C GLU E 90 -32.11 -56.76 -40.54
N SER E 91 -31.08 -57.00 -39.72
CA SER E 91 -30.22 -58.15 -39.87
C SER E 91 -30.28 -59.01 -38.60
N LEU E 92 -30.34 -60.32 -38.80
CA LEU E 92 -30.44 -61.26 -37.69
C LEU E 92 -29.07 -61.74 -37.20
N ASP E 93 -27.98 -61.27 -37.80
CA ASP E 93 -26.64 -61.68 -37.40
C ASP E 93 -26.10 -60.90 -36.21
N GLU E 94 -26.75 -59.79 -35.83
CA GLU E 94 -26.28 -59.02 -34.68
C GLU E 94 -26.36 -59.84 -33.40
N ILE E 95 -27.47 -60.55 -33.20
CA ILE E 95 -27.65 -61.37 -32.01
C ILE E 95 -26.67 -62.53 -32.05
N HIS E 97 -24.97 -66.12 -31.88
CA HIS E 97 -25.45 -67.45 -32.20
C HIS E 97 -25.92 -68.16 -30.94
N THR E 98 -25.26 -67.85 -29.83
CA THR E 98 -25.63 -68.45 -28.55
C THR E 98 -27.06 -68.11 -28.20
N GLY E 99 -27.80 -69.11 -27.72
CA GLY E 99 -29.17 -68.92 -27.30
C GLY E 99 -29.46 -69.69 -26.03
N THR E 100 -30.60 -69.37 -25.43
CA THR E 100 -31.04 -69.99 -24.18
C THR E 100 -32.55 -70.15 -24.27
N PHE E 101 -32.98 -71.35 -24.63
CA PHE E 101 -34.41 -71.65 -24.68
C PHE E 101 -34.92 -71.98 -23.29
N ALA E 102 -36.08 -71.43 -22.94
CA ALA E 102 -36.69 -71.68 -21.64
C ALA E 102 -38.20 -71.60 -21.78
N GLN E 103 -38.90 -72.05 -20.74
CA GLN E 103 -40.34 -71.95 -20.71
C GLN E 103 -40.76 -70.65 -20.05
N ILE E 104 -41.97 -70.19 -20.39
CA ILE E 104 -42.49 -68.93 -19.91
C ILE E 104 -43.15 -69.15 -18.55
N HIS E 105 -42.74 -68.36 -17.56
CA HIS E 105 -43.27 -68.52 -16.21
C HIS E 105 -44.68 -67.97 -16.11
N GLU E 106 -44.84 -66.66 -16.35
CA GLU E 106 -46.15 -66.02 -16.26
C GLU E 106 -46.04 -64.57 -16.70
N MET E 107 -47.14 -64.00 -17.19
CA MET E 107 -47.20 -62.60 -17.57
C MET E 107 -47.82 -61.80 -16.42
N GLN E 108 -47.15 -60.72 -16.04
CA GLN E 108 -47.65 -59.82 -15.01
C GLN E 108 -48.04 -58.46 -15.56
N ASP E 109 -47.13 -57.79 -16.26
CA ASP E 109 -47.40 -56.50 -16.88
C ASP E 109 -47.96 -55.51 -15.86
N LEU E 110 -47.43 -55.57 -14.64
CA LEU E 110 -47.89 -54.68 -13.59
C LEU E 110 -47.57 -53.23 -13.94
N GLY E 111 -46.35 -52.96 -14.38
CA GLY E 111 -45.94 -51.61 -14.73
C GLY E 111 -45.97 -51.35 -16.22
N ASP E 112 -45.46 -52.29 -17.00
CA ASP E 112 -45.34 -52.14 -18.45
C ASP E 112 -46.24 -53.15 -19.15
N LYS E 113 -46.76 -52.75 -20.31
CA LYS E 113 -47.57 -53.67 -21.11
C LYS E 113 -46.77 -54.90 -21.54
N LEU E 114 -45.45 -54.81 -21.55
CA LEU E 114 -44.56 -55.93 -21.86
C LEU E 114 -43.62 -56.12 -20.68
N ARG E 115 -44.02 -56.97 -19.73
CA ARG E 115 -43.15 -57.38 -18.63
C ARG E 115 -43.03 -58.90 -18.72
N MET E 116 -41.86 -59.37 -19.16
CA MET E 116 -41.64 -60.78 -19.43
C MET E 116 -40.60 -61.34 -18.47
N ILE E 117 -40.76 -62.62 -18.14
CA ILE E 117 -39.84 -63.33 -17.25
C ILE E 117 -39.11 -64.37 -18.09
N VAL E 118 -37.78 -64.32 -18.06
CA VAL E 118 -36.94 -65.22 -18.82
C VAL E 118 -35.95 -65.89 -17.88
N MET E 119 -35.76 -67.19 -18.07
CA MET E 119 -34.82 -67.97 -17.27
C MET E 119 -33.86 -68.70 -18.20
N GLY E 120 -32.68 -69.01 -17.66
CA GLY E 120 -31.69 -69.75 -18.42
C GLY E 120 -31.81 -71.24 -18.19
N HIS E 121 -32.45 -71.95 -19.13
CA HIS E 121 -32.73 -73.37 -18.96
C HIS E 121 -31.91 -74.24 -19.91
N ARG E 122 -31.99 -74.00 -21.21
CA ARG E 122 -31.30 -74.84 -22.20
C ARG E 122 -30.41 -73.97 -23.07
N ARG E 123 -29.11 -74.04 -22.87
CA ARG E 123 -28.17 -73.30 -23.69
C ARG E 123 -27.92 -74.03 -25.01
N VAL E 124 -27.90 -73.27 -26.10
CA VAL E 124 -27.73 -73.81 -27.44
C VAL E 124 -26.74 -72.92 -28.20
N HIS E 125 -26.09 -73.51 -29.19
CA HIS E 125 -25.13 -72.80 -30.04
C HIS E 125 -25.42 -73.18 -31.49
N ILE E 126 -26.15 -72.31 -32.19
CA ILE E 126 -26.55 -72.57 -33.56
C ILE E 126 -25.39 -72.24 -34.49
N SER E 127 -25.08 -73.15 -35.42
CA SER E 127 -23.99 -72.92 -36.35
C SER E 127 -24.25 -71.70 -37.23
N ARG E 128 -25.49 -71.55 -37.71
CA ARG E 128 -25.84 -70.44 -38.59
C ARG E 128 -27.30 -70.08 -38.31
N GLN E 129 -27.50 -69.07 -37.46
CA GLN E 129 -28.86 -68.64 -37.12
C GLN E 129 -29.58 -68.03 -38.32
N LEU E 130 -28.84 -67.60 -39.36
CA LEU E 130 -29.47 -67.02 -40.53
C LEU E 130 -30.40 -68.02 -41.21
N GLU E 131 -29.94 -69.26 -41.35
CA GLU E 131 -30.75 -70.30 -41.99
C GLU E 131 -31.98 -70.62 -41.15
N MET E 182 -36.39 -73.32 -37.86
CA MET E 182 -34.94 -73.36 -37.88
C MET E 182 -34.43 -74.66 -37.27
N VAL E 183 -33.13 -74.92 -37.43
CA VAL E 183 -32.50 -76.15 -36.97
C VAL E 183 -31.67 -75.81 -35.73
N GLU E 184 -31.91 -76.55 -34.64
CA GLU E 184 -31.19 -76.37 -33.40
C GLU E 184 -30.91 -77.73 -32.78
N VAL E 185 -29.80 -77.79 -32.02
CA VAL E 185 -29.39 -79.02 -31.34
C VAL E 185 -28.91 -78.65 -29.94
N GLU E 186 -29.28 -79.48 -28.96
CA GLU E 186 -28.87 -79.27 -27.58
C GLU E 186 -27.44 -79.78 -27.38
N ASN E 187 -26.50 -79.04 -27.96
CA ASN E 187 -25.08 -79.37 -27.87
C ASN E 187 -24.48 -78.81 -26.57
N VAL E 188 -25.06 -79.25 -25.46
CA VAL E 188 -24.61 -78.84 -24.13
C VAL E 188 -23.50 -79.81 -23.74
N VAL E 189 -22.27 -79.46 -24.10
CA VAL E 189 -21.11 -80.29 -23.82
C VAL E 189 -20.70 -80.08 -22.36
N HIS E 190 -20.64 -81.16 -21.59
CA HIS E 190 -20.28 -81.13 -20.17
C HIS E 190 -19.28 -82.23 -19.85
N GLU E 191 -18.24 -82.33 -20.68
CA GLU E 191 -17.22 -83.34 -20.46
C GLU E 191 -16.56 -83.14 -19.10
N ASP E 192 -16.33 -84.25 -18.40
CA ASP E 192 -15.72 -84.22 -17.08
C ASP E 192 -14.81 -85.43 -16.91
N PHE E 193 -13.80 -85.27 -16.06
CA PHE E 193 -12.84 -86.34 -15.82
C PHE E 193 -13.48 -87.44 -14.97
N GLN E 194 -13.01 -88.67 -15.19
CA GLN E 194 -13.53 -89.81 -14.43
C GLN E 194 -13.24 -89.66 -12.95
N VAL E 195 -12.03 -89.23 -12.59
CA VAL E 195 -11.64 -89.06 -11.20
C VAL E 195 -12.11 -87.69 -10.71
N THR E 196 -13.35 -87.63 -10.24
CA THR E 196 -13.93 -86.37 -9.75
C THR E 196 -13.63 -86.21 -8.26
N GLU E 197 -12.34 -86.26 -7.93
CA GLU E 197 -11.85 -86.13 -6.57
C GLU E 197 -11.12 -84.82 -6.32
N GLU E 198 -10.11 -84.53 -7.13
CA GLU E 198 -9.36 -83.29 -6.99
C GLU E 198 -10.03 -82.11 -7.69
N VAL E 199 -11.00 -82.35 -8.56
CA VAL E 199 -11.64 -81.26 -9.28
C VAL E 199 -12.47 -80.41 -8.34
N LYS E 200 -13.23 -81.05 -7.44
CA LYS E 200 -14.15 -80.31 -6.59
C LYS E 200 -13.43 -79.26 -5.74
N ALA E 201 -12.13 -79.45 -5.48
CA ALA E 201 -11.38 -78.45 -4.74
C ALA E 201 -11.53 -77.07 -5.38
N LEU E 202 -11.41 -77.00 -6.71
CA LEU E 202 -11.60 -75.73 -7.39
C LEU E 202 -12.95 -75.13 -7.01
N THR E 203 -14.01 -75.94 -7.05
CA THR E 203 -15.31 -75.45 -6.62
C THR E 203 -15.23 -74.82 -5.24
N ALA E 204 -14.61 -75.52 -4.29
CA ALA E 204 -14.38 -74.95 -2.97
C ALA E 204 -13.79 -73.55 -3.11
N GLU E 205 -12.63 -73.45 -3.76
CA GLU E 205 -12.03 -72.14 -3.97
C GLU E 205 -13.05 -71.17 -4.53
N ILE E 206 -13.73 -71.58 -5.60
CA ILE E 206 -14.70 -70.69 -6.24
C ILE E 206 -15.70 -70.21 -5.22
N VAL E 207 -16.33 -71.14 -4.49
CA VAL E 207 -17.35 -70.70 -3.53
C VAL E 207 -16.72 -69.78 -2.50
N LYS E 208 -15.54 -70.14 -2.01
CA LYS E 208 -14.86 -69.25 -1.07
C LYS E 208 -14.69 -67.87 -1.68
N THR E 209 -14.18 -67.82 -2.90
CA THR E 209 -14.06 -66.54 -3.59
C THR E 209 -15.40 -65.82 -3.58
N ILE E 210 -16.46 -66.52 -3.99
CA ILE E 210 -17.78 -65.90 -4.01
C ILE E 210 -18.11 -65.36 -2.63
N ARG E 211 -17.90 -66.18 -1.59
CA ARG E 211 -18.16 -65.71 -0.24
C ARG E 211 -17.44 -64.40 0.01
N ASP E 212 -16.12 -64.39 -0.25
CA ASP E 212 -15.35 -63.16 -0.04
C ASP E 212 -16.02 -61.99 -0.73
N ILE E 213 -16.38 -62.18 -2.01
CA ILE E 213 -17.03 -61.11 -2.77
C ILE E 213 -18.22 -60.59 -1.97
N ILE E 214 -19.17 -61.47 -1.66
CA ILE E 214 -20.41 -61.03 -1.02
C ILE E 214 -20.11 -60.44 0.34
N ALA E 215 -19.00 -60.85 0.97
CA ALA E 215 -18.65 -60.28 2.27
C ALA E 215 -18.10 -58.87 2.12
N LEU E 216 -17.28 -58.65 1.09
CA LEU E 216 -16.64 -57.35 0.90
C LEU E 216 -17.39 -56.46 -0.08
N ASN E 217 -18.09 -57.06 -1.04
CA ASN E 217 -18.90 -56.33 -2.02
C ASN E 217 -20.26 -57.01 -2.11
N PRO E 218 -21.09 -56.90 -1.08
CA PRO E 218 -22.40 -57.57 -1.11
C PRO E 218 -23.23 -57.10 -2.29
N LEU E 219 -23.77 -58.05 -3.04
CA LEU E 219 -24.60 -57.76 -4.20
C LEU E 219 -26.01 -58.33 -4.06
N TYR E 220 -26.14 -59.58 -3.65
CA TYR E 220 -27.43 -60.23 -3.44
C TYR E 220 -27.49 -60.79 -2.03
N ARG E 221 -28.68 -61.24 -1.65
CA ARG E 221 -28.87 -61.84 -0.33
C ARG E 221 -28.07 -63.13 -0.23
N GLU E 222 -27.56 -63.40 0.98
CA GLU E 222 -26.81 -64.63 1.22
C GLU E 222 -27.71 -65.82 1.48
N SER E 223 -29.03 -65.62 1.57
CA SER E 223 -29.93 -66.73 1.81
C SER E 223 -29.82 -67.78 0.72
N VAL E 224 -29.63 -67.34 -0.54
CA VAL E 224 -29.46 -68.30 -1.63
C VAL E 224 -28.18 -69.10 -1.42
N LEU E 225 -27.12 -68.46 -0.93
CA LEU E 225 -25.88 -69.18 -0.65
C LEU E 225 -26.10 -70.23 0.44
N GLN E 226 -26.84 -69.87 1.50
CA GLN E 226 -27.12 -70.83 2.56
C GLN E 226 -27.98 -71.98 2.05
N MET E 227 -28.91 -71.70 1.15
CA MET E 227 -29.79 -72.74 0.63
C MET E 227 -29.00 -73.81 -0.10
N MET E 228 -27.99 -73.40 -0.87
CA MET E 228 -27.24 -74.29 -1.76
C MET E 228 -25.78 -74.25 -1.37
N GLN E 229 -25.24 -75.40 -0.93
CA GLN E 229 -23.90 -75.48 -0.39
C GLN E 229 -23.17 -76.67 -1.01
N ALA E 230 -21.84 -76.58 -1.02
CA ALA E 230 -21.03 -77.65 -1.58
C ALA E 230 -21.20 -78.94 -0.77
N GLY E 231 -21.23 -78.84 0.55
CA GLY E 231 -21.32 -80.02 1.39
C GLY E 231 -22.68 -80.67 1.44
N GLN E 232 -23.74 -79.93 1.08
CA GLN E 232 -25.08 -80.50 1.12
C GLN E 232 -25.27 -81.61 0.11
N ARG E 233 -24.45 -81.66 -0.94
CA ARG E 233 -24.46 -82.68 -1.99
C ARG E 233 -25.62 -82.51 -2.97
N VAL E 234 -26.52 -81.55 -2.74
CA VAL E 234 -27.63 -81.34 -3.65
C VAL E 234 -27.20 -80.74 -4.98
N VAL E 235 -25.92 -80.42 -5.13
CA VAL E 235 -25.41 -79.80 -6.37
C VAL E 235 -25.05 -80.95 -7.30
N ASP E 236 -26.05 -81.43 -8.04
CA ASP E 236 -25.82 -82.43 -9.08
C ASP E 236 -25.36 -81.80 -10.40
N ASN E 237 -25.40 -80.47 -10.50
CA ASN E 237 -25.05 -79.76 -11.73
C ASN E 237 -24.05 -78.66 -11.39
N PRO E 238 -22.80 -79.04 -11.10
CA PRO E 238 -21.81 -78.02 -10.70
C PRO E 238 -21.55 -76.97 -11.77
N ILE E 239 -21.75 -77.29 -13.05
CA ILE E 239 -21.58 -76.28 -14.08
C ILE E 239 -22.62 -75.18 -13.92
N TYR E 240 -23.83 -75.53 -13.48
CA TYR E 240 -24.81 -74.50 -13.15
C TYR E 240 -24.36 -73.67 -11.97
N LEU E 241 -23.67 -74.29 -10.99
CA LEU E 241 -23.11 -73.52 -9.89
C LEU E 241 -22.10 -72.51 -10.41
N SER E 242 -21.22 -72.94 -11.31
CA SER E 242 -20.22 -72.03 -11.86
C SER E 242 -20.86 -70.92 -12.68
N ASP E 243 -21.91 -71.25 -13.44
CA ASP E 243 -22.63 -70.23 -14.19
C ASP E 243 -23.29 -69.22 -13.27
N MET E 244 -23.87 -69.69 -12.17
CA MET E 244 -24.46 -68.78 -11.19
C MET E 244 -23.39 -67.89 -10.57
N GLY E 245 -22.24 -68.46 -10.23
CA GLY E 245 -21.16 -67.66 -9.67
C GLY E 245 -20.66 -66.61 -10.63
N ALA E 246 -20.48 -66.98 -11.91
CA ALA E 246 -20.07 -66.01 -12.91
C ALA E 246 -21.17 -64.98 -13.16
N ALA E 247 -22.42 -65.35 -12.92
CA ALA E 247 -23.50 -64.37 -13.05
C ALA E 247 -23.39 -63.30 -11.97
N LEU E 248 -22.97 -63.68 -10.75
CA LEU E 248 -22.78 -62.71 -9.69
C LEU E 248 -21.67 -61.71 -10.02
N THR E 249 -20.74 -62.07 -10.88
CA THR E 249 -19.68 -61.15 -11.26
C THR E 249 -20.25 -60.00 -12.08
N GLY E 250 -19.67 -58.82 -11.90
CA GLY E 250 -20.03 -57.63 -12.64
C GLY E 250 -19.30 -57.46 -13.95
N ALA E 251 -18.64 -58.50 -14.44
CA ALA E 251 -17.93 -58.40 -15.71
C ALA E 251 -18.89 -58.11 -16.84
N GLU E 252 -18.42 -57.35 -17.82
CA GLU E 252 -19.25 -56.94 -18.94
C GLU E 252 -19.74 -58.15 -19.73
N SER E 253 -20.78 -57.92 -20.55
CA SER E 253 -21.34 -59.01 -21.33
C SER E 253 -20.32 -59.64 -22.26
N HIS E 254 -19.29 -58.87 -22.66
CA HIS E 254 -18.24 -59.44 -23.49
C HIS E 254 -17.50 -60.55 -22.77
N GLU E 255 -17.21 -60.36 -21.48
CA GLU E 255 -16.54 -61.41 -20.72
C GLU E 255 -17.41 -62.65 -20.60
N LEU E 256 -18.71 -62.46 -20.39
CA LEU E 256 -19.61 -63.61 -20.33
C LEU E 256 -19.66 -64.34 -21.66
N GLN E 257 -19.67 -63.60 -22.76
CA GLN E 257 -19.63 -64.23 -24.08
C GLN E 257 -18.32 -65.01 -24.26
N ASP E 258 -17.21 -64.44 -23.81
CA ASP E 258 -15.93 -65.14 -23.89
C ASP E 258 -15.97 -66.43 -23.10
N VAL E 259 -16.54 -66.39 -21.88
CA VAL E 259 -16.64 -67.59 -21.06
C VAL E 259 -17.51 -68.63 -21.76
N LEU E 260 -18.63 -68.20 -22.35
CA LEU E 260 -19.48 -69.14 -23.07
C LEU E 260 -18.73 -69.76 -24.23
N GLU E 261 -17.91 -68.98 -24.94
CA GLU E 261 -17.15 -69.50 -26.06
C GLU E 261 -16.24 -70.65 -25.63
N GLU E 262 -15.79 -70.64 -24.37
CA GLU E 262 -14.88 -71.68 -23.91
C GLU E 262 -15.60 -73.02 -23.87
N THR E 263 -14.95 -74.05 -24.41
CA THR E 263 -15.53 -75.38 -24.49
C THR E 263 -15.15 -76.25 -23.30
N ASN E 264 -13.86 -76.40 -23.05
CA ASN E 264 -13.40 -77.25 -21.96
C ASN E 264 -13.88 -76.72 -20.63
N ILE E 265 -14.39 -77.62 -19.77
CA ILE E 265 -14.82 -77.21 -18.43
C ILE E 265 -13.68 -76.51 -17.68
N PRO E 266 -12.45 -77.05 -17.66
CA PRO E 266 -11.37 -76.32 -16.98
C PRO E 266 -11.21 -74.90 -17.48
N LYS E 267 -11.17 -74.68 -18.80
CA LYS E 267 -10.90 -73.36 -19.33
C LYS E 267 -12.00 -72.38 -18.95
N ARG E 268 -13.25 -72.78 -19.11
CA ARG E 268 -14.36 -71.89 -18.75
C ARG E 268 -14.36 -71.59 -17.26
N LEU E 269 -14.10 -72.60 -16.42
CA LEU E 269 -14.06 -72.36 -14.99
C LEU E 269 -12.91 -71.43 -14.61
N TYR E 270 -11.76 -71.58 -15.26
CA TYR E 270 -10.64 -70.68 -14.97
C TYR E 270 -10.99 -69.26 -15.38
N LYS E 271 -11.66 -69.08 -16.52
CA LYS E 271 -12.06 -67.73 -16.92
C LYS E 271 -13.09 -67.15 -15.96
N ALA E 272 -14.02 -67.98 -15.48
CA ALA E 272 -15.01 -67.49 -14.52
C ALA E 272 -14.34 -67.08 -13.20
N LEU E 273 -13.40 -67.88 -12.73
CA LEU E 273 -12.66 -67.52 -11.52
C LEU E 273 -11.80 -66.28 -11.76
N SER E 274 -11.28 -66.13 -12.98
CA SER E 274 -10.55 -64.92 -13.34
C SER E 274 -11.44 -63.70 -13.24
N LEU E 275 -12.67 -63.81 -13.75
CA LEU E 275 -13.59 -62.68 -13.67
C LEU E 275 -13.99 -62.40 -12.23
N LEU E 276 -14.13 -63.45 -11.41
CA LEU E 276 -14.40 -63.24 -9.99
C LEU E 276 -13.24 -62.50 -9.32
N LYS E 277 -12.01 -62.87 -9.64
CA LYS E 277 -10.85 -62.17 -9.09
C LYS E 277 -10.79 -60.73 -9.57
N LYS E 278 -11.12 -60.49 -10.84
CA LYS E 278 -11.15 -59.13 -11.37
C LYS E 278 -12.20 -58.30 -10.66
N GLU E 279 -13.37 -58.89 -10.39
CA GLU E 279 -14.40 -58.20 -9.62
C GLU E 279 -13.91 -57.91 -8.21
N PHE E 280 -13.19 -58.85 -7.61
CA PHE E 280 -12.60 -58.59 -6.30
C PHE E 280 -11.63 -57.41 -6.36
N GLU E 281 -10.80 -57.37 -7.40
CA GLU E 281 -9.87 -56.24 -7.56
C GLU E 281 -10.64 -54.93 -7.64
N LEU E 282 -11.69 -54.89 -8.45
CA LEU E 282 -12.45 -53.65 -8.61
C LEU E 282 -13.11 -53.24 -7.30
N SER E 283 -13.77 -54.19 -6.63
CA SER E 283 -14.47 -53.86 -5.39
C SER E 283 -13.49 -53.41 -4.32
N LYS E 284 -12.35 -54.09 -4.19
CA LYS E 284 -11.37 -53.71 -3.19
C LYS E 284 -10.76 -52.35 -3.50
N LEU E 285 -10.52 -52.05 -4.78
CA LEU E 285 -9.97 -50.76 -5.15
C LEU E 285 -10.97 -49.64 -4.82
N GLN E 286 -12.24 -49.84 -5.17
CA GLN E 286 -13.26 -48.86 -4.85
C GLN E 286 -13.36 -48.67 -3.34
N GLN E 287 -13.36 -49.77 -2.59
CA GLN E 287 -13.47 -49.69 -1.13
C GLN E 287 -12.28 -48.97 -0.54
N ARG E 288 -11.07 -49.24 -1.04
CA ARG E 288 -9.88 -48.59 -0.51
C ARG E 288 -9.93 -47.09 -0.77
N LEU E 289 -10.30 -46.68 -1.99
CA LEU E 289 -10.42 -45.26 -2.28
C LEU E 289 -11.47 -44.62 -1.38
N GLY E 290 -12.62 -45.26 -1.25
CA GLY E 290 -13.68 -44.70 -0.42
C GLY E 290 -13.26 -44.56 1.04
N ARG E 291 -12.61 -45.59 1.58
CA ARG E 291 -12.20 -45.57 2.97
C ARG E 291 -11.11 -44.52 3.20
N GLU E 292 -10.16 -44.40 2.28
CA GLU E 292 -9.13 -43.37 2.42
C GLU E 292 -9.75 -41.98 2.39
N VAL E 293 -10.69 -41.75 1.48
CA VAL E 293 -11.31 -40.43 1.41
C VAL E 293 -12.17 -40.17 2.65
N GLU E 294 -12.83 -41.20 3.16
CA GLU E 294 -13.62 -41.04 4.38
C GLU E 294 -12.72 -40.70 5.56
N GLU E 295 -11.56 -41.36 5.66
CA GLU E 295 -10.61 -41.02 6.72
C GLU E 295 -10.11 -39.59 6.56
N LYS E 296 -9.84 -39.16 5.32
CA LYS E 296 -9.36 -37.80 5.09
C LYS E 296 -10.41 -36.78 5.47
N ILE E 297 -11.68 -37.01 5.11
CA ILE E 297 -12.72 -36.05 5.46
C ILE E 297 -13.00 -36.08 6.97
N LYS E 298 -12.87 -37.24 7.60
CA LYS E 298 -12.97 -37.29 9.06
C LYS E 298 -11.87 -36.47 9.70
N GLN E 299 -10.65 -36.54 9.16
CA GLN E 299 -9.57 -35.68 9.66
C GLN E 299 -9.89 -34.21 9.37
N THR E 300 -10.53 -33.92 8.25
CA THR E 300 -10.88 -32.54 7.93
C THR E 300 -11.85 -31.98 8.97
N HIS E 301 -12.87 -32.75 9.32
CA HIS E 301 -13.78 -32.33 10.37
C HIS E 301 -13.07 -32.26 11.72
N ARG E 302 -12.20 -33.22 11.99
CA ARG E 302 -11.44 -33.21 13.23
C ARG E 302 -10.49 -32.02 13.29
N LYS E 303 -10.15 -31.42 12.15
CA LYS E 303 -9.31 -30.23 12.17
C LYS E 303 -10.07 -29.06 12.77
N TYR E 304 -11.31 -28.85 12.35
CA TYR E 304 -12.16 -27.88 13.02
C TYR E 304 -12.41 -28.27 14.47
N LEU E 305 -12.51 -29.57 14.75
CA LEU E 305 -12.66 -30.03 16.13
C LEU E 305 -11.45 -29.65 16.98
N LEU E 306 -10.25 -29.82 16.43
CA LEU E 306 -9.03 -29.44 17.14
C LEU E 306 -8.95 -27.94 17.31
N GLN E 307 -9.40 -27.19 16.30
CA GLN E 307 -9.48 -25.74 16.45
C GLN E 307 -10.42 -25.39 17.59
N GLU E 308 -11.55 -26.10 17.72
CA GLU E 308 -12.47 -25.85 18.82
C GLU E 308 -11.83 -26.20 20.17
N GLN E 309 -11.10 -27.32 20.23
CA GLN E 309 -10.43 -27.68 21.47
C GLN E 309 -9.40 -26.62 21.85
N LEU E 310 -8.62 -26.16 20.87
CA LEU E 310 -7.68 -25.07 21.11
C LEU E 310 -8.43 -23.83 21.57
N LYS E 311 -9.62 -23.58 21.02
CA LYS E 311 -10.38 -22.41 21.40
C LYS E 311 -10.85 -22.50 22.85
N ILE E 312 -11.24 -23.70 23.30
CA ILE E 312 -11.66 -23.84 24.69
C ILE E 312 -10.47 -23.73 25.63
N ILE E 313 -9.33 -24.34 25.27
CA ILE E 313 -8.12 -24.14 26.06
C ILE E 313 -7.79 -22.66 26.12
N LYS E 314 -7.95 -21.97 24.99
CA LYS E 314 -7.72 -20.55 24.90
C LYS E 314 -8.64 -19.79 25.85
N LYS E 315 -9.92 -20.20 25.91
CA LYS E 315 -10.85 -19.61 26.85
C LYS E 315 -10.37 -19.82 28.29
N GLU E 316 -9.91 -21.03 28.60
CA GLU E 316 -9.32 -21.28 29.91
C GLU E 316 -8.10 -20.39 30.14
N LEU E 317 -7.26 -20.27 29.12
CA LEU E 317 -6.10 -19.38 29.17
C LEU E 317 -5.71 -19.09 27.72
N GLY E 318 -5.86 -17.85 27.28
CA GLY E 318 -5.66 -17.57 25.87
C GLY E 318 -5.48 -16.09 25.59
N LEU E 319 -5.28 -15.81 24.31
CA LEU E 319 -4.97 -14.45 23.89
C LEU E 319 -6.22 -13.60 23.73
N GLU E 320 -7.34 -14.21 23.34
CA GLU E 320 -8.57 -13.45 23.13
C GLU E 320 -9.00 -12.90 24.47
N LYS E 321 -10.01 -12.04 24.50
CA LYS E 321 -10.44 -11.35 25.72
C LYS E 321 -9.33 -10.48 26.30
N ASP E 322 -8.25 -10.26 25.56
CA ASP E 322 -7.12 -9.45 26.01
C ASP E 322 -6.65 -8.61 24.82
N ASP E 323 -7.21 -7.41 24.71
CA ASP E 323 -6.80 -6.50 23.66
C ASP E 323 -5.35 -6.09 23.85
N LYS E 324 -4.61 -6.01 22.74
CA LYS E 324 -3.17 -5.77 22.81
C LYS E 324 -2.79 -4.68 21.82
N ASP E 325 -1.76 -3.91 22.20
CA ASP E 325 -1.15 -2.93 21.30
C ASP E 325 0.27 -2.72 21.80
N ALA E 326 1.24 -3.37 21.15
CA ALA E 326 2.61 -3.36 21.64
C ALA E 326 3.20 -1.95 21.65
N ILE E 327 3.00 -1.21 20.56
CA ILE E 327 3.54 0.14 20.47
C ILE E 327 2.91 1.03 21.54
N GLU E 328 1.60 0.92 21.72
CA GLU E 328 0.90 1.63 22.78
C GLU E 328 1.58 1.42 24.12
N GLU E 329 1.69 0.16 24.54
CA GLU E 329 2.24 -0.14 25.86
C GLU E 329 3.69 0.31 25.98
N LYS E 330 4.49 0.09 24.94
CA LYS E 330 5.89 0.48 24.99
C LYS E 330 6.02 1.98 25.19
N PHE E 331 5.28 2.78 24.43
CA PHE E 331 5.37 4.22 24.57
C PHE E 331 4.80 4.70 25.90
N ARG E 332 3.73 4.05 26.37
CA ARG E 332 3.16 4.43 27.66
C ARG E 332 4.16 4.21 28.79
N GLU E 333 4.84 3.06 28.78
CA GLU E 333 5.85 2.82 29.81
C GLU E 333 7.05 3.74 29.63
N ARG E 334 7.39 4.07 28.38
CA ARG E 334 8.51 4.97 28.13
C ARG E 334 8.23 6.35 28.70
N LEU E 335 7.01 6.85 28.55
CA LEU E 335 6.64 8.16 29.08
C LEU E 335 6.17 8.13 30.52
N LYS E 336 5.98 6.94 31.10
CA LYS E 336 5.44 6.85 32.46
C LYS E 336 6.37 7.51 33.46
N GLU E 337 7.66 7.17 33.42
CA GLU E 337 8.61 7.76 34.35
C GLU E 337 8.74 9.27 34.14
N LEU E 338 8.61 9.72 32.91
CA LEU E 338 8.77 11.14 32.60
C LEU E 338 7.65 11.96 33.25
N VAL E 339 8.03 13.07 33.87
CA VAL E 339 7.05 14.05 34.32
C VAL E 339 6.62 14.83 33.09
N VAL E 340 5.48 14.44 32.52
CA VAL E 340 5.12 14.79 31.15
C VAL E 340 3.97 15.78 31.19
N PRO E 341 4.01 16.87 30.41
CA PRO E 341 2.89 17.82 30.40
C PRO E 341 1.62 17.20 29.83
N LYS E 342 0.49 17.79 30.22
CA LYS E 342 -0.82 17.28 29.80
C LYS E 342 -1.04 17.48 28.30
N HIS E 343 -0.56 18.60 27.75
CA HIS E 343 -0.75 18.85 26.32
C HIS E 343 -0.14 17.73 25.49
N VAL E 344 1.13 17.42 25.73
CA VAL E 344 1.79 16.36 24.97
C VAL E 344 1.15 15.02 25.28
N MET E 345 0.62 14.83 26.49
CA MET E 345 -0.05 13.58 26.81
C MET E 345 -1.30 13.38 25.96
N ASP E 346 -2.15 14.40 25.86
CA ASP E 346 -3.33 14.26 25.02
C ASP E 346 -2.94 14.16 23.56
N VAL E 347 -1.86 14.83 23.15
CA VAL E 347 -1.39 14.68 21.77
C VAL E 347 -0.98 13.24 21.50
N VAL E 348 -0.25 12.63 22.43
CA VAL E 348 0.18 11.24 22.27
C VAL E 348 -1.02 10.30 22.28
N ASP E 349 -2.00 10.58 23.14
CA ASP E 349 -3.21 9.75 23.17
C ASP E 349 -3.93 9.81 21.83
N GLU E 350 -4.08 11.01 21.27
CA GLU E 350 -4.72 11.15 19.98
C GLU E 350 -3.92 10.46 18.88
N GLU E 351 -2.59 10.59 18.92
CA GLU E 351 -1.76 9.94 17.93
C GLU E 351 -1.90 8.43 17.99
N LEU E 352 -1.93 7.87 19.21
CA LEU E 352 -2.10 6.43 19.35
C LEU E 352 -3.49 5.99 18.92
N SER E 353 -4.52 6.80 19.20
CA SER E 353 -5.85 6.47 18.74
C SER E 353 -5.93 6.45 17.23
N LYS E 354 -5.29 7.42 16.57
CA LYS E 354 -5.22 7.41 15.12
C LYS E 354 -4.43 6.21 14.62
N LEU E 355 -3.34 5.86 15.31
CA LEU E 355 -2.55 4.71 14.93
C LEU E 355 -3.38 3.43 14.96
N GLY E 356 -4.18 3.26 16.01
CA GLY E 356 -5.09 2.13 16.06
C GLY E 356 -6.19 2.20 15.02
N LEU E 357 -6.67 3.42 14.72
CA LEU E 357 -7.69 3.61 13.70
C LEU E 357 -7.22 3.19 12.32
N LEU E 358 -5.91 3.21 12.08
CA LEU E 358 -5.33 2.90 10.78
C LEU E 358 -4.83 1.47 10.76
N ASP E 359 -4.56 0.98 9.55
CA ASP E 359 -3.99 -0.35 9.39
C ASP E 359 -2.57 -0.36 9.95
N ASN E 360 -1.98 -1.56 9.97
CA ASN E 360 -0.61 -1.75 10.43
C ASN E 360 0.34 -1.96 9.25
N HIS E 361 0.00 -1.39 8.09
CA HIS E 361 0.64 -1.82 6.85
C HIS E 361 0.98 -0.63 5.95
N SER E 362 0.59 0.58 6.32
CA SER E 362 0.54 1.71 5.40
C SER E 362 1.66 2.71 5.69
N SER E 363 1.83 3.64 4.74
CA SER E 363 2.86 4.67 4.88
C SER E 363 2.48 5.67 5.96
N GLU E 364 1.21 6.07 6.02
CA GLU E 364 0.79 7.02 7.05
C GLU E 364 0.92 6.40 8.43
N PHE E 365 0.66 5.10 8.55
CA PHE E 365 0.89 4.41 9.81
C PHE E 365 2.35 4.52 10.23
N ASN E 366 3.28 4.29 9.30
CA ASN E 366 4.68 4.36 9.65
C ASN E 366 5.09 5.79 9.98
N VAL E 367 4.51 6.78 9.31
CA VAL E 367 4.84 8.17 9.61
C VAL E 367 4.31 8.57 10.98
N THR E 368 3.10 8.12 11.32
CA THR E 368 2.56 8.36 12.66
C THR E 368 3.42 7.71 13.72
N ARG E 369 3.83 6.45 13.48
CA ARG E 369 4.80 5.81 14.36
C ARG E 369 6.08 6.63 14.49
N ASN E 370 6.60 7.14 13.37
CA ASN E 370 7.85 7.88 13.41
C ASN E 370 7.71 9.13 14.26
N TYR E 371 6.64 9.90 14.03
CA TYR E 371 6.40 11.10 14.83
C TYR E 371 6.22 10.76 16.30
N LEU E 372 5.51 9.67 16.60
CA LEU E 372 5.34 9.26 17.99
C LEU E 372 6.68 8.91 18.62
N ASP E 373 7.57 8.26 17.85
CA ASP E 373 8.91 7.96 18.36
C ASP E 373 9.67 9.24 18.66
N TRP E 374 9.63 10.21 17.74
CA TRP E 374 10.36 11.46 17.98
C TRP E 374 9.81 12.18 19.21
N LEU E 375 8.48 12.23 19.34
CA LEU E 375 7.88 12.93 20.46
C LEU E 375 8.17 12.23 21.78
N THR E 376 8.13 10.90 21.80
CA THR E 376 8.26 10.15 23.04
C THR E 376 9.70 10.11 23.54
N SER E 377 10.67 10.03 22.62
CA SER E 377 12.06 9.94 23.04
C SER E 377 12.55 11.19 23.76
N ILE E 378 11.82 12.30 23.64
CA ILE E 378 12.28 13.54 24.27
C ILE E 378 12.24 13.37 25.79
N PRO E 379 13.22 13.87 26.53
CA PRO E 379 13.11 13.86 28.00
C PRO E 379 12.04 14.85 28.45
N TRP E 380 11.05 14.35 29.18
CA TRP E 380 9.91 15.15 29.61
C TRP E 380 9.94 15.26 31.13
N GLY E 381 10.18 16.47 31.62
CA GLY E 381 10.28 16.69 33.05
C GLY E 381 11.55 16.17 33.68
N LYS E 382 12.48 15.63 32.91
CA LYS E 382 13.73 15.10 33.43
C LYS E 382 14.77 16.22 33.41
N TYR E 383 15.34 16.51 34.57
CA TYR E 383 16.29 17.61 34.74
C TYR E 383 17.58 17.06 35.33
N SER E 384 18.69 17.30 34.64
CA SER E 384 19.99 16.91 35.17
C SER E 384 20.26 17.69 36.46
N ASN E 385 20.75 16.98 37.48
CA ASN E 385 21.10 17.63 38.73
C ASN E 385 22.09 18.76 38.47
N GLU E 386 21.78 19.94 39.00
CA GLU E 386 22.56 21.13 38.73
C GLU E 386 23.45 21.45 39.91
N ASN E 387 24.75 21.57 39.64
CA ASN E 387 25.70 21.94 40.69
C ASN E 387 25.54 23.42 41.03
N LEU E 388 25.63 23.73 42.33
CA LEU E 388 25.53 25.09 42.82
C LEU E 388 26.75 25.55 43.59
N ASP E 389 27.60 24.64 44.07
CA ASP E 389 28.77 25.01 44.85
C ASP E 389 29.70 25.87 44.01
N LEU E 390 29.88 27.13 44.40
CA LEU E 390 30.72 28.04 43.64
C LEU E 390 32.19 27.63 43.71
N ALA E 391 32.64 27.13 44.87
CA ALA E 391 34.03 26.74 45.02
C ALA E 391 34.40 25.61 44.06
N ARG E 392 33.52 24.61 43.93
CA ARG E 392 33.79 23.52 43.01
C ARG E 392 33.86 24.02 41.57
N ALA E 393 32.98 24.94 41.19
CA ALA E 393 33.03 25.50 39.84
C ALA E 393 34.33 26.26 39.61
N GLN E 394 34.76 27.05 40.60
CA GLN E 394 36.00 27.79 40.47
C GLN E 394 37.18 26.85 40.29
N ALA E 395 37.24 25.80 41.12
CA ALA E 395 38.33 24.83 41.00
C ALA E 395 38.30 24.12 39.67
N VAL E 396 37.10 23.75 39.19
CA VAL E 396 36.97 23.08 37.91
C VAL E 396 37.49 23.98 36.79
N LEU E 397 37.07 25.24 36.78
CA LEU E 397 37.53 26.16 35.74
C LEU E 397 39.03 26.33 35.80
N GLU E 398 39.59 26.49 37.01
CA GLU E 398 41.03 26.68 37.15
C GLU E 398 41.78 25.47 36.61
N GLU E 399 41.31 24.27 36.95
CA GLU E 399 41.99 23.05 36.49
C GLU E 399 41.89 22.92 34.96
N ASP E 400 40.75 23.27 34.40
CA ASP E 400 40.53 23.11 32.96
C ASP E 400 41.03 24.29 32.14
N HIS E 401 41.51 25.36 32.77
CA HIS E 401 41.90 26.55 32.00
C HIS E 401 42.94 27.34 32.78
N TYR E 402 44.02 27.70 32.10
CA TYR E 402 45.05 28.57 32.64
C TYR E 402 44.77 30.01 32.24
N GLY E 403 45.12 30.94 33.13
CA GLY E 403 44.86 32.33 32.84
C GLY E 403 43.37 32.62 32.79
N MET E 404 42.98 33.49 31.87
CA MET E 404 41.59 33.88 31.68
C MET E 404 40.98 34.32 33.00
N GLU E 405 41.73 35.12 33.75
CA GLU E 405 41.29 35.51 35.09
C GLU E 405 40.00 36.32 35.04
N ASP E 406 39.92 37.27 34.10
CA ASP E 406 38.71 38.07 33.99
C ASP E 406 37.51 37.22 33.61
N VAL E 407 37.69 36.31 32.64
CA VAL E 407 36.60 35.43 32.24
C VAL E 407 36.22 34.49 33.37
N LYS E 408 37.21 33.97 34.10
CA LYS E 408 36.89 33.12 35.24
C LYS E 408 36.07 33.88 36.27
N LYS E 409 36.44 35.13 36.55
CA LYS E 409 35.69 35.93 37.50
C LYS E 409 34.26 36.16 37.00
N ARG E 410 34.10 36.45 35.70
CA ARG E 410 32.76 36.71 35.18
C ARG E 410 31.91 35.44 35.24
N ILE E 411 32.51 34.28 34.97
CA ILE E 411 31.76 33.02 35.04
C ILE E 411 31.35 32.73 36.48
N LEU E 412 32.25 32.98 37.43
CA LEU E 412 31.87 32.82 38.84
C LEU E 412 30.73 33.74 39.20
N GLU E 413 30.79 35.00 38.74
CA GLU E 413 29.70 35.93 39.02
C GLU E 413 28.38 35.46 38.40
N PHE E 414 28.45 34.93 37.18
CA PHE E 414 27.24 34.42 36.53
C PHE E 414 26.66 33.25 37.31
N ILE E 415 27.50 32.32 37.74
CA ILE E 415 27.01 31.19 38.53
C ILE E 415 26.38 31.69 39.82
N ALA E 416 27.05 32.64 40.48
CA ALA E 416 26.54 33.14 41.76
C ALA E 416 25.20 33.84 41.58
N VAL E 417 25.05 34.65 40.53
CA VAL E 417 23.81 35.39 40.33
C VAL E 417 22.69 34.44 39.93
N SER E 418 22.99 33.47 39.07
CA SER E 418 21.96 32.51 38.66
C SER E 418 21.48 31.68 39.85
N GLN E 419 22.42 31.15 40.64
CA GLN E 419 22.04 30.32 41.78
C GLN E 419 21.34 31.14 42.86
N LEU E 420 21.82 32.35 43.11
CA LEU E 420 21.23 33.18 44.16
C LEU E 420 19.78 33.53 43.84
N ARG E 421 19.49 33.87 42.59
CA ARG E 421 18.15 34.26 42.21
C ARG E 421 17.26 33.02 42.11
N GLY E 422 17.10 32.32 43.23
CA GLY E 422 16.34 31.09 43.25
C GLY E 422 16.79 30.13 42.17
N SER E 423 15.91 29.87 41.21
CA SER E 423 16.27 29.02 40.08
C SER E 423 17.36 29.68 39.24
N THR E 424 18.22 28.86 38.64
CA THR E 424 19.26 29.36 37.77
C THR E 424 18.64 29.82 36.45
N GLN E 425 18.15 31.05 36.43
CA GLN E 425 17.44 31.55 35.27
C GLN E 425 18.29 31.43 34.01
N GLY E 426 17.63 31.47 32.85
CA GLY E 426 18.33 31.42 31.59
C GLY E 426 18.73 32.79 31.10
N LYS E 427 19.98 33.17 31.37
CA LYS E 427 20.57 34.39 30.85
C LYS E 427 21.73 34.01 29.96
N ILE E 428 21.97 34.81 28.92
CA ILE E 428 22.89 34.45 27.86
C ILE E 428 24.17 35.25 28.01
N LEU E 429 25.30 34.57 27.78
CA LEU E 429 26.60 35.22 27.72
C LEU E 429 27.35 34.66 26.52
N CYS E 430 28.29 35.45 25.99
CA CYS E 430 29.00 35.08 24.77
C CYS E 430 30.49 35.32 24.94
N PHE E 431 31.28 34.60 24.15
CA PHE E 431 32.72 34.70 24.14
C PHE E 431 33.16 35.12 22.73
N TYR E 432 33.46 36.40 22.56
CA TYR E 432 33.90 36.92 21.26
C TYR E 432 35.42 36.90 21.17
N GLY E 433 35.98 35.74 21.47
CA GLY E 433 37.41 35.52 21.42
C GLY E 433 37.84 34.88 20.11
N PRO E 434 39.11 34.99 19.76
CA PRO E 434 39.61 34.35 18.54
C PRO E 434 39.55 32.84 18.67
N PRO E 435 39.92 32.11 17.62
CA PRO E 435 39.92 30.65 17.71
C PRO E 435 41.10 30.12 18.51
N GLY E 436 40.95 28.89 18.98
CA GLY E 436 42.03 28.24 19.71
C GLY E 436 42.35 28.91 21.04
N VAL E 437 41.34 29.42 21.73
CA VAL E 437 41.54 30.06 23.02
C VAL E 437 40.81 29.36 24.15
N GLY E 438 39.84 28.50 23.87
CA GLY E 438 39.13 27.77 24.88
C GLY E 438 37.66 28.13 25.06
N LYS E 439 37.04 28.80 24.08
CA LYS E 439 35.62 29.13 24.20
C LYS E 439 34.78 27.87 24.29
N THR E 440 34.97 26.94 23.35
CA THR E 440 34.31 25.65 23.45
C THR E 440 34.80 24.89 24.68
N SER E 441 36.11 24.94 24.95
CA SER E 441 36.64 24.25 26.11
C SER E 441 36.10 24.84 27.41
N ILE E 442 35.99 26.16 27.49
CA ILE E 442 35.48 26.77 28.72
C ILE E 442 33.98 26.50 28.85
N ALA E 443 33.26 26.44 27.73
CA ALA E 443 31.85 26.05 27.80
C ALA E 443 31.71 24.63 28.32
N ARG E 444 32.56 23.72 27.85
CA ARG E 444 32.52 22.34 28.35
C ARG E 444 32.90 22.28 29.82
N SER E 445 33.88 23.09 30.24
CA SER E 445 34.24 23.14 31.65
C SER E 445 33.08 23.64 32.49
N ILE E 446 32.36 24.66 31.99
CA ILE E 446 31.19 25.16 32.70
C ILE E 446 30.13 24.06 32.81
N ALA E 447 29.92 23.32 31.72
CA ALA E 447 28.95 22.23 31.77
C ALA E 447 29.34 21.18 32.80
N ARG E 448 30.63 20.81 32.83
CA ARG E 448 31.09 19.83 33.82
C ARG E 448 30.92 20.35 35.24
N ALA E 449 31.26 21.62 35.46
CA ALA E 449 31.14 22.20 36.80
C ALA E 449 29.68 22.24 37.25
N LEU E 450 28.78 22.66 36.37
CA LEU E 450 27.36 22.75 36.70
C LEU E 450 26.67 21.39 36.74
N ASN E 451 27.35 20.32 36.31
CA ASN E 451 26.85 18.96 36.29
C ASN E 451 25.77 18.73 35.25
N ARG E 452 25.40 19.75 34.47
CA ARG E 452 24.41 19.61 33.43
C ARG E 452 25.05 19.12 32.13
N GLU E 453 24.20 18.61 31.24
CA GLU E 453 24.69 18.06 29.98
C GLU E 453 25.23 19.16 29.08
N TYR E 454 26.14 18.77 28.18
CA TYR E 454 26.80 19.69 27.27
C TYR E 454 26.43 19.33 25.84
N PHE E 455 26.07 20.34 25.05
CA PHE E 455 25.83 20.17 23.62
C PHE E 455 26.18 21.46 22.92
N ARG E 456 26.63 21.34 21.67
CA ARG E 456 27.04 22.48 20.87
C ARG E 456 26.29 22.50 19.54
N PHE E 457 25.91 23.69 19.11
CA PHE E 457 25.21 23.90 17.84
C PHE E 457 26.06 24.78 16.95
N SER E 458 26.09 24.45 15.66
CA SER E 458 26.90 25.17 14.67
C SER E 458 25.95 25.97 13.78
N VAL E 459 25.69 27.21 14.17
CA VAL E 459 24.89 28.11 13.33
C VAL E 459 25.74 28.81 12.27
N GLY E 460 27.07 28.66 12.35
CA GLY E 460 27.95 29.34 11.43
C GLY E 460 27.68 29.03 9.97
N GLY E 461 27.56 30.07 9.15
CA GLY E 461 27.28 29.87 7.73
C GLY E 461 26.01 29.10 7.49
N MET E 462 24.98 29.35 8.31
CA MET E 462 23.73 28.61 8.24
C MET E 462 22.62 29.60 7.91
N THR E 463 21.84 29.28 6.88
CA THR E 463 20.73 30.12 6.44
C THR E 463 19.39 29.43 6.54
N ASP E 464 19.34 28.11 6.37
CA ASP E 464 18.09 27.36 6.39
C ASP E 464 17.58 27.29 7.84
N VAL E 465 16.63 28.16 8.18
CA VAL E 465 16.08 28.18 9.53
C VAL E 465 15.49 26.83 9.91
N ALA E 466 15.13 26.01 8.92
CA ALA E 466 14.54 24.70 9.22
C ALA E 466 15.42 23.89 10.14
N GLU E 467 16.74 24.02 10.02
CA GLU E 467 17.64 23.22 10.86
C GLU E 467 17.38 23.44 12.34
N ILE E 468 16.83 24.60 12.72
CA ILE E 468 16.49 24.85 14.12
C ILE E 468 15.00 24.58 14.33
N LYS E 469 14.21 24.79 13.29
CA LYS E 469 12.76 24.59 13.35
C LYS E 469 12.31 23.31 12.67
N GLY E 470 13.25 22.45 12.27
CA GLY E 470 12.87 21.21 11.63
C GLY E 470 12.09 21.46 10.35
N HIS E 471 11.25 20.51 9.99
CA HIS E 471 10.39 20.60 8.82
C HIS E 471 8.93 20.51 9.27
N ARG E 472 8.01 20.48 8.30
CA ARG E 472 6.59 20.49 8.61
C ARG E 472 6.06 19.13 9.04
N ARG E 473 6.87 18.08 8.98
CA ARG E 473 6.54 16.69 9.29
C ARG E 473 5.74 16.04 8.15
N THR E 474 5.35 16.78 7.13
CA THR E 474 4.64 16.21 5.99
C THR E 474 5.59 15.78 4.88
N TYR E 475 6.70 16.50 4.71
CA TYR E 475 7.67 16.13 3.69
C TYR E 475 8.16 14.71 3.93
N VAL E 476 8.40 13.98 2.83
CA VAL E 476 8.82 12.59 2.93
C VAL E 476 10.03 12.52 3.85
N GLY E 477 9.88 11.83 4.98
CA GLY E 477 10.97 11.75 5.93
C GLY E 477 11.40 13.08 6.50
N ALA E 478 10.45 13.92 6.90
CA ALA E 478 10.79 15.20 7.49
C ALA E 478 11.46 15.01 8.85
N MET E 479 12.16 16.03 9.31
CA MET E 479 12.95 15.99 10.53
C MET E 479 12.56 17.13 11.44
N PRO E 480 12.75 16.98 12.75
CA PRO E 480 12.49 18.07 13.69
C PRO E 480 13.69 18.99 13.85
N GLY E 481 13.47 20.07 14.60
CA GLY E 481 14.55 21.00 14.86
C GLY E 481 15.71 20.33 15.56
N LYS E 482 16.92 20.80 15.28
CA LYS E 482 18.11 20.21 15.87
C LYS E 482 18.09 20.29 17.38
N ILE E 483 17.32 21.22 17.96
CA ILE E 483 17.21 21.30 19.41
C ILE E 483 16.46 20.09 19.97
N ILE E 484 15.47 19.58 19.22
CA ILE E 484 14.78 18.38 19.64
C ILE E 484 15.74 17.20 19.68
N GLN E 485 16.60 17.08 18.66
CA GLN E 485 17.62 16.04 18.66
C GLN E 485 18.60 16.24 19.81
N CYS E 486 18.94 17.50 20.11
CA CYS E 486 19.75 17.78 21.29
C CYS E 486 19.11 17.24 22.55
N LEU E 487 17.82 17.53 22.75
CA LEU E 487 17.14 17.07 23.96
C LEU E 487 17.10 15.55 24.00
N LYS E 488 16.86 14.91 22.85
CA LYS E 488 16.82 13.45 22.81
C LYS E 488 18.19 12.86 23.17
N LYS E 489 19.27 13.43 22.64
CA LYS E 489 20.60 12.89 22.88
C LYS E 489 21.04 13.14 24.33
N THR E 490 20.86 14.37 24.82
CA THR E 490 21.26 14.69 26.18
C THR E 490 20.38 14.01 27.21
N LYS E 491 19.15 13.65 26.86
CA LYS E 491 18.18 13.03 27.76
C LYS E 491 17.80 13.95 28.93
N THR E 492 18.14 15.23 28.85
CA THR E 492 17.88 16.18 29.91
C THR E 492 17.28 17.45 29.32
N GLU E 493 16.39 18.09 30.08
CA GLU E 493 15.76 19.34 29.66
C GLU E 493 16.51 20.57 30.16
N ASN E 494 17.63 20.39 30.85
CA ASN E 494 18.48 21.50 31.28
C ASN E 494 19.93 21.22 30.89
N PRO E 495 20.21 21.08 29.61
CA PRO E 495 21.58 20.92 29.14
C PRO E 495 22.28 22.27 29.05
N LEU E 496 23.53 22.24 28.61
CA LEU E 496 24.33 23.43 28.35
C LEU E 496 24.51 23.55 26.84
N ILE E 497 23.57 24.20 26.18
CA ILE E 497 23.62 24.39 24.74
C ILE E 497 24.65 25.47 24.42
N LEU E 498 25.48 25.19 23.42
CA LEU E 498 26.52 26.11 22.98
C LEU E 498 26.32 26.39 21.49
N ILE E 499 26.31 27.66 21.13
CA ILE E 499 26.16 28.09 19.73
C ILE E 499 27.47 28.75 19.31
N ASP E 500 28.04 28.25 18.21
CA ASP E 500 29.32 28.73 17.71
C ASP E 500 29.13 29.41 16.36
N GLU E 501 30.03 30.33 16.06
CA GLU E 501 30.00 31.09 14.81
C GLU E 501 28.65 31.78 14.62
N VAL E 502 28.18 32.41 15.70
CA VAL E 502 26.93 33.17 15.63
C VAL E 502 27.07 34.30 14.63
N ASP E 503 28.26 34.92 14.58
CA ASP E 503 28.47 36.05 13.69
C ASP E 503 28.35 35.69 12.23
N LYS E 504 28.45 34.41 11.89
CA LYS E 504 28.44 33.96 10.49
C LYS E 504 27.03 33.72 9.96
N ILE E 505 25.99 34.02 10.75
CA ILE E 505 24.63 33.85 10.27
C ILE E 505 24.42 34.71 9.04
N GLY E 506 23.83 34.13 8.00
CA GLY E 506 23.62 34.84 6.75
C GLY E 506 22.30 35.56 6.68
N ARG E 507 21.25 34.93 7.19
CA ARG E 507 19.88 35.47 7.17
C ARG E 507 19.58 36.13 5.83
N GLY E 508 19.68 35.34 4.78
CA GLY E 508 19.39 35.76 3.43
C GLY E 508 18.10 35.18 2.90
N TYR E 509 18.14 34.74 1.64
CA TYR E 509 16.95 34.20 1.01
C TYR E 509 16.44 32.97 1.76
N GLN E 510 15.13 32.89 1.94
CA GLN E 510 14.44 31.76 2.55
C GLN E 510 14.97 31.45 3.95
N GLY E 511 15.77 32.34 4.53
CA GLY E 511 16.39 32.07 5.81
C GLY E 511 15.79 32.88 6.93
N ASP E 512 16.45 33.98 7.29
CA ASP E 512 16.10 34.78 8.45
C ASP E 512 16.06 33.92 9.72
N PRO E 513 17.06 33.06 9.94
CA PRO E 513 17.14 32.34 11.21
C PRO E 513 17.45 33.25 12.38
N SER E 514 17.85 34.50 12.11
CA SER E 514 18.07 35.44 13.20
C SER E 514 16.80 35.61 14.04
N SER E 515 15.64 35.68 13.38
CA SER E 515 14.38 35.76 14.12
C SER E 515 14.19 34.50 14.97
N ALA E 516 14.53 33.34 14.44
CA ALA E 516 14.41 32.11 15.21
C ALA E 516 15.33 32.14 16.43
N LEU E 517 16.54 32.66 16.27
CA LEU E 517 17.47 32.75 17.40
C LEU E 517 16.97 33.77 18.44
N LEU E 518 16.41 34.89 17.99
CA LEU E 518 15.79 35.82 18.93
C LEU E 518 14.67 35.14 19.71
N GLU E 519 13.84 34.37 19.03
CA GLU E 519 12.77 33.65 19.72
C GLU E 519 13.34 32.64 20.71
N LEU E 520 14.38 31.92 20.30
CA LEU E 520 14.96 30.89 21.15
C LEU E 520 15.60 31.48 22.39
N LEU E 521 16.36 32.56 22.24
CA LEU E 521 17.01 33.21 23.37
C LEU E 521 16.05 34.06 24.19
N ASP E 522 14.82 34.24 23.74
CA ASP E 522 13.83 34.98 24.50
C ASP E 522 13.64 34.31 25.86
N PRO E 523 13.82 35.02 26.98
CA PRO E 523 13.73 34.36 28.29
C PRO E 523 12.36 33.77 28.58
N GLU E 524 11.30 34.22 27.91
CA GLU E 524 9.95 33.75 28.17
C GLU E 524 9.38 32.90 27.04
N GLN E 525 9.63 33.25 25.78
CA GLN E 525 9.09 32.45 24.68
C GLN E 525 9.80 31.11 24.56
N ASN E 526 11.05 31.03 25.04
CA ASN E 526 11.75 29.75 25.01
C ASN E 526 10.99 28.68 25.80
N ALA E 527 10.27 29.09 26.85
CA ALA E 527 9.48 28.14 27.63
C ALA E 527 8.41 27.47 26.78
N ASN E 528 8.02 28.07 25.66
CA ASN E 528 7.00 27.50 24.78
C ASN E 528 7.50 27.43 23.34
N PHE E 529 8.81 27.31 23.15
CA PHE E 529 9.36 27.19 21.81
C PHE E 529 8.90 25.89 21.16
N LEU E 530 8.68 25.94 19.85
CA LEU E 530 8.25 24.77 19.09
C LEU E 530 8.92 24.80 17.72
N ASP E 531 8.98 23.62 17.10
CA ASP E 531 9.47 23.47 15.74
C ASP E 531 8.33 22.96 14.86
N HIS E 532 8.49 23.18 13.55
CA HIS E 532 7.40 22.86 12.63
C HIS E 532 7.05 21.38 12.66
N TYR E 533 8.05 20.50 12.69
CA TYR E 533 7.79 19.06 12.70
C TYR E 533 7.02 18.67 13.95
N LEU E 534 7.53 19.06 15.12
CA LEU E 534 6.93 18.74 16.41
C LEU E 534 6.31 20.02 16.96
N ASP E 535 5.04 20.26 16.61
CA ASP E 535 4.37 21.50 16.99
C ASP E 535 4.20 21.64 18.49
N VAL E 536 4.40 20.57 19.25
CA VAL E 536 4.24 20.63 20.71
C VAL E 536 5.24 21.63 21.28
N PRO E 537 4.79 22.66 22.01
CA PRO E 537 5.74 23.56 22.66
C PRO E 537 6.56 22.84 23.71
N VAL E 538 7.79 23.30 23.90
CA VAL E 538 8.73 22.70 24.84
C VAL E 538 9.36 23.80 25.69
N ASP E 539 9.81 23.42 26.88
CA ASP E 539 10.33 24.36 27.86
C ASP E 539 11.85 24.49 27.68
N LEU E 540 12.31 25.71 27.42
CA LEU E 540 13.72 26.01 27.24
C LEU E 540 14.13 27.19 28.12
N SER E 541 13.69 27.19 29.36
CA SER E 541 14.10 28.21 30.32
C SER E 541 15.28 27.78 31.17
N LYS E 542 15.54 26.48 31.26
CA LYS E 542 16.66 25.97 32.05
C LYS E 542 17.90 25.71 31.20
N VAL E 543 17.74 25.64 29.88
CA VAL E 543 18.90 25.50 28.99
C VAL E 543 19.84 26.67 29.23
N LEU E 544 21.13 26.36 29.34
CA LEU E 544 22.16 27.38 29.57
C LEU E 544 22.75 27.72 28.21
N PHE E 545 22.12 28.66 27.52
CA PHE E 545 22.60 29.06 26.20
C PHE E 545 23.95 29.75 26.30
N ILE E 546 24.85 29.39 25.39
CA ILE E 546 26.15 30.03 25.26
C ILE E 546 26.40 30.32 23.79
N CYS E 547 26.96 31.50 23.52
CA CYS E 547 27.33 31.91 22.18
C CYS E 547 28.82 32.17 22.12
N THR E 548 29.42 31.91 20.96
CA THR E 548 30.84 32.14 20.75
C THR E 548 31.08 32.59 19.32
N ALA E 549 31.99 33.54 19.16
CA ALA E 549 32.32 34.09 17.85
C ALA E 549 33.73 34.67 17.91
N ASN E 550 34.27 34.95 16.73
CA ASN E 550 35.57 35.61 16.61
C ASN E 550 35.44 37.11 16.39
N VAL E 551 34.23 37.65 16.37
CA VAL E 551 34.02 39.08 16.19
C VAL E 551 32.59 39.41 16.62
N THR E 552 32.39 40.64 17.08
CA THR E 552 31.10 41.07 17.62
C THR E 552 30.41 42.09 16.71
N ASP E 553 30.94 42.32 15.51
CA ASP E 553 30.39 43.33 14.62
C ASP E 553 29.31 42.78 13.71
N THR E 554 29.60 41.69 12.99
CA THR E 554 28.63 41.13 12.04
C THR E 554 27.51 40.38 12.73
N ILE E 555 27.66 40.06 14.01
CA ILE E 555 26.55 39.41 14.72
C ILE E 555 25.36 40.36 14.76
N PRO E 556 24.13 39.89 14.55
CA PRO E 556 22.99 40.82 14.51
C PRO E 556 22.85 41.59 15.82
N GLU E 557 22.50 42.87 15.69
CA GLU E 557 22.29 43.71 16.87
C GLU E 557 21.15 43.21 17.74
N PRO E 558 19.99 42.83 17.20
CA PRO E 558 18.92 42.33 18.08
C PRO E 558 19.35 41.14 18.91
N LEU E 559 20.17 40.25 18.35
CA LEU E 559 20.72 39.14 19.12
C LEU E 559 21.87 39.60 20.01
N ARG E 560 22.67 40.54 19.51
CA ARG E 560 23.86 40.98 20.26
C ARG E 560 23.47 41.62 21.58
N ASP E 561 22.46 42.49 21.56
CA ASP E 561 22.08 43.22 22.77
C ASP E 561 21.44 42.32 23.82
N ARG E 562 21.03 41.10 23.44
CA ARG E 562 20.32 40.21 24.36
C ARG E 562 21.24 39.55 25.36
N MET E 563 22.56 39.74 25.26
CA MET E 563 23.50 38.98 26.07
C MET E 563 24.77 39.80 26.28
N GLU E 564 25.41 39.55 27.41
CA GLU E 564 26.69 40.20 27.73
C GLU E 564 27.79 39.54 26.90
N MET E 565 28.66 40.36 26.33
CA MET E 565 29.69 39.90 25.41
C MET E 565 31.01 39.87 26.17
N ILE E 566 31.55 38.68 26.40
CA ILE E 566 32.78 38.49 27.17
C ILE E 566 33.90 38.16 26.20
N ASN E 567 35.12 38.54 26.58
CA ASN E 567 36.29 38.41 25.73
C ASN E 567 37.19 37.27 26.20
N VAL E 568 37.55 36.39 25.27
CA VAL E 568 38.73 35.54 25.43
C VAL E 568 39.76 36.06 24.44
N SER E 569 40.60 36.99 24.89
CA SER E 569 41.41 37.77 23.96
C SER E 569 42.47 36.89 23.28
N GLY E 570 43.37 36.33 24.06
CA GLY E 570 44.46 35.56 23.49
C GLY E 570 45.48 35.20 24.55
N TYR E 571 46.61 34.68 24.08
CA TYR E 571 47.67 34.22 24.96
C TYR E 571 49.02 34.70 24.46
N VAL E 572 49.88 35.08 25.40
CA VAL E 572 51.23 35.52 25.08
C VAL E 572 52.14 34.30 25.02
N ALA E 573 53.32 34.47 24.42
CA ALA E 573 54.26 33.36 24.31
C ALA E 573 54.49 32.69 25.66
N GLN E 574 54.59 33.49 26.73
CA GLN E 574 54.72 32.92 28.06
C GLN E 574 53.45 32.16 28.46
N GLU E 575 52.29 32.75 28.21
CA GLU E 575 51.04 32.08 28.55
C GLU E 575 50.84 30.82 27.71
N LYS E 576 51.17 30.89 26.42
CA LYS E 576 51.10 29.69 25.58
C LYS E 576 52.04 28.62 26.08
N LEU E 577 53.25 29.00 26.47
CA LEU E 577 54.22 28.04 27.01
C LEU E 577 53.67 27.38 28.27
N ALA E 578 53.10 28.17 29.17
CA ALA E 578 52.54 27.61 30.40
C ALA E 578 51.43 26.63 30.07
N ILE E 579 50.47 27.05 29.23
CA ILE E 579 49.36 26.19 28.87
C ILE E 579 49.87 24.88 28.27
N ALA E 580 50.84 24.97 27.37
CA ALA E 580 51.35 23.78 26.71
C ALA E 580 52.02 22.84 27.70
N GLU E 581 52.92 23.38 28.54
CA GLU E 581 53.66 22.51 29.45
C GLU E 581 52.78 21.92 30.53
N ARG E 582 51.68 22.58 30.88
CA ARG E 582 50.81 22.12 31.96
C ARG E 582 49.57 21.38 31.47
N TYR E 583 49.03 21.74 30.31
CA TYR E 583 47.79 21.16 29.80
C TYR E 583 48.00 20.36 28.53
N LEU E 584 48.65 20.94 27.52
CA LEU E 584 48.73 20.27 26.22
C LEU E 584 49.73 19.11 26.24
N VAL E 585 50.99 19.40 26.58
CA VAL E 585 52.03 18.37 26.48
C VAL E 585 51.62 17.09 27.20
N PRO E 586 51.15 17.13 28.45
CA PRO E 586 50.66 15.87 29.07
C PRO E 586 49.51 15.25 28.32
N GLN E 587 48.61 16.06 27.78
CA GLN E 587 47.44 15.53 27.07
C GLN E 587 47.86 14.75 25.83
N ALA E 588 48.70 15.36 25.00
CA ALA E 588 49.19 14.66 23.81
C ALA E 588 50.07 13.48 24.19
N ARG E 589 50.84 13.60 25.27
CA ARG E 589 51.69 12.50 25.70
C ARG E 589 50.86 11.28 26.08
N ALA E 590 49.77 11.49 26.83
CA ALA E 590 48.85 10.40 27.12
C ALA E 590 48.17 9.90 25.86
N LEU E 591 47.81 10.81 24.95
CA LEU E 591 47.21 10.41 23.69
C LEU E 591 48.16 9.54 22.89
N CYS E 592 49.44 9.92 22.84
CA CYS E 592 50.46 9.13 22.16
C CYS E 592 51.03 8.03 23.04
N GLY E 593 50.48 7.83 24.24
CA GLY E 593 50.91 6.73 25.08
C GLY E 593 52.30 6.86 25.65
N LEU E 594 52.96 8.00 25.47
CA LEU E 594 54.31 8.19 25.96
C LEU E 594 54.30 8.58 27.43
N ASP E 595 55.48 8.55 28.04
CA ASP E 595 55.67 8.88 29.44
C ASP E 595 56.59 10.07 29.57
N GLU E 596 56.58 10.67 30.77
CA GLU E 596 57.42 11.84 31.02
C GLU E 596 58.91 11.52 30.89
N SER E 597 59.28 10.23 30.98
CA SER E 597 60.68 9.83 30.87
C SER E 597 61.10 9.59 29.43
N LYS E 598 60.37 8.74 28.70
CA LYS E 598 60.72 8.46 27.32
C LYS E 598 60.65 9.71 26.47
N ALA E 599 59.61 10.52 26.66
CA ALA E 599 59.45 11.78 25.96
C ALA E 599 59.79 12.94 26.90
N LYS E 600 60.57 13.89 26.40
CA LYS E 600 61.01 15.02 27.22
C LYS E 600 61.11 16.25 26.33
N LEU E 601 60.36 17.29 26.65
CA LEU E 601 60.38 18.56 25.95
C LEU E 601 60.76 19.67 26.92
N SER E 602 61.66 20.55 26.50
CA SER E 602 62.11 21.65 27.34
C SER E 602 61.27 22.90 27.07
N SER E 603 61.22 23.77 28.07
CA SER E 603 60.48 25.02 27.92
C SER E 603 61.07 25.87 26.80
N ASP E 604 62.38 25.82 26.62
CA ASP E 604 63.01 26.56 25.53
C ASP E 604 62.56 26.05 24.17
N VAL E 605 62.45 24.72 24.03
CA VAL E 605 61.97 24.15 22.77
C VAL E 605 60.54 24.62 22.50
N LEU E 606 59.69 24.61 23.53
CA LEU E 606 58.32 25.03 23.35
C LEU E 606 58.24 26.51 22.99
N THR E 607 59.08 27.34 23.62
CA THR E 607 59.10 28.76 23.29
C THR E 607 59.54 28.99 21.84
N LEU E 608 60.58 28.26 21.41
CA LEU E 608 61.02 28.37 20.02
C LEU E 608 59.91 27.92 19.08
N LEU E 609 59.19 26.85 19.44
CA LEU E 609 58.07 26.40 18.63
C LEU E 609 56.99 27.48 18.54
N ILE E 610 56.68 28.13 19.66
CA ILE E 610 55.67 29.18 19.66
C ILE E 610 56.13 30.36 18.80
N LYS E 611 57.43 30.67 18.82
CA LYS E 611 57.90 31.86 18.14
C LYS E 611 58.23 31.65 16.67
N GLN E 612 58.37 30.39 16.22
CA GLN E 612 58.80 30.15 14.85
C GLN E 612 57.85 29.22 14.09
N TYR E 613 57.29 28.22 14.75
CA TYR E 613 56.43 27.22 14.11
C TYR E 613 54.95 27.55 14.24
N CYS E 614 54.57 28.52 15.07
CA CYS E 614 53.16 28.74 15.37
C CYS E 614 52.97 30.18 15.83
N ARG E 615 52.39 31.02 14.97
CA ARG E 615 52.17 32.43 15.29
C ARG E 615 50.71 32.78 15.02
N GLU E 616 49.87 32.64 16.04
CA GLU E 616 48.48 33.05 15.97
C GLU E 616 47.95 33.20 17.39
N SER E 617 46.81 33.87 17.52
CA SER E 617 46.20 34.05 18.83
C SER E 617 45.82 32.70 19.42
N GLY E 618 45.32 31.78 18.60
CA GLY E 618 44.93 30.47 19.06
C GLY E 618 46.12 29.65 19.50
N VAL E 619 45.84 28.38 19.79
CA VAL E 619 46.85 27.45 20.30
C VAL E 619 46.80 26.14 19.52
N ARG E 620 45.83 26.02 18.61
CA ARG E 620 45.62 24.74 17.93
C ARG E 620 46.87 24.28 17.19
N ASN E 621 47.50 25.19 16.44
CA ASN E 621 48.69 24.82 15.68
C ASN E 621 49.80 24.36 16.62
N LEU E 622 49.89 24.96 17.80
CA LEU E 622 50.83 24.47 18.81
C LEU E 622 50.51 23.02 19.16
N GLN E 623 49.23 22.71 19.32
CA GLN E 623 48.82 21.34 19.59
C GLN E 623 49.27 20.40 18.46
N LYS E 624 49.07 20.83 17.22
CA LYS E 624 49.47 20.00 16.09
C LYS E 624 50.97 19.74 16.11
N GLN E 625 51.77 20.78 16.34
CA GLN E 625 53.22 20.61 16.32
C GLN E 625 53.68 19.72 17.47
N VAL E 626 53.13 19.92 18.67
CA VAL E 626 53.55 19.11 19.81
C VAL E 626 53.17 17.65 19.58
N GLU E 627 51.97 17.40 19.04
CA GLU E 627 51.58 16.04 18.74
C GLU E 627 52.50 15.43 17.68
N LYS E 628 52.88 16.22 16.67
CA LYS E 628 53.78 15.71 15.64
C LYS E 628 55.11 15.29 16.24
N VAL E 629 55.70 16.15 17.08
CA VAL E 629 57.01 15.82 17.66
C VAL E 629 56.89 14.61 18.59
N LEU E 630 55.81 14.55 19.37
CA LEU E 630 55.64 13.41 20.27
C LEU E 630 55.48 12.11 19.48
N ARG E 631 54.71 12.14 18.39
CA ARG E 631 54.53 10.95 17.57
C ARG E 631 55.85 10.53 16.93
N LYS E 632 56.64 11.50 16.46
CA LYS E 632 57.93 11.16 15.87
C LYS E 632 58.88 10.57 16.91
N SER E 633 58.82 11.09 18.15
CA SER E 633 59.61 10.51 19.22
C SER E 633 59.16 9.08 19.53
N ALA E 634 57.84 8.85 19.49
CA ALA E 634 57.33 7.50 19.69
C ALA E 634 57.84 6.56 18.61
N TYR E 635 57.85 7.03 17.35
CA TYR E 635 58.42 6.23 16.27
C TYR E 635 59.90 5.95 16.52
N LYS E 636 60.65 6.97 16.94
CA LYS E 636 62.08 6.80 17.19
C LYS E 636 62.32 5.81 18.33
N ILE E 637 61.40 5.73 19.29
CA ILE E 637 61.57 4.81 20.40
C ILE E 637 61.19 3.40 20.01
N VAL E 638 60.07 3.23 19.30
CA VAL E 638 59.59 1.90 18.94
C VAL E 638 60.56 1.23 17.99
N SER E 639 61.04 1.97 16.98
CA SER E 639 61.89 1.41 15.94
C SER E 639 63.32 1.93 15.96
N GLY E 640 63.54 3.17 16.39
CA GLY E 640 64.87 3.74 16.39
C GLY E 640 65.77 3.17 17.47
N GLU E 641 66.79 3.93 17.87
CA GLU E 641 67.76 3.47 18.85
C GLU E 641 67.67 4.20 20.18
N ALA E 642 66.80 5.20 20.31
CA ALA E 642 66.69 6.00 21.52
C ALA E 642 65.55 5.47 22.36
N GLU E 643 65.88 4.85 23.50
CA GLU E 643 64.84 4.40 24.43
C GLU E 643 64.03 5.59 24.94
N SER E 644 64.72 6.66 25.33
CA SER E 644 64.07 7.89 25.77
C SER E 644 64.64 9.05 24.97
N VAL E 645 63.77 9.88 24.44
CA VAL E 645 64.17 11.02 23.63
C VAL E 645 64.39 12.21 24.54
N GLU E 646 65.34 13.07 24.14
CA GLU E 646 65.56 14.36 24.80
C GLU E 646 65.42 15.43 23.72
N VAL E 647 64.28 16.11 23.73
CA VAL E 647 63.96 17.08 22.69
C VAL E 647 64.70 18.38 22.99
N THR E 648 65.46 18.86 22.02
CA THR E 648 66.23 20.09 22.10
C THR E 648 66.00 20.89 20.84
N PRO E 649 66.23 22.20 20.87
CA PRO E 649 66.07 22.98 19.63
C PRO E 649 66.95 22.47 18.51
N GLU E 650 68.11 21.90 18.84
CA GLU E 650 68.98 21.31 17.83
C GLU E 650 68.30 20.11 17.17
N ASN E 651 67.67 19.25 17.98
CA ASN E 651 66.93 18.11 17.45
C ASN E 651 65.55 18.50 16.94
N LEU E 652 65.04 19.65 17.37
CA LEU E 652 63.71 20.07 16.92
C LEU E 652 63.67 20.18 15.40
N GLN E 653 64.82 20.40 14.75
CA GLN E 653 64.84 20.48 13.30
C GLN E 653 64.45 19.15 12.68
N ASP E 654 65.02 18.05 13.17
CA ASP E 654 64.65 16.73 12.69
C ASP E 654 63.28 16.29 13.17
N PHE E 655 62.79 16.84 14.28
CA PHE E 655 61.44 16.48 14.72
C PHE E 655 60.35 17.19 13.92
N VAL E 656 60.29 18.52 13.98
CA VAL E 656 59.23 19.27 13.33
C VAL E 656 59.65 19.86 11.98
N GLY E 657 60.95 20.01 11.73
CA GLY E 657 61.42 20.65 10.52
C GLY E 657 62.05 21.99 10.83
N LYS E 658 62.22 22.77 9.76
CA LYS E 658 62.94 24.03 9.85
C LYS E 658 62.02 25.17 10.27
N PRO E 659 62.57 26.32 10.64
CA PRO E 659 61.72 27.46 11.00
C PRO E 659 60.70 27.79 9.93
N VAL E 660 59.46 28.00 10.38
CA VAL E 660 58.37 28.39 9.50
C VAL E 660 58.15 29.90 9.54
N PHE E 661 58.19 30.48 10.73
CA PHE E 661 57.92 31.89 10.93
C PHE E 661 59.19 32.59 11.41
N THR E 662 59.65 33.56 10.62
CA THR E 662 60.67 34.50 11.07
C THR E 662 59.98 35.60 11.85
N VAL E 663 60.67 36.72 12.08
CA VAL E 663 60.04 37.86 12.74
C VAL E 663 58.64 38.12 12.17
N GLU E 664 58.45 37.85 10.88
CA GLU E 664 57.18 37.95 10.17
C GLU E 664 56.76 39.40 9.97
N ARG E 665 57.51 40.37 10.49
CA ARG E 665 57.20 41.78 10.30
C ARG E 665 57.65 42.21 8.91
N MET E 666 56.73 42.83 8.16
CA MET E 666 57.01 43.14 6.76
C MET E 666 58.22 44.07 6.64
N TYR E 667 58.27 45.12 7.45
CA TYR E 667 59.38 46.06 7.46
C TYR E 667 59.91 46.22 8.87
N ASP E 668 61.23 46.22 9.01
CA ASP E 668 61.89 46.54 10.27
C ASP E 668 62.43 47.97 10.30
N VAL E 669 62.19 48.75 9.25
CA VAL E 669 62.66 50.13 9.19
C VAL E 669 61.57 51.13 8.84
N THR E 670 60.42 50.70 8.30
CA THR E 670 59.32 51.58 7.95
C THR E 670 59.83 52.74 7.09
N PRO E 671 60.15 52.51 5.82
CA PRO E 671 60.61 53.61 4.96
C PRO E 671 59.56 54.70 4.85
N PRO E 672 59.86 55.79 4.17
CA PRO E 672 58.87 56.87 4.06
C PRO E 672 57.58 56.38 3.43
N GLY E 673 56.46 56.80 4.00
CA GLY E 673 55.15 56.49 3.46
C GLY E 673 54.52 55.21 3.96
N VAL E 674 55.25 54.39 4.71
CA VAL E 674 54.71 53.16 5.29
C VAL E 674 54.82 53.26 6.80
N VAL E 675 53.73 52.97 7.50
CA VAL E 675 53.68 53.07 8.95
C VAL E 675 52.94 51.87 9.53
N MET E 676 53.45 51.36 10.65
CA MET E 676 52.80 50.25 11.32
C MET E 676 51.51 50.71 12.00
N GLY E 677 50.58 49.78 12.16
CA GLY E 677 49.34 50.06 12.84
C GLY E 677 48.67 48.79 13.33
N LEU E 678 48.17 48.83 14.57
CA LEU E 678 47.55 47.66 15.18
C LEU E 678 46.07 47.61 14.82
N ALA E 679 45.61 46.41 14.47
CA ALA E 679 44.23 46.18 14.08
C ALA E 679 43.67 44.98 14.84
N TRP E 680 42.44 45.11 15.31
CA TRP E 680 41.74 44.01 15.98
C TRP E 680 40.94 43.25 14.93
N THR E 681 41.65 42.38 14.21
CA THR E 681 40.99 41.54 13.21
C THR E 681 40.13 40.50 13.90
N ALA E 682 39.45 39.68 13.09
CA ALA E 682 38.55 38.67 13.64
C ALA E 682 39.30 37.67 14.52
N MET E 683 40.46 37.21 14.06
CA MET E 683 41.25 36.21 14.79
C MET E 683 42.47 36.92 15.36
N GLY E 684 42.33 37.45 16.58
CA GLY E 684 43.42 38.11 17.26
C GLY E 684 43.68 39.49 16.72
N GLY E 685 44.85 40.01 17.09
CA GLY E 685 45.31 41.31 16.64
C GLY E 685 46.47 41.16 15.66
N SER E 686 46.61 42.14 14.77
CA SER E 686 47.63 42.11 13.75
C SER E 686 48.31 43.47 13.64
N THR E 687 49.52 43.47 13.12
CA THR E 687 50.31 44.69 12.91
C THR E 687 50.41 44.92 11.41
N LEU E 688 49.43 45.65 10.88
CA LEU E 688 49.35 45.92 9.45
C LEU E 688 50.17 47.15 9.10
N PHE E 689 50.91 47.05 8.00
CA PHE E 689 51.73 48.16 7.52
C PHE E 689 50.92 48.95 6.50
N VAL E 690 50.39 50.10 6.93
CA VAL E 690 49.71 50.99 6.00
C VAL E 690 50.75 51.58 5.04
N GLU E 691 50.50 51.42 3.74
CA GLU E 691 51.44 51.80 2.71
C GLU E 691 50.92 53.00 1.93
N THR E 692 51.85 53.78 1.37
CA THR E 692 51.52 54.89 0.49
C THR E 692 52.52 54.95 -0.64
N SER E 693 52.09 55.48 -1.78
CA SER E 693 52.96 55.59 -2.93
C SER E 693 52.47 56.74 -3.81
N LEU E 694 53.39 57.30 -4.59
CA LEU E 694 53.09 58.37 -5.53
C LEU E 694 52.82 57.74 -6.89
N ARG E 695 51.54 57.68 -7.28
CA ARG E 695 51.16 57.04 -8.53
C ARG E 695 51.20 57.99 -9.73
N ARG E 696 51.29 59.30 -9.51
CA ARG E 696 51.51 60.19 -10.65
C ARG E 696 52.47 61.29 -10.20
N PRO E 697 53.42 61.71 -11.03
CA PRO E 697 54.43 62.65 -10.54
C PRO E 697 53.79 63.93 -10.01
N GLN E 698 54.32 64.39 -8.87
CA GLN E 698 53.81 65.63 -8.28
C GLN E 698 53.91 66.79 -9.26
N ASP E 699 54.88 66.73 -10.17
CA ASP E 699 55.06 67.76 -11.19
C ASP E 699 54.09 67.54 -12.34
N LYS E 700 52.80 67.47 -11.98
CA LYS E 700 51.76 67.44 -13.01
C LYS E 700 51.84 68.68 -13.89
N ASP E 701 52.06 69.84 -13.26
CA ASP E 701 52.34 71.07 -13.99
C ASP E 701 52.85 72.11 -12.99
N ALA E 702 53.98 72.76 -13.31
CA ALA E 702 54.56 73.72 -12.38
C ALA E 702 53.54 74.79 -12.02
N LYS E 703 52.72 75.21 -12.98
CA LYS E 703 51.66 76.17 -12.73
C LYS E 703 50.37 75.50 -12.27
N GLY E 704 50.08 74.32 -12.81
CA GLY E 704 48.87 73.60 -12.44
C GLY E 704 48.84 73.21 -10.98
N ASP E 705 47.91 73.80 -10.23
CA ASP E 705 47.71 73.48 -8.82
C ASP E 705 46.66 72.38 -8.62
N LYS E 706 46.54 71.47 -9.58
CA LYS E 706 45.51 70.44 -9.51
C LYS E 706 45.65 69.65 -8.22
N ASP E 707 44.51 69.38 -7.58
CA ASP E 707 44.52 68.69 -6.30
C ASP E 707 45.13 67.31 -6.43
N GLY E 708 45.84 66.89 -5.39
CA GLY E 708 46.47 65.59 -5.38
C GLY E 708 45.49 64.46 -5.16
N SER E 709 44.66 64.19 -6.16
CA SER E 709 43.65 63.15 -6.05
C SER E 709 44.29 61.87 -5.52
N LEU E 710 43.53 61.14 -4.70
CA LEU E 710 44.05 60.01 -3.96
C LEU E 710 43.32 58.74 -4.36
N GLU E 711 44.05 57.62 -4.34
CA GLU E 711 43.50 56.30 -4.58
C GLU E 711 43.71 55.43 -3.35
N VAL E 712 42.73 54.59 -3.05
CA VAL E 712 42.76 53.75 -1.85
C VAL E 712 42.47 52.31 -2.27
N THR E 713 43.22 51.38 -1.70
CA THR E 713 43.05 49.95 -1.95
C THR E 713 43.12 49.20 -0.63
N GLY E 714 42.60 47.98 -0.64
CA GLY E 714 42.51 47.18 0.56
C GLY E 714 41.10 46.74 0.87
N GLN E 715 40.25 46.66 -0.16
CA GLN E 715 38.86 46.25 0.00
C GLN E 715 38.16 47.17 1.00
N LEU E 716 38.11 48.44 0.64
CA LEU E 716 37.65 49.48 1.55
C LEU E 716 36.12 49.48 1.67
N GLY E 717 35.63 49.44 2.91
CA GLY E 717 34.22 49.68 3.15
C GLY E 717 33.90 51.16 3.09
N GLU E 718 32.60 51.46 3.06
CA GLU E 718 32.17 52.85 2.95
C GLU E 718 32.66 53.65 4.15
N VAL E 719 32.51 53.10 5.36
CA VAL E 719 32.99 53.78 6.55
C VAL E 719 34.51 53.93 6.48
N MET E 720 35.21 52.90 6.02
CA MET E 720 36.64 53.01 5.79
C MET E 720 36.97 54.09 4.77
N LYS E 721 36.22 54.16 3.67
CA LYS E 721 36.50 55.19 2.67
C LYS E 721 36.34 56.58 3.25
N GLU E 722 35.26 56.79 4.01
CA GLU E 722 35.04 58.09 4.63
C GLU E 722 36.14 58.41 5.64
N SER E 723 36.54 57.42 6.45
CA SER E 723 37.61 57.67 7.41
C SER E 723 38.92 58.01 6.71
N ALA E 724 39.23 57.32 5.61
CA ALA E 724 40.44 57.62 4.87
C ALA E 724 40.40 59.02 4.27
N ARG E 725 39.24 59.42 3.74
CA ARG E 725 39.10 60.78 3.23
C ARG E 725 39.26 61.81 4.35
N ILE E 726 38.67 61.52 5.51
CA ILE E 726 38.81 62.40 6.68
C ILE E 726 40.27 62.56 7.04
N ALA E 727 41.00 61.45 7.10
CA ALA E 727 42.42 61.49 7.42
C ALA E 727 43.19 62.25 6.36
N TYR E 728 42.83 62.08 5.09
CA TYR E 728 43.52 62.79 4.01
C TYR E 728 43.36 64.30 4.16
N THR E 729 42.12 64.75 4.39
CA THR E 729 41.88 66.18 4.57
C THR E 729 42.60 66.70 5.81
N PHE E 730 42.55 65.96 6.92
CA PHE E 730 43.23 66.41 8.13
C PHE E 730 44.72 66.50 7.92
N ALA E 731 45.31 65.53 7.21
CA ALA E 731 46.74 65.58 6.93
C ALA E 731 47.09 66.75 6.05
N ARG E 732 46.26 67.05 5.05
CA ARG E 732 46.48 68.22 4.21
C ARG E 732 46.50 69.49 5.06
N ALA E 733 45.48 69.64 5.92
CA ALA E 733 45.41 70.83 6.77
C ALA E 733 46.60 70.90 7.73
N PHE E 734 46.99 69.76 8.28
CA PHE E 734 48.11 69.71 9.22
C PHE E 734 49.42 70.11 8.54
N LEU E 735 49.64 69.62 7.32
CA LEU E 735 50.84 70.01 6.59
C LEU E 735 50.81 71.49 6.22
N MET E 736 49.63 72.02 5.89
CA MET E 736 49.52 73.46 5.67
C MET E 736 49.89 74.23 6.93
N GLN E 737 49.41 73.77 8.09
CA GLN E 737 49.69 74.47 9.34
C GLN E 737 51.18 74.41 9.69
N HIS E 738 51.77 73.22 9.66
CA HIS E 738 53.14 73.04 10.12
C HIS E 738 54.13 73.54 9.08
N ALA E 739 54.01 73.09 7.83
CA ALA E 739 54.90 73.47 6.74
C ALA E 739 54.06 73.94 5.57
N PRO E 740 53.60 75.20 5.59
CA PRO E 740 52.79 75.68 4.46
C PRO E 740 53.51 75.63 3.13
N ALA E 741 54.85 75.70 3.13
CA ALA E 741 55.61 75.70 1.90
C ALA E 741 55.56 74.36 1.18
N ASN E 742 55.10 73.29 1.83
CA ASN E 742 55.06 71.96 1.24
C ASN E 742 53.70 71.73 0.59
N ASP E 743 53.69 71.59 -0.73
CA ASP E 743 52.48 71.28 -1.49
C ASP E 743 52.46 69.84 -1.97
N TYR E 744 53.39 68.99 -1.50
CA TYR E 744 53.42 67.60 -1.93
C TYR E 744 52.06 66.94 -1.68
N LEU E 745 51.55 67.08 -0.46
CA LEU E 745 50.25 66.52 -0.13
C LEU E 745 49.10 67.23 -0.83
N VAL E 746 49.37 68.38 -1.47
CA VAL E 746 48.35 69.16 -2.15
C VAL E 746 48.31 68.75 -3.61
N THR E 747 49.43 68.90 -4.32
CA THR E 747 49.50 68.63 -5.75
C THR E 747 50.36 67.38 -5.97
N SER E 748 49.74 66.22 -5.82
CA SER E 748 50.37 64.94 -6.14
C SER E 748 49.33 63.83 -6.11
N HIS E 749 49.25 63.03 -7.16
CA HIS E 749 48.27 61.93 -7.19
C HIS E 749 48.87 60.72 -6.49
N ILE E 750 48.30 60.39 -5.33
CA ILE E 750 48.88 59.48 -4.35
C ILE E 750 48.01 58.23 -4.27
N HIS E 751 48.62 57.13 -3.83
CA HIS E 751 47.93 55.88 -3.60
C HIS E 751 48.34 55.34 -2.24
N LEU E 752 47.36 55.07 -1.37
CA LEU E 752 47.62 54.46 -0.07
C LEU E 752 46.87 53.13 0.02
N HIS E 753 47.49 52.18 0.71
CA HIS E 753 46.94 50.84 0.88
C HIS E 753 46.80 50.54 2.37
N VAL E 754 45.60 50.16 2.78
CA VAL E 754 45.33 49.72 4.14
C VAL E 754 45.14 48.20 4.12
N PRO E 755 46.04 47.42 4.70
CA PRO E 755 45.88 45.96 4.63
C PRO E 755 44.58 45.50 5.29
N GLU E 756 44.03 44.41 4.75
CA GLU E 756 42.78 43.87 5.25
C GLU E 756 43.00 43.17 6.59
N GLY E 757 41.92 42.60 7.11
CA GLY E 757 41.95 41.89 8.38
C GLY E 757 41.18 42.62 9.46
N ALA E 758 41.33 43.94 9.51
CA ALA E 758 40.63 44.73 10.52
C ALA E 758 39.12 44.68 10.29
N THR E 759 38.38 44.36 11.35
CA THR E 759 36.93 44.40 11.26
C THR E 759 36.48 45.84 11.03
N PRO E 760 35.40 46.05 10.26
CA PRO E 760 35.04 47.42 9.87
C PRO E 760 34.87 48.37 11.05
N LYS E 761 34.34 47.88 12.18
CA LYS E 761 34.17 48.75 13.34
C LYS E 761 35.52 49.23 13.85
N ASP E 762 36.48 48.32 13.98
CA ASP E 762 37.83 48.69 14.40
C ASP E 762 38.64 49.32 13.29
N GLY E 763 38.16 49.23 12.05
CA GLY E 763 38.91 49.72 10.91
C GLY E 763 39.35 51.16 11.04
N PRO E 764 38.41 52.06 11.37
CA PRO E 764 38.78 53.48 11.52
C PRO E 764 39.90 53.72 12.52
N SER E 765 40.35 52.69 13.24
CA SER E 765 41.50 52.82 14.13
C SER E 765 42.81 53.06 13.38
N ALA E 766 42.82 52.92 12.05
CA ALA E 766 44.02 53.13 11.25
C ALA E 766 44.06 54.53 10.61
N GLY E 767 43.15 55.41 10.99
CA GLY E 767 43.19 56.77 10.45
C GLY E 767 44.47 57.50 10.83
N CYS E 768 44.90 57.35 12.08
CA CYS E 768 46.13 58.00 12.51
C CYS E 768 47.33 57.49 11.72
N THR E 769 47.41 56.17 11.52
CA THR E 769 48.43 55.63 10.63
C THR E 769 48.38 56.34 9.29
N ILE E 770 47.25 56.22 8.60
CA ILE E 770 47.06 56.86 7.29
C ILE E 770 47.63 58.27 7.30
N VAL E 771 47.27 59.06 8.32
CA VAL E 771 47.71 60.45 8.38
C VAL E 771 49.24 60.53 8.43
N THR E 772 49.85 59.78 9.35
CA THR E 772 51.29 59.92 9.53
C THR E 772 52.06 59.35 8.34
N ALA E 773 51.53 58.31 7.70
CA ALA E 773 52.14 57.79 6.48
C ALA E 773 52.10 58.85 5.38
N LEU E 774 50.97 59.54 5.24
CA LEU E 774 50.89 60.61 4.25
C LEU E 774 51.90 61.72 4.56
N LEU E 775 52.02 62.09 5.84
CA LEU E 775 52.99 63.12 6.21
C LEU E 775 54.42 62.67 5.93
N SER E 776 54.75 61.42 6.25
CA SER E 776 56.08 60.91 5.98
C SER E 776 56.39 60.94 4.48
N LEU E 777 55.42 60.52 3.67
CA LEU E 777 55.61 60.58 2.22
C LEU E 777 55.80 62.02 1.75
N ALA E 778 55.03 62.94 2.32
CA ALA E 778 55.13 64.35 1.96
C ALA E 778 56.43 64.99 2.41
N MET E 779 57.11 64.40 3.40
CA MET E 779 58.38 64.94 3.88
C MET E 779 59.54 63.97 3.72
N GLY E 780 59.31 62.76 3.22
CA GLY E 780 60.38 61.80 3.06
C GLY E 780 61.06 61.40 4.35
N ARG E 781 60.38 61.58 5.49
CA ARG E 781 60.94 61.23 6.78
C ARG E 781 60.40 59.87 7.20
N PRO E 782 61.21 58.81 7.23
CA PRO E 782 60.70 57.51 7.70
C PRO E 782 60.18 57.62 9.13
N VAL E 783 59.07 56.94 9.38
CA VAL E 783 58.52 56.93 10.73
C VAL E 783 59.52 56.27 11.67
N ARG E 784 59.50 56.69 12.94
CA ARG E 784 60.43 56.12 13.90
C ARG E 784 60.33 54.61 13.93
N GLN E 785 61.49 53.94 13.94
CA GLN E 785 61.52 52.49 13.90
C GLN E 785 60.83 51.92 15.13
N ASN E 786 60.47 50.64 15.03
CA ASN E 786 59.79 49.88 16.08
C ASN E 786 58.79 50.76 16.83
N LEU E 787 57.91 51.41 16.06
CA LEU E 787 56.86 52.26 16.61
C LEU E 787 55.53 51.84 16.00
N ALA E 788 54.52 51.68 16.85
CA ALA E 788 53.16 51.34 16.44
C ALA E 788 52.20 52.45 16.85
N MET E 789 51.00 52.41 16.27
CA MET E 789 50.01 53.43 16.56
C MET E 789 48.65 52.98 16.06
N THR E 790 47.60 53.42 16.75
CA THR E 790 46.24 53.18 16.32
C THR E 790 45.34 54.23 16.95
N GLY E 791 44.23 54.50 16.27
CA GLY E 791 43.29 55.50 16.72
C GLY E 791 42.52 56.06 15.54
N GLU E 792 41.62 56.99 15.85
CA GLU E 792 40.75 57.61 14.86
C GLU E 792 40.84 59.11 14.96
N VAL E 793 40.53 59.79 13.86
CA VAL E 793 40.59 61.24 13.79
C VAL E 793 39.22 61.77 13.37
N SER E 794 38.89 62.97 13.84
CA SER E 794 37.59 63.57 13.57
C SER E 794 37.74 64.90 12.84
N LEU E 795 38.61 64.93 11.83
CA LEU E 795 38.90 66.09 10.99
C LEU E 795 39.63 67.19 11.76
N THR E 796 39.87 67.03 13.05
CA THR E 796 40.51 68.05 13.87
C THR E 796 41.81 67.58 14.50
N GLY E 797 42.21 66.33 14.27
CA GLY E 797 43.32 65.74 14.98
C GLY E 797 42.97 65.16 16.32
N LYS E 798 41.72 65.34 16.78
CA LYS E 798 41.27 64.75 18.03
C LYS E 798 41.26 63.24 17.89
N ILE E 799 42.03 62.56 18.74
CA ILE E 799 42.19 61.12 18.66
C ILE E 799 41.11 60.47 19.53
N LEU E 800 40.39 59.52 18.94
CA LEU E 800 39.28 58.83 19.59
C LEU E 800 39.70 57.45 20.05
N PRO E 801 38.96 56.86 21.01
CA PRO E 801 39.31 55.52 21.49
C PRO E 801 39.08 54.44 20.44
N VAL E 802 39.52 53.22 20.74
CA VAL E 802 39.36 52.08 19.84
C VAL E 802 39.23 50.82 20.69
N GLY E 803 38.59 49.80 20.12
CA GLY E 803 38.41 48.53 20.81
C GLY E 803 39.54 47.55 20.53
N GLY E 804 39.46 46.41 21.22
CA GLY E 804 40.48 45.38 21.05
C GLY E 804 41.87 45.83 21.44
N ILE E 805 41.99 46.54 22.57
CA ILE E 805 43.29 47.05 22.99
C ILE E 805 44.22 45.90 23.33
N LYS E 806 43.72 44.88 24.04
CA LYS E 806 44.58 43.79 24.49
C LYS E 806 45.16 43.01 23.31
N GLU E 807 44.33 42.70 22.30
CA GLU E 807 44.82 41.93 21.17
C GLU E 807 45.84 42.73 20.36
N LYS E 808 45.59 44.03 20.18
CA LYS E 808 46.57 44.87 19.50
C LYS E 808 47.88 44.94 20.28
N THR E 809 47.80 45.05 21.60
CA THR E 809 49.01 45.06 22.41
C THR E 809 49.77 43.74 22.30
N ILE E 810 49.03 42.63 22.27
CA ILE E 810 49.67 41.32 22.11
C ILE E 810 50.38 41.23 20.76
N ALA E 811 49.71 41.70 19.70
CA ALA E 811 50.34 41.69 18.38
C ALA E 811 51.59 42.57 18.38
N ALA E 812 51.52 43.73 19.03
CA ALA E 812 52.69 44.59 19.15
C ALA E 812 53.83 43.88 19.86
N LYS E 813 53.51 43.20 20.97
CA LYS E 813 54.54 42.48 21.71
C LYS E 813 55.17 41.39 20.85
N ARG E 814 54.35 40.64 20.12
CA ARG E 814 54.85 39.56 19.29
C ARG E 814 55.54 40.08 18.03
N ALA E 815 55.26 41.31 17.63
CA ALA E 815 55.86 41.90 16.43
C ALA E 815 57.18 42.60 16.71
N GLY E 816 57.58 42.74 17.96
CA GLY E 816 58.84 43.36 18.31
C GLY E 816 58.81 44.86 18.47
N VAL E 817 57.68 45.51 18.21
CA VAL E 817 57.58 46.95 18.40
C VAL E 817 57.75 47.29 19.87
N THR E 818 58.54 48.33 20.15
CA THR E 818 58.83 48.76 21.51
C THR E 818 58.23 50.12 21.86
N CYS E 819 57.60 50.80 20.91
CA CYS E 819 56.93 52.07 21.18
C CYS E 819 55.54 52.03 20.55
N ILE E 820 54.54 52.42 21.33
CA ILE E 820 53.15 52.41 20.90
C ILE E 820 52.48 53.68 21.39
N VAL E 821 51.66 54.28 20.55
CA VAL E 821 50.84 55.44 20.90
C VAL E 821 49.38 55.02 20.85
N LEU E 822 48.64 55.33 21.91
CA LEU E 822 47.23 54.98 22.02
C LEU E 822 46.44 56.22 22.43
N PRO E 823 45.15 56.25 22.15
CA PRO E 823 44.31 57.32 22.69
C PRO E 823 44.31 57.28 24.21
N ALA E 824 44.30 58.46 24.83
CA ALA E 824 44.31 58.52 26.28
C ALA E 824 43.08 57.85 26.88
N GLU E 825 41.99 57.80 26.13
CA GLU E 825 40.78 57.14 26.62
C GLU E 825 41.01 55.64 26.81
N ASN E 826 41.72 55.01 25.88
CA ASN E 826 42.07 53.60 26.00
C ASN E 826 43.21 53.36 26.99
N LYS E 827 43.66 54.39 27.70
CA LYS E 827 44.80 54.23 28.60
C LYS E 827 44.51 53.20 29.68
N LYS E 828 43.33 53.28 30.29
CA LYS E 828 43.01 52.38 31.39
C LYS E 828 42.96 50.92 30.93
N ASP E 829 42.41 50.69 29.73
CA ASP E 829 42.36 49.34 29.21
C ASP E 829 43.76 48.75 29.06
N PHE E 830 44.69 49.54 28.52
CA PHE E 830 46.08 49.09 28.44
C PHE E 830 46.64 48.85 29.84
N TYR E 831 46.36 49.76 30.77
CA TYR E 831 46.76 49.55 32.15
C TYR E 831 46.04 48.36 32.77
N ASP E 832 44.79 48.12 32.37
CA ASP E 832 44.06 46.96 32.86
C ASP E 832 44.73 45.66 32.48
N LEU E 833 45.58 45.68 31.46
CA LEU E 833 46.28 44.48 31.04
C LEU E 833 47.33 44.06 32.08
N ALA E 834 47.72 42.80 32.02
CA ALA E 834 48.74 42.29 32.93
C ALA E 834 50.08 42.97 32.66
N ALA E 835 50.89 43.08 33.70
CA ALA E 835 52.19 43.75 33.56
C ALA E 835 53.08 43.03 32.57
N PHE E 836 53.08 41.70 32.59
CA PHE E 836 53.91 40.94 31.67
C PHE E 836 53.48 41.11 30.22
N ILE E 837 52.30 41.66 29.96
CA ILE E 837 51.89 41.98 28.60
C ILE E 837 52.49 43.30 28.15
N THR E 838 52.87 44.18 29.08
CA THR E 838 53.35 45.52 28.78
C THR E 838 54.80 45.70 29.23
N GLU E 839 55.64 44.71 28.98
CA GLU E 839 57.05 44.77 29.35
C GLU E 839 57.89 45.02 28.11
N GLY E 840 58.79 46.01 28.20
CA GLY E 840 59.70 46.32 27.13
C GLY E 840 59.18 47.34 26.12
N LEU E 841 57.90 47.68 26.17
CA LEU E 841 57.33 48.67 25.27
C LEU E 841 57.08 49.97 26.02
N GLU E 842 57.14 51.08 25.29
CA GLU E 842 56.93 52.42 25.84
C GLU E 842 55.63 52.97 25.26
N VAL E 843 54.55 52.87 26.04
CA VAL E 843 53.27 53.40 25.60
C VAL E 843 53.35 54.93 25.54
N HIS E 844 52.49 55.51 24.68
CA HIS E 844 52.47 56.96 24.49
C HIS E 844 51.01 57.37 24.31
N PHE E 845 50.36 57.71 25.42
CA PHE E 845 48.95 58.08 25.37
C PHE E 845 48.79 59.50 24.84
N VAL E 846 47.77 59.70 23.99
CA VAL E 846 47.56 60.96 23.29
C VAL E 846 46.07 61.19 23.15
N GLU E 847 45.71 62.45 22.86
CA GLU E 847 44.33 62.82 22.59
C GLU E 847 44.24 63.60 21.29
N HIS E 848 45.31 64.30 20.94
CA HIS E 848 45.39 65.10 19.73
C HIS E 848 46.51 64.57 18.84
N TYR E 849 46.29 64.61 17.52
CA TYR E 849 47.30 64.10 16.60
C TYR E 849 48.63 64.84 16.75
N ARG E 850 48.61 66.10 17.17
CA ARG E 850 49.82 66.92 17.18
C ARG E 850 50.96 66.20 17.89
N GLU E 851 50.70 65.68 19.08
CA GLU E 851 51.76 65.02 19.85
C GLU E 851 52.38 63.89 19.06
N ILE E 852 51.57 63.10 18.35
CA ILE E 852 52.11 61.99 17.58
C ILE E 852 53.12 62.50 16.56
N PHE E 853 52.86 63.65 15.94
CA PHE E 853 53.82 64.21 15.00
C PHE E 853 55.16 64.41 15.67
N ASP E 854 55.17 64.94 16.91
CA ASP E 854 56.41 65.12 17.63
C ASP E 854 57.02 63.79 18.08
N ILE E 855 56.22 62.73 18.15
CA ILE E 855 56.73 61.44 18.59
C ILE E 855 57.38 60.69 17.43
N ALA E 856 56.61 60.46 16.36
CA ALA E 856 57.14 59.76 15.20
C ALA E 856 58.12 60.61 14.41
N PHE E 857 58.16 61.91 14.64
CA PHE E 857 59.09 62.82 13.97
C PHE E 857 59.81 63.65 15.01
N PRO E 858 60.68 63.02 15.81
CA PRO E 858 61.43 63.79 16.81
C PRO E 858 62.32 64.86 16.20
N ASP E 859 62.86 64.60 15.01
CA ASP E 859 63.72 65.57 14.33
C ASP E 859 62.95 66.28 13.22
N HIS F 33 -48.71 -85.42 44.06
CA HIS F 33 -49.09 -85.03 45.45
C HIS F 33 -48.34 -83.77 45.87
N LEU F 34 -48.81 -82.62 45.39
CA LEU F 34 -48.22 -81.33 45.71
C LEU F 34 -49.33 -80.34 45.99
N PRO F 35 -49.05 -79.29 46.78
CA PRO F 35 -50.09 -78.28 47.04
C PRO F 35 -50.48 -77.56 45.76
N LEU F 36 -51.75 -77.18 45.68
CA LEU F 36 -52.26 -76.49 44.50
C LEU F 36 -51.52 -75.16 44.32
N ILE F 37 -51.09 -74.91 43.08
CA ILE F 37 -50.32 -73.70 42.79
C ILE F 37 -51.22 -72.48 42.93
N ALA F 38 -50.67 -71.40 43.46
CA ALA F 38 -51.41 -70.14 43.60
C ALA F 38 -51.35 -69.39 42.28
N ILE F 39 -52.46 -69.39 41.54
CA ILE F 39 -52.49 -68.75 40.23
C ILE F 39 -52.27 -67.25 40.37
N THR F 40 -52.98 -66.61 41.30
CA THR F 40 -52.82 -65.19 41.58
C THR F 40 -52.95 -64.36 40.30
N ARG F 41 -54.06 -64.55 39.59
CA ARG F 41 -54.38 -63.79 38.38
C ARG F 41 -53.27 -63.97 37.33
N ASN F 42 -53.13 -65.21 36.88
CA ASN F 42 -52.14 -65.56 35.85
C ASN F 42 -52.68 -66.73 35.04
N PRO F 43 -53.70 -66.51 34.21
CA PRO F 43 -54.27 -67.61 33.44
C PRO F 43 -53.23 -68.24 32.52
N VAL F 44 -53.31 -69.56 32.38
CA VAL F 44 -52.41 -70.33 31.53
C VAL F 44 -53.27 -71.11 30.55
N PHE F 45 -53.35 -70.63 29.31
CA PHE F 45 -54.07 -71.33 28.27
C PHE F 45 -53.28 -72.58 27.85
N PRO F 46 -53.95 -73.56 27.24
CA PRO F 46 -53.27 -74.81 26.90
C PRO F 46 -52.24 -74.61 25.79
N ARG F 47 -50.99 -74.98 26.07
CA ARG F 47 -49.89 -74.87 25.12
C ARG F 47 -49.46 -73.41 24.90
N PHE F 48 -49.34 -72.65 25.99
CA PHE F 48 -48.91 -71.26 25.94
C PHE F 48 -47.83 -70.99 26.97
N ILE F 49 -46.88 -70.14 26.59
CA ILE F 49 -45.82 -69.71 27.50
C ILE F 49 -46.37 -68.60 28.37
N LYS F 50 -46.39 -68.83 29.69
CA LYS F 50 -46.79 -67.81 30.64
C LYS F 50 -45.76 -67.71 31.74
N ILE F 51 -45.73 -66.57 32.42
CA ILE F 51 -44.79 -66.33 33.52
C ILE F 51 -45.60 -66.04 34.78
N ILE F 52 -45.29 -66.76 35.85
CA ILE F 52 -45.97 -66.61 37.13
C ILE F 52 -44.97 -66.04 38.14
N GLU F 53 -45.41 -65.02 38.87
CA GLU F 53 -44.62 -64.36 39.91
C GLU F 53 -45.54 -64.18 41.12
N VAL F 54 -45.45 -65.10 42.08
CA VAL F 54 -46.27 -65.06 43.29
C VAL F 54 -45.44 -64.48 44.42
N LYS F 55 -46.03 -63.55 45.18
CA LYS F 55 -45.30 -62.90 46.26
C LYS F 55 -44.87 -63.90 47.32
N ASN F 56 -45.74 -64.84 47.68
CA ASN F 56 -45.43 -65.80 48.73
C ASN F 56 -44.16 -66.56 48.39
N LYS F 57 -43.24 -66.64 49.36
CA LYS F 57 -42.00 -67.37 49.18
C LYS F 57 -42.14 -68.87 49.43
N LYS F 58 -43.31 -69.31 49.89
CA LYS F 58 -43.53 -70.74 50.10
C LYS F 58 -43.42 -71.50 48.79
N LEU F 59 -43.99 -70.94 47.71
CA LEU F 59 -43.83 -71.56 46.41
C LEU F 59 -42.38 -71.64 46.00
N VAL F 60 -41.57 -70.66 46.39
CA VAL F 60 -40.13 -70.74 46.11
C VAL F 60 -39.54 -71.96 46.80
N GLU F 61 -39.94 -72.21 48.05
CA GLU F 61 -39.44 -73.39 48.76
C GLU F 61 -39.89 -74.68 48.08
N LEU F 62 -41.16 -74.74 47.68
CA LEU F 62 -41.63 -75.92 46.94
C LEU F 62 -40.83 -76.12 45.66
N LEU F 63 -40.58 -75.03 44.95
CA LEU F 63 -39.85 -75.08 43.68
C LEU F 63 -38.43 -75.58 43.88
N ARG F 64 -37.76 -75.11 44.93
CA ARG F 64 -36.44 -75.62 45.27
C ARG F 64 -36.51 -77.07 45.73
N ARG F 65 -37.65 -77.49 46.28
CA ARG F 65 -37.81 -78.86 46.76
C ARG F 65 -37.99 -79.84 45.61
N LYS F 66 -38.54 -79.40 44.48
CA LYS F 66 -38.72 -80.26 43.32
C LYS F 66 -37.50 -80.32 42.41
N VAL F 67 -36.48 -79.49 42.68
CA VAL F 67 -35.24 -79.56 41.90
C VAL F 67 -34.60 -80.93 42.07
N ARG F 68 -34.53 -81.40 43.32
CA ARG F 68 -33.93 -82.71 43.60
C ARG F 68 -34.73 -83.83 42.96
N LEU F 69 -36.03 -83.64 42.73
CA LEU F 69 -36.84 -84.68 42.13
C LEU F 69 -36.31 -85.02 40.73
N ALA F 70 -36.26 -86.32 40.42
CA ALA F 70 -35.73 -86.74 39.13
C ALA F 70 -36.56 -86.17 37.98
N GLN F 71 -37.89 -86.13 38.15
CA GLN F 71 -38.77 -85.59 37.13
C GLN F 71 -39.21 -84.19 37.54
N PRO F 72 -38.69 -83.13 36.92
CA PRO F 72 -39.18 -81.78 37.24
C PRO F 72 -40.44 -81.46 36.45
N TYR F 73 -41.53 -81.19 37.17
CA TYR F 73 -42.81 -80.91 36.55
C TYR F 73 -43.63 -79.99 37.44
N VAL F 74 -44.64 -79.37 36.86
CA VAL F 74 -45.51 -78.45 37.59
C VAL F 74 -46.91 -78.56 37.02
N GLY F 75 -47.90 -78.51 37.91
CA GLY F 75 -49.30 -78.53 37.53
C GLY F 75 -49.95 -77.18 37.79
N VAL F 76 -50.62 -76.66 36.76
CA VAL F 76 -51.32 -75.39 36.84
C VAL F 76 -52.81 -75.66 36.68
N PHE F 77 -53.59 -75.19 37.64
CA PHE F 77 -55.04 -75.33 37.64
C PHE F 77 -55.69 -73.97 37.41
N LEU F 78 -57.02 -73.95 37.41
CA LEU F 78 -57.79 -72.74 37.21
C LEU F 78 -58.60 -72.47 38.46
N LYS F 79 -58.54 -71.24 38.96
CA LYS F 79 -59.27 -70.87 40.16
C LYS F 79 -60.72 -70.52 39.82
N ARG F 80 -61.61 -70.75 40.78
CA ARG F 80 -63.01 -70.41 40.62
C ARG F 80 -63.21 -68.91 40.77
N ASP F 81 -64.36 -68.43 40.29
CA ASP F 81 -64.69 -67.02 40.37
C ASP F 81 -64.64 -66.54 41.82
N ASP F 82 -64.54 -65.23 42.02
CA ASP F 82 -64.38 -64.65 43.36
C ASP F 82 -63.12 -65.21 44.02
N SER F 83 -61.98 -64.92 43.39
CA SER F 83 -60.71 -65.44 43.88
C SER F 83 -60.40 -64.89 45.27
N ASN F 84 -59.84 -65.75 46.12
CA ASN F 84 -59.46 -65.37 47.47
C ASN F 84 -58.15 -66.05 47.80
N GLU F 85 -57.12 -65.26 48.12
CA GLU F 85 -55.81 -65.82 48.44
C GLU F 85 -55.88 -66.70 49.68
N SER F 86 -56.62 -66.26 50.71
CA SER F 86 -56.72 -67.04 51.92
C SER F 86 -57.38 -68.39 51.66
N ASP F 87 -58.44 -68.40 50.84
CA ASP F 87 -59.15 -69.65 50.57
C ASP F 87 -58.28 -70.64 49.81
N VAL F 88 -57.28 -70.15 49.06
CA VAL F 88 -56.39 -71.06 48.35
C VAL F 88 -55.66 -71.97 49.33
N VAL F 89 -55.17 -71.40 50.43
CA VAL F 89 -54.50 -72.19 51.46
C VAL F 89 -55.47 -72.82 52.44
N GLU F 90 -56.68 -72.29 52.57
CA GLU F 90 -57.66 -72.81 53.52
C GLU F 90 -58.51 -73.91 52.92
N SER F 91 -58.96 -73.74 51.68
CA SER F 91 -59.83 -74.72 51.02
C SER F 91 -59.22 -75.10 49.68
N LEU F 92 -59.18 -76.40 49.41
CA LEU F 92 -58.68 -76.91 48.14
C LEU F 92 -59.78 -77.10 47.10
N ASP F 93 -61.04 -76.88 47.47
CA ASP F 93 -62.17 -77.03 46.55
C ASP F 93 -62.41 -75.79 45.70
N GLU F 94 -61.79 -74.67 46.03
CA GLU F 94 -61.96 -73.47 45.22
C GLU F 94 -61.40 -73.65 43.83
N ILE F 95 -60.27 -74.34 43.72
CA ILE F 95 -59.60 -74.52 42.43
C ILE F 95 -60.41 -75.50 41.57
N HIS F 97 -61.34 -78.56 39.05
CA HIS F 97 -60.87 -79.93 38.90
C HIS F 97 -59.92 -80.04 37.70
N THR F 98 -60.27 -79.36 36.63
CA THR F 98 -59.43 -79.38 35.43
C THR F 98 -58.08 -78.72 35.71
N GLY F 99 -57.03 -79.30 35.14
CA GLY F 99 -55.69 -78.78 35.29
C GLY F 99 -54.83 -79.17 34.11
N THR F 100 -53.59 -78.70 34.12
CA THR F 100 -52.64 -79.00 33.06
C THR F 100 -51.26 -79.16 33.67
N PHE F 101 -50.62 -80.29 33.41
CA PHE F 101 -49.30 -80.60 33.93
C PHE F 101 -48.27 -80.46 32.81
N ALA F 102 -47.11 -79.91 33.16
CA ALA F 102 -46.05 -79.65 32.18
C ALA F 102 -44.70 -79.77 32.89
N GLN F 103 -43.65 -79.45 32.17
CA GLN F 103 -42.27 -79.54 32.67
C GLN F 103 -41.67 -78.15 32.74
N ILE F 104 -41.00 -77.85 33.86
CA ILE F 104 -40.33 -76.57 34.01
C ILE F 104 -39.17 -76.49 33.03
N HIS F 105 -39.06 -75.34 32.36
CA HIS F 105 -37.99 -75.14 31.39
C HIS F 105 -36.69 -74.72 32.08
N GLU F 106 -36.71 -73.58 32.76
CA GLU F 106 -35.54 -73.10 33.46
C GLU F 106 -35.92 -71.92 34.34
N MET F 107 -35.25 -71.79 35.48
CA MET F 107 -35.46 -70.65 36.37
C MET F 107 -34.71 -69.43 35.87
N GLN F 108 -35.36 -68.26 35.92
CA GLN F 108 -34.72 -66.99 35.65
C GLN F 108 -34.50 -66.19 36.94
N ASP F 109 -35.57 -65.90 37.68
CA ASP F 109 -35.50 -65.10 38.90
C ASP F 109 -34.64 -63.86 38.69
N LEU F 110 -34.88 -63.16 37.57
CA LEU F 110 -34.09 -61.98 37.24
C LEU F 110 -34.25 -60.90 38.29
N GLY F 111 -35.47 -60.38 38.43
CA GLY F 111 -35.74 -59.34 39.41
C GLY F 111 -36.50 -59.86 40.61
N ASP F 112 -37.48 -60.72 40.37
CA ASP F 112 -38.29 -61.32 41.43
C ASP F 112 -37.76 -62.71 41.76
N LYS F 113 -37.80 -63.06 43.04
CA LYS F 113 -37.34 -64.37 43.46
C LYS F 113 -38.15 -65.51 42.83
N LEU F 114 -39.35 -65.21 42.34
CA LEU F 114 -40.22 -66.21 41.73
C LEU F 114 -40.66 -65.70 40.36
N ARG F 115 -40.16 -66.32 39.30
CA ARG F 115 -40.48 -65.95 37.92
C ARG F 115 -40.68 -67.19 37.06
N MET F 116 -41.42 -68.17 37.56
CA MET F 116 -41.50 -69.44 36.84
C MET F 116 -42.18 -69.29 35.49
N ILE F 117 -41.80 -70.21 34.58
CA ILE F 117 -42.38 -70.31 33.25
C ILE F 117 -43.28 -71.53 33.22
N VAL F 118 -44.54 -71.33 32.83
CA VAL F 118 -45.54 -72.38 32.86
C VAL F 118 -46.10 -72.57 31.45
N MET F 119 -46.26 -73.84 31.08
CA MET F 119 -46.81 -74.25 29.79
C MET F 119 -48.01 -75.16 30.04
N GLY F 120 -48.91 -75.19 29.06
CA GLY F 120 -49.98 -76.17 29.07
C GLY F 120 -49.67 -77.31 28.14
N HIS F 121 -49.22 -78.44 28.69
CA HIS F 121 -48.75 -79.56 27.89
C HIS F 121 -49.70 -80.75 27.96
N ARG F 122 -49.99 -81.25 29.16
CA ARG F 122 -50.87 -82.40 29.32
C ARG F 122 -52.09 -81.96 30.14
N ARG F 123 -53.22 -81.77 29.45
CA ARG F 123 -54.45 -81.43 30.14
C ARG F 123 -55.02 -82.67 30.82
N VAL F 124 -55.78 -82.43 31.90
CA VAL F 124 -56.36 -83.51 32.69
C VAL F 124 -57.53 -82.93 33.47
N HIS F 125 -58.47 -83.81 33.86
CA HIS F 125 -59.62 -83.41 34.66
C HIS F 125 -59.67 -84.33 35.88
N ILE F 126 -59.14 -83.85 37.00
CA ILE F 126 -59.11 -84.66 38.21
C ILE F 126 -60.54 -84.97 38.64
N SER F 127 -60.80 -86.25 38.89
CA SER F 127 -62.14 -86.65 39.30
C SER F 127 -62.57 -85.91 40.56
N ARG F 128 -61.83 -86.10 41.66
CA ARG F 128 -62.12 -85.46 42.94
C ARG F 128 -60.82 -84.87 43.48
N GLN F 129 -60.61 -83.57 43.24
CA GLN F 129 -59.41 -82.91 43.74
C GLN F 129 -59.34 -82.90 45.25
N LEU F 130 -60.48 -82.99 45.94
CA LEU F 130 -60.47 -83.00 47.39
C LEU F 130 -59.75 -84.24 47.93
N GLU F 131 -60.00 -85.39 47.33
CA GLU F 131 -59.40 -86.63 47.77
C GLU F 131 -57.89 -86.61 47.55
N MET F 182 -52.73 -87.77 44.33
CA MET F 182 -54.11 -88.02 43.97
C MET F 182 -54.20 -88.88 42.70
N VAL F 183 -55.34 -89.53 42.51
CA VAL F 183 -55.55 -90.37 41.34
C VAL F 183 -55.89 -89.48 40.14
N GLU F 184 -55.18 -89.69 39.04
CA GLU F 184 -55.39 -88.92 37.82
C GLU F 184 -55.38 -89.86 36.62
N VAL F 185 -56.17 -89.52 35.61
CA VAL F 185 -56.27 -90.29 34.38
C VAL F 185 -56.07 -89.34 33.20
N GLU F 186 -55.20 -89.72 32.28
CA GLU F 186 -54.94 -88.91 31.07
C GLU F 186 -56.12 -89.06 30.11
N ASN F 187 -57.27 -88.53 30.54
CA ASN F 187 -58.49 -88.59 29.75
C ASN F 187 -58.55 -87.42 28.76
N VAL F 188 -57.58 -87.42 27.85
CA VAL F 188 -57.49 -86.40 26.80
C VAL F 188 -58.31 -86.91 25.62
N VAL F 189 -59.58 -86.51 25.57
CA VAL F 189 -60.50 -86.98 24.54
C VAL F 189 -60.30 -86.14 23.29
N HIS F 190 -60.03 -86.82 22.16
CA HIS F 190 -59.88 -86.17 20.87
C HIS F 190 -60.60 -86.97 19.80
N GLU F 191 -61.82 -87.41 20.09
CA GLU F 191 -62.60 -88.17 19.12
C GLU F 191 -62.79 -87.35 17.85
N ASP F 192 -62.50 -87.96 16.71
CA ASP F 192 -62.62 -87.31 15.42
C ASP F 192 -63.32 -88.25 14.45
N PHE F 193 -64.15 -87.70 13.58
CA PHE F 193 -64.93 -88.50 12.66
C PHE F 193 -64.02 -89.20 11.65
N GLN F 194 -64.52 -90.29 11.09
CA GLN F 194 -63.74 -91.05 10.12
C GLN F 194 -63.37 -90.18 8.92
N VAL F 195 -64.33 -89.40 8.43
CA VAL F 195 -64.09 -88.47 7.33
C VAL F 195 -63.53 -87.17 7.89
N THR F 196 -62.46 -86.67 7.30
CA THR F 196 -61.82 -85.42 7.71
C THR F 196 -61.60 -84.52 6.50
N GLU F 197 -62.61 -84.40 5.64
CA GLU F 197 -62.51 -83.61 4.42
C GLU F 197 -63.11 -82.22 4.60
N GLU F 198 -64.38 -82.14 5.01
CA GLU F 198 -65.05 -80.85 5.14
C GLU F 198 -64.78 -80.18 6.48
N VAL F 199 -64.41 -80.94 7.51
CA VAL F 199 -64.21 -80.35 8.83
C VAL F 199 -63.01 -79.41 8.83
N LYS F 200 -61.97 -79.75 8.06
CA LYS F 200 -60.76 -78.91 8.06
C LYS F 200 -61.02 -77.56 7.43
N ALA F 201 -62.03 -77.46 6.56
CA ALA F 201 -62.44 -76.15 6.06
C ALA F 201 -62.91 -75.26 7.20
N LEU F 202 -63.46 -75.86 8.26
CA LEU F 202 -63.83 -75.06 9.43
C LEU F 202 -62.58 -74.49 10.11
N THR F 203 -61.51 -75.28 10.19
CA THR F 203 -60.25 -74.74 10.71
C THR F 203 -59.73 -73.62 9.82
N ALA F 204 -59.90 -73.77 8.51
CA ALA F 204 -59.54 -72.70 7.58
C ALA F 204 -60.33 -71.43 7.90
N GLU F 205 -61.63 -71.58 8.14
CA GLU F 205 -62.44 -70.42 8.50
C GLU F 205 -62.03 -69.84 9.85
N ILE F 206 -61.59 -70.69 10.78
CA ILE F 206 -61.11 -70.21 12.07
C ILE F 206 -59.87 -69.35 11.89
N VAL F 207 -58.93 -69.80 11.06
CA VAL F 207 -57.73 -69.00 10.82
C VAL F 207 -58.09 -67.74 10.05
N LYS F 208 -59.14 -67.78 9.22
CA LYS F 208 -59.62 -66.55 8.59
C LYS F 208 -60.15 -65.56 9.63
N THR F 209 -60.89 -66.07 10.61
CA THR F 209 -61.36 -65.22 11.70
C THR F 209 -60.19 -64.64 12.48
N ILE F 210 -59.15 -65.45 12.72
CA ILE F 210 -57.96 -64.95 13.39
C ILE F 210 -57.31 -63.85 12.56
N ARG F 211 -57.25 -64.03 11.24
CA ARG F 211 -56.72 -63.00 10.35
C ARG F 211 -57.50 -61.71 10.50
N ASP F 212 -58.83 -61.79 10.49
CA ASP F 212 -59.65 -60.60 10.66
C ASP F 212 -59.37 -59.92 12.00
N ILE F 213 -59.31 -60.71 13.06
CA ILE F 213 -59.11 -60.15 14.40
C ILE F 213 -57.76 -59.45 14.49
N ILE F 214 -56.70 -60.09 13.98
CA ILE F 214 -55.37 -59.47 14.05
C ILE F 214 -55.33 -58.20 13.21
N ALA F 215 -55.97 -58.24 12.04
CA ALA F 215 -55.96 -57.06 11.17
C ALA F 215 -56.66 -55.88 11.84
N LEU F 216 -57.81 -56.14 12.46
CA LEU F 216 -58.61 -55.03 12.99
C LEU F 216 -58.27 -54.71 14.44
N ASN F 217 -57.96 -55.74 15.24
CA ASN F 217 -57.60 -55.55 16.66
C ASN F 217 -56.32 -56.32 16.94
N PRO F 218 -55.16 -55.75 16.56
CA PRO F 218 -53.90 -56.46 16.79
C PRO F 218 -53.66 -56.71 18.27
N LEU F 219 -53.11 -57.88 18.57
CA LEU F 219 -52.73 -58.26 19.93
C LEU F 219 -51.28 -58.72 20.03
N TYR F 220 -50.77 -59.42 19.01
CA TYR F 220 -49.40 -59.90 19.01
C TYR F 220 -48.90 -59.94 17.58
N ARG F 221 -47.60 -60.20 17.44
CA ARG F 221 -46.98 -60.23 16.13
C ARG F 221 -47.54 -61.36 15.29
N GLU F 222 -47.62 -61.13 13.98
CA GLU F 222 -48.13 -62.11 13.04
C GLU F 222 -47.09 -63.14 12.61
N SER F 223 -45.84 -62.98 13.06
CA SER F 223 -44.80 -63.93 12.68
C SER F 223 -45.15 -65.34 13.13
N VAL F 224 -45.78 -65.47 14.30
CA VAL F 224 -46.19 -66.79 14.78
C VAL F 224 -47.24 -67.39 13.84
N LEU F 225 -48.14 -66.54 13.34
CA LEU F 225 -49.16 -67.04 12.42
C LEU F 225 -48.54 -67.59 11.15
N GLN F 226 -47.48 -66.94 10.64
CA GLN F 226 -46.80 -67.45 9.46
C GLN F 226 -45.93 -68.65 9.79
N MET F 227 -45.48 -68.78 11.04
CA MET F 227 -44.65 -69.91 11.43
C MET F 227 -45.40 -71.21 11.23
N MET F 228 -46.67 -71.25 11.62
CA MET F 228 -47.52 -72.42 11.48
C MET F 228 -48.64 -72.08 10.51
N GLN F 229 -48.83 -72.93 9.51
CA GLN F 229 -49.89 -72.73 8.52
C GLN F 229 -50.54 -74.07 8.20
N ALA F 230 -51.81 -74.01 7.80
CA ALA F 230 -52.53 -75.22 7.45
C ALA F 230 -51.92 -75.88 6.20
N GLY F 231 -51.45 -75.06 5.26
CA GLY F 231 -50.88 -75.59 4.03
C GLY F 231 -49.54 -76.25 4.19
N GLN F 232 -48.85 -76.04 5.32
CA GLN F 232 -47.58 -76.69 5.58
C GLN F 232 -47.74 -78.11 6.09
N ARG F 233 -48.96 -78.55 6.37
CA ARG F 233 -49.23 -79.88 6.90
C ARG F 233 -48.37 -80.17 8.13
N VAL F 234 -48.38 -79.21 9.05
CA VAL F 234 -47.68 -79.35 10.32
C VAL F 234 -48.63 -79.62 11.49
N VAL F 235 -49.92 -79.36 11.33
CA VAL F 235 -50.87 -79.44 12.46
C VAL F 235 -51.36 -80.87 12.50
N ASP F 236 -50.60 -81.72 13.18
CA ASP F 236 -51.04 -83.08 13.45
C ASP F 236 -52.06 -83.15 14.57
N ASN F 237 -52.18 -82.08 15.36
CA ASN F 237 -53.14 -81.99 16.47
C ASN F 237 -53.91 -80.68 16.30
N PRO F 238 -54.96 -80.66 15.48
CA PRO F 238 -55.70 -79.41 15.26
C PRO F 238 -56.33 -78.85 16.52
N ILE F 239 -56.52 -79.66 17.57
CA ILE F 239 -57.00 -79.13 18.83
C ILE F 239 -56.04 -78.10 19.40
N TYR F 240 -54.73 -78.35 19.22
CA TYR F 240 -53.74 -77.39 19.67
C TYR F 240 -53.88 -76.07 18.91
N LEU F 241 -54.12 -76.14 17.60
CA LEU F 241 -54.32 -74.92 16.82
C LEU F 241 -55.59 -74.19 17.26
N SER F 242 -56.66 -74.94 17.53
CA SER F 242 -57.89 -74.31 17.97
C SER F 242 -57.68 -73.59 19.31
N ASP F 243 -56.95 -74.22 20.22
CA ASP F 243 -56.63 -73.55 21.48
C ASP F 243 -55.76 -72.31 21.24
N MET F 244 -54.80 -72.42 20.32
CA MET F 244 -53.97 -71.26 19.97
C MET F 244 -54.83 -70.10 19.52
N GLY F 245 -55.82 -70.38 18.67
CA GLY F 245 -56.73 -69.34 18.23
C GLY F 245 -57.62 -68.82 19.35
N ALA F 246 -58.07 -69.72 20.23
CA ALA F 246 -59.06 -69.35 21.24
C ALA F 246 -58.46 -68.52 22.38
N ALA F 247 -57.19 -68.73 22.72
CA ALA F 247 -56.60 -67.96 23.80
C ALA F 247 -56.53 -66.47 23.45
N LEU F 248 -56.18 -66.15 22.21
CA LEU F 248 -56.08 -64.75 21.80
C LEU F 248 -57.38 -63.99 22.03
N THR F 249 -58.49 -64.70 22.21
CA THR F 249 -59.74 -64.04 22.52
C THR F 249 -59.66 -63.34 23.87
N GLY F 250 -60.45 -62.29 24.02
CA GLY F 250 -60.54 -61.57 25.28
C GLY F 250 -61.60 -62.16 26.18
N ALA F 251 -62.02 -63.39 25.88
CA ALA F 251 -63.09 -64.03 26.63
C ALA F 251 -62.70 -64.21 28.10
N GLU F 252 -63.70 -64.45 28.92
CA GLU F 252 -63.51 -64.57 30.36
C GLU F 252 -62.84 -65.88 30.72
N SER F 253 -62.26 -65.93 31.92
CA SER F 253 -61.81 -67.20 32.46
C SER F 253 -62.99 -68.16 32.63
N HIS F 254 -64.15 -67.63 33.02
CA HIS F 254 -65.36 -68.44 33.07
C HIS F 254 -65.71 -68.98 31.68
N GLU F 255 -65.56 -68.15 30.65
CA GLU F 255 -65.83 -68.61 29.29
C GLU F 255 -64.88 -69.74 28.89
N LEU F 256 -63.60 -69.62 29.24
CA LEU F 256 -62.65 -70.68 28.94
C LEU F 256 -63.00 -71.95 29.69
N GLN F 257 -63.41 -71.84 30.95
CA GLN F 257 -63.84 -73.02 31.69
C GLN F 257 -65.04 -73.67 31.03
N ASP F 258 -66.01 -72.86 30.60
CA ASP F 258 -67.19 -73.40 29.92
C ASP F 258 -66.80 -74.10 28.62
N VAL F 259 -65.86 -73.52 27.87
CA VAL F 259 -65.37 -74.15 26.65
C VAL F 259 -64.75 -75.50 26.97
N LEU F 260 -63.95 -75.55 28.04
CA LEU F 260 -63.33 -76.81 28.43
C LEU F 260 -64.37 -77.85 28.83
N GLU F 261 -65.43 -77.43 29.53
CA GLU F 261 -66.45 -78.38 29.96
C GLU F 261 -67.09 -79.09 28.76
N GLU F 262 -67.20 -78.41 27.62
CA GLU F 262 -67.72 -79.07 26.43
C GLU F 262 -66.81 -80.23 26.04
N THR F 263 -67.42 -81.36 25.69
CA THR F 263 -66.70 -82.60 25.42
C THR F 263 -66.55 -82.86 23.92
N ASN F 264 -67.66 -82.88 23.20
CA ASN F 264 -67.62 -83.17 21.77
C ASN F 264 -66.83 -82.11 21.03
N ILE F 265 -66.03 -82.55 20.06
CA ILE F 265 -65.22 -81.60 19.27
C ILE F 265 -66.11 -80.59 18.55
N PRO F 266 -67.16 -80.97 17.84
CA PRO F 266 -67.99 -79.95 17.17
C PRO F 266 -68.59 -78.95 18.15
N LYS F 267 -68.98 -79.40 19.34
CA LYS F 267 -69.63 -78.52 20.29
C LYS F 267 -68.65 -77.51 20.87
N ARG F 268 -67.44 -77.96 21.23
CA ARG F 268 -66.44 -77.02 21.71
C ARG F 268 -66.01 -76.07 20.59
N LEU F 269 -65.92 -76.57 19.36
CA LEU F 269 -65.59 -75.69 18.24
C LEU F 269 -66.66 -74.62 18.05
N TYR F 270 -67.93 -75.00 18.13
CA TYR F 270 -69.01 -74.04 17.98
C TYR F 270 -69.02 -73.03 19.12
N LYS F 271 -68.74 -73.49 20.35
CA LYS F 271 -68.66 -72.57 21.48
C LYS F 271 -67.51 -71.58 21.30
N ALA F 272 -66.36 -72.06 20.83
CA ALA F 272 -65.24 -71.17 20.57
C ALA F 272 -65.58 -70.16 19.48
N LEU F 273 -66.27 -70.62 18.43
CA LEU F 273 -66.67 -69.70 17.37
C LEU F 273 -67.66 -68.66 17.89
N SER F 274 -68.58 -69.07 18.75
CA SER F 274 -69.53 -68.11 19.33
C SER F 274 -68.81 -67.10 20.21
N LEU F 275 -67.83 -67.55 21.00
CA LEU F 275 -67.04 -66.62 21.80
C LEU F 275 -66.27 -65.66 20.91
N LEU F 276 -65.69 -66.17 19.81
CA LEU F 276 -65.02 -65.30 18.85
C LEU F 276 -65.98 -64.26 18.30
N LYS F 277 -67.20 -64.68 17.94
CA LYS F 277 -68.18 -63.74 17.41
C LYS F 277 -68.54 -62.68 18.44
N LYS F 278 -68.75 -63.08 19.69
CA LYS F 278 -69.12 -62.12 20.72
C LYS F 278 -67.98 -61.13 20.97
N GLU F 279 -66.75 -61.63 21.08
CA GLU F 279 -65.61 -60.74 21.29
C GLU F 279 -65.42 -59.80 20.12
N PHE F 280 -65.58 -60.30 18.89
CA PHE F 280 -65.47 -59.45 17.72
C PHE F 280 -66.56 -58.38 17.70
N GLU F 281 -67.79 -58.76 18.07
CA GLU F 281 -68.87 -57.78 18.11
C GLU F 281 -68.59 -56.71 19.15
N LEU F 282 -68.10 -57.11 20.32
CA LEU F 282 -67.76 -56.13 21.35
C LEU F 282 -66.64 -55.21 20.88
N SER F 283 -65.62 -55.77 20.23
CA SER F 283 -64.53 -54.95 19.72
C SER F 283 -65.02 -53.98 18.66
N LYS F 284 -65.91 -54.42 17.78
CA LYS F 284 -66.45 -53.54 16.74
C LYS F 284 -67.29 -52.44 17.36
N LEU F 285 -68.11 -52.75 18.36
CA LEU F 285 -68.88 -51.70 19.01
C LEU F 285 -67.96 -50.69 19.68
N GLN F 286 -66.92 -51.16 20.37
CA GLN F 286 -65.98 -50.25 21.02
C GLN F 286 -65.26 -49.39 19.98
N GLN F 287 -64.83 -49.98 18.87
CA GLN F 287 -64.13 -49.22 17.85
C GLN F 287 -65.05 -48.20 17.18
N ARG F 288 -66.31 -48.59 16.94
CA ARG F 288 -67.25 -47.65 16.34
C ARG F 288 -67.55 -46.49 17.27
N LEU F 289 -67.72 -46.77 18.57
CA LEU F 289 -67.93 -45.67 19.52
C LEU F 289 -66.70 -44.78 19.59
N GLY F 290 -65.50 -45.38 19.56
CA GLY F 290 -64.29 -44.60 19.53
C GLY F 290 -64.20 -43.72 18.30
N ARG F 291 -64.59 -44.26 17.13
CA ARG F 291 -64.57 -43.47 15.90
C ARG F 291 -65.60 -42.35 15.94
N GLU F 292 -66.77 -42.62 16.51
CA GLU F 292 -67.77 -41.55 16.66
C GLU F 292 -67.24 -40.45 17.55
N VAL F 293 -66.62 -40.81 18.68
CA VAL F 293 -66.01 -39.82 19.54
C VAL F 293 -64.88 -39.10 18.80
N GLU F 294 -64.17 -39.81 17.92
CA GLU F 294 -63.11 -39.20 17.15
C GLU F 294 -63.65 -38.10 16.24
N GLU F 295 -64.73 -38.38 15.52
CA GLU F 295 -65.32 -37.34 14.68
C GLU F 295 -65.87 -36.20 15.54
N LYS F 296 -66.47 -36.54 16.70
CA LYS F 296 -67.01 -35.52 17.57
C LYS F 296 -65.94 -34.53 18.02
N ILE F 297 -64.79 -35.04 18.46
CA ILE F 297 -63.71 -34.16 18.90
C ILE F 297 -62.95 -33.57 17.71
N LYS F 298 -63.06 -34.18 16.52
CA LYS F 298 -62.52 -33.59 15.31
C LYS F 298 -63.37 -32.43 14.83
N GLN F 299 -64.62 -32.33 15.31
CA GLN F 299 -65.39 -31.12 15.04
C GLN F 299 -64.63 -29.88 15.49
N THR F 300 -63.78 -30.02 16.51
CA THR F 300 -62.84 -28.97 16.86
C THR F 300 -62.15 -28.46 15.59
N HIS F 301 -62.27 -27.16 15.35
CA HIS F 301 -61.79 -26.59 14.10
C HIS F 301 -60.28 -26.73 13.98
N ARG F 302 -59.81 -26.85 12.74
CA ARG F 302 -58.38 -26.91 12.50
C ARG F 302 -57.68 -25.62 12.92
N LYS F 303 -58.45 -24.54 13.11
CA LYS F 303 -57.88 -23.32 13.67
C LYS F 303 -57.25 -23.59 15.03
N TYR F 304 -57.83 -24.52 15.80
CA TYR F 304 -57.22 -24.87 17.09
C TYR F 304 -55.84 -25.50 16.88
N LEU F 305 -55.71 -26.39 15.90
CA LEU F 305 -54.41 -26.98 15.62
C LEU F 305 -53.42 -25.93 15.13
N LEU F 306 -53.88 -25.01 14.27
CA LEU F 306 -52.98 -23.94 13.80
C LEU F 306 -52.54 -23.07 14.96
N GLN F 307 -53.45 -22.74 15.88
CA GLN F 307 -53.09 -21.94 17.05
C GLN F 307 -52.12 -22.69 17.94
N GLU F 308 -52.29 -23.99 18.09
CA GLU F 308 -51.35 -24.78 18.88
C GLU F 308 -49.97 -24.78 18.25
N GLN F 309 -49.91 -24.92 16.92
CA GLN F 309 -48.62 -24.80 16.23
C GLN F 309 -48.00 -23.43 16.47
N LEU F 310 -48.82 -22.38 16.40
CA LEU F 310 -48.32 -21.02 16.64
C LEU F 310 -47.76 -20.89 18.05
N LYS F 311 -48.48 -21.41 19.04
CA LYS F 311 -48.00 -21.34 20.42
C LYS F 311 -46.68 -22.09 20.57
N ILE F 312 -46.58 -23.28 19.98
CA ILE F 312 -45.31 -24.00 20.01
C ILE F 312 -44.21 -23.13 19.43
N ILE F 313 -44.52 -22.45 18.33
CA ILE F 313 -43.56 -21.51 17.74
C ILE F 313 -43.14 -20.47 18.77
N LYS F 314 -44.10 -19.97 19.55
CA LYS F 314 -43.75 -19.05 20.62
C LYS F 314 -42.98 -19.76 21.73
N LYS F 315 -43.43 -20.95 22.13
CA LYS F 315 -42.77 -21.72 23.18
C LYS F 315 -41.57 -22.46 22.57
N GLU F 316 -40.52 -21.69 22.29
CA GLU F 316 -39.30 -22.25 21.73
C GLU F 316 -38.14 -21.36 22.14
N LEU F 317 -37.29 -21.87 23.03
CA LEU F 317 -36.10 -21.16 23.49
C LEU F 317 -36.45 -19.77 24.02
N GLY F 318 -37.45 -19.73 24.91
CA GLY F 318 -37.81 -18.50 25.58
C GLY F 318 -36.91 -18.14 26.75
N LEU F 319 -36.12 -19.09 27.24
CA LEU F 319 -35.18 -18.84 28.33
C LEU F 319 -35.88 -18.25 29.54
N GLU F 320 -37.04 -18.81 29.88
CA GLU F 320 -37.80 -18.39 31.05
C GLU F 320 -38.07 -16.89 31.03
N LYS F 321 -38.48 -16.38 29.87
CA LYS F 321 -38.85 -14.99 29.71
C LYS F 321 -37.71 -14.05 30.13
N ASP F 322 -36.47 -14.45 29.83
CA ASP F 322 -35.33 -13.64 30.21
C ASP F 322 -35.24 -12.34 29.44
N ASP F 323 -35.91 -12.25 28.28
CA ASP F 323 -35.84 -11.13 27.34
C ASP F 323 -34.51 -11.08 26.60
N LYS F 324 -33.61 -12.03 26.86
CA LYS F 324 -32.35 -12.15 26.14
C LYS F 324 -32.48 -13.25 25.09
N ASP F 325 -31.90 -13.02 23.91
CA ASP F 325 -32.05 -13.83 22.72
C ASP F 325 -33.37 -13.52 22.02
N ALA F 326 -34.12 -12.53 22.51
CA ALA F 326 -35.29 -11.98 21.83
C ALA F 326 -34.92 -10.83 20.91
N ILE F 327 -33.69 -10.85 20.37
CA ILE F 327 -33.14 -9.69 19.68
C ILE F 327 -34.07 -9.25 18.55
N GLU F 328 -34.53 -10.21 17.76
CA GLU F 328 -35.44 -9.90 16.66
C GLU F 328 -36.72 -9.26 17.18
N GLU F 329 -37.31 -9.84 18.22
CA GLU F 329 -38.54 -9.29 18.79
C GLU F 329 -38.27 -7.92 19.41
N LYS F 330 -37.14 -7.77 20.10
CA LYS F 330 -36.83 -6.48 20.73
C LYS F 330 -36.70 -5.39 19.68
N PHE F 331 -36.03 -5.69 18.57
CA PHE F 331 -35.91 -4.71 17.50
C PHE F 331 -37.23 -4.44 16.83
N ARG F 332 -38.07 -5.47 16.67
CA ARG F 332 -39.37 -5.25 16.05
C ARG F 332 -40.22 -4.32 16.90
N GLU F 333 -40.21 -4.51 18.22
CA GLU F 333 -40.97 -3.62 19.09
C GLU F 333 -40.35 -2.23 19.12
N ARG F 334 -39.02 -2.13 19.06
CA ARG F 334 -38.38 -0.82 19.01
C ARG F 334 -38.76 -0.08 17.74
N LEU F 335 -38.85 -0.80 16.62
CA LEU F 335 -39.26 -0.21 15.35
C LEU F 335 -40.76 0.04 15.29
N LYS F 336 -41.53 -0.56 16.20
CA LYS F 336 -42.98 -0.40 16.18
C LYS F 336 -43.36 1.08 16.33
N GLU F 337 -42.72 1.79 17.24
CA GLU F 337 -43.05 3.20 17.50
C GLU F 337 -42.44 4.14 16.47
N LEU F 338 -41.94 3.63 15.35
CA LEU F 338 -41.21 4.43 14.37
C LEU F 338 -42.01 4.50 13.07
N VAL F 339 -42.36 5.72 12.68
CA VAL F 339 -42.97 5.97 11.37
C VAL F 339 -41.81 6.00 10.37
N VAL F 340 -41.57 4.87 9.72
CA VAL F 340 -40.26 4.61 9.12
C VAL F 340 -40.41 4.22 7.65
N PRO F 341 -39.44 4.53 6.78
CA PRO F 341 -39.61 4.24 5.35
C PRO F 341 -39.56 2.75 5.03
N LYS F 342 -39.83 2.46 3.76
CA LYS F 342 -39.89 1.08 3.29
C LYS F 342 -38.50 0.51 3.03
N HIS F 343 -37.55 1.36 2.65
CA HIS F 343 -36.21 0.87 2.33
C HIS F 343 -35.53 0.30 3.56
N VAL F 344 -35.61 1.01 4.69
CA VAL F 344 -34.95 0.49 5.88
C VAL F 344 -35.65 -0.77 6.38
N MET F 345 -36.98 -0.84 6.27
CA MET F 345 -37.66 -2.03 6.76
C MET F 345 -37.31 -3.25 5.92
N ASP F 346 -37.24 -3.13 4.59
CA ASP F 346 -36.91 -4.32 3.81
C ASP F 346 -35.44 -4.67 3.93
N VAL F 347 -34.57 -3.67 4.10
CA VAL F 347 -33.17 -3.96 4.39
C VAL F 347 -33.04 -4.71 5.71
N VAL F 348 -33.77 -4.25 6.74
CA VAL F 348 -33.75 -4.91 8.04
C VAL F 348 -34.34 -6.31 7.94
N ASP F 349 -35.34 -6.50 7.08
CA ASP F 349 -35.91 -7.83 6.88
C ASP F 349 -34.86 -8.77 6.30
N GLU F 350 -34.17 -8.33 5.25
CA GLU F 350 -33.06 -9.13 4.71
C GLU F 350 -32.04 -9.43 5.80
N GLU F 351 -31.69 -8.41 6.60
CA GLU F 351 -30.59 -8.55 7.54
C GLU F 351 -30.94 -9.50 8.68
N LEU F 352 -32.14 -9.36 9.24
CA LEU F 352 -32.55 -10.27 10.32
C LEU F 352 -32.92 -11.65 9.80
N SER F 353 -33.31 -11.78 8.53
CA SER F 353 -33.43 -13.12 7.96
C SER F 353 -32.07 -13.81 7.91
N LYS F 354 -31.04 -13.07 7.50
CA LYS F 354 -29.68 -13.59 7.61
C LYS F 354 -29.33 -13.91 9.07
N LEU F 355 -29.72 -13.01 9.98
CA LEU F 355 -29.44 -13.22 11.40
C LEU F 355 -30.01 -14.55 11.89
N GLY F 356 -31.27 -14.81 11.55
CA GLY F 356 -31.85 -16.10 11.85
C GLY F 356 -31.11 -17.24 11.18
N LEU F 357 -30.72 -17.04 9.92
CA LEU F 357 -29.95 -18.07 9.22
C LEU F 357 -28.63 -18.34 9.94
N LEU F 358 -27.97 -17.30 10.44
CA LEU F 358 -26.68 -17.44 11.08
C LEU F 358 -26.83 -17.94 12.52
N ASP F 359 -25.71 -18.33 13.12
CA ASP F 359 -25.66 -18.74 14.51
C ASP F 359 -25.29 -17.55 15.40
N ASN F 360 -25.52 -17.72 16.70
CA ASN F 360 -25.45 -16.59 17.62
C ASN F 360 -24.04 -16.02 17.72
N HIS F 361 -23.03 -16.88 17.82
CA HIS F 361 -21.70 -16.44 18.24
C HIS F 361 -20.79 -16.05 17.08
N SER F 362 -21.26 -16.12 15.85
CA SER F 362 -20.41 -15.80 14.71
C SER F 362 -19.96 -14.34 14.75
N SER F 363 -18.72 -14.10 14.33
CA SER F 363 -18.20 -12.73 14.31
C SER F 363 -18.98 -11.86 13.33
N GLU F 364 -19.27 -12.39 12.14
CA GLU F 364 -20.12 -11.66 11.20
C GLU F 364 -21.50 -11.42 11.79
N PHE F 365 -22.01 -12.40 12.54
CA PHE F 365 -23.26 -12.21 13.27
C PHE F 365 -23.13 -11.07 14.27
N ASN F 366 -21.98 -10.97 14.94
CA ASN F 366 -21.77 -9.89 15.90
C ASN F 366 -21.76 -8.52 15.20
N VAL F 367 -21.10 -8.44 14.04
CA VAL F 367 -21.07 -7.19 13.30
C VAL F 367 -22.47 -6.81 12.84
N THR F 368 -23.25 -7.80 12.38
CA THR F 368 -24.63 -7.54 12.00
C THR F 368 -25.44 -7.06 13.20
N ARG F 369 -25.21 -7.65 14.38
CA ARG F 369 -25.89 -7.25 15.59
C ARG F 369 -25.57 -5.80 15.95
N ASN F 370 -24.30 -5.41 15.84
CA ASN F 370 -23.91 -4.03 16.10
C ASN F 370 -24.55 -3.08 15.10
N TYR F 371 -24.57 -3.46 13.82
CA TYR F 371 -25.21 -2.61 12.81
C TYR F 371 -26.70 -2.47 13.07
N LEU F 372 -27.35 -3.55 13.49
CA LEU F 372 -28.78 -3.47 13.82
C LEU F 372 -29.00 -2.56 15.01
N ASP F 373 -28.12 -2.63 16.01
CA ASP F 373 -28.15 -1.64 17.08
C ASP F 373 -28.10 -0.23 16.52
N TRP F 374 -27.13 0.03 15.66
CA TRP F 374 -26.92 1.40 15.19
C TRP F 374 -28.12 1.89 14.40
N LEU F 375 -28.72 1.01 13.59
CA LEU F 375 -29.84 1.40 12.75
C LEU F 375 -31.13 1.56 13.54
N THR F 376 -31.41 0.64 14.48
CA THR F 376 -32.63 0.74 15.27
C THR F 376 -32.56 1.90 16.25
N SER F 377 -31.36 2.21 16.76
CA SER F 377 -31.20 3.36 17.64
C SER F 377 -31.47 4.67 16.92
N ILE F 378 -31.41 4.68 15.59
CA ILE F 378 -31.73 5.91 14.86
C ILE F 378 -33.18 6.29 15.13
N PRO F 379 -33.49 7.54 15.43
CA PRO F 379 -34.91 7.91 15.59
C PRO F 379 -35.62 7.91 14.24
N TRP F 380 -36.45 6.91 14.00
CA TRP F 380 -37.18 6.78 12.75
C TRP F 380 -38.62 7.25 12.99
N GLY F 381 -39.06 8.22 12.19
CA GLY F 381 -40.40 8.75 12.36
C GLY F 381 -40.62 9.53 13.63
N LYS F 382 -39.56 9.85 14.37
CA LYS F 382 -39.67 10.59 15.62
C LYS F 382 -39.35 12.06 15.34
N TYR F 383 -40.31 12.94 15.62
CA TYR F 383 -40.19 14.36 15.33
C TYR F 383 -40.59 15.15 16.56
N SER F 384 -39.65 15.93 17.10
CA SER F 384 -39.98 16.83 18.20
C SER F 384 -40.97 17.89 17.74
N ASN F 385 -41.97 18.16 18.57
CA ASN F 385 -42.91 19.23 18.25
C ASN F 385 -42.16 20.55 18.12
N GLU F 386 -42.41 21.27 17.04
CA GLU F 386 -41.72 22.50 16.77
C GLU F 386 -42.43 23.67 17.46
N ASN F 387 -41.63 24.65 17.88
CA ASN F 387 -42.15 25.84 18.54
C ASN F 387 -42.37 26.94 17.52
N LEU F 388 -43.54 27.58 17.60
CA LEU F 388 -43.98 28.55 16.61
C LEU F 388 -44.17 29.96 17.15
N ASP F 389 -44.43 30.12 18.45
CA ASP F 389 -44.71 31.43 19.01
C ASP F 389 -43.55 32.39 18.80
N LEU F 390 -43.77 33.45 18.01
CA LEU F 390 -42.71 34.43 17.79
C LEU F 390 -42.42 35.21 19.06
N ALA F 391 -43.46 35.52 19.84
CA ALA F 391 -43.24 36.24 21.09
C ALA F 391 -42.39 35.41 22.06
N ARG F 392 -42.67 34.10 22.14
CA ARG F 392 -41.88 33.23 23.01
C ARG F 392 -40.43 33.18 22.53
N ALA F 393 -40.21 33.09 21.22
CA ALA F 393 -38.85 33.06 20.70
C ALA F 393 -38.13 34.37 20.98
N GLN F 394 -38.83 35.50 20.83
CA GLN F 394 -38.22 36.80 21.15
C GLN F 394 -37.83 36.87 22.61
N ALA F 395 -38.72 36.41 23.50
CA ALA F 395 -38.40 36.41 24.93
C ALA F 395 -37.20 35.52 25.21
N VAL F 396 -37.14 34.34 24.59
CA VAL F 396 -36.03 33.42 24.82
C VAL F 396 -34.72 34.05 24.35
N LEU F 397 -34.73 34.65 23.15
CA LEU F 397 -33.52 35.25 22.63
C LEU F 397 -33.06 36.42 23.50
N GLU F 398 -33.99 37.26 23.95
CA GLU F 398 -33.62 38.35 24.85
C GLU F 398 -33.05 37.81 26.15
N GLU F 399 -33.65 36.75 26.69
CA GLU F 399 -33.20 36.18 27.95
C GLU F 399 -31.80 35.58 27.81
N ASP F 400 -31.51 34.95 26.68
CA ASP F 400 -30.25 34.25 26.49
C ASP F 400 -29.13 35.11 25.93
N HIS F 401 -29.42 36.35 25.54
CA HIS F 401 -28.40 37.20 24.92
C HIS F 401 -28.74 38.66 25.14
N TYR F 402 -27.72 39.50 24.98
CA TYR F 402 -27.83 40.95 25.19
C TYR F 402 -27.41 41.66 23.91
N GLY F 403 -28.14 42.72 23.56
CA GLY F 403 -27.83 43.42 22.33
C GLY F 403 -28.21 42.59 21.13
N MET F 404 -27.28 42.47 20.18
CA MET F 404 -27.47 41.63 19.00
C MET F 404 -28.79 41.98 18.28
N GLU F 405 -29.05 43.27 18.15
CA GLU F 405 -30.33 43.71 17.59
C GLU F 405 -30.49 43.25 16.15
N ASP F 406 -29.44 43.40 15.33
CA ASP F 406 -29.53 42.92 13.95
C ASP F 406 -29.70 41.41 13.90
N VAL F 407 -28.96 40.68 14.73
CA VAL F 407 -29.08 39.23 14.75
C VAL F 407 -30.46 38.81 15.21
N LYS F 408 -30.97 39.45 16.27
CA LYS F 408 -32.31 39.10 16.75
C LYS F 408 -33.35 39.41 15.70
N LYS F 409 -33.22 40.54 15.01
CA LYS F 409 -34.17 40.86 13.94
C LYS F 409 -34.13 39.82 12.84
N ARG F 410 -32.91 39.39 12.45
CA ARG F 410 -32.81 38.40 11.38
C ARG F 410 -33.40 37.06 11.81
N ILE F 411 -33.14 36.64 13.05
CA ILE F 411 -33.70 35.38 13.53
C ILE F 411 -35.22 35.46 13.61
N LEU F 412 -35.75 36.60 14.05
CA LEU F 412 -37.20 36.77 14.10
C LEU F 412 -37.79 36.74 12.70
N GLU F 413 -37.12 37.36 11.73
CA GLU F 413 -37.59 37.30 10.34
C GLU F 413 -37.60 35.87 9.84
N PHE F 414 -36.54 35.11 10.12
CA PHE F 414 -36.50 33.72 9.70
C PHE F 414 -37.61 32.90 10.36
N ILE F 415 -37.83 33.11 11.66
CA ILE F 415 -38.87 32.37 12.36
C ILE F 415 -40.24 32.74 11.82
N ALA F 416 -40.47 34.02 11.54
CA ALA F 416 -41.76 34.47 11.04
C ALA F 416 -42.02 33.88 9.65
N VAL F 417 -41.04 33.90 8.76
CA VAL F 417 -41.24 33.31 7.45
C VAL F 417 -41.47 31.81 7.57
N SER F 418 -40.69 31.14 8.42
CA SER F 418 -40.87 29.70 8.58
C SER F 418 -42.26 29.35 9.10
N GLN F 419 -42.71 30.07 10.13
CA GLN F 419 -44.03 29.80 10.70
C GLN F 419 -45.14 30.11 9.69
N LEU F 420 -45.05 31.28 9.05
CA LEU F 420 -45.99 31.59 7.98
C LEU F 420 -45.85 30.59 6.84
N ARG F 421 -44.61 30.20 6.52
CA ARG F 421 -44.37 29.12 5.57
C ARG F 421 -44.44 27.78 6.29
N GLY F 422 -45.53 27.55 7.02
CA GLY F 422 -45.75 26.30 7.73
C GLY F 422 -44.56 25.83 8.53
N SER F 423 -44.04 24.65 8.20
CA SER F 423 -42.80 24.17 8.81
C SER F 423 -41.61 24.93 8.23
N THR F 424 -40.60 25.15 9.07
CA THR F 424 -39.40 25.83 8.60
C THR F 424 -38.80 25.03 7.44
N GLN F 425 -38.82 25.63 6.25
CA GLN F 425 -38.29 24.95 5.08
C GLN F 425 -36.83 24.58 5.30
N GLY F 426 -36.29 23.79 4.37
CA GLY F 426 -34.89 23.42 4.47
C GLY F 426 -34.04 24.52 3.88
N LYS F 427 -33.54 25.40 4.73
CA LYS F 427 -32.75 26.55 4.32
C LYS F 427 -31.62 26.75 5.31
N ILE F 428 -30.54 27.37 4.83
CA ILE F 428 -29.30 27.51 5.58
C ILE F 428 -28.99 28.99 5.78
N LEU F 429 -28.74 29.37 7.03
CA LEU F 429 -28.23 30.68 7.38
C LEU F 429 -26.96 30.50 8.20
N CYS F 430 -25.96 31.34 7.95
CA CYS F 430 -24.65 31.17 8.55
C CYS F 430 -24.22 32.45 9.26
N PHE F 431 -23.66 32.28 10.45
CA PHE F 431 -23.15 33.38 11.26
C PHE F 431 -21.64 33.47 11.09
N TYR F 432 -21.13 34.68 10.84
CA TYR F 432 -19.70 34.88 10.70
C TYR F 432 -19.27 36.03 11.60
N GLY F 433 -18.14 35.84 12.27
CA GLY F 433 -17.61 36.83 13.17
C GLY F 433 -16.39 36.32 13.91
N PRO F 434 -15.81 37.15 14.77
CA PRO F 434 -14.61 36.74 15.50
C PRO F 434 -14.89 35.58 16.42
N PRO F 435 -13.86 34.96 16.99
CA PRO F 435 -14.07 33.86 17.93
C PRO F 435 -14.49 34.37 19.31
N GLY F 436 -15.02 33.44 20.10
CA GLY F 436 -15.47 33.78 21.44
C GLY F 436 -16.60 34.80 21.42
N VAL F 437 -17.56 34.64 20.52
CA VAL F 437 -18.63 35.61 20.34
C VAL F 437 -19.99 35.05 20.74
N GLY F 438 -20.16 33.74 20.79
CA GLY F 438 -21.43 33.15 21.18
C GLY F 438 -22.29 32.63 20.06
N LYS F 439 -21.71 32.36 18.88
CA LYS F 439 -22.50 31.81 17.78
C LYS F 439 -23.09 30.45 18.17
N THR F 440 -22.30 29.61 18.85
CA THR F 440 -22.82 28.36 19.37
C THR F 440 -23.94 28.62 20.37
N SER F 441 -23.78 29.64 21.22
CA SER F 441 -24.85 30.02 22.13
C SER F 441 -26.08 30.50 21.37
N ILE F 442 -25.89 31.22 20.27
CA ILE F 442 -27.02 31.64 19.45
C ILE F 442 -27.76 30.44 18.90
N ALA F 443 -27.01 29.44 18.41
CA ALA F 443 -27.65 28.23 17.90
C ALA F 443 -28.39 27.50 19.01
N ARG F 444 -27.80 27.44 20.20
CA ARG F 444 -28.47 26.80 21.33
C ARG F 444 -29.77 27.51 21.67
N SER F 445 -29.74 28.84 21.70
CA SER F 445 -30.96 29.61 21.99
C SER F 445 -32.00 29.40 20.91
N ILE F 446 -31.59 29.35 19.64
CA ILE F 446 -32.55 29.11 18.56
C ILE F 446 -33.18 27.74 18.71
N ALA F 447 -32.37 26.73 19.04
CA ALA F 447 -32.91 25.39 19.24
C ALA F 447 -33.91 25.37 20.39
N ARG F 448 -33.57 26.04 21.51
CA ARG F 448 -34.47 26.07 22.64
C ARG F 448 -35.78 26.77 22.30
N ALA F 449 -35.70 27.90 21.59
CA ALA F 449 -36.90 28.63 21.20
C ALA F 449 -37.69 27.90 20.13
N LEU F 450 -37.06 26.97 19.41
CA LEU F 450 -37.75 26.17 18.39
C LEU F 450 -38.16 24.79 18.90
N ASN F 451 -37.75 24.42 20.11
CA ASN F 451 -38.07 23.14 20.75
C ASN F 451 -37.42 21.96 20.05
N ARG F 452 -36.55 22.19 19.07
CA ARG F 452 -35.84 21.12 18.38
C ARG F 452 -34.50 20.88 19.04
N GLU F 453 -34.10 19.61 19.11
CA GLU F 453 -32.89 19.24 19.83
C GLU F 453 -31.66 19.87 19.19
N TYR F 454 -30.70 20.24 20.03
CA TYR F 454 -29.48 20.92 19.60
C TYR F 454 -28.34 19.92 19.44
N PHE F 455 -27.50 20.17 18.45
CA PHE F 455 -26.24 19.44 18.29
C PHE F 455 -25.30 20.30 17.46
N ARG F 456 -24.00 20.09 17.68
CA ARG F 456 -22.99 20.83 16.94
C ARG F 456 -21.95 19.88 16.38
N PHE F 457 -21.36 20.29 15.26
CA PHE F 457 -20.40 19.52 14.48
C PHE F 457 -19.22 20.42 14.15
N SER F 458 -18.03 19.84 14.12
CA SER F 458 -16.79 20.56 13.84
C SER F 458 -16.28 20.14 12.48
N VAL F 459 -16.28 21.07 11.53
CA VAL F 459 -15.78 20.84 10.19
C VAL F 459 -14.55 21.70 9.89
N GLY F 460 -13.85 22.15 10.93
CA GLY F 460 -12.73 23.04 10.76
C GLY F 460 -11.41 22.36 10.49
N GLY F 461 -10.97 22.34 9.24
CA GLY F 461 -9.73 21.68 8.87
C GLY F 461 -9.87 20.21 8.54
N MET F 462 -11.05 19.63 8.71
CA MET F 462 -11.28 18.25 8.31
C MET F 462 -11.04 18.06 6.82
N THR F 463 -10.43 16.94 6.47
CA THR F 463 -10.19 16.54 5.09
C THR F 463 -10.87 15.23 4.71
N ASP F 464 -11.09 14.33 5.67
CA ASP F 464 -11.74 13.05 5.42
C ASP F 464 -13.25 13.23 5.58
N VAL F 465 -13.99 13.01 4.49
CA VAL F 465 -15.44 13.10 4.54
C VAL F 465 -16.03 11.98 5.39
N ALA F 466 -15.25 10.94 5.68
CA ALA F 466 -15.78 9.78 6.39
C ALA F 466 -16.45 10.15 7.70
N GLU F 467 -15.98 11.22 8.35
CA GLU F 467 -16.55 11.60 9.63
C GLU F 467 -18.04 11.88 9.55
N ILE F 468 -18.54 12.26 8.36
CA ILE F 468 -19.97 12.33 8.11
C ILE F 468 -20.47 11.10 7.36
N LYS F 469 -19.62 10.47 6.55
CA LYS F 469 -20.00 9.29 5.79
C LYS F 469 -19.62 7.98 6.48
N GLY F 470 -18.95 8.06 7.62
CA GLY F 470 -18.47 6.86 8.28
C GLY F 470 -17.60 6.03 7.35
N HIS F 471 -17.77 4.71 7.44
CA HIS F 471 -17.07 3.78 6.55
C HIS F 471 -18.01 2.62 6.26
N ARG F 472 -17.72 1.91 5.18
CA ARG F 472 -18.67 0.97 4.59
C ARG F 472 -19.18 -0.10 5.56
N ARG F 473 -18.60 -0.17 6.77
CA ARG F 473 -18.87 -1.14 7.81
C ARG F 473 -18.23 -2.50 7.52
N THR F 474 -17.74 -2.73 6.30
CA THR F 474 -17.13 -4.03 6.02
C THR F 474 -15.73 -4.14 6.62
N TYR F 475 -15.07 -3.00 6.80
CA TYR F 475 -13.76 -2.99 7.45
C TYR F 475 -13.92 -2.96 8.96
N VAL F 476 -13.14 -3.79 9.65
CA VAL F 476 -13.28 -3.94 11.09
C VAL F 476 -13.02 -2.60 11.76
N GLY F 477 -13.87 -2.25 12.73
CA GLY F 477 -13.76 -1.01 13.44
C GLY F 477 -14.41 0.18 12.78
N ALA F 478 -15.05 -0.01 11.62
CA ALA F 478 -15.71 1.09 10.94
C ALA F 478 -16.81 1.68 11.79
N MET F 479 -16.96 3.01 11.73
CA MET F 479 -17.95 3.74 12.49
C MET F 479 -18.73 4.66 11.57
N PRO F 480 -20.03 4.84 11.79
CA PRO F 480 -20.79 5.78 10.97
C PRO F 480 -20.32 7.21 11.18
N GLY F 481 -20.84 8.09 10.33
CA GLY F 481 -20.51 9.49 10.43
C GLY F 481 -21.06 10.11 11.70
N LYS F 482 -20.85 11.43 11.82
CA LYS F 482 -21.29 12.16 13.00
C LYS F 482 -22.76 12.56 12.94
N ILE F 483 -23.35 12.63 11.74
CA ILE F 483 -24.77 12.95 11.64
C ILE F 483 -25.61 11.82 12.22
N ILE F 484 -25.17 10.57 12.04
CA ILE F 484 -25.87 9.45 12.65
C ILE F 484 -25.79 9.55 14.18
N GLN F 485 -24.63 9.94 14.70
CA GLN F 485 -24.50 10.15 16.14
C GLN F 485 -25.41 11.26 16.61
N CYS F 486 -25.51 12.34 15.84
CA CYS F 486 -26.45 13.41 16.15
C CYS F 486 -27.88 12.87 16.24
N LEU F 487 -28.31 12.13 15.22
CA LEU F 487 -29.68 11.63 15.21
C LEU F 487 -29.92 10.70 16.38
N LYS F 488 -28.95 9.84 16.70
CA LYS F 488 -29.11 8.91 17.80
C LYS F 488 -29.21 9.64 19.14
N LYS F 489 -28.34 10.63 19.36
CA LYS F 489 -28.31 11.31 20.65
C LYS F 489 -29.49 12.26 20.83
N THR F 490 -29.84 13.01 19.78
CA THR F 490 -30.96 13.95 19.86
C THR F 490 -32.30 13.23 19.95
N LYS F 491 -32.38 11.98 19.54
CA LYS F 491 -33.62 11.20 19.60
C LYS F 491 -34.70 11.83 18.71
N THR F 492 -34.30 12.49 17.63
CA THR F 492 -35.25 13.12 16.72
C THR F 492 -34.65 13.19 15.33
N GLU F 493 -35.53 13.29 14.34
CA GLU F 493 -35.15 13.57 12.96
C GLU F 493 -35.26 15.06 12.62
N ASN F 494 -35.67 15.88 13.57
CA ASN F 494 -35.75 17.33 13.37
C ASN F 494 -35.01 18.06 14.48
N PRO F 495 -33.71 17.78 14.64
CA PRO F 495 -32.91 18.56 15.60
C PRO F 495 -32.44 19.87 15.00
N LEU F 496 -31.61 20.61 15.74
CA LEU F 496 -30.93 21.79 15.20
C LEU F 496 -29.46 21.40 15.06
N ILE F 497 -29.05 21.10 13.84
CA ILE F 497 -27.66 20.80 13.55
C ILE F 497 -26.90 22.10 13.33
N LEU F 498 -25.77 22.23 14.00
CA LEU F 498 -24.88 23.36 13.85
C LEU F 498 -23.55 22.88 13.30
N ILE F 499 -22.89 23.72 12.51
CA ILE F 499 -21.59 23.40 11.94
C ILE F 499 -20.66 24.56 12.29
N ASP F 500 -19.42 24.25 12.65
CA ASP F 500 -18.47 25.28 13.07
C ASP F 500 -17.20 25.20 12.24
N GLU F 501 -16.60 26.36 11.98
CA GLU F 501 -15.32 26.45 11.28
C GLU F 501 -15.44 25.96 9.83
N VAL F 502 -16.46 26.45 9.13
CA VAL F 502 -16.63 26.09 7.72
C VAL F 502 -15.46 26.59 6.89
N ASP F 503 -15.01 27.82 7.16
CA ASP F 503 -13.97 28.44 6.34
C ASP F 503 -12.63 27.71 6.42
N LYS F 504 -12.44 26.85 7.42
CA LYS F 504 -11.15 26.20 7.64
C LYS F 504 -10.93 24.98 6.75
N ILE F 505 -11.92 24.61 5.93
CA ILE F 505 -11.77 23.43 5.09
C ILE F 505 -10.56 23.59 4.17
N GLY F 506 -9.79 22.50 4.03
CA GLY F 506 -8.64 22.51 3.16
C GLY F 506 -8.91 21.83 1.84
N ARG F 507 -9.81 20.85 1.83
CA ARG F 507 -10.20 20.10 0.64
C ARG F 507 -8.98 19.75 -0.20
N GLY F 508 -8.07 18.98 0.40
CA GLY F 508 -6.86 18.54 -0.25
C GLY F 508 -7.01 17.18 -0.88
N TYR F 509 -5.87 16.48 -1.01
CA TYR F 509 -5.88 15.14 -1.61
C TYR F 509 -6.75 14.20 -0.79
N GLN F 510 -7.50 13.35 -1.50
CA GLN F 510 -8.40 12.35 -0.94
C GLN F 510 -9.61 12.98 -0.27
N GLY F 511 -9.67 14.31 -0.17
CA GLY F 511 -10.72 14.97 0.56
C GLY F 511 -11.81 15.54 -0.32
N ASP F 512 -11.75 16.84 -0.60
CA ASP F 512 -12.81 17.56 -1.28
C ASP F 512 -14.15 17.38 -0.54
N PRO F 513 -14.18 17.63 0.77
CA PRO F 513 -15.45 17.53 1.50
C PRO F 513 -16.44 18.62 1.15
N SER F 514 -16.05 19.60 0.34
CA SER F 514 -16.98 20.65 -0.06
C SER F 514 -18.13 20.07 -0.87
N SER F 515 -17.84 19.16 -1.80
CA SER F 515 -18.90 18.54 -2.58
C SER F 515 -19.86 17.78 -1.67
N ALA F 516 -19.31 17.03 -0.70
CA ALA F 516 -20.16 16.32 0.25
C ALA F 516 -21.01 17.29 1.05
N LEU F 517 -20.44 18.42 1.47
CA LEU F 517 -21.20 19.39 2.25
C LEU F 517 -22.33 19.99 1.43
N LEU F 518 -22.05 20.31 0.16
CA LEU F 518 -23.12 20.78 -0.72
C LEU F 518 -24.21 19.74 -0.87
N GLU F 519 -23.81 18.47 -1.02
CA GLU F 519 -24.79 17.39 -1.11
C GLU F 519 -25.64 17.30 0.16
N LEU F 520 -25.03 17.49 1.32
CA LEU F 520 -25.80 17.53 2.56
C LEU F 520 -26.78 18.70 2.57
N LEU F 521 -26.33 19.87 2.13
CA LEU F 521 -27.19 21.06 2.17
C LEU F 521 -28.17 21.12 1.01
N ASP F 522 -28.09 20.18 0.07
CA ASP F 522 -29.04 20.15 -1.03
C ASP F 522 -30.45 20.00 -0.46
N PRO F 523 -31.40 20.89 -0.82
CA PRO F 523 -32.74 20.78 -0.23
C PRO F 523 -33.45 19.48 -0.54
N GLU F 524 -33.11 18.80 -1.63
CA GLU F 524 -33.79 17.58 -2.04
C GLU F 524 -32.95 16.33 -1.86
N GLN F 525 -31.65 16.39 -2.16
CA GLN F 525 -30.80 15.21 -2.02
C GLN F 525 -30.63 14.83 -0.55
N ASN F 526 -30.70 15.80 0.36
CA ASN F 526 -30.62 15.48 1.78
C ASN F 526 -31.73 14.51 2.18
N ALA F 527 -32.85 14.52 1.47
CA ALA F 527 -33.93 13.59 1.77
C ALA F 527 -33.49 12.14 1.59
N ASN F 528 -32.61 11.88 0.62
CA ASN F 528 -32.09 10.53 0.39
C ASN F 528 -30.57 10.48 0.62
N PHE F 529 -30.08 11.27 1.56
CA PHE F 529 -28.69 11.19 1.95
C PHE F 529 -28.37 9.84 2.58
N LEU F 530 -27.15 9.37 2.36
CA LEU F 530 -26.68 8.13 2.93
C LEU F 530 -25.21 8.26 3.29
N ASP F 531 -24.81 7.56 4.34
CA ASP F 531 -23.41 7.40 4.70
C ASP F 531 -22.98 5.98 4.38
N HIS F 532 -21.68 5.77 4.19
CA HIS F 532 -21.23 4.50 3.65
C HIS F 532 -21.43 3.38 4.67
N TYR F 533 -21.32 3.69 5.96
CA TYR F 533 -21.68 2.73 7.00
C TYR F 533 -23.15 2.34 6.89
N LEU F 534 -24.04 3.32 7.07
CA LEU F 534 -25.48 3.09 6.94
C LEU F 534 -25.90 3.62 5.57
N ASP F 535 -25.77 2.77 4.56
CA ASP F 535 -26.08 3.16 3.19
C ASP F 535 -27.57 3.45 2.99
N VAL F 536 -28.41 3.08 3.95
CA VAL F 536 -29.84 3.36 3.83
C VAL F 536 -30.06 4.86 3.70
N PRO F 537 -30.81 5.34 2.71
CA PRO F 537 -31.09 6.78 2.63
C PRO F 537 -31.83 7.27 3.87
N VAL F 538 -31.52 8.51 4.26
CA VAL F 538 -32.12 9.13 5.44
C VAL F 538 -32.68 10.48 5.04
N ASP F 539 -33.84 10.82 5.62
CA ASP F 539 -34.52 12.08 5.31
C ASP F 539 -33.98 13.18 6.20
N LEU F 540 -33.44 14.23 5.58
CA LEU F 540 -32.86 15.37 6.28
C LEU F 540 -33.42 16.68 5.74
N SER F 541 -34.73 16.72 5.50
CA SER F 541 -35.38 17.93 5.04
C SER F 541 -35.91 18.79 6.18
N LYS F 542 -35.94 18.27 7.40
CA LYS F 542 -36.41 19.00 8.57
C LYS F 542 -35.28 19.53 9.44
N VAL F 543 -34.09 18.93 9.35
CA VAL F 543 -32.94 19.42 10.09
C VAL F 543 -32.72 20.89 9.74
N LEU F 544 -32.65 21.74 10.77
CA LEU F 544 -32.39 23.16 10.58
C LEU F 544 -30.89 23.39 10.67
N PHE F 545 -30.22 23.13 9.55
CA PHE F 545 -28.78 23.33 9.48
C PHE F 545 -28.42 24.78 9.78
N ILE F 546 -27.32 24.96 10.50
CA ILE F 546 -26.72 26.26 10.74
C ILE F 546 -25.22 26.12 10.53
N CYS F 547 -24.58 27.22 10.13
CA CYS F 547 -23.14 27.24 9.93
C CYS F 547 -22.55 28.46 10.62
N THR F 548 -21.30 28.33 11.05
CA THR F 548 -20.58 29.43 11.69
C THR F 548 -19.15 29.43 11.21
N ALA F 549 -18.63 30.62 10.88
CA ALA F 549 -17.27 30.75 10.39
C ALA F 549 -16.67 32.06 10.89
N ASN F 550 -15.34 32.12 10.90
CA ASN F 550 -14.65 33.33 11.34
C ASN F 550 -14.44 34.34 10.22
N VAL F 551 -14.67 33.95 8.96
CA VAL F 551 -14.51 34.85 7.82
C VAL F 551 -15.34 34.31 6.66
N THR F 552 -15.75 35.22 5.77
CA THR F 552 -16.59 34.88 4.64
C THR F 552 -15.86 34.87 3.31
N ASP F 553 -14.60 35.30 3.27
CA ASP F 553 -13.88 35.37 2.00
C ASP F 553 -13.48 33.99 1.51
N THR F 554 -13.00 33.13 2.41
CA THR F 554 -12.44 31.84 2.02
C THR F 554 -13.50 30.73 1.93
N ILE F 555 -14.71 30.97 2.39
CA ILE F 555 -15.75 29.94 2.27
C ILE F 555 -16.08 29.73 0.79
N PRO F 556 -16.30 28.51 0.33
CA PRO F 556 -16.51 28.29 -1.10
C PRO F 556 -17.69 29.08 -1.63
N GLU F 557 -17.53 29.64 -2.83
CA GLU F 557 -18.62 30.38 -3.47
C GLU F 557 -19.82 29.47 -3.75
N PRO F 558 -19.66 28.29 -4.33
CA PRO F 558 -20.83 27.41 -4.52
C PRO F 558 -21.52 27.09 -3.20
N LEU F 559 -20.77 26.98 -2.11
CA LEU F 559 -21.36 26.84 -0.79
C LEU F 559 -21.89 28.18 -0.27
N ARG F 560 -21.17 29.27 -0.56
CA ARG F 560 -21.52 30.56 0.01
C ARG F 560 -22.88 31.04 -0.49
N ASP F 561 -23.11 30.95 -1.81
CA ASP F 561 -24.35 31.47 -2.38
C ASP F 561 -25.57 30.69 -1.88
N ARG F 562 -25.37 29.47 -1.36
CA ARG F 562 -26.47 28.67 -0.85
C ARG F 562 -27.00 29.20 0.47
N MET F 563 -26.29 30.11 1.14
CA MET F 563 -26.64 30.56 2.48
C MET F 563 -26.62 32.07 2.57
N GLU F 564 -27.40 32.59 3.50
CA GLU F 564 -27.33 33.99 3.88
C GLU F 564 -26.29 34.17 4.98
N MET F 565 -25.71 35.37 5.01
CA MET F 565 -24.61 35.69 5.91
C MET F 565 -25.07 36.70 6.95
N ILE F 566 -24.84 36.38 8.23
CA ILE F 566 -25.21 37.23 9.35
C ILE F 566 -23.95 37.53 10.14
N ASN F 567 -23.64 38.81 10.29
CA ASN F 567 -22.43 39.23 10.99
C ASN F 567 -22.72 39.41 12.47
N VAL F 568 -21.90 38.80 13.31
CA VAL F 568 -22.01 38.94 14.76
C VAL F 568 -20.65 39.42 15.25
N SER F 569 -20.59 40.64 15.77
CA SER F 569 -19.34 41.22 16.22
C SER F 569 -19.63 42.35 17.18
N GLY F 570 -18.60 42.77 17.90
CA GLY F 570 -18.72 43.87 18.84
C GLY F 570 -18.16 43.55 20.22
N TYR F 571 -19.01 43.63 21.23
CA TYR F 571 -18.62 43.35 22.61
C TYR F 571 -17.52 44.32 23.08
N VAL F 572 -17.87 45.60 23.07
CA VAL F 572 -16.98 46.65 23.58
C VAL F 572 -16.83 46.44 25.08
N ALA F 573 -15.85 47.13 25.68
CA ALA F 573 -15.54 46.92 27.09
C ALA F 573 -16.78 47.00 27.96
N GLN F 574 -17.65 47.98 27.71
CA GLN F 574 -18.87 48.11 28.49
C GLN F 574 -19.81 46.93 28.22
N GLU F 575 -20.04 46.63 26.94
CA GLU F 575 -20.90 45.51 26.58
C GLU F 575 -20.30 44.20 27.07
N LYS F 576 -18.98 44.04 26.92
CA LYS F 576 -18.31 42.84 27.41
C LYS F 576 -18.48 42.69 28.91
N LEU F 577 -18.32 43.79 29.66
CA LEU F 577 -18.50 43.76 31.10
C LEU F 577 -19.92 43.36 31.47
N ALA F 578 -20.90 43.96 30.81
CA ALA F 578 -22.30 43.63 31.12
C ALA F 578 -22.58 42.16 30.87
N ILE F 579 -22.18 41.66 29.69
CA ILE F 579 -22.42 40.26 29.36
C ILE F 579 -21.71 39.36 30.35
N ALA F 580 -20.46 39.68 30.70
CA ALA F 580 -19.69 38.83 31.59
C ALA F 580 -20.34 38.75 32.96
N GLU F 581 -20.77 39.89 33.50
CA GLU F 581 -21.31 39.90 34.86
C GLU F 581 -22.69 39.27 34.91
N ARG F 582 -23.57 39.58 33.95
CA ARG F 582 -24.95 39.13 34.06
C ARG F 582 -25.10 37.64 33.79
N TYR F 583 -24.40 37.12 32.78
CA TYR F 583 -24.54 35.73 32.38
C TYR F 583 -23.26 34.91 32.59
N LEU F 584 -22.14 35.35 32.03
CA LEU F 584 -20.95 34.52 32.01
C LEU F 584 -20.43 34.25 33.42
N VAL F 585 -20.41 35.28 34.26
CA VAL F 585 -19.91 35.10 35.64
C VAL F 585 -20.77 34.10 36.42
N PRO F 586 -22.10 34.24 36.46
CA PRO F 586 -22.91 33.19 37.11
C PRO F 586 -22.74 31.83 36.47
N GLN F 587 -22.56 31.77 35.15
CA GLN F 587 -22.36 30.48 34.49
C GLN F 587 -21.11 29.79 35.01
N ALA F 588 -19.99 30.52 35.06
CA ALA F 588 -18.77 29.93 35.59
C ALA F 588 -18.88 29.64 37.08
N ARG F 589 -19.61 30.46 37.82
CA ARG F 589 -19.82 30.21 39.24
C ARG F 589 -20.53 28.88 39.45
N ALA F 590 -21.59 28.63 38.67
CA ALA F 590 -22.29 27.35 38.77
C ALA F 590 -21.41 26.21 38.28
N LEU F 591 -20.61 26.44 37.25
CA LEU F 591 -19.72 25.40 36.75
C LEU F 591 -18.74 24.96 37.83
N CYS F 592 -18.15 25.91 38.55
CA CYS F 592 -17.22 25.60 39.62
C CYS F 592 -17.90 25.17 40.91
N GLY F 593 -19.22 25.31 41.00
CA GLY F 593 -19.94 24.97 42.21
C GLY F 593 -19.86 25.98 43.32
N LEU F 594 -19.21 27.12 43.09
CA LEU F 594 -19.08 28.13 44.14
C LEU F 594 -20.41 28.81 44.40
N ASP F 595 -20.59 29.26 45.63
CA ASP F 595 -21.78 29.99 46.03
C ASP F 595 -21.60 31.49 45.76
N GLU F 596 -22.72 32.21 45.73
CA GLU F 596 -22.66 33.64 45.47
C GLU F 596 -21.88 34.37 46.56
N SER F 597 -22.10 34.01 47.82
CA SER F 597 -21.41 34.69 48.92
C SER F 597 -19.95 34.26 49.03
N LYS F 598 -19.68 32.96 48.80
CA LYS F 598 -18.32 32.46 48.99
C LYS F 598 -17.34 33.16 48.06
N ALA F 599 -17.71 33.30 46.79
CA ALA F 599 -16.89 33.98 45.79
C ALA F 599 -17.72 35.08 45.14
N LYS F 600 -17.15 36.28 45.06
CA LYS F 600 -17.87 37.44 44.53
C LYS F 600 -16.89 38.33 43.78
N LEU F 601 -17.21 38.62 42.52
CA LEU F 601 -16.41 39.50 41.67
C LEU F 601 -17.25 40.72 41.32
N SER F 602 -16.66 41.91 41.50
CA SER F 602 -17.38 43.16 41.33
C SER F 602 -17.18 43.71 39.92
N SER F 603 -17.63 44.95 39.71
CA SER F 603 -17.46 45.58 38.41
C SER F 603 -16.02 45.96 38.15
N ASP F 604 -15.31 46.43 39.19
CA ASP F 604 -13.94 46.89 39.01
C ASP F 604 -13.02 45.75 38.58
N VAL F 605 -13.15 44.59 39.20
CA VAL F 605 -12.27 43.47 38.87
C VAL F 605 -12.47 43.05 37.42
N LEU F 606 -13.74 42.91 37.00
CA LEU F 606 -14.01 42.51 35.62
C LEU F 606 -13.57 43.59 34.64
N THR F 607 -13.71 44.86 35.02
CA THR F 607 -13.20 45.93 34.17
C THR F 607 -11.69 45.80 33.99
N LEU F 608 -10.97 45.50 35.07
CA LEU F 608 -9.53 45.28 34.96
C LEU F 608 -9.21 44.09 34.07
N LEU F 609 -9.98 43.00 34.21
CA LEU F 609 -9.79 41.85 33.34
C LEU F 609 -9.95 42.25 31.87
N ILE F 610 -10.99 43.02 31.55
CA ILE F 610 -11.21 43.43 30.17
C ILE F 610 -10.06 44.32 29.70
N LYS F 611 -9.64 45.27 30.53
CA LYS F 611 -8.63 46.25 30.12
C LYS F 611 -7.26 45.61 29.93
N GLN F 612 -6.92 44.59 30.73
CA GLN F 612 -5.57 44.06 30.75
C GLN F 612 -5.46 42.62 30.27
N TYR F 613 -6.49 41.80 30.44
CA TYR F 613 -6.43 40.38 30.13
C TYR F 613 -7.15 40.01 28.85
N CYS F 614 -8.41 40.40 28.69
CA CYS F 614 -9.22 40.07 27.53
C CYS F 614 -9.49 41.36 26.76
N ARG F 615 -8.64 41.65 25.78
CA ARG F 615 -8.75 42.83 24.93
C ARG F 615 -8.93 42.34 23.49
N GLU F 616 -10.18 42.09 23.11
CA GLU F 616 -10.50 41.61 21.78
C GLU F 616 -12.01 41.62 21.63
N SER F 617 -12.47 41.55 20.38
CA SER F 617 -13.90 41.51 20.11
C SER F 617 -14.55 40.27 20.71
N GLY F 618 -13.78 39.23 20.99
CA GLY F 618 -14.32 38.02 21.60
C GLY F 618 -14.43 38.13 23.11
N VAL F 619 -14.92 37.05 23.71
CA VAL F 619 -15.09 36.98 25.16
C VAL F 619 -14.43 35.71 25.67
N ARG F 620 -13.71 35.01 24.79
CA ARG F 620 -13.10 33.73 25.17
C ARG F 620 -12.10 33.93 26.31
N ASN F 621 -11.18 34.88 26.15
CA ASN F 621 -10.14 35.05 27.15
C ASN F 621 -10.72 35.50 28.50
N LEU F 622 -11.72 36.37 28.47
CA LEU F 622 -12.39 36.76 29.71
C LEU F 622 -13.02 35.55 30.38
N GLN F 623 -13.65 34.68 29.58
CA GLN F 623 -14.20 33.44 30.12
C GLN F 623 -13.11 32.61 30.78
N LYS F 624 -11.96 32.47 30.13
CA LYS F 624 -10.87 31.70 30.70
C LYS F 624 -10.41 32.30 32.02
N GLN F 625 -10.24 33.61 32.07
CA GLN F 625 -9.76 34.26 33.29
C GLN F 625 -10.74 34.08 34.44
N VAL F 626 -12.03 34.28 34.18
CA VAL F 626 -13.00 34.16 35.26
C VAL F 626 -13.11 32.71 35.72
N GLU F 627 -13.04 31.76 34.79
CA GLU F 627 -13.08 30.36 35.18
C GLU F 627 -11.87 30.01 36.02
N LYS F 628 -10.69 30.53 35.66
CA LYS F 628 -9.49 30.26 36.44
C LYS F 628 -9.59 30.84 37.84
N VAL F 629 -10.07 32.07 37.97
CA VAL F 629 -10.15 32.68 39.30
C VAL F 629 -11.18 31.96 40.16
N LEU F 630 -12.31 31.55 39.56
CA LEU F 630 -13.30 30.80 40.33
C LEU F 630 -12.77 29.44 40.74
N ARG F 631 -12.02 28.77 39.86
CA ARG F 631 -11.40 27.50 40.22
C ARG F 631 -10.42 27.68 41.36
N LYS F 632 -9.63 28.77 41.32
CA LYS F 632 -8.68 29.03 42.40
C LYS F 632 -9.42 29.30 43.71
N SER F 633 -10.52 30.05 43.66
CA SER F 633 -11.30 30.30 44.88
C SER F 633 -11.86 29.00 45.43
N ALA F 634 -12.39 28.14 44.57
CA ALA F 634 -12.92 26.86 45.03
C ALA F 634 -11.83 26.00 45.64
N TYR F 635 -10.66 25.96 45.00
CA TYR F 635 -9.55 25.17 45.54
C TYR F 635 -9.08 25.72 46.88
N LYS F 636 -9.05 27.06 47.02
CA LYS F 636 -8.69 27.65 48.31
C LYS F 636 -9.70 27.28 49.38
N ILE F 637 -10.99 27.33 49.06
CA ILE F 637 -12.02 27.00 50.04
C ILE F 637 -11.90 25.53 50.45
N VAL F 638 -11.76 24.63 49.48
CA VAL F 638 -11.75 23.21 49.78
C VAL F 638 -10.47 22.81 50.51
N SER F 639 -9.32 23.30 50.04
CA SER F 639 -8.02 22.89 50.54
C SER F 639 -7.28 23.98 51.30
N GLY F 640 -7.57 25.25 51.03
CA GLY F 640 -6.87 26.33 51.69
C GLY F 640 -7.42 26.65 53.06
N GLU F 641 -7.65 27.93 53.34
CA GLU F 641 -8.11 28.35 54.67
C GLU F 641 -9.36 29.22 54.61
N ALA F 642 -9.50 30.07 53.59
CA ALA F 642 -10.63 30.99 53.53
C ALA F 642 -11.86 30.27 52.99
N GLU F 643 -12.94 30.28 53.77
CA GLU F 643 -14.19 29.66 53.36
C GLU F 643 -15.01 30.55 52.42
N SER F 644 -14.64 31.82 52.29
CA SER F 644 -15.33 32.75 51.38
C SER F 644 -14.25 33.62 50.75
N VAL F 645 -13.79 33.22 49.57
CA VAL F 645 -12.70 33.93 48.88
C VAL F 645 -13.26 35.17 48.21
N GLU F 646 -12.82 36.34 48.65
CA GLU F 646 -13.22 37.61 48.06
C GLU F 646 -12.08 38.09 47.17
N VAL F 647 -12.31 38.08 45.86
CA VAL F 647 -11.27 38.42 44.90
C VAL F 647 -11.22 39.94 44.73
N THR F 648 -10.01 40.50 44.82
CA THR F 648 -9.75 41.91 44.60
C THR F 648 -8.58 42.05 43.65
N PRO F 649 -8.48 43.17 42.92
CA PRO F 649 -7.38 43.31 41.95
C PRO F 649 -6.01 43.07 42.55
N GLU F 650 -5.76 43.62 43.74
CA GLU F 650 -4.49 43.39 44.42
C GLU F 650 -4.28 41.89 44.66
N ASN F 651 -5.33 41.20 45.09
CA ASN F 651 -5.29 39.75 45.17
C ASN F 651 -5.45 39.10 43.79
N LEU F 652 -6.10 39.78 42.84
CA LEU F 652 -6.21 39.23 41.50
C LEU F 652 -4.83 38.95 40.92
N GLN F 653 -3.85 39.78 41.27
CA GLN F 653 -2.48 39.55 40.81
C GLN F 653 -2.05 38.12 41.09
N ASP F 654 -2.28 37.64 42.32
CA ASP F 654 -1.94 36.26 42.64
C ASP F 654 -2.95 35.28 42.07
N PHE F 655 -4.22 35.67 41.97
CA PHE F 655 -5.23 34.77 41.44
C PHE F 655 -4.99 34.41 39.98
N VAL F 656 -4.29 35.26 39.22
CA VAL F 656 -4.07 34.98 37.81
C VAL F 656 -2.58 35.09 37.48
N GLY F 657 -1.79 35.67 38.38
CA GLY F 657 -0.38 35.86 38.13
C GLY F 657 -0.11 37.14 37.36
N LYS F 658 0.89 37.10 36.47
CA LYS F 658 1.24 38.28 35.70
C LYS F 658 0.10 38.64 34.75
N PRO F 659 -0.32 39.91 34.68
CA PRO F 659 -1.34 40.28 33.69
C PRO F 659 -0.84 40.06 32.27
N VAL F 660 -1.76 39.66 31.39
CA VAL F 660 -1.42 39.50 29.99
C VAL F 660 -1.01 40.84 29.39
N PHE F 661 -1.80 41.88 29.65
CA PHE F 661 -1.51 43.24 29.20
C PHE F 661 -1.13 43.25 27.72
N THR F 662 -2.12 42.89 26.90
CA THR F 662 -1.98 42.97 25.45
C THR F 662 -1.30 44.28 25.07
N VAL F 663 -0.16 44.18 24.36
CA VAL F 663 0.66 45.35 24.12
C VAL F 663 -0.19 46.45 23.48
N GLU F 664 -0.17 47.63 24.09
CA GLU F 664 -0.97 48.74 23.60
C GLU F 664 -0.48 49.23 22.24
N ARG F 665 0.73 48.86 21.83
CA ARG F 665 1.36 49.33 20.61
C ARG F 665 1.47 50.85 20.56
N MET F 666 1.35 51.53 21.70
CA MET F 666 1.46 52.99 21.74
C MET F 666 2.92 53.34 21.99
N TYR F 667 3.50 54.13 21.09
CA TYR F 667 4.87 54.58 21.27
C TYR F 667 4.89 55.83 22.15
N ASP F 668 5.99 56.02 22.86
CA ASP F 668 6.09 57.04 23.89
C ASP F 668 5.46 58.36 23.46
N VAL F 669 5.76 58.82 22.25
CA VAL F 669 5.24 60.08 21.74
C VAL F 669 4.70 59.88 20.33
N THR F 670 4.56 58.62 19.91
CA THR F 670 4.18 58.31 18.53
C THR F 670 5.07 59.11 17.59
N PRO F 671 6.35 58.76 17.50
CA PRO F 671 7.30 59.61 16.75
C PRO F 671 6.88 59.75 15.30
N PRO F 672 7.57 60.61 14.54
CA PRO F 672 7.24 60.73 13.11
C PRO F 672 7.60 59.44 12.36
N GLY F 673 6.82 59.16 11.32
CA GLY F 673 7.02 57.97 10.52
C GLY F 673 6.26 56.75 11.00
N VAL F 674 5.66 56.80 12.19
CA VAL F 674 4.81 55.72 12.70
C VAL F 674 3.42 56.28 12.96
N VAL F 675 2.40 55.51 12.61
CA VAL F 675 1.02 55.93 12.85
C VAL F 675 0.14 54.68 12.91
N MET F 676 -0.93 54.77 13.68
CA MET F 676 -1.86 53.66 13.84
C MET F 676 -2.79 53.56 12.64
N GLY F 677 -3.27 52.34 12.38
CA GLY F 677 -4.24 52.08 11.35
C GLY F 677 -5.14 50.93 11.73
N LEU F 678 -6.42 51.03 11.38
CA LEU F 678 -7.40 50.02 11.76
C LEU F 678 -7.50 48.95 10.69
N ALA F 679 -7.55 47.69 11.12
CA ALA F 679 -7.58 46.54 10.21
C ALA F 679 -8.71 45.61 10.60
N TRP F 680 -9.42 45.10 9.60
CA TRP F 680 -10.44 44.09 9.82
C TRP F 680 -9.84 42.70 9.59
N THR F 681 -9.10 42.24 10.61
CA THR F 681 -8.46 40.94 10.54
C THR F 681 -9.50 39.84 10.65
N ALA F 682 -9.05 38.60 10.45
CA ALA F 682 -9.95 37.46 10.60
C ALA F 682 -10.47 37.37 12.04
N MET F 683 -9.60 37.61 13.01
CA MET F 683 -9.99 37.59 14.42
C MET F 683 -10.42 39.01 14.79
N GLY F 684 -11.67 39.33 14.43
CA GLY F 684 -12.23 40.61 14.80
C GLY F 684 -11.46 41.77 14.16
N GLY F 685 -11.64 42.95 14.75
CA GLY F 685 -10.86 44.10 14.36
C GLY F 685 -9.53 44.16 15.08
N SER F 686 -8.71 45.13 14.69
CA SER F 686 -7.41 45.29 15.30
C SER F 686 -6.85 46.67 14.92
N THR F 687 -5.87 47.11 15.70
CA THR F 687 -5.13 48.34 15.44
C THR F 687 -3.66 47.99 15.29
N LEU F 688 -3.07 48.38 14.17
CA LEU F 688 -1.69 48.06 13.84
C LEU F 688 -0.93 49.34 13.57
N PHE F 689 0.24 49.49 14.19
CA PHE F 689 1.06 50.68 14.03
C PHE F 689 2.01 50.45 12.86
N VAL F 690 1.77 51.15 11.76
CA VAL F 690 2.66 51.08 10.60
C VAL F 690 3.82 52.03 10.82
N GLU F 691 5.03 51.53 10.61
CA GLU F 691 6.28 52.26 10.84
C GLU F 691 6.99 52.52 9.53
N THR F 692 7.61 53.70 9.41
CA THR F 692 8.51 54.02 8.31
C THR F 692 9.80 54.56 8.90
N SER F 693 10.93 54.15 8.32
CA SER F 693 12.22 54.53 8.85
C SER F 693 13.23 54.69 7.70
N LEU F 694 14.30 55.43 7.98
CA LEU F 694 15.39 55.61 7.02
C LEU F 694 16.37 54.46 7.21
N ARG F 695 16.23 53.42 6.38
CA ARG F 695 16.96 52.19 6.61
C ARG F 695 18.43 52.31 6.22
N ARG F 696 18.72 53.11 5.19
CA ARG F 696 20.10 53.33 4.78
C ARG F 696 20.31 54.82 4.53
N PRO F 697 21.45 55.39 4.92
CA PRO F 697 21.62 56.84 4.76
C PRO F 697 21.31 57.32 3.35
N GLN F 698 20.42 58.30 3.27
CA GLN F 698 20.03 58.87 1.98
C GLN F 698 21.20 59.53 1.26
N ASP F 699 22.27 59.87 1.97
CA ASP F 699 23.38 60.62 1.39
C ASP F 699 24.38 59.71 0.69
N LYS F 700 23.88 58.88 -0.23
CA LYS F 700 24.78 58.10 -1.06
C LYS F 700 25.61 59.00 -1.96
N ASP F 701 24.98 60.04 -2.52
CA ASP F 701 25.68 61.04 -3.32
C ASP F 701 24.82 62.29 -3.38
N ALA F 702 25.32 63.39 -2.83
CA ALA F 702 24.53 64.61 -2.77
C ALA F 702 24.18 65.10 -4.18
N LYS F 703 25.15 65.06 -5.10
CA LYS F 703 24.89 65.46 -6.48
C LYS F 703 24.01 64.45 -7.22
N GLY F 704 23.85 63.25 -6.67
CA GLY F 704 23.10 62.23 -7.36
C GLY F 704 21.63 62.60 -7.50
N ASP F 705 21.01 62.06 -8.55
CA ASP F 705 19.60 62.30 -8.87
C ASP F 705 18.74 61.08 -8.57
N LYS F 706 19.22 60.14 -7.77
CA LYS F 706 18.50 58.91 -7.52
C LYS F 706 17.23 59.17 -6.72
N ASP F 707 16.25 58.30 -6.91
CA ASP F 707 14.98 58.38 -6.19
C ASP F 707 15.10 57.71 -4.82
N GLY F 708 14.08 57.91 -4.00
CA GLY F 708 14.00 57.28 -2.70
C GLY F 708 13.42 55.88 -2.79
N SER F 709 14.19 54.91 -3.27
CA SER F 709 13.69 53.56 -3.44
C SER F 709 13.12 53.04 -2.13
N LEU F 710 11.92 52.48 -2.19
CA LEU F 710 11.21 52.02 -1.01
C LEU F 710 11.39 50.52 -0.80
N GLU F 711 11.25 50.11 0.46
CA GLU F 711 11.38 48.70 0.84
C GLU F 711 10.27 48.39 1.85
N VAL F 712 9.27 47.66 1.41
CA VAL F 712 8.15 47.25 2.25
C VAL F 712 8.46 45.88 2.85
N THR F 713 8.11 45.71 4.12
CA THR F 713 8.34 44.45 4.83
C THR F 713 7.08 44.10 5.60
N GLY F 714 7.02 42.87 6.10
CA GLY F 714 5.85 42.40 6.83
C GLY F 714 5.00 41.44 6.03
N GLN F 715 5.65 40.49 5.35
CA GLN F 715 4.95 39.52 4.51
C GLN F 715 4.12 40.23 3.45
N LEU F 716 4.81 40.99 2.61
CA LEU F 716 4.14 41.83 1.63
C LEU F 716 3.31 40.98 0.68
N GLY F 717 2.14 41.49 0.32
CA GLY F 717 1.38 40.94 -0.78
C GLY F 717 1.56 41.77 -2.03
N GLU F 718 1.37 41.14 -3.19
CA GLU F 718 1.51 41.87 -4.45
C GLU F 718 0.55 43.04 -4.50
N VAL F 719 -0.70 42.83 -4.09
CA VAL F 719 -1.64 43.93 -3.97
C VAL F 719 -1.12 44.94 -2.96
N MET F 720 -0.57 44.47 -1.85
CA MET F 720 0.01 45.37 -0.86
C MET F 720 1.19 46.14 -1.44
N LYS F 721 2.02 45.48 -2.25
CA LYS F 721 3.17 46.16 -2.85
C LYS F 721 2.70 47.26 -3.79
N GLU F 722 1.71 46.96 -4.64
CA GLU F 722 1.21 47.98 -5.56
C GLU F 722 0.55 49.13 -4.82
N SER F 723 -0.23 48.82 -3.78
CA SER F 723 -0.85 49.88 -2.98
C SER F 723 0.20 50.73 -2.29
N ALA F 724 1.27 50.09 -1.78
CA ALA F 724 2.34 50.84 -1.13
C ALA F 724 3.03 51.76 -2.12
N ARG F 725 3.28 51.29 -3.34
CA ARG F 725 3.91 52.15 -4.33
C ARG F 725 3.00 53.31 -4.72
N ILE F 726 1.69 53.04 -4.86
CA ILE F 726 0.74 54.10 -5.18
C ILE F 726 0.74 55.15 -4.06
N ALA F 727 0.70 54.69 -2.81
CA ALA F 727 0.72 55.61 -1.68
C ALA F 727 2.02 56.40 -1.63
N TYR F 728 3.14 55.74 -1.91
CA TYR F 728 4.44 56.41 -1.90
C TYR F 728 4.49 57.52 -2.95
N THR F 729 4.05 57.21 -4.16
CA THR F 729 4.07 58.22 -5.21
C THR F 729 3.08 59.35 -4.95
N PHE F 730 1.91 59.03 -4.38
CA PHE F 730 0.99 60.10 -4.02
C PHE F 730 1.56 60.98 -2.92
N ALA F 731 2.25 60.38 -1.94
CA ALA F 731 2.88 61.17 -0.89
C ALA F 731 3.96 62.05 -1.47
N ARG F 732 4.73 61.53 -2.43
CA ARG F 732 5.74 62.34 -3.10
C ARG F 732 5.10 63.52 -3.82
N ALA F 733 4.00 63.27 -4.54
CA ALA F 733 3.30 64.34 -5.24
C ALA F 733 2.77 65.39 -4.26
N PHE F 734 2.19 64.94 -3.15
CA PHE F 734 1.68 65.86 -2.15
C PHE F 734 2.81 66.68 -1.55
N LEU F 735 3.97 66.06 -1.32
CA LEU F 735 5.12 66.79 -0.80
C LEU F 735 5.58 67.86 -1.76
N MET F 736 5.67 67.55 -3.05
CA MET F 736 6.10 68.56 -4.01
C MET F 736 5.08 69.68 -4.13
N GLN F 737 3.79 69.34 -4.07
CA GLN F 737 2.76 70.37 -4.17
C GLN F 737 2.72 71.25 -2.93
N HIS F 738 3.03 70.72 -1.76
CA HIS F 738 2.97 71.48 -0.51
C HIS F 738 4.34 71.85 0.04
N ALA F 739 5.36 71.03 -0.18
CA ALA F 739 6.72 71.28 0.31
C ALA F 739 7.70 71.09 -0.85
N PRO F 740 7.71 72.01 -1.81
CA PRO F 740 8.61 71.83 -2.97
C PRO F 740 10.07 71.73 -2.57
N ALA F 741 10.50 72.47 -1.56
CA ALA F 741 11.91 72.43 -1.16
C ALA F 741 12.29 71.03 -0.66
N ASN F 742 11.39 70.38 0.08
CA ASN F 742 11.69 69.07 0.60
C ASN F 742 12.04 68.10 -0.52
N ASP F 743 13.15 67.37 -0.35
CA ASP F 743 13.54 66.31 -1.27
C ASP F 743 13.86 65.02 -0.52
N TYR F 744 13.62 64.98 0.79
CA TYR F 744 13.90 63.77 1.56
C TYR F 744 13.08 62.59 1.03
N LEU F 745 11.78 62.81 0.85
CA LEU F 745 10.92 61.74 0.34
C LEU F 745 11.34 61.31 -1.06
N VAL F 746 11.68 62.27 -1.92
CA VAL F 746 12.11 61.95 -3.28
C VAL F 746 13.40 61.13 -3.24
N THR F 747 14.37 61.57 -2.45
CA THR F 747 15.68 60.92 -2.38
C THR F 747 15.94 60.51 -0.94
N SER F 748 15.40 59.35 -0.56
CA SER F 748 15.73 58.71 0.70
C SER F 748 15.23 57.27 0.68
N HIS F 749 16.14 56.31 0.85
CA HIS F 749 15.73 54.90 0.84
C HIS F 749 15.10 54.54 2.17
N ILE F 750 13.81 54.20 2.13
CA ILE F 750 12.98 54.05 3.31
C ILE F 750 12.56 52.58 3.42
N HIS F 751 12.50 52.09 4.65
CA HIS F 751 11.99 50.77 4.97
C HIS F 751 10.76 50.94 5.84
N LEU F 752 9.65 50.30 5.46
CA LEU F 752 8.42 50.41 6.23
C LEU F 752 7.87 49.04 6.59
N HIS F 753 7.48 48.92 7.85
CA HIS F 753 6.88 47.71 8.42
C HIS F 753 5.40 47.96 8.67
N VAL F 754 4.55 47.16 8.03
CA VAL F 754 3.11 47.18 8.28
C VAL F 754 2.77 45.87 8.99
N PRO F 755 2.34 45.91 10.26
CA PRO F 755 2.05 44.65 10.96
C PRO F 755 0.99 43.84 10.23
N GLU F 756 1.15 42.52 10.26
CA GLU F 756 0.24 41.62 9.55
C GLU F 756 -0.97 41.28 10.41
N GLY F 757 -1.92 40.58 9.78
CA GLY F 757 -3.16 40.22 10.44
C GLY F 757 -4.35 40.62 9.59
N ALA F 758 -4.25 41.76 8.91
CA ALA F 758 -5.32 42.22 8.04
C ALA F 758 -5.47 41.28 6.85
N THR F 759 -6.71 40.91 6.56
CA THR F 759 -6.98 40.09 5.38
C THR F 759 -6.58 40.88 4.13
N PRO F 760 -6.06 40.21 3.10
CA PRO F 760 -5.58 40.96 1.93
C PRO F 760 -6.64 41.84 1.29
N LYS F 761 -7.91 41.46 1.36
CA LYS F 761 -8.96 42.32 0.83
C LYS F 761 -9.00 43.66 1.55
N ASP F 762 -8.81 43.64 2.87
CA ASP F 762 -8.80 44.86 3.67
C ASP F 762 -7.42 45.50 3.75
N GLY F 763 -6.38 44.85 3.21
CA GLY F 763 -5.04 45.38 3.26
C GLY F 763 -4.85 46.75 2.66
N PRO F 764 -5.44 47.03 1.49
CA PRO F 764 -5.27 48.36 0.89
C PRO F 764 -5.77 49.50 1.78
N SER F 765 -6.52 49.21 2.84
CA SER F 765 -7.01 50.26 3.73
C SER F 765 -5.90 50.98 4.47
N ALA F 766 -4.68 50.44 4.47
CA ALA F 766 -3.54 51.07 5.12
C ALA F 766 -2.72 51.96 4.19
N GLY F 767 -3.13 52.09 2.93
CA GLY F 767 -2.38 52.95 2.01
C GLY F 767 -2.34 54.39 2.49
N CYS F 768 -3.47 54.90 2.98
CA CYS F 768 -3.51 56.26 3.50
C CYS F 768 -2.59 56.42 4.69
N THR F 769 -2.55 55.41 5.56
CA THR F 769 -1.68 55.48 6.74
C THR F 769 -0.23 55.49 6.30
N ILE F 770 0.09 54.74 5.25
CA ILE F 770 1.42 54.79 4.67
C ILE F 770 1.73 56.18 4.15
N VAL F 771 0.76 56.81 3.48
CA VAL F 771 0.96 58.16 2.95
C VAL F 771 1.30 59.12 4.08
N THR F 772 0.49 59.13 5.14
CA THR F 772 0.72 60.08 6.22
C THR F 772 2.00 59.78 6.98
N ALA F 773 2.33 58.49 7.15
CA ALA F 773 3.59 58.13 7.79
C ALA F 773 4.78 58.63 6.99
N LEU F 774 4.72 58.46 5.67
CA LEU F 774 5.80 58.96 4.82
C LEU F 774 5.91 60.48 4.89
N LEU F 775 4.77 61.17 4.92
CA LEU F 775 4.81 62.62 5.05
C LEU F 775 5.45 63.03 6.37
N SER F 776 5.07 62.37 7.47
CA SER F 776 5.65 62.68 8.77
C SER F 776 7.15 62.44 8.77
N LEU F 777 7.58 61.31 8.22
CA LEU F 777 9.01 61.03 8.13
C LEU F 777 9.73 62.04 7.25
N ALA F 778 9.04 62.59 6.25
CA ALA F 778 9.62 63.63 5.41
C ALA F 778 9.81 64.93 6.19
N MET F 779 8.84 65.28 7.04
CA MET F 779 8.89 66.52 7.79
C MET F 779 9.21 66.32 9.27
N GLY F 780 9.37 65.07 9.73
CA GLY F 780 9.74 64.82 11.10
C GLY F 780 8.73 65.29 12.12
N ARG F 781 7.50 65.55 11.69
CA ARG F 781 6.44 65.95 12.62
C ARG F 781 5.70 64.72 13.11
N PRO F 782 5.74 64.40 14.40
CA PRO F 782 4.98 63.22 14.86
C PRO F 782 3.50 63.37 14.59
N VAL F 783 2.87 62.26 14.19
CA VAL F 783 1.43 62.28 13.96
C VAL F 783 0.71 62.56 15.27
N ARG F 784 -0.39 63.30 15.20
CA ARG F 784 -1.14 63.64 16.39
C ARG F 784 -1.57 62.37 17.11
N GLN F 785 -1.28 62.30 18.40
CA GLN F 785 -1.62 61.11 19.18
C GLN F 785 -3.13 60.92 19.21
N ASN F 786 -3.55 59.76 19.71
CA ASN F 786 -4.96 59.38 19.79
C ASN F 786 -5.69 59.74 18.49
N LEU F 787 -5.10 59.32 17.38
CA LEU F 787 -5.66 59.51 16.05
C LEU F 787 -5.67 58.18 15.32
N ALA F 788 -6.86 57.69 14.99
CA ALA F 788 -7.02 56.50 14.18
C ALA F 788 -7.48 56.91 12.78
N MET F 789 -7.21 56.05 11.80
CA MET F 789 -7.53 56.39 10.42
C MET F 789 -7.36 55.17 9.55
N THR F 790 -8.23 55.05 8.54
CA THR F 790 -8.22 53.93 7.61
C THR F 790 -8.80 54.40 6.28
N GLY F 791 -8.21 53.93 5.19
CA GLY F 791 -8.68 54.31 3.87
C GLY F 791 -7.77 53.83 2.75
N GLU F 792 -8.26 53.86 1.52
CA GLU F 792 -7.53 53.39 0.36
C GLU F 792 -7.19 54.59 -0.53
N VAL F 793 -5.90 54.76 -0.82
CA VAL F 793 -5.43 55.87 -1.65
C VAL F 793 -5.48 55.44 -3.11
N SER F 794 -5.55 56.42 -4.01
CA SER F 794 -5.79 56.18 -5.42
C SER F 794 -4.81 56.92 -6.33
N LEU F 795 -3.59 57.17 -5.85
CA LEU F 795 -2.52 57.83 -6.60
C LEU F 795 -2.76 59.31 -6.82
N THR F 796 -3.91 59.84 -6.38
CA THR F 796 -4.18 61.27 -6.50
C THR F 796 -4.75 61.90 -5.24
N GLY F 797 -5.35 61.14 -4.33
CA GLY F 797 -5.78 61.68 -3.05
C GLY F 797 -7.16 61.22 -2.59
N LYS F 798 -8.03 60.93 -3.55
CA LYS F 798 -9.37 60.47 -3.21
C LYS F 798 -9.29 59.17 -2.42
N ILE F 799 -10.16 59.05 -1.41
CA ILE F 799 -10.19 57.89 -0.53
C ILE F 799 -11.42 57.07 -0.85
N LEU F 800 -11.23 55.75 -1.03
CA LEU F 800 -12.31 54.84 -1.35
C LEU F 800 -12.85 54.17 -0.09
N PRO F 801 -14.10 53.72 -0.10
CA PRO F 801 -14.65 53.05 1.09
C PRO F 801 -13.97 51.71 1.34
N VAL F 802 -14.00 51.30 2.62
CA VAL F 802 -13.43 50.03 3.03
C VAL F 802 -14.44 49.31 3.91
N GLY F 803 -14.26 47.98 4.01
CA GLY F 803 -15.14 47.16 4.81
C GLY F 803 -14.61 46.96 6.23
N GLY F 804 -15.36 46.19 7.00
CA GLY F 804 -14.98 45.93 8.38
C GLY F 804 -14.93 47.16 9.25
N ILE F 805 -15.83 48.11 9.02
CA ILE F 805 -15.81 49.35 9.78
C ILE F 805 -16.17 49.09 11.24
N LYS F 806 -17.13 48.20 11.49
CA LYS F 806 -17.57 47.96 12.85
C LYS F 806 -16.46 47.36 13.70
N GLU F 807 -15.84 46.30 13.21
CA GLU F 807 -14.79 45.64 13.98
C GLU F 807 -13.59 46.56 14.17
N LYS F 808 -13.24 47.32 13.13
CA LYS F 808 -12.14 48.27 13.25
C LYS F 808 -12.45 49.35 14.28
N THR F 809 -13.68 49.85 14.30
CA THR F 809 -14.07 50.84 15.29
C THR F 809 -14.03 50.27 16.69
N ILE F 810 -14.46 49.02 16.86
CA ILE F 810 -14.41 48.38 18.17
C ILE F 810 -12.96 48.24 18.63
N ALA F 811 -12.07 47.82 17.73
CA ALA F 811 -10.65 47.72 18.08
C ALA F 811 -10.10 49.09 18.46
N ALA F 812 -10.46 50.13 17.71
CA ALA F 812 -10.00 51.47 18.02
C ALA F 812 -10.47 51.89 19.42
N LYS F 813 -11.76 51.69 19.71
CA LYS F 813 -12.28 52.05 21.02
C LYS F 813 -11.57 51.29 22.13
N ARG F 814 -11.33 50.00 21.91
CA ARG F 814 -10.58 49.22 22.90
C ARG F 814 -9.14 49.72 23.04
N ALA F 815 -8.61 50.36 22.00
CA ALA F 815 -7.25 50.90 22.04
C ALA F 815 -7.18 52.28 22.66
N GLY F 816 -8.32 52.91 22.95
CA GLY F 816 -8.33 54.21 23.59
C GLY F 816 -8.23 55.40 22.66
N VAL F 817 -8.07 55.18 21.36
CA VAL F 817 -8.00 56.28 20.42
C VAL F 817 -9.36 56.97 20.34
N THR F 818 -9.33 58.30 20.19
CA THR F 818 -10.55 59.10 20.13
C THR F 818 -10.80 59.71 18.77
N CYS F 819 -9.80 60.30 18.14
CA CYS F 819 -9.98 60.87 16.80
C CYS F 819 -9.86 59.77 15.75
N ILE F 820 -10.90 59.61 14.94
CA ILE F 820 -10.94 58.57 13.91
C ILE F 820 -11.26 59.21 12.58
N VAL F 821 -10.64 58.70 11.52
CA VAL F 821 -10.83 59.18 10.16
C VAL F 821 -11.39 58.03 9.34
N LEU F 822 -12.47 58.30 8.61
CA LEU F 822 -13.13 57.31 7.78
C LEU F 822 -13.52 57.93 6.45
N PRO F 823 -13.58 57.14 5.38
CA PRO F 823 -14.06 57.69 4.10
C PRO F 823 -15.52 58.11 4.21
N ALA F 824 -15.88 59.13 3.43
CA ALA F 824 -17.26 59.61 3.45
C ALA F 824 -18.22 58.55 2.98
N GLU F 825 -17.82 57.75 1.98
CA GLU F 825 -18.71 56.75 1.41
C GLU F 825 -19.07 55.66 2.42
N ASN F 826 -18.24 55.44 3.44
CA ASN F 826 -18.53 54.50 4.50
C ASN F 826 -19.30 55.11 5.66
N LYS F 827 -19.60 56.41 5.60
CA LYS F 827 -20.20 57.13 6.72
C LYS F 827 -21.35 56.37 7.35
N LYS F 828 -22.36 56.02 6.53
CA LYS F 828 -23.55 55.35 7.08
C LYS F 828 -23.18 54.14 7.91
N ASP F 829 -22.21 53.35 7.46
CA ASP F 829 -21.92 52.09 8.14
C ASP F 829 -21.41 52.35 9.54
N PHE F 830 -20.73 53.47 9.75
CA PHE F 830 -20.41 53.90 11.12
C PHE F 830 -21.67 54.41 11.82
N TYR F 831 -22.45 55.24 11.12
CA TYR F 831 -23.71 55.72 11.69
C TYR F 831 -24.68 54.57 11.95
N ASP F 832 -24.58 53.49 11.16
CA ASP F 832 -25.43 52.33 11.38
C ASP F 832 -25.09 51.61 12.67
N LEU F 833 -23.95 51.92 13.29
CA LEU F 833 -23.57 51.29 14.54
C LEU F 833 -24.44 51.80 15.69
N ALA F 834 -24.38 51.09 16.81
CA ALA F 834 -25.10 51.52 18.00
C ALA F 834 -24.53 52.81 18.55
N ALA F 835 -25.40 53.61 19.18
CA ALA F 835 -24.97 54.90 19.68
C ALA F 835 -23.90 54.77 20.77
N PHE F 836 -24.04 53.76 21.64
CA PHE F 836 -23.11 53.61 22.74
C PHE F 836 -21.69 53.27 22.29
N ILE F 837 -21.51 52.88 21.02
CA ILE F 837 -20.17 52.60 20.52
C ILE F 837 -19.48 53.84 19.97
N THR F 838 -20.23 54.87 19.60
CA THR F 838 -19.67 56.08 19.01
C THR F 838 -19.22 57.11 20.04
N GLU F 839 -19.49 56.88 21.32
CA GLU F 839 -19.11 57.83 22.35
C GLU F 839 -17.63 57.71 22.68
N GLY F 840 -17.04 58.83 23.08
CA GLY F 840 -15.63 58.87 23.45
C GLY F 840 -14.66 59.00 22.29
N LEU F 841 -15.16 59.14 21.07
CA LEU F 841 -14.30 59.28 19.89
C LEU F 841 -14.80 60.43 19.04
N GLU F 842 -13.89 61.05 18.30
CA GLU F 842 -14.19 62.12 17.37
C GLU F 842 -14.09 61.60 15.94
N VAL F 843 -15.16 61.77 15.17
CA VAL F 843 -15.23 61.26 13.81
C VAL F 843 -14.74 62.34 12.86
N HIS F 844 -14.18 61.90 11.73
CA HIS F 844 -13.70 62.84 10.70
C HIS F 844 -13.89 62.18 9.35
N PHE F 845 -15.01 62.47 8.69
CA PHE F 845 -15.27 61.96 7.36
C PHE F 845 -14.45 62.74 6.33
N VAL F 846 -14.00 62.03 5.31
CA VAL F 846 -13.13 62.62 4.29
C VAL F 846 -13.36 61.90 2.97
N GLU F 847 -13.18 62.64 1.88
CA GLU F 847 -13.13 62.07 0.54
C GLU F 847 -11.82 62.33 -0.17
N HIS F 848 -11.15 63.43 0.14
CA HIS F 848 -9.86 63.78 -0.46
C HIS F 848 -8.81 63.87 0.65
N TYR F 849 -7.59 63.44 0.33
CA TYR F 849 -6.54 63.34 1.34
C TYR F 849 -6.17 64.70 1.92
N ARG F 850 -6.49 65.79 1.22
CA ARG F 850 -6.14 67.11 1.74
C ARG F 850 -6.74 67.35 3.12
N GLU F 851 -8.00 66.96 3.30
CA GLU F 851 -8.64 67.09 4.61
C GLU F 851 -7.85 66.32 5.67
N ILE F 852 -7.36 65.13 5.32
CA ILE F 852 -6.57 64.35 6.26
C ILE F 852 -5.27 65.08 6.60
N PHE F 853 -4.59 65.61 5.58
CA PHE F 853 -3.38 66.38 5.83
C PHE F 853 -3.66 67.58 6.71
N ASP F 854 -4.90 68.09 6.71
CA ASP F 854 -5.29 69.17 7.59
C ASP F 854 -5.66 68.70 8.99
N ILE F 855 -5.62 67.39 9.25
CA ILE F 855 -6.04 66.85 10.53
C ILE F 855 -4.86 66.22 11.26
N ALA F 856 -4.21 65.25 10.61
CA ALA F 856 -3.06 64.61 11.23
C ALA F 856 -1.92 65.59 11.45
N PHE F 857 -1.83 66.62 10.62
CA PHE F 857 -0.81 67.66 10.73
C PHE F 857 -1.52 69.02 10.71
N PRO F 858 -2.24 69.35 11.79
CA PRO F 858 -3.05 70.58 11.76
C PRO F 858 -2.21 71.83 11.53
N ASP F 859 -1.01 71.89 12.09
CA ASP F 859 -0.13 73.03 11.94
C ASP F 859 1.18 72.82 12.69
#